data_7B16
#
_entry.id   7B16
#
_cell.length_a   1.00
_cell.length_b   1.00
_cell.length_c   1.00
_cell.angle_alpha   90.00
_cell.angle_beta   90.00
_cell.angle_gamma   90.00
#
_symmetry.space_group_name_H-M   'P 1'
#
loop_
_entity.id
_entity.type
_entity.pdbx_description
1 polymer 'Transient receptor potential cation channel subfamily c member 4a'
2 non-polymer 5-chloranyl-4-(4-cyclohexyl-3-oxidanylidene-piperazin-1-yl)-1~{H}-pyridazin-6-one
3 non-polymer 'CALCIUM ION'
4 non-polymer '2-(HEXADECANOYLOXY)-1-[(PHOSPHONOOXY)METHYL]ETHYL HEXADECANOATE'
#
_entity_poly.entity_id   1
_entity_poly.type   'polypeptide(L)'
_entity_poly.pdbx_seq_one_letter_code
;GSQLYFRRTDNSSYRDRIPLRIVRAESELSTQEKSYLSAVEKGDYASVKLALEEAEIYFKININCIDPLGRTALLIAIEN
ENLEIIELLLSFNVYVGDALLHAIRKEVVGAVELLLNHKKPSGEKQVPPILLDKQFSDFTPDITPIILAAHTNNYEIIKM
LVQKGVSVPQPHEVRCNCVECVSSSDVDSLRHSRSRLNIYKALASPSLIALSSEDPFLTAFQLSWELQELSKVENEFKAE
YEELSHQCKHFAKDLLDQTRSSRELELILNFRDDMNLLQDEANNELARLKLAIKYRQKEFVAQPNCQQLLASRWYDEFPG
WRRRHWAGKLITCVFIGLMFPLLSLCYLVAPKSRYGLFIRKPFIKFICHTASYLTFLFLLLLASQHIVSNNPDRQGPKPT
TVEWMILPWVLGFIWTEIKQMWDGGFQDYIHDWWNLMDFVMNSLYLATISLKIVAYVKYSGCKPRDTWEMWHPTLVAEAV
FAIANIFSSLRLISLFTANSHLGPLQISLGRMLLDILKFLFIYCLVLLAFANGLNQLYFYYENSEGMTCKGIRCERQNNA
FSTLFETLQSLFWSIFGLISLYVTNVKADHKFTEFVGATMFGTYNVISLVVLLNMLIAMMNNSYQHIADHADIEWKFART
KLWMSYFEEGGTLPPPFNIIPSPKSICYLITWIKVHVFKRRSKRTETFGTLGRRAAENVRLNHQYQEVLRNLVKRYVAAM
IRDAKTEEGLTEENFKELKQDISSFRYEVIGMMKGNRKSTRANKSDTSASDVSHPEGSLQYSSALKQNSKLHLYDVTTAL
QQQNSEEAKASLGCLANGSAVVLTEPILKDKARSDFPKDFTDFGLFPKKQNPNKIYSLAEEATESDPDILDWGKEDKPLA
GKVEQDVNESKCLMEEDERVLEEQEMEHIASSHEH
;
_entity_poly.pdbx_strand_id   A,B,C,D
#
loop_
_chem_comp.id
_chem_comp.type
_chem_comp.name
_chem_comp.formula
CA non-polymer 'CALCIUM ION' 'Ca 2'
LPP non-polymer '2-(HEXADECANOYLOXY)-1-[(PHOSPHONOOXY)METHYL]ETHYL HEXADECANOATE' 'C35 H69 O8 P'
SKQ non-polymer 5-chloranyl-4-(4-cyclohexyl-3-oxidanylidene-piperazin-1-yl)-1~{H}-pyridazin-6-one 'C14 H19 Cl N4 O2'
#
# COMPACT_ATOMS: atom_id res chain seq x y z
N LEU A 29 -22.73 34.60 37.70
CA LEU A 29 -23.91 34.08 37.04
C LEU A 29 -24.94 33.64 38.08
N SER A 30 -25.92 34.49 38.35
CA SER A 30 -26.89 34.22 39.40
C SER A 30 -27.77 33.03 39.04
N THR A 31 -28.40 32.45 40.06
CA THR A 31 -29.33 31.35 39.84
C THR A 31 -30.52 31.80 38.99
N GLN A 32 -30.99 33.03 39.19
CA GLN A 32 -32.09 33.52 38.38
C GLN A 32 -31.70 33.64 36.92
N GLU A 33 -30.41 33.63 36.62
CA GLU A 33 -29.95 33.55 35.23
C GLU A 33 -29.78 32.12 34.76
N LYS A 34 -29.38 31.21 35.65
CA LYS A 34 -29.30 29.81 35.27
C LYS A 34 -30.68 29.26 34.92
N SER A 35 -31.69 29.65 35.69
CA SER A 35 -33.05 29.20 35.39
C SER A 35 -33.51 29.72 34.04
N TYR A 36 -33.23 30.99 33.75
CA TYR A 36 -33.63 31.58 32.47
C TYR A 36 -32.93 30.90 31.30
N LEU A 37 -31.62 30.68 31.41
CA LEU A 37 -30.91 30.02 30.31
C LEU A 37 -31.38 28.59 30.13
N SER A 38 -31.67 27.88 31.22
CA SER A 38 -32.20 26.53 31.08
C SER A 38 -33.56 26.53 30.41
N ALA A 39 -34.42 27.49 30.76
CA ALA A 39 -35.72 27.59 30.12
C ALA A 39 -35.57 27.86 28.62
N VAL A 40 -34.62 28.71 28.25
CA VAL A 40 -34.36 28.95 26.83
C VAL A 40 -33.88 27.67 26.16
N GLU A 41 -32.99 26.92 26.82
CA GLU A 41 -32.40 25.75 26.20
C GLU A 41 -33.44 24.66 25.97
N LYS A 42 -34.33 24.42 26.92
CA LYS A 42 -35.34 23.39 26.73
C LYS A 42 -36.37 23.81 25.68
N GLY A 43 -36.87 25.03 25.76
CA GLY A 43 -37.84 25.49 24.79
C GLY A 43 -39.14 25.94 25.44
N ASP A 44 -39.10 26.16 26.74
CA ASP A 44 -40.27 26.59 27.49
C ASP A 44 -40.59 28.02 27.11
N TYR A 45 -41.55 28.20 26.21
CA TYR A 45 -41.87 29.53 25.71
C TYR A 45 -42.45 30.42 26.80
N ALA A 46 -43.40 29.89 27.57
CA ALA A 46 -44.07 30.70 28.59
C ALA A 46 -43.09 31.16 29.66
N SER A 47 -42.20 30.27 30.10
CA SER A 47 -41.25 30.62 31.14
C SER A 47 -40.26 31.69 30.67
N VAL A 48 -39.76 31.56 29.44
CA VAL A 48 -38.84 32.56 28.92
C VAL A 48 -39.53 33.89 28.78
N LYS A 49 -40.78 33.90 28.31
CA LYS A 49 -41.51 35.14 28.22
C LYS A 49 -41.73 35.75 29.60
N LEU A 50 -42.04 34.93 30.59
CA LEU A 50 -42.25 35.46 31.94
C LEU A 50 -40.97 36.07 32.49
N ALA A 51 -39.83 35.41 32.27
CA ALA A 51 -38.56 35.98 32.73
C ALA A 51 -38.29 37.31 32.05
N LEU A 52 -38.52 37.38 30.73
CA LEU A 52 -38.29 38.64 30.03
C LEU A 52 -39.21 39.74 30.54
N GLU A 53 -40.47 39.41 30.84
CA GLU A 53 -41.38 40.43 31.37
C GLU A 53 -40.95 40.89 32.75
N GLU A 54 -40.54 39.96 33.61
CA GLU A 54 -40.09 40.33 34.94
C GLU A 54 -38.74 41.03 34.93
N ALA A 55 -38.01 41.00 33.81
CA ALA A 55 -36.74 41.71 33.75
C ALA A 55 -36.92 43.18 33.43
N GLU A 56 -37.84 43.51 32.52
CA GLU A 56 -38.01 44.89 32.07
C GLU A 56 -38.63 45.79 33.12
N ILE A 57 -39.15 45.23 34.22
CA ILE A 57 -39.79 46.03 35.25
C ILE A 57 -39.07 45.96 36.59
N TYR A 58 -38.30 44.91 36.87
CA TYR A 58 -37.53 44.81 38.10
C TYR A 58 -36.03 44.99 37.89
N PHE A 59 -35.53 44.70 36.69
CA PHE A 59 -34.11 44.87 36.36
C PHE A 59 -33.24 44.03 37.28
N LYS A 60 -33.62 42.76 37.44
CA LYS A 60 -32.90 41.84 38.31
C LYS A 60 -31.76 41.15 37.56
N ILE A 61 -32.07 40.46 36.47
CA ILE A 61 -31.10 39.66 35.75
C ILE A 61 -30.70 40.38 34.47
N ASN A 62 -29.55 40.00 33.94
CA ASN A 62 -29.01 40.58 32.71
C ASN A 62 -29.23 39.58 31.58
N ILE A 63 -30.10 39.92 30.64
CA ILE A 63 -30.40 39.01 29.54
C ILE A 63 -29.19 38.79 28.64
N ASN A 64 -28.22 39.68 28.67
CA ASN A 64 -27.03 39.54 27.82
C ASN A 64 -25.91 38.83 28.55
N CYS A 65 -26.22 37.72 29.22
CA CYS A 65 -25.27 37.00 30.05
C CYS A 65 -24.67 35.83 29.28
N ILE A 66 -23.54 35.34 29.78
CA ILE A 66 -22.85 34.23 29.13
C ILE A 66 -22.79 33.05 30.10
N ASP A 67 -22.94 31.87 29.54
CA ASP A 67 -22.78 30.61 30.25
C ASP A 67 -21.30 30.23 30.22
N PRO A 68 -20.87 29.15 30.89
CA PRO A 68 -19.43 28.86 30.94
C PRO A 68 -18.75 28.78 29.57
N LEU A 69 -19.36 28.12 28.60
CA LEU A 69 -18.68 28.00 27.30
C LEU A 69 -18.68 29.33 26.57
N GLY A 70 -19.56 30.25 26.94
CA GLY A 70 -19.58 31.58 26.35
C GLY A 70 -20.85 31.92 25.60
N ARG A 71 -21.83 31.03 25.51
CA ARG A 71 -23.01 31.28 24.72
C ARG A 71 -23.93 32.30 25.39
N THR A 72 -24.68 33.03 24.58
CA THR A 72 -25.72 33.92 25.06
C THR A 72 -27.07 33.23 24.83
N ALA A 73 -28.16 33.92 25.15
CA ALA A 73 -29.48 33.35 24.88
C ALA A 73 -29.75 33.26 23.38
N LEU A 74 -29.32 34.27 22.64
CA LEU A 74 -29.53 34.26 21.19
C LEU A 74 -28.82 33.08 20.56
N LEU A 75 -27.57 32.82 20.96
CA LEU A 75 -26.83 31.70 20.41
C LEU A 75 -27.49 30.38 20.77
N ILE A 76 -27.99 30.25 22.00
CA ILE A 76 -28.64 29.01 22.39
C ILE A 76 -29.91 28.77 21.58
N ALA A 77 -30.71 29.81 21.38
CA ALA A 77 -31.93 29.66 20.60
C ALA A 77 -31.66 29.46 19.12
N ILE A 78 -30.50 29.89 18.62
CA ILE A 78 -30.17 29.67 17.22
C ILE A 78 -29.59 28.28 17.02
N GLU A 79 -28.82 27.79 17.98
CA GLU A 79 -28.21 26.47 17.86
C GLU A 79 -29.25 25.37 17.81
N ASN A 80 -30.45 25.60 18.35
CA ASN A 80 -31.53 24.65 18.29
C ASN A 80 -32.54 24.97 17.19
N GLU A 81 -32.38 26.10 16.52
CA GLU A 81 -33.31 26.55 15.50
C GLU A 81 -34.73 26.66 16.04
N ASN A 82 -34.86 27.44 17.11
CA ASN A 82 -36.14 27.70 17.76
C ASN A 82 -36.62 29.06 17.27
N LEU A 83 -37.34 29.06 16.15
CA LEU A 83 -37.68 30.32 15.49
C LEU A 83 -38.59 31.17 16.35
N GLU A 84 -39.49 30.56 17.12
CA GLU A 84 -40.36 31.35 18.00
C GLU A 84 -39.57 32.05 19.08
N ILE A 85 -38.62 31.34 19.70
CA ILE A 85 -37.79 31.97 20.72
C ILE A 85 -36.95 33.09 20.11
N ILE A 86 -36.42 32.87 18.91
CA ILE A 86 -35.61 33.89 18.25
C ILE A 86 -36.45 35.12 17.96
N GLU A 87 -37.67 34.93 17.49
CA GLU A 87 -38.55 36.06 17.23
C GLU A 87 -38.91 36.80 18.50
N LEU A 88 -39.15 36.07 19.59
CA LEU A 88 -39.47 36.71 20.86
C LEU A 88 -38.30 37.54 21.37
N LEU A 89 -37.09 36.97 21.37
CA LEU A 89 -35.94 37.68 21.91
C LEU A 89 -35.59 38.91 21.10
N LEU A 90 -36.07 39.00 19.86
CA LEU A 90 -35.89 40.23 19.10
C LEU A 90 -36.88 41.31 19.53
N SER A 91 -38.05 40.90 20.00
CA SER A 91 -39.07 41.88 20.41
C SER A 91 -38.71 42.57 21.71
N PHE A 92 -37.71 42.09 22.43
CA PHE A 92 -37.22 42.76 23.63
C PHE A 92 -35.89 43.46 23.41
N ASN A 93 -35.42 43.51 22.17
CA ASN A 93 -34.24 44.27 21.80
C ASN A 93 -33.02 43.82 22.61
N VAL A 94 -32.66 42.55 22.44
CA VAL A 94 -31.43 42.04 22.99
C VAL A 94 -30.26 42.50 22.12
N TYR A 95 -29.06 42.35 22.64
CA TYR A 95 -27.89 42.70 21.85
C TYR A 95 -27.65 41.64 20.79
N VAL A 96 -27.50 42.05 19.54
CA VAL A 96 -27.37 41.12 18.43
C VAL A 96 -25.91 40.75 18.22
N GLY A 97 -25.08 41.75 17.94
CA GLY A 97 -23.67 41.49 17.75
C GLY A 97 -23.41 40.60 16.55
N ASP A 98 -22.53 39.63 16.72
CA ASP A 98 -22.21 38.69 15.65
C ASP A 98 -23.20 37.52 15.63
N ALA A 99 -24.48 37.85 15.66
CA ALA A 99 -25.51 36.83 15.60
C ALA A 99 -25.87 36.46 14.18
N LEU A 100 -25.62 37.33 13.21
CA LEU A 100 -25.87 36.98 11.83
C LEU A 100 -24.82 36.00 11.32
N LEU A 101 -23.57 36.22 11.70
CA LEU A 101 -22.49 35.32 11.28
C LEU A 101 -22.70 33.92 11.81
N HIS A 102 -23.16 33.79 13.05
CA HIS A 102 -23.41 32.48 13.62
C HIS A 102 -24.53 31.76 12.89
N ALA A 103 -25.60 32.48 12.55
CA ALA A 103 -26.68 31.86 11.81
C ALA A 103 -26.25 31.45 10.41
N ILE A 104 -25.40 32.25 9.77
CA ILE A 104 -24.90 31.90 8.44
C ILE A 104 -24.00 30.67 8.51
N ARG A 105 -23.13 30.61 9.53
CA ARG A 105 -22.26 29.45 9.66
C ARG A 105 -23.04 28.19 10.01
N LYS A 106 -24.13 28.34 10.76
CA LYS A 106 -24.99 27.20 11.08
C LYS A 106 -25.96 26.86 9.96
N GLU A 107 -26.08 27.72 8.95
CA GLU A 107 -26.94 27.49 7.80
C GLU A 107 -28.41 27.37 8.23
N VAL A 108 -28.89 28.43 8.88
CA VAL A 108 -30.29 28.50 9.31
C VAL A 108 -30.96 29.59 8.47
N VAL A 109 -31.81 29.17 7.55
CA VAL A 109 -32.39 30.12 6.59
C VAL A 109 -33.39 31.03 7.27
N GLY A 110 -34.25 30.48 8.13
CA GLY A 110 -35.24 31.30 8.80
C GLY A 110 -34.61 32.33 9.71
N ALA A 111 -33.57 31.92 10.43
CA ALA A 111 -32.87 32.86 11.30
C ALA A 111 -32.23 33.98 10.51
N VAL A 112 -31.64 33.66 9.35
CA VAL A 112 -31.05 34.71 8.53
C VAL A 112 -32.13 35.66 8.04
N GLU A 113 -33.28 35.13 7.63
CA GLU A 113 -34.37 35.99 7.21
C GLU A 113 -34.78 36.94 8.34
N LEU A 114 -34.89 36.43 9.56
CA LEU A 114 -35.28 37.28 10.67
C LEU A 114 -34.21 38.33 10.97
N LEU A 115 -32.96 37.90 11.06
CA LEU A 115 -31.89 38.81 11.46
C LEU A 115 -31.62 39.89 10.42
N LEU A 116 -31.88 39.59 9.14
CA LEU A 116 -31.68 40.61 8.12
C LEU A 116 -32.74 41.69 8.18
N ASN A 117 -33.99 41.32 8.44
CA ASN A 117 -35.11 42.27 8.42
C ASN A 117 -35.32 42.87 9.81
N HIS A 118 -34.26 43.48 10.34
CA HIS A 118 -34.28 43.98 11.70
C HIS A 118 -33.22 45.04 11.93
N GLN A 135 -15.77 42.94 24.62
CA GLN A 135 -16.09 42.42 23.29
C GLN A 135 -15.14 41.31 22.87
N PHE A 136 -15.70 40.12 22.65
CA PHE A 136 -14.96 38.96 22.18
C PHE A 136 -15.71 38.38 20.99
N SER A 137 -15.01 38.21 19.87
CA SER A 137 -15.60 37.67 18.66
C SER A 137 -14.97 36.33 18.32
N ASP A 138 -15.74 35.50 17.62
CA ASP A 138 -15.25 34.22 17.14
C ASP A 138 -14.76 34.27 15.70
N PHE A 139 -14.84 35.44 15.07
CA PHE A 139 -14.46 35.60 13.68
C PHE A 139 -13.40 36.67 13.53
N THR A 140 -12.52 36.46 12.56
CA THR A 140 -11.50 37.43 12.24
C THR A 140 -12.16 38.73 11.79
N PRO A 141 -11.57 39.89 12.08
CA PRO A 141 -12.21 41.16 11.72
C PRO A 141 -12.38 41.39 10.22
N ASP A 142 -12.02 40.45 9.36
CA ASP A 142 -12.13 40.64 7.93
C ASP A 142 -13.27 39.84 7.30
N ILE A 143 -13.97 39.02 8.06
CA ILE A 143 -15.03 38.19 7.50
C ILE A 143 -16.34 38.96 7.54
N THR A 144 -16.90 39.20 6.39
CA THR A 144 -18.19 39.85 6.21
C THR A 144 -19.26 38.81 5.95
N PRO A 145 -20.54 39.19 5.99
CA PRO A 145 -21.59 38.19 5.75
C PRO A 145 -21.49 37.48 4.41
N ILE A 146 -21.20 38.19 3.33
CA ILE A 146 -21.20 37.54 2.01
C ILE A 146 -20.03 36.58 1.89
N ILE A 147 -18.86 36.94 2.43
CA ILE A 147 -17.71 36.05 2.35
C ILE A 147 -17.98 34.77 3.12
N LEU A 148 -18.43 34.90 4.37
CA LEU A 148 -18.70 33.72 5.19
C LEU A 148 -19.83 32.90 4.60
N ALA A 149 -20.78 33.53 3.92
CA ALA A 149 -21.83 32.78 3.26
C ALA A 149 -21.29 32.03 2.05
N ALA A 150 -20.36 32.63 1.32
CA ALA A 150 -19.80 31.97 0.15
C ALA A 150 -18.87 30.83 0.51
N HIS A 151 -18.24 30.85 1.70
CA HIS A 151 -17.46 29.69 2.11
C HIS A 151 -18.31 28.43 2.22
N THR A 152 -19.58 28.56 2.54
CA THR A 152 -20.49 27.42 2.62
C THR A 152 -21.37 27.46 1.39
N ASN A 153 -21.34 26.40 0.59
CA ASN A 153 -22.09 26.42 -0.66
C ASN A 153 -23.57 26.26 -0.38
N ASN A 154 -24.17 27.31 0.16
CA ASN A 154 -25.59 27.30 0.48
C ASN A 154 -26.24 28.32 -0.45
N TYR A 155 -26.91 27.80 -1.48
CA TYR A 155 -27.43 28.65 -2.54
C TYR A 155 -28.48 29.62 -2.00
N GLU A 156 -29.31 29.17 -1.08
CA GLU A 156 -30.42 29.99 -0.58
C GLU A 156 -29.91 31.24 0.11
N ILE A 157 -28.96 31.09 1.02
CA ILE A 157 -28.46 32.24 1.77
C ILE A 157 -27.70 33.18 0.85
N ILE A 158 -26.89 32.64 -0.07
CA ILE A 158 -26.12 33.49 -0.95
C ILE A 158 -27.04 34.34 -1.81
N LYS A 159 -28.09 33.73 -2.36
CA LYS A 159 -29.05 34.48 -3.15
C LYS A 159 -29.78 35.51 -2.31
N MET A 160 -30.16 35.13 -1.08
CA MET A 160 -30.85 36.04 -0.19
C MET A 160 -29.99 37.26 0.14
N LEU A 161 -28.68 37.07 0.22
CA LEU A 161 -27.78 38.19 0.50
C LEU A 161 -27.57 39.05 -0.72
N VAL A 162 -27.29 38.45 -1.88
CA VAL A 162 -27.01 39.25 -3.06
C VAL A 162 -28.25 39.93 -3.59
N GLN A 163 -29.44 39.50 -3.17
CA GLN A 163 -30.63 40.26 -3.53
C GLN A 163 -30.65 41.62 -2.84
N LYS A 164 -30.10 41.70 -1.63
CA LYS A 164 -30.05 42.97 -0.92
C LYS A 164 -28.92 43.87 -1.40
N GLY A 165 -27.97 43.35 -2.17
CA GLY A 165 -26.91 44.15 -2.74
C GLY A 165 -25.66 44.19 -1.89
N VAL A 166 -24.64 43.43 -2.28
CA VAL A 166 -23.37 43.36 -1.58
C VAL A 166 -22.24 43.40 -2.60
N SER A 167 -21.00 43.29 -2.11
CA SER A 167 -19.85 43.43 -2.99
C SER A 167 -18.62 42.84 -2.31
N VAL A 168 -17.95 41.93 -3.01
CA VAL A 168 -16.71 41.32 -2.53
C VAL A 168 -15.53 42.04 -3.17
N PRO A 169 -14.54 42.49 -2.40
CA PRO A 169 -13.44 43.28 -2.98
C PRO A 169 -12.45 42.38 -3.71
N GLN A 170 -12.31 42.57 -5.00
CA GLN A 170 -11.31 41.83 -5.77
C GLN A 170 -9.91 42.24 -5.31
N PRO A 171 -9.01 41.29 -5.10
CA PRO A 171 -7.63 41.63 -4.75
C PRO A 171 -6.80 41.86 -6.01
N HIS A 172 -5.87 42.82 -5.90
CA HIS A 172 -4.99 43.07 -7.04
C HIS A 172 -4.07 41.88 -7.26
N GLU A 173 -3.94 41.48 -8.51
CA GLU A 173 -3.25 40.25 -8.85
C GLU A 173 -1.75 40.37 -8.64
N VAL A 174 -1.12 39.23 -8.31
CA VAL A 174 0.33 39.11 -8.26
C VAL A 174 0.71 37.64 -8.18
N VAL A 187 3.10 45.55 6.44
CA VAL A 187 3.24 45.79 7.87
C VAL A 187 2.81 44.55 8.63
N ASP A 188 1.51 44.30 8.66
CA ASP A 188 0.95 43.13 9.35
C ASP A 188 0.74 42.05 8.29
N SER A 189 1.74 41.17 8.17
CA SER A 189 1.68 40.16 7.10
C SER A 189 0.63 39.10 7.40
N LEU A 190 0.38 38.82 8.67
CA LEU A 190 -0.55 37.76 9.02
C LEU A 190 -1.98 38.10 8.58
N ARG A 191 -2.43 39.33 8.88
CA ARG A 191 -3.75 39.74 8.47
C ARG A 191 -3.86 39.83 6.96
N HIS A 192 -2.80 40.29 6.30
CA HIS A 192 -2.83 40.39 4.84
C HIS A 192 -3.01 39.02 4.21
N SER A 193 -2.27 38.03 4.71
CA SER A 193 -2.40 36.68 4.18
C SER A 193 -3.78 36.09 4.43
N ARG A 194 -4.31 36.22 5.65
CA ARG A 194 -5.66 35.71 5.89
C ARG A 194 -6.67 36.39 5.00
N SER A 195 -6.58 37.70 4.83
CA SER A 195 -7.57 38.38 4.03
C SER A 195 -7.53 37.92 2.58
N ARG A 196 -6.32 37.79 2.01
CA ARG A 196 -6.24 37.36 0.63
C ARG A 196 -6.78 35.95 0.45
N LEU A 197 -6.43 35.04 1.36
CA LEU A 197 -6.92 33.67 1.22
C LEU A 197 -8.43 33.60 1.39
N ASN A 198 -8.99 34.35 2.33
CA ASN A 198 -10.43 34.34 2.53
C ASN A 198 -11.16 34.85 1.29
N ILE A 199 -10.65 35.92 0.69
CA ILE A 199 -11.31 36.43 -0.51
C ILE A 199 -11.23 35.40 -1.64
N TYR A 200 -10.06 34.82 -1.86
CA TYR A 200 -9.95 33.87 -2.96
C TYR A 200 -10.77 32.62 -2.72
N LYS A 201 -10.92 32.20 -1.47
CA LYS A 201 -11.76 31.06 -1.16
C LYS A 201 -13.23 31.37 -1.31
N ALA A 202 -13.61 32.64 -1.15
CA ALA A 202 -14.98 33.03 -1.44
C ALA A 202 -15.25 33.03 -2.94
N LEU A 203 -14.29 33.50 -3.73
CA LEU A 203 -14.52 33.62 -5.17
C LEU A 203 -14.62 32.26 -5.85
N ALA A 204 -13.90 31.26 -5.36
CA ALA A 204 -13.87 29.94 -5.99
C ALA A 204 -14.96 29.03 -5.43
N SER A 205 -16.19 29.54 -5.47
CA SER A 205 -17.33 28.83 -4.92
C SER A 205 -18.36 28.56 -6.00
N PRO A 206 -18.75 27.30 -6.20
CA PRO A 206 -19.69 27.00 -7.29
C PRO A 206 -20.98 27.77 -7.23
N SER A 207 -21.53 28.02 -6.05
CA SER A 207 -22.79 28.74 -5.95
C SER A 207 -22.61 30.21 -6.30
N LEU A 208 -21.55 30.83 -5.83
CA LEU A 208 -21.34 32.24 -6.13
C LEU A 208 -21.04 32.45 -7.60
N ILE A 209 -20.39 31.49 -8.25
CA ILE A 209 -20.17 31.57 -9.69
C ILE A 209 -21.48 31.35 -10.43
N ALA A 210 -22.26 30.36 -10.02
CA ALA A 210 -23.51 30.10 -10.71
C ALA A 210 -24.57 31.15 -10.46
N LEU A 211 -24.37 32.06 -9.52
CA LEU A 211 -25.38 33.08 -9.24
C LEU A 211 -25.12 34.39 -9.96
N SER A 212 -23.89 34.91 -9.90
CA SER A 212 -23.56 36.20 -10.47
C SER A 212 -22.29 36.08 -11.29
N SER A 213 -22.42 35.66 -12.54
CA SER A 213 -21.26 35.52 -13.41
C SER A 213 -21.74 35.47 -14.85
N GLU A 214 -21.06 36.21 -15.72
CA GLU A 214 -21.52 36.32 -17.10
C GLU A 214 -21.16 35.10 -17.93
N ASP A 215 -20.11 34.38 -17.57
CA ASP A 215 -19.69 33.20 -18.32
C ASP A 215 -18.96 32.24 -17.37
N PRO A 216 -19.64 31.21 -16.87
CA PRO A 216 -19.01 30.37 -15.85
C PRO A 216 -17.70 29.74 -16.29
N PHE A 217 -17.59 29.33 -17.56
CA PHE A 217 -16.38 28.66 -18.00
C PHE A 217 -15.17 29.58 -17.97
N LEU A 218 -15.32 30.84 -18.41
CA LEU A 218 -14.18 31.75 -18.35
C LEU A 218 -13.72 31.98 -16.92
N THR A 219 -14.67 32.20 -16.01
CA THR A 219 -14.27 32.47 -14.64
C THR A 219 -13.60 31.25 -14.03
N ALA A 220 -14.10 30.05 -14.31
CA ALA A 220 -13.45 28.86 -13.79
C ALA A 220 -12.03 28.72 -14.34
N PHE A 221 -11.85 28.89 -15.65
CA PHE A 221 -10.51 28.78 -16.22
C PHE A 221 -9.56 29.80 -15.61
N GLN A 222 -9.96 31.07 -15.61
CA GLN A 222 -9.08 32.13 -15.14
C GLN A 222 -8.78 32.00 -13.67
N LEU A 223 -9.78 31.66 -12.87
CA LEU A 223 -9.56 31.54 -11.44
C LEU A 223 -8.65 30.36 -11.13
N SER A 224 -8.80 29.26 -11.85
CA SER A 224 -7.90 28.14 -11.66
C SER A 224 -6.47 28.53 -11.99
N TRP A 225 -6.27 29.29 -13.07
CA TRP A 225 -4.91 29.71 -13.40
C TRP A 225 -4.33 30.64 -12.33
N GLU A 226 -5.12 31.60 -11.86
CA GLU A 226 -4.63 32.53 -10.84
C GLU A 226 -4.24 31.79 -9.57
N LEU A 227 -5.07 30.85 -9.13
CA LEU A 227 -4.74 30.10 -7.92
C LEU A 227 -3.52 29.23 -8.11
N GLN A 228 -3.39 28.61 -9.28
CA GLN A 228 -2.20 27.81 -9.54
C GLN A 228 -0.95 28.67 -9.50
N GLU A 229 -1.02 29.90 -9.99
CA GLU A 229 0.13 30.79 -9.92
C GLU A 229 0.44 31.19 -8.49
N LEU A 230 -0.58 31.60 -7.74
CA LEU A 230 -0.38 32.00 -6.36
C LEU A 230 0.15 30.86 -5.50
N SER A 231 -0.03 29.62 -5.94
CA SER A 231 0.48 28.49 -5.17
C SER A 231 2.00 28.51 -5.02
N LYS A 232 2.72 29.23 -5.88
CA LYS A 232 4.17 29.26 -5.83
C LYS A 232 4.74 30.50 -5.20
N VAL A 233 3.98 31.59 -5.13
CA VAL A 233 4.44 32.78 -4.44
C VAL A 233 4.25 32.65 -2.94
N GLU A 234 3.00 32.49 -2.51
CA GLU A 234 2.69 32.24 -1.09
C GLU A 234 3.01 30.77 -0.78
N ASN A 235 4.30 30.47 -0.74
CA ASN A 235 4.70 29.08 -0.58
C ASN A 235 4.43 28.53 0.81
N GLU A 236 4.05 29.36 1.77
CA GLU A 236 3.68 28.83 3.08
C GLU A 236 2.31 28.21 3.09
N PHE A 237 1.49 28.49 2.08
CA PHE A 237 0.12 28.01 2.01
C PHE A 237 -0.13 27.34 0.68
N LYS A 238 0.78 26.45 0.27
CA LYS A 238 0.63 25.80 -1.03
C LYS A 238 -0.62 24.93 -1.08
N ALA A 239 -0.90 24.18 -0.02
CA ALA A 239 -1.98 23.22 -0.06
C ALA A 239 -3.32 23.91 -0.28
N GLU A 240 -3.56 25.03 0.39
CA GLU A 240 -4.84 25.73 0.23
C GLU A 240 -5.08 26.11 -1.22
N TYR A 241 -4.11 26.77 -1.83
CA TYR A 241 -4.30 27.24 -3.19
C TYR A 241 -4.38 26.09 -4.18
N GLU A 242 -3.58 25.04 -3.97
CA GLU A 242 -3.68 23.89 -4.86
C GLU A 242 -5.04 23.24 -4.80
N GLU A 243 -5.61 23.09 -3.60
CA GLU A 243 -6.93 22.49 -3.49
C GLU A 243 -7.99 23.38 -4.12
N LEU A 244 -7.88 24.70 -3.93
CA LEU A 244 -8.87 25.59 -4.53
C LEU A 244 -8.81 25.52 -6.06
N SER A 245 -7.62 25.47 -6.63
CA SER A 245 -7.52 25.35 -8.08
C SER A 245 -8.08 24.01 -8.55
N HIS A 246 -7.83 22.94 -7.80
CA HIS A 246 -8.37 21.64 -8.18
C HIS A 246 -9.89 21.66 -8.20
N GLN A 247 -10.52 22.31 -7.22
CA GLN A 247 -11.98 22.33 -7.22
C GLN A 247 -12.53 23.24 -8.31
N CYS A 248 -11.80 24.30 -8.66
CA CYS A 248 -12.23 25.08 -9.82
C CYS A 248 -12.12 24.28 -11.10
N LYS A 249 -11.16 23.36 -11.19
CA LYS A 249 -11.07 22.51 -12.37
C LYS A 249 -12.22 21.51 -12.42
N HIS A 250 -12.58 20.94 -11.29
CA HIS A 250 -13.67 19.97 -11.28
C HIS A 250 -15.03 20.60 -11.53
N PHE A 251 -15.20 21.89 -11.19
CA PHE A 251 -16.49 22.53 -11.44
C PHE A 251 -16.82 22.62 -12.93
N ALA A 252 -15.85 22.96 -13.78
CA ALA A 252 -16.14 23.09 -15.20
C ALA A 252 -16.53 21.74 -15.81
N LYS A 253 -15.83 20.68 -15.44
CA LYS A 253 -16.22 19.36 -15.90
C LYS A 253 -17.62 19.00 -15.45
N ASP A 254 -17.94 19.24 -14.17
CA ASP A 254 -19.29 18.90 -13.70
C ASP A 254 -20.34 19.71 -14.43
N LEU A 255 -20.02 20.94 -14.82
CA LEU A 255 -21.00 21.73 -15.55
C LEU A 255 -21.14 21.28 -16.98
N LEU A 256 -20.11 20.69 -17.57
CA LEU A 256 -20.23 20.17 -18.92
C LEU A 256 -20.98 18.85 -18.99
N ASP A 257 -21.16 18.15 -17.87
CA ASP A 257 -21.91 16.89 -17.89
C ASP A 257 -23.41 17.10 -18.00
N GLN A 258 -23.91 18.32 -17.86
CA GLN A 258 -25.34 18.57 -17.94
C GLN A 258 -25.72 18.97 -19.36
N THR A 259 -25.35 18.10 -20.31
CA THR A 259 -25.71 18.29 -21.71
C THR A 259 -26.43 17.06 -22.20
N ARG A 260 -27.49 17.27 -22.98
CA ARG A 260 -28.31 16.15 -23.43
C ARG A 260 -28.55 16.18 -24.93
N SER A 261 -27.60 16.70 -25.71
CA SER A 261 -27.70 16.65 -27.15
C SER A 261 -26.35 16.94 -27.75
N SER A 262 -26.16 16.50 -28.99
CA SER A 262 -24.91 16.81 -29.69
C SER A 262 -24.89 18.25 -30.18
N ARG A 263 -26.03 18.76 -30.64
CA ARG A 263 -26.09 20.16 -31.06
C ARG A 263 -25.80 21.09 -29.89
N GLU A 264 -26.32 20.73 -28.73
CA GLU A 264 -26.09 21.50 -27.51
C GLU A 264 -24.63 21.48 -27.08
N LEU A 265 -23.92 20.39 -27.35
CA LEU A 265 -22.50 20.31 -27.01
C LEU A 265 -21.64 21.07 -28.02
N GLU A 266 -22.00 20.99 -29.30
CA GLU A 266 -21.25 21.72 -30.30
C GLU A 266 -21.44 23.22 -30.17
N LEU A 267 -22.57 23.67 -29.63
CA LEU A 267 -22.72 25.10 -29.39
C LEU A 267 -21.76 25.61 -28.32
N ILE A 268 -21.31 24.74 -27.43
CA ILE A 268 -20.37 25.16 -26.39
C ILE A 268 -18.93 25.01 -26.85
N LEU A 269 -18.59 23.89 -27.47
CA LEU A 269 -17.19 23.70 -27.83
C LEU A 269 -16.74 24.55 -28.99
N ASN A 270 -17.65 25.21 -29.71
CA ASN A 270 -17.31 26.03 -30.85
C ASN A 270 -17.42 27.52 -30.60
N PHE A 271 -17.78 27.94 -29.40
CA PHE A 271 -17.99 29.36 -29.14
C PHE A 271 -16.67 30.13 -29.19
N ARG A 272 -16.77 31.40 -29.52
CA ARG A 272 -15.61 32.26 -29.64
C ARG A 272 -15.93 33.69 -29.22
N ASN A 284 -11.45 29.76 -34.81
CA ASN A 284 -12.45 29.32 -35.78
C ASN A 284 -13.23 28.14 -35.24
N GLU A 285 -12.87 26.95 -35.70
CA GLU A 285 -13.57 25.72 -35.36
C GLU A 285 -12.96 25.15 -34.09
N LEU A 286 -13.82 24.81 -33.13
CA LEU A 286 -13.38 24.30 -31.83
C LEU A 286 -12.47 25.30 -31.12
N ALA A 287 -12.94 26.53 -30.96
CA ALA A 287 -12.15 27.54 -30.27
C ALA A 287 -12.14 27.31 -28.76
N ARG A 288 -13.28 26.91 -28.20
CA ARG A 288 -13.36 26.69 -26.76
C ARG A 288 -12.46 25.54 -26.33
N LEU A 289 -12.40 24.48 -27.13
CA LEU A 289 -11.56 23.36 -26.77
C LEU A 289 -10.09 23.76 -26.81
N LYS A 290 -9.71 24.60 -27.77
CA LYS A 290 -8.35 25.11 -27.82
C LYS A 290 -8.04 25.97 -26.60
N LEU A 291 -8.98 26.80 -26.18
CA LEU A 291 -8.76 27.60 -24.98
C LEU A 291 -8.60 26.72 -23.75
N ALA A 292 -9.41 25.68 -23.65
CA ALA A 292 -9.31 24.76 -22.52
C ALA A 292 -7.97 24.04 -22.50
N ILE A 293 -7.48 23.62 -23.67
CA ILE A 293 -6.16 23.00 -23.72
C ILE A 293 -5.09 24.00 -23.32
N LYS A 294 -5.26 25.25 -23.72
CA LYS A 294 -4.28 26.28 -23.38
C LYS A 294 -4.21 26.50 -21.88
N TYR A 295 -5.35 26.47 -21.19
CA TYR A 295 -5.39 26.69 -19.76
C TYR A 295 -5.13 25.45 -18.93
N ARG A 296 -4.84 24.32 -19.57
CA ARG A 296 -4.50 23.07 -18.88
C ARG A 296 -5.67 22.53 -18.07
N GLN A 297 -6.85 22.52 -18.67
CA GLN A 297 -8.05 21.98 -18.02
C GLN A 297 -8.18 20.52 -18.39
N LYS A 298 -7.39 19.68 -17.74
CA LYS A 298 -7.33 18.27 -18.11
C LYS A 298 -8.64 17.55 -17.86
N GLU A 299 -9.38 17.90 -16.80
CA GLU A 299 -10.61 17.19 -16.51
C GLU A 299 -11.71 17.54 -17.51
N PHE A 300 -11.73 18.80 -17.97
CA PHE A 300 -12.70 19.24 -18.96
C PHE A 300 -12.49 18.54 -20.29
N VAL A 301 -11.25 18.29 -20.67
CA VAL A 301 -10.96 17.76 -22.00
C VAL A 301 -11.27 16.28 -22.09
N ALA A 302 -11.00 15.52 -21.04
CA ALA A 302 -11.19 14.08 -21.07
C ALA A 302 -12.59 13.65 -20.72
N GLN A 303 -13.57 14.55 -20.81
CA GLN A 303 -14.95 14.18 -20.54
C GLN A 303 -15.43 13.17 -21.57
N PRO A 304 -16.22 12.18 -21.17
CA PRO A 304 -16.57 11.11 -22.12
C PRO A 304 -17.32 11.58 -23.35
N ASN A 305 -18.21 12.55 -23.23
CA ASN A 305 -18.94 13.02 -24.39
C ASN A 305 -18.11 13.94 -25.26
N CYS A 306 -17.20 14.70 -24.66
CA CYS A 306 -16.28 15.50 -25.45
C CYS A 306 -15.29 14.63 -26.20
N GLN A 307 -14.91 13.50 -25.62
CA GLN A 307 -13.92 12.61 -26.19
C GLN A 307 -14.47 11.73 -27.29
N GLN A 308 -15.77 11.80 -27.56
CA GLN A 308 -16.44 11.05 -28.61
C GLN A 308 -16.69 11.88 -29.85
N LEU A 309 -16.98 13.17 -29.67
CA LEU A 309 -17.05 14.09 -30.79
C LEU A 309 -15.72 14.16 -31.54
N LEU A 310 -14.61 14.22 -30.79
CA LEU A 310 -13.29 14.23 -31.42
C LEU A 310 -13.01 12.94 -32.18
N ALA A 311 -13.40 11.80 -31.62
CA ALA A 311 -13.20 10.55 -32.34
C ALA A 311 -13.98 10.52 -33.63
N SER A 312 -15.22 11.01 -33.59
CA SER A 312 -16.01 11.06 -34.83
C SER A 312 -15.40 12.03 -35.83
N ARG A 313 -14.81 13.13 -35.38
CA ARG A 313 -14.18 14.05 -36.32
C ARG A 313 -12.84 13.53 -36.83
N TRP A 314 -12.23 12.60 -36.13
CA TRP A 314 -10.92 12.08 -36.48
C TRP A 314 -10.98 10.87 -37.40
N TYR A 315 -11.86 9.91 -37.14
CA TYR A 315 -11.82 8.69 -37.93
C TYR A 315 -12.44 8.87 -39.30
N ASP A 316 -13.73 9.20 -39.36
CA ASP A 316 -14.42 9.46 -40.64
C ASP A 316 -14.39 8.23 -41.56
N GLU A 317 -14.36 7.05 -40.97
CA GLU A 317 -14.26 5.79 -41.71
C GLU A 317 -13.08 5.81 -42.70
N ARG A 324 -14.23 -2.97 -37.48
CA ARG A 324 -13.36 -4.08 -37.84
C ARG A 324 -12.70 -4.65 -36.59
N HIS A 325 -11.75 -5.55 -36.80
CA HIS A 325 -11.00 -6.18 -35.72
C HIS A 325 -9.51 -5.89 -35.90
N TRP A 326 -8.68 -6.52 -35.05
CA TRP A 326 -7.26 -6.21 -35.04
C TRP A 326 -6.61 -6.46 -36.39
N ALA A 327 -6.92 -7.59 -37.02
CA ALA A 327 -6.23 -7.94 -38.26
C ALA A 327 -6.56 -6.94 -39.36
N GLY A 328 -7.81 -6.51 -39.46
CA GLY A 328 -8.17 -5.55 -40.49
C GLY A 328 -7.51 -4.20 -40.28
N LYS A 329 -7.52 -3.70 -39.04
CA LYS A 329 -6.86 -2.43 -38.76
C LYS A 329 -5.35 -2.53 -38.95
N LEU A 330 -4.78 -3.73 -38.78
CA LEU A 330 -3.37 -3.89 -39.06
C LEU A 330 -3.10 -3.85 -40.56
N ILE A 331 -3.92 -4.54 -41.35
CA ILE A 331 -3.59 -4.73 -42.77
C ILE A 331 -4.07 -3.58 -43.64
N THR A 332 -5.01 -2.76 -43.18
CA THR A 332 -5.42 -1.63 -44.00
C THR A 332 -4.47 -0.44 -43.82
N CYS A 333 -3.95 -0.26 -42.60
CA CYS A 333 -3.02 0.83 -42.34
C CYS A 333 -1.69 0.65 -43.06
N VAL A 334 -1.41 -0.55 -43.56
CA VAL A 334 -0.19 -0.72 -44.35
C VAL A 334 -0.42 -0.28 -45.78
N PHE A 335 -1.60 -0.57 -46.33
CA PHE A 335 -1.90 -0.24 -47.72
C PHE A 335 -1.97 1.27 -47.93
N ILE A 336 -2.40 2.02 -46.93
CA ILE A 336 -2.46 3.46 -47.06
C ILE A 336 -1.09 4.10 -46.88
N GLY A 337 -0.18 3.44 -46.17
CA GLY A 337 1.11 4.02 -45.89
C GLY A 337 2.17 3.66 -46.91
N LEU A 338 1.93 2.60 -47.68
CA LEU A 338 2.85 2.25 -48.75
C LEU A 338 2.73 3.23 -49.92
N MET A 339 1.52 3.58 -50.27
CA MET A 339 1.27 4.48 -51.41
C MET A 339 1.05 5.93 -50.95
N PHE A 340 1.98 6.42 -50.16
CA PHE A 340 1.89 7.81 -49.74
C PHE A 340 2.43 8.82 -50.76
N PRO A 341 3.53 8.54 -51.48
CA PRO A 341 4.09 9.60 -52.34
C PRO A 341 3.16 10.06 -53.44
N LEU A 342 2.37 9.18 -54.04
CA LEU A 342 1.49 9.63 -55.12
C LEU A 342 0.33 10.45 -54.60
N LEU A 343 -0.20 10.13 -53.41
CA LEU A 343 -1.20 11.01 -52.81
C LEU A 343 -0.60 12.37 -52.51
N SER A 344 0.60 12.39 -51.94
CA SER A 344 1.26 13.64 -51.63
C SER A 344 1.63 14.43 -52.88
N LEU A 345 1.77 13.76 -54.01
CA LEU A 345 2.08 14.42 -55.27
C LEU A 345 0.84 14.93 -55.98
N CYS A 346 -0.26 14.19 -55.92
CA CYS A 346 -1.49 14.61 -56.57
C CYS A 346 -2.30 15.57 -55.72
N TYR A 347 -1.95 15.74 -54.44
CA TYR A 347 -2.61 16.77 -53.66
C TYR A 347 -2.14 18.16 -54.07
N LEU A 348 -0.85 18.32 -54.36
CA LEU A 348 -0.30 19.65 -54.59
C LEU A 348 -0.52 20.15 -56.01
N VAL A 349 -1.02 19.33 -56.93
CA VAL A 349 -1.24 19.76 -58.30
C VAL A 349 -2.71 20.10 -58.52
N ALA A 350 -3.60 19.15 -58.26
CA ALA A 350 -5.03 19.32 -58.49
C ALA A 350 -5.80 18.99 -57.21
N PRO A 351 -5.89 19.95 -56.27
CA PRO A 351 -6.57 19.72 -54.99
C PRO A 351 -8.10 19.69 -55.11
N LYS A 352 -8.59 18.95 -56.10
CA LYS A 352 -10.01 18.87 -56.35
C LYS A 352 -10.53 17.50 -55.90
N SER A 353 -11.84 17.33 -55.94
CA SER A 353 -12.49 16.22 -55.25
C SER A 353 -12.36 14.90 -56.00
N ARG A 354 -11.14 14.55 -56.40
CA ARG A 354 -10.88 13.24 -56.98
C ARG A 354 -9.99 12.41 -56.08
N TYR A 355 -8.79 12.90 -55.75
CA TYR A 355 -7.86 12.19 -54.89
C TYR A 355 -7.15 13.10 -53.91
N GLY A 356 -7.19 14.42 -54.09
CA GLY A 356 -6.48 15.34 -53.23
C GLY A 356 -7.16 15.65 -51.92
N LEU A 357 -8.45 15.35 -51.79
CA LEU A 357 -9.17 15.52 -50.54
C LEU A 357 -9.10 14.29 -49.66
N PHE A 358 -8.34 13.27 -50.08
CA PHE A 358 -8.15 12.07 -49.28
C PHE A 358 -6.91 12.17 -48.40
N ILE A 359 -6.08 13.20 -48.58
CA ILE A 359 -4.96 13.46 -47.70
C ILE A 359 -5.24 14.57 -46.70
N ARG A 360 -6.45 15.13 -46.72
CA ARG A 360 -6.84 16.12 -45.73
C ARG A 360 -7.53 15.51 -44.52
N LYS A 361 -8.05 14.30 -44.65
CA LYS A 361 -8.61 13.60 -43.50
C LYS A 361 -7.53 13.39 -42.44
N PRO A 362 -7.79 13.75 -41.19
CA PRO A 362 -6.72 13.69 -40.18
C PRO A 362 -6.09 12.31 -39.99
N PHE A 363 -6.89 11.24 -39.95
CA PHE A 363 -6.32 9.92 -39.80
C PHE A 363 -5.39 9.58 -40.95
N ILE A 364 -5.81 9.89 -42.18
CA ILE A 364 -4.98 9.56 -43.34
C ILE A 364 -3.72 10.40 -43.34
N LYS A 365 -3.83 11.67 -42.94
CA LYS A 365 -2.64 12.51 -42.86
C LYS A 365 -1.66 11.97 -41.84
N PHE A 366 -2.16 11.48 -40.70
CA PHE A 366 -1.28 10.89 -39.69
C PHE A 366 -0.60 9.64 -40.22
N ILE A 367 -1.33 8.80 -40.95
CA ILE A 367 -0.70 7.63 -41.54
C ILE A 367 0.38 8.02 -42.53
N CYS A 368 0.13 9.06 -43.32
CA CYS A 368 1.12 9.49 -44.30
C CYS A 368 2.39 10.01 -43.63
N HIS A 369 2.25 10.82 -42.58
CA HIS A 369 3.42 11.33 -41.88
C HIS A 369 4.19 10.20 -41.22
N THR A 370 3.47 9.21 -40.67
CA THR A 370 4.15 8.06 -40.10
C THR A 370 4.95 7.31 -41.14
N ALA A 371 4.38 7.12 -42.32
CA ALA A 371 5.09 6.41 -43.38
C ALA A 371 6.34 7.16 -43.83
N SER A 372 6.23 8.48 -43.94
CA SER A 372 7.41 9.28 -44.29
C SER A 372 8.51 9.14 -43.26
N TYR A 373 8.15 9.22 -41.97
CA TYR A 373 9.15 9.10 -40.93
C TYR A 373 9.80 7.72 -40.93
N LEU A 374 9.02 6.68 -41.19
CA LEU A 374 9.60 5.34 -41.23
C LEU A 374 10.53 5.16 -42.43
N THR A 375 10.21 5.80 -43.56
CA THR A 375 11.13 5.76 -44.69
C THR A 375 12.45 6.45 -44.33
N PHE A 376 12.37 7.59 -43.63
CA PHE A 376 13.58 8.26 -43.19
C PHE A 376 14.41 7.37 -42.28
N LEU A 377 13.76 6.66 -41.36
CA LEU A 377 14.50 5.77 -40.47
C LEU A 377 15.15 4.63 -41.24
N PHE A 378 14.46 4.10 -42.24
CA PHE A 378 15.07 3.03 -43.03
C PHE A 378 16.30 3.52 -43.78
N LEU A 379 16.23 4.73 -44.35
CA LEU A 379 17.41 5.30 -44.99
C LEU A 379 18.54 5.51 -44.00
N LEU A 380 18.23 5.95 -42.78
CA LEU A 380 19.26 6.09 -41.75
C LEU A 380 19.93 4.76 -41.46
N LEU A 381 19.14 3.69 -41.32
CA LEU A 381 19.74 2.38 -41.09
C LEU A 381 20.57 1.93 -42.27
N LEU A 382 20.23 2.39 -43.47
CA LEU A 382 20.91 1.97 -44.68
C LEU A 382 22.19 2.75 -44.94
N ALA A 383 22.34 3.94 -44.34
CA ALA A 383 23.52 4.75 -44.62
C ALA A 383 24.81 4.08 -44.17
N SER A 384 24.75 3.22 -43.16
CA SER A 384 25.97 2.62 -42.59
C SER A 384 26.15 1.20 -43.13
N GLN A 385 26.33 1.11 -44.43
CA GLN A 385 26.50 -0.17 -45.10
C GLN A 385 27.79 -0.15 -45.91
N HIS A 386 28.37 -1.34 -46.11
CA HIS A 386 29.66 -1.47 -46.77
C HIS A 386 29.53 -1.64 -48.27
N ILE A 387 28.39 -1.27 -48.83
CA ILE A 387 28.16 -1.39 -50.27
C ILE A 387 27.79 -0.02 -50.83
N VAL A 388 26.91 0.70 -50.13
CA VAL A 388 26.58 2.06 -50.53
C VAL A 388 27.35 3.05 -49.67
N ASN A 391 30.80 3.77 -49.10
CA ASN A 391 31.97 4.26 -49.83
C ASN A 391 33.24 4.07 -49.00
N PRO A 392 34.40 4.05 -49.68
CA PRO A 392 35.66 3.90 -48.95
C PRO A 392 36.03 5.15 -48.17
N ASP A 393 37.23 5.17 -47.60
CA ASP A 393 37.69 6.28 -46.78
C ASP A 393 38.72 7.14 -47.55
N ARG A 394 38.23 8.21 -48.16
CA ARG A 394 39.07 9.23 -48.77
C ARG A 394 38.92 10.53 -47.98
N GLN A 395 40.03 11.21 -47.76
CA GLN A 395 40.02 12.47 -47.02
C GLN A 395 39.09 13.47 -47.68
N GLY A 396 38.18 14.04 -46.88
CA GLY A 396 37.26 15.05 -47.35
C GLY A 396 36.40 14.59 -48.51
N PRO A 397 35.55 13.60 -48.28
CA PRO A 397 34.82 13.00 -49.39
C PRO A 397 33.64 13.83 -49.84
N LYS A 398 32.94 13.34 -50.87
CA LYS A 398 31.76 13.80 -51.59
C LYS A 398 30.54 13.02 -51.13
N PRO A 399 29.41 13.69 -50.92
CA PRO A 399 28.22 13.00 -50.43
C PRO A 399 27.85 11.83 -51.32
N THR A 400 27.49 10.72 -50.70
CA THR A 400 27.12 9.53 -51.43
C THR A 400 25.71 9.64 -51.96
N THR A 401 25.23 8.57 -52.59
CA THR A 401 23.87 8.57 -53.13
C THR A 401 22.80 8.62 -52.07
N VAL A 402 23.15 8.44 -50.80
CA VAL A 402 22.17 8.35 -49.72
C VAL A 402 22.10 9.68 -48.98
N GLU A 403 23.22 10.39 -48.90
CA GLU A 403 23.20 11.71 -48.28
C GLU A 403 22.32 12.67 -49.07
N TRP A 404 22.35 12.56 -50.41
CA TRP A 404 21.52 13.45 -51.20
C TRP A 404 20.04 13.16 -51.02
N MET A 405 19.70 11.91 -50.73
CA MET A 405 18.31 11.59 -50.41
C MET A 405 17.92 12.02 -49.01
N ILE A 406 18.89 11.98 -48.08
CA ILE A 406 18.59 12.36 -46.71
C ILE A 406 18.41 13.87 -46.57
N LEU A 407 19.14 14.65 -47.36
CA LEU A 407 19.10 16.10 -47.20
C LEU A 407 17.69 16.71 -47.30
N PRO A 408 16.84 16.33 -48.25
CA PRO A 408 15.47 16.92 -48.28
C PRO A 408 14.60 16.61 -47.07
N TRP A 409 14.65 15.41 -46.46
CA TRP A 409 13.97 15.23 -45.17
C TRP A 409 14.50 16.16 -44.09
N VAL A 410 15.81 16.36 -44.01
CA VAL A 410 16.32 17.27 -42.99
C VAL A 410 15.80 18.68 -43.23
N LEU A 411 15.79 19.12 -44.48
CA LEU A 411 15.27 20.45 -44.78
C LEU A 411 13.78 20.55 -44.45
N GLY A 412 13.01 19.53 -44.79
CA GLY A 412 11.58 19.56 -44.50
C GLY A 412 11.30 19.60 -43.01
N PHE A 413 12.04 18.81 -42.23
CA PHE A 413 11.87 18.83 -40.79
C PHE A 413 12.18 20.21 -40.24
N ILE A 414 13.26 20.84 -40.71
CA ILE A 414 13.59 22.16 -40.21
C ILE A 414 12.51 23.16 -40.57
N TRP A 415 11.91 23.03 -41.76
CA TRP A 415 10.86 23.95 -42.16
C TRP A 415 9.61 23.77 -41.31
N THR A 416 9.23 22.53 -41.03
CA THR A 416 8.07 22.33 -40.15
C THR A 416 8.33 22.87 -38.75
N GLU A 417 9.56 22.70 -38.25
CA GLU A 417 9.91 23.25 -36.94
C GLU A 417 9.84 24.77 -36.95
N ILE A 418 10.35 25.42 -38.00
CA ILE A 418 10.30 26.88 -38.03
C ILE A 418 8.86 27.38 -38.12
N LYS A 419 8.02 26.66 -38.88
CA LYS A 419 6.62 27.04 -38.96
C LYS A 419 5.95 26.97 -37.60
N GLN A 420 6.17 25.86 -36.91
CA GLN A 420 5.60 25.64 -35.58
C GLN A 420 6.19 26.54 -34.49
N MET A 421 7.36 27.10 -34.73
CA MET A 421 8.00 27.94 -33.71
C MET A 421 7.72 29.42 -33.92
N TRP A 422 7.40 29.87 -35.14
CA TRP A 422 6.80 31.20 -35.25
C TRP A 422 5.46 31.28 -34.53
N ASP A 423 4.63 30.26 -34.70
CA ASP A 423 3.27 30.31 -34.17
C ASP A 423 3.26 30.39 -32.64
N GLY A 424 4.07 29.58 -31.99
CA GLY A 424 4.09 29.60 -30.53
C GLY A 424 4.84 30.80 -29.98
N GLY A 425 6.10 30.95 -30.37
CA GLY A 425 6.87 32.13 -29.98
C GLY A 425 7.73 31.94 -28.76
N PHE A 426 8.46 30.82 -28.68
CA PHE A 426 9.37 30.55 -27.57
C PHE A 426 8.67 30.60 -26.22
N GLN A 427 7.39 30.24 -26.20
CA GLN A 427 6.64 30.14 -24.95
C GLN A 427 5.66 29.00 -25.11
N ASP A 428 5.79 27.99 -24.26
CA ASP A 428 5.04 26.74 -24.26
C ASP A 428 5.40 25.89 -25.47
N TYR A 429 6.22 26.38 -26.39
CA TYR A 429 6.83 25.52 -27.39
C TYR A 429 8.04 24.82 -26.83
N ILE A 430 8.86 25.56 -26.07
CA ILE A 430 10.04 24.99 -25.46
C ILE A 430 9.67 24.14 -24.25
N HIS A 431 8.47 24.32 -23.72
CA HIS A 431 8.01 23.46 -22.63
C HIS A 431 7.90 22.00 -23.08
N ASP A 432 7.20 21.77 -24.19
CA ASP A 432 7.08 20.43 -24.75
C ASP A 432 8.46 19.83 -24.99
N TRP A 433 8.76 18.73 -24.30
CA TRP A 433 10.10 18.19 -24.36
C TRP A 433 10.43 17.60 -25.72
N TRP A 434 9.45 17.03 -26.43
CA TRP A 434 9.74 16.51 -27.76
C TRP A 434 10.18 17.62 -28.71
N ASN A 435 9.60 18.81 -28.58
CA ASN A 435 10.06 19.93 -29.40
C ASN A 435 11.48 20.33 -29.04
N LEU A 436 11.84 20.25 -27.76
CA LEU A 436 13.21 20.52 -27.37
C LEU A 436 14.16 19.53 -28.02
N MET A 437 13.78 18.25 -28.04
CA MET A 437 14.64 17.24 -28.67
C MET A 437 14.74 17.46 -30.17
N ASP A 438 13.63 17.85 -30.81
CA ASP A 438 13.69 18.19 -32.24
C ASP A 438 14.66 19.33 -32.48
N PHE A 439 14.63 20.34 -31.62
CA PHE A 439 15.54 21.46 -31.76
C PHE A 439 17.00 21.00 -31.66
N VAL A 440 17.30 20.16 -30.68
CA VAL A 440 18.68 19.72 -30.49
C VAL A 440 19.17 18.89 -31.68
N MET A 441 18.34 17.96 -32.14
CA MET A 441 18.79 17.11 -33.25
C MET A 441 18.88 17.90 -34.56
N ASN A 442 18.01 18.89 -34.78
CA ASN A 442 18.16 19.72 -35.97
C ASN A 442 19.42 20.57 -35.89
N SER A 443 19.78 21.04 -34.69
CA SER A 443 21.06 21.74 -34.53
C SER A 443 22.22 20.84 -34.91
N LEU A 444 22.19 19.58 -34.47
CA LEU A 444 23.28 18.67 -34.81
C LEU A 444 23.34 18.41 -36.31
N TYR A 445 22.18 18.27 -36.96
CA TYR A 445 22.20 18.06 -38.41
C TYR A 445 22.79 19.26 -39.15
N LEU A 446 22.43 20.48 -38.71
CA LEU A 446 23.02 21.66 -39.32
C LEU A 446 24.54 21.66 -39.12
N ALA A 447 25.01 21.33 -37.92
CA ALA A 447 26.45 21.27 -37.69
C ALA A 447 27.11 20.20 -38.54
N THR A 448 26.35 19.16 -38.91
CA THR A 448 26.92 18.14 -39.79
C THR A 448 27.05 18.65 -41.22
N ILE A 449 26.09 19.44 -41.68
CA ILE A 449 26.19 19.99 -43.04
C ILE A 449 27.39 20.91 -43.15
N SER A 450 27.61 21.76 -42.14
CA SER A 450 28.65 22.77 -42.25
C SER A 450 30.06 22.25 -42.00
N LEU A 451 30.23 20.99 -41.63
CA LEU A 451 31.55 20.39 -41.54
C LEU A 451 31.88 19.47 -42.70
N LYS A 452 30.87 18.91 -43.38
CA LYS A 452 31.17 18.17 -44.59
C LYS A 452 31.64 19.09 -45.71
N ILE A 453 31.36 20.38 -45.62
CA ILE A 453 31.81 21.33 -46.65
C ILE A 453 33.21 21.82 -46.34
N VAL A 454 33.48 22.19 -45.09
CA VAL A 454 34.81 22.68 -44.73
C VAL A 454 35.87 21.66 -45.10
N ALA A 455 35.64 20.40 -44.73
CA ALA A 455 36.54 19.33 -45.09
C ALA A 455 36.54 19.04 -46.59
N TYR A 456 35.67 19.69 -47.36
CA TYR A 456 35.72 19.55 -48.80
C TYR A 456 36.59 20.63 -49.43
N VAL A 457 36.35 21.88 -49.08
CA VAL A 457 37.08 22.97 -49.71
C VAL A 457 38.49 23.13 -49.13
N LYS A 458 38.76 22.58 -47.96
CA LYS A 458 40.08 22.77 -47.35
C LYS A 458 40.97 21.54 -47.46
N TYR A 459 40.50 20.38 -47.05
CA TYR A 459 41.28 19.16 -47.06
C TYR A 459 40.92 18.30 -48.27
N SER A 460 41.92 17.56 -48.76
CA SER A 460 41.77 16.61 -49.86
C SER A 460 43.11 15.93 -50.07
N GLY A 461 43.08 14.77 -50.73
CA GLY A 461 44.33 14.10 -51.06
C GLY A 461 44.30 12.59 -50.97
N CYS A 462 43.25 12.03 -50.37
CA CYS A 462 43.08 10.59 -50.22
C CYS A 462 44.25 9.96 -49.44
N LYS A 463 44.38 10.40 -48.19
CA LYS A 463 45.30 9.82 -47.24
C LYS A 463 44.67 8.60 -46.58
N PRO A 464 45.46 7.60 -46.18
CA PRO A 464 44.89 6.45 -45.46
C PRO A 464 44.26 6.85 -44.14
N ARG A 465 43.20 6.12 -43.76
CA ARG A 465 42.41 6.50 -42.59
C ARG A 465 43.19 6.37 -41.30
N ASP A 466 44.03 5.34 -41.18
CA ASP A 466 44.72 5.11 -39.91
C ASP A 466 45.63 6.27 -39.56
N THR A 467 46.34 6.81 -40.55
CA THR A 467 47.31 7.87 -40.30
C THR A 467 46.71 9.27 -40.49
N TRP A 468 45.54 9.49 -39.92
CA TRP A 468 44.97 10.82 -39.86
C TRP A 468 45.37 11.43 -38.53
N GLU A 469 44.82 12.59 -38.21
CA GLU A 469 45.11 13.23 -36.96
C GLU A 469 43.81 13.70 -36.33
N MET A 470 43.75 13.67 -35.00
CA MET A 470 42.52 13.97 -34.28
C MET A 470 41.96 15.33 -34.68
N TRP A 471 40.67 15.51 -34.47
CA TRP A 471 39.97 16.75 -34.79
C TRP A 471 39.96 17.03 -36.29
N HIS A 472 40.35 16.07 -37.11
CA HIS A 472 40.15 16.19 -38.54
C HIS A 472 38.66 16.31 -38.82
N PRO A 473 38.24 17.28 -39.65
CA PRO A 473 36.81 17.60 -39.74
C PRO A 473 35.93 16.43 -40.12
N THR A 474 36.44 15.48 -40.89
CA THR A 474 35.62 14.35 -41.30
C THR A 474 35.21 13.50 -40.10
N LEU A 475 36.15 13.26 -39.18
CA LEU A 475 35.82 12.46 -38.01
C LEU A 475 34.77 13.14 -37.14
N VAL A 476 34.90 14.45 -36.93
CA VAL A 476 33.94 15.16 -36.10
C VAL A 476 32.59 15.22 -36.79
N ALA A 477 32.57 15.33 -38.11
CA ALA A 477 31.32 15.24 -38.84
C ALA A 477 30.64 13.91 -38.59
N GLU A 478 31.41 12.81 -38.66
CA GLU A 478 30.83 11.50 -38.42
C GLU A 478 30.30 11.36 -37.01
N ALA A 479 31.03 11.89 -36.03
CA ALA A 479 30.60 11.79 -34.65
C ALA A 479 29.28 12.53 -34.42
N VAL A 480 29.18 13.75 -34.94
CA VAL A 480 27.94 14.51 -34.77
C VAL A 480 26.80 13.81 -35.50
N PHE A 481 27.07 13.23 -36.67
CA PHE A 481 26.01 12.55 -37.40
C PHE A 481 25.48 11.35 -36.62
N ALA A 482 26.38 10.58 -35.98
CA ALA A 482 25.91 9.44 -35.19
C ALA A 482 25.08 9.89 -33.99
N ILE A 483 25.56 10.90 -33.26
CA ILE A 483 24.78 11.36 -32.11
C ILE A 483 23.44 11.90 -32.55
N ALA A 484 23.35 12.42 -33.77
CA ALA A 484 22.04 12.88 -34.25
C ALA A 484 21.13 11.71 -34.61
N ASN A 485 21.71 10.64 -35.15
CA ASN A 485 20.92 9.44 -35.44
C ASN A 485 20.27 8.88 -34.19
N ILE A 486 20.97 8.95 -33.06
CA ILE A 486 20.40 8.42 -31.84
C ILE A 486 19.08 9.12 -31.51
N PHE A 487 19.09 10.46 -31.50
CA PHE A 487 17.88 11.22 -31.20
C PHE A 487 16.80 10.99 -32.24
N SER A 488 17.18 10.97 -33.51
CA SER A 488 16.20 10.80 -34.57
C SER A 488 15.46 9.48 -34.42
N SER A 489 16.19 8.42 -34.10
CA SER A 489 15.56 7.11 -33.89
C SER A 489 14.77 7.09 -32.60
N LEU A 490 15.20 7.84 -31.59
CA LEU A 490 14.54 7.81 -30.31
C LEU A 490 13.19 8.51 -30.36
N ARG A 491 12.99 9.41 -31.31
CA ARG A 491 11.72 10.11 -31.40
C ARG A 491 10.55 9.19 -31.74
N LEU A 492 10.79 7.91 -31.99
CA LEU A 492 9.75 6.96 -32.39
C LEU A 492 8.92 6.50 -31.19
N ILE A 493 9.30 6.87 -29.98
CA ILE A 493 8.49 6.53 -28.82
C ILE A 493 7.20 7.32 -28.82
N SER A 494 7.24 8.58 -29.24
CA SER A 494 6.06 9.43 -29.19
C SER A 494 4.96 8.95 -30.12
N LEU A 495 5.23 8.00 -31.00
CA LEU A 495 4.20 7.49 -31.89
C LEU A 495 3.13 6.74 -31.11
N PHE A 496 3.48 6.21 -29.95
CA PHE A 496 2.62 5.28 -29.23
C PHE A 496 1.89 5.94 -28.07
N THR A 497 1.65 7.24 -28.14
CA THR A 497 0.63 7.84 -27.28
C THR A 497 -0.75 7.73 -27.91
N ALA A 498 -0.84 7.27 -29.14
CA ALA A 498 -2.10 7.07 -29.81
C ALA A 498 -2.68 5.69 -29.60
N ASN A 499 -1.84 4.71 -29.26
CA ASN A 499 -2.31 3.38 -28.91
C ASN A 499 -3.02 3.41 -27.57
N SER A 500 -3.87 2.42 -27.34
CA SER A 500 -4.62 2.35 -26.09
C SER A 500 -3.92 1.55 -25.00
N HIS A 501 -2.94 0.72 -25.35
CA HIS A 501 -2.21 -0.08 -24.37
C HIS A 501 -0.86 0.51 -23.99
N LEU A 502 -0.10 0.98 -24.97
CA LEU A 502 1.22 1.53 -24.71
C LEU A 502 1.21 3.00 -24.33
N GLY A 503 0.11 3.70 -24.51
CA GLY A 503 0.02 5.09 -24.21
C GLY A 503 0.13 5.42 -22.73
N PRO A 504 -0.79 4.89 -21.92
CA PRO A 504 -0.74 5.19 -20.49
C PRO A 504 0.56 4.80 -19.84
N LEU A 505 1.13 3.68 -20.26
CA LEU A 505 2.38 3.22 -19.69
C LEU A 505 3.51 4.19 -20.01
N GLN A 506 3.54 4.71 -21.23
CA GLN A 506 4.55 5.69 -21.61
C GLN A 506 4.39 6.99 -20.84
N ILE A 507 3.16 7.46 -20.65
CA ILE A 507 2.97 8.68 -19.88
C ILE A 507 3.44 8.47 -18.45
N SER A 508 3.14 7.31 -17.87
CA SER A 508 3.56 7.01 -16.51
C SER A 508 5.08 6.94 -16.41
N LEU A 509 5.74 6.34 -17.39
CA LEU A 509 7.20 6.34 -17.41
C LEU A 509 7.74 7.75 -17.48
N GLY A 510 7.15 8.59 -18.31
CA GLY A 510 7.68 9.94 -18.48
C GLY A 510 7.44 10.83 -17.29
N ARG A 511 6.47 10.50 -16.45
CA ARG A 511 6.23 11.30 -15.25
C ARG A 511 7.18 10.97 -14.12
N MET A 512 7.79 9.79 -14.14
CA MET A 512 8.79 9.41 -13.14
C MET A 512 10.20 9.74 -13.61
N LEU A 513 10.42 10.95 -14.09
CA LEU A 513 11.76 11.32 -14.54
C LEU A 513 12.22 12.57 -13.84
N LEU A 514 11.31 13.43 -13.42
CA LEU A 514 11.74 14.53 -12.57
C LEU A 514 12.06 14.09 -11.16
N ASP A 515 11.69 12.86 -10.80
CA ASP A 515 12.04 12.32 -9.50
C ASP A 515 13.32 11.51 -9.52
N ILE A 516 13.76 11.08 -10.69
CA ILE A 516 15.05 10.41 -10.80
C ILE A 516 16.18 11.41 -10.97
N LEU A 517 15.93 12.56 -11.58
CA LEU A 517 17.00 13.52 -11.78
C LEU A 517 17.51 14.08 -10.46
N LYS A 518 16.62 14.34 -9.51
CA LYS A 518 17.07 14.80 -8.19
C LYS A 518 17.95 13.76 -7.53
N PHE A 519 17.57 12.49 -7.66
CA PHE A 519 18.37 11.45 -7.03
C PHE A 519 19.74 11.34 -7.67
N LEU A 520 19.80 11.44 -9.01
CA LEU A 520 21.09 11.42 -9.68
C LEU A 520 21.95 12.62 -9.30
N PHE A 521 21.33 13.77 -9.06
CA PHE A 521 22.12 14.89 -8.59
C PHE A 521 22.71 14.63 -7.22
N ILE A 522 21.97 13.97 -6.34
CA ILE A 522 22.58 13.61 -5.06
C ILE A 522 23.67 12.56 -5.24
N TYR A 523 23.55 11.70 -6.24
CA TYR A 523 24.59 10.70 -6.45
C TYR A 523 25.89 11.29 -6.99
N CYS A 524 25.80 12.33 -7.83
CA CYS A 524 27.01 12.91 -8.38
C CYS A 524 27.90 13.52 -7.30
N LEU A 525 27.31 14.01 -6.22
CA LEU A 525 28.12 14.55 -5.13
C LEU A 525 28.97 13.47 -4.48
N VAL A 526 28.38 12.30 -4.25
CA VAL A 526 29.12 11.17 -3.70
C VAL A 526 30.22 10.73 -4.66
N LEU A 527 29.90 10.69 -5.95
CA LEU A 527 30.92 10.33 -6.93
C LEU A 527 32.10 11.30 -6.87
N LEU A 528 31.82 12.59 -6.82
CA LEU A 528 32.88 13.58 -6.81
C LEU A 528 33.70 13.50 -5.54
N ALA A 529 33.05 13.27 -4.39
CA ALA A 529 33.77 13.17 -3.13
C ALA A 529 34.74 12.00 -3.15
N PHE A 530 34.29 10.84 -3.60
CA PHE A 530 35.18 9.69 -3.59
C PHE A 530 36.25 9.80 -4.66
N ALA A 531 35.98 10.46 -5.78
CA ALA A 531 37.03 10.68 -6.77
C ALA A 531 38.10 11.60 -6.23
N ASN A 532 37.70 12.68 -5.57
CA ASN A 532 38.66 13.56 -4.94
C ASN A 532 39.51 12.80 -3.93
N GLY A 533 38.89 11.90 -3.17
CA GLY A 533 39.66 11.12 -2.21
C GLY A 533 40.65 10.17 -2.87
N LEU A 534 40.20 9.45 -3.90
CA LEU A 534 41.02 8.40 -4.51
C LEU A 534 42.12 8.94 -5.42
N ASN A 535 41.97 10.14 -5.94
CA ASN A 535 43.03 10.69 -6.78
C ASN A 535 44.18 11.23 -5.97
N GLN A 536 43.89 11.70 -4.75
CA GLN A 536 44.93 12.22 -3.87
C GLN A 536 45.92 11.14 -3.46
N LEU A 537 45.47 9.88 -3.40
CA LEU A 537 46.32 8.81 -2.91
C LEU A 537 47.22 8.23 -3.98
N TYR A 538 46.74 8.12 -5.22
CA TYR A 538 47.44 7.37 -6.25
C TYR A 538 48.16 8.23 -7.28
N PHE A 539 48.15 9.54 -7.15
CA PHE A 539 48.68 10.35 -8.23
C PHE A 539 50.20 10.40 -8.26
N TYR A 540 50.88 9.82 -7.28
CA TYR A 540 52.32 9.74 -7.28
C TYR A 540 52.87 8.54 -8.04
N TYR A 541 52.00 7.69 -8.58
CA TYR A 541 52.42 6.41 -9.14
C TYR A 541 52.08 6.31 -10.62
N GLU A 542 52.05 7.44 -11.32
CA GLU A 542 51.72 7.46 -12.75
C GLU A 542 52.90 6.89 -13.52
N ASN A 543 53.02 5.56 -13.50
CA ASN A 543 54.15 4.94 -14.18
C ASN A 543 54.09 5.17 -15.68
N SER A 544 53.08 4.58 -16.34
CA SER A 544 52.96 4.66 -17.80
C SER A 544 54.27 4.30 -18.49
N GLU A 545 54.91 3.22 -18.02
CA GLU A 545 56.27 2.90 -18.42
C GLU A 545 56.24 1.92 -19.58
N GLY A 546 56.46 2.42 -20.79
CA GLY A 546 56.51 1.58 -21.97
C GLY A 546 55.20 0.87 -22.25
N MET A 547 54.09 1.56 -22.08
CA MET A 547 52.76 1.00 -22.29
C MET A 547 52.21 1.54 -23.61
N THR A 548 51.82 0.64 -24.51
CA THR A 548 51.20 1.07 -25.75
C THR A 548 49.90 1.80 -25.47
N CYS A 549 49.06 1.23 -24.62
CA CYS A 549 47.77 1.81 -24.25
C CYS A 549 47.73 2.04 -22.75
N LYS A 550 47.17 3.17 -22.34
CA LYS A 550 47.02 3.49 -20.93
C LYS A 550 45.59 3.92 -20.65
N GLY A 551 45.11 3.59 -19.46
CA GLY A 551 43.75 3.89 -19.09
C GLY A 551 43.02 2.65 -18.66
N ILE A 552 41.69 2.72 -18.56
CA ILE A 552 40.90 1.56 -18.21
C ILE A 552 40.22 0.92 -19.41
N ARG A 553 40.20 1.59 -20.54
CA ARG A 553 39.60 1.00 -21.74
C ARG A 553 40.63 0.26 -22.56
N CYS A 554 41.39 -0.61 -21.91
CA CYS A 554 42.35 -1.46 -22.60
C CYS A 554 42.30 -2.85 -21.96
N GLU A 555 42.94 -3.81 -22.61
CA GLU A 555 42.82 -5.20 -22.17
C GLU A 555 43.43 -5.40 -20.79
N ARG A 556 44.60 -4.82 -20.56
CA ARG A 556 45.23 -4.82 -19.25
C ARG A 556 45.05 -3.41 -18.69
N GLN A 557 44.13 -3.27 -17.75
CA GLN A 557 43.80 -1.96 -17.23
C GLN A 557 44.90 -1.42 -16.33
N ASN A 558 45.19 -0.14 -16.46
CA ASN A 558 46.28 0.47 -15.73
C ASN A 558 46.01 1.95 -15.58
N ASN A 559 46.66 2.55 -14.59
CA ASN A 559 46.53 3.98 -14.33
C ASN A 559 45.08 4.38 -14.15
N ALA A 560 44.37 3.63 -13.31
CA ALA A 560 42.94 3.89 -13.15
C ALA A 560 42.66 5.09 -12.27
N PHE A 561 43.61 5.52 -11.45
CA PHE A 561 43.36 6.64 -10.54
C PHE A 561 44.45 7.70 -10.64
N SER A 562 45.12 7.80 -11.79
CA SER A 562 46.26 8.69 -11.89
C SER A 562 45.87 10.14 -12.16
N THR A 563 44.73 10.38 -12.78
CA THR A 563 44.26 11.72 -13.04
C THR A 563 42.80 11.82 -12.61
N LEU A 564 42.31 13.05 -12.49
CA LEU A 564 40.94 13.23 -12.04
C LEU A 564 39.95 12.68 -13.05
N PHE A 565 40.22 12.88 -14.34
CA PHE A 565 39.29 12.42 -15.37
C PHE A 565 39.21 10.89 -15.38
N GLU A 566 40.36 10.22 -15.40
CA GLU A 566 40.36 8.77 -15.29
C GLU A 566 39.71 8.30 -14.00
N THR A 567 39.84 9.07 -12.93
CA THR A 567 39.23 8.65 -11.67
C THR A 567 37.72 8.68 -11.76
N LEU A 568 37.16 9.73 -12.34
CA LEU A 568 35.71 9.76 -12.54
C LEU A 568 35.26 8.63 -13.43
N GLN A 569 35.99 8.35 -14.51
CA GLN A 569 35.60 7.27 -15.41
C GLN A 569 35.67 5.91 -14.71
N SER A 570 36.69 5.69 -13.91
CA SER A 570 36.79 4.42 -13.19
C SER A 570 35.66 4.28 -12.18
N LEU A 571 35.31 5.35 -11.48
CA LEU A 571 34.25 5.23 -10.51
C LEU A 571 32.88 5.14 -11.17
N PHE A 572 32.77 5.50 -12.45
CA PHE A 572 31.48 5.35 -13.12
C PHE A 572 31.30 3.94 -13.66
N TRP A 573 32.31 3.37 -14.29
CA TRP A 573 32.16 2.07 -14.90
C TRP A 573 32.15 0.94 -13.91
N SER A 574 32.23 1.21 -12.62
CA SER A 574 32.13 0.16 -11.62
C SER A 574 30.73 0.03 -11.07
N ILE A 575 29.79 0.87 -11.51
CA ILE A 575 28.40 0.62 -11.22
C ILE A 575 27.94 -0.62 -11.93
N PHE A 576 28.59 -0.97 -13.04
CA PHE A 576 28.22 -2.12 -13.85
C PHE A 576 29.23 -3.24 -13.77
N GLY A 577 30.24 -3.11 -12.92
CA GLY A 577 31.15 -4.20 -12.67
C GLY A 577 32.20 -4.41 -13.71
N LEU A 578 32.60 -3.36 -14.43
CA LEU A 578 33.53 -3.50 -15.54
C LEU A 578 34.92 -2.99 -15.20
N ILE A 579 35.23 -2.79 -13.92
CA ILE A 579 36.56 -2.39 -13.49
C ILE A 579 37.11 -3.50 -12.63
N SER A 580 38.22 -4.10 -13.05
CA SER A 580 38.80 -5.22 -12.34
C SER A 580 39.42 -4.74 -11.04
N LEU A 581 39.83 -5.69 -10.24
CA LEU A 581 40.29 -5.39 -8.89
C LEU A 581 41.79 -5.17 -8.80
N TYR A 582 42.54 -5.57 -9.80
CA TYR A 582 43.98 -5.39 -9.75
C TYR A 582 44.41 -3.98 -10.10
N VAL A 583 43.46 -3.07 -10.33
CA VAL A 583 43.82 -1.69 -10.61
C VAL A 583 44.19 -0.94 -9.34
N THR A 584 44.02 -1.55 -8.17
CA THR A 584 44.46 -0.93 -6.92
C THR A 584 45.81 -1.48 -6.47
N ASN A 585 46.77 -1.54 -7.39
CA ASN A 585 48.13 -1.94 -7.09
C ASN A 585 49.11 -0.96 -7.71
N VAL A 586 50.26 -0.81 -7.05
CA VAL A 586 51.35 0.02 -7.52
C VAL A 586 52.56 -0.89 -7.74
N LYS A 587 53.51 -0.39 -8.54
CA LYS A 587 54.71 -1.17 -8.82
C LYS A 587 55.62 -1.33 -7.62
N ALA A 588 55.46 -0.49 -6.60
CA ALA A 588 56.23 -0.62 -5.38
C ALA A 588 55.67 -1.76 -4.53
N ASP A 589 56.09 -1.83 -3.27
CA ASP A 589 55.63 -2.87 -2.36
C ASP A 589 55.04 -2.26 -1.10
N HIS A 590 54.17 -1.27 -1.28
CA HIS A 590 53.58 -0.54 -0.17
C HIS A 590 52.23 -1.17 0.17
N LYS A 591 52.24 -2.17 1.03
CA LYS A 591 50.98 -2.77 1.45
C LYS A 591 50.34 -1.96 2.56
N PHE A 592 50.30 -0.67 2.42
CA PHE A 592 49.42 0.14 3.26
C PHE A 592 48.63 1.13 2.43
N THR A 593 49.22 1.70 1.40
CA THR A 593 48.43 2.51 0.48
C THR A 593 47.55 1.64 -0.38
N GLU A 594 48.02 0.45 -0.75
CA GLU A 594 47.19 -0.49 -1.48
C GLU A 594 46.04 -1.02 -0.65
N PHE A 595 46.07 -0.86 0.66
CA PHE A 595 44.93 -1.25 1.47
C PHE A 595 43.97 -0.10 1.68
N VAL A 596 44.49 1.11 1.84
CA VAL A 596 43.62 2.28 1.96
C VAL A 596 42.88 2.52 0.65
N GLY A 597 43.54 2.30 -0.48
CA GLY A 597 42.88 2.47 -1.75
C GLY A 597 41.79 1.43 -1.99
N ALA A 598 42.06 0.18 -1.64
CA ALA A 598 41.03 -0.83 -1.79
C ALA A 598 39.87 -0.61 -0.84
N THR A 599 40.11 -0.07 0.35
CA THR A 599 39.01 0.24 1.25
C THR A 599 38.19 1.42 0.76
N MET A 600 38.82 2.42 0.16
CA MET A 600 38.06 3.51 -0.47
C MET A 600 37.18 2.99 -1.59
N PHE A 601 37.76 2.16 -2.46
CA PHE A 601 36.98 1.58 -3.54
C PHE A 601 35.82 0.74 -3.01
N GLY A 602 36.07 -0.07 -1.98
CA GLY A 602 35.01 -0.89 -1.43
C GLY A 602 33.90 -0.09 -0.77
N THR A 603 34.28 0.98 -0.06
CA THR A 603 33.26 1.82 0.55
C THR A 603 32.42 2.50 -0.50
N TYR A 604 33.04 2.95 -1.59
CA TYR A 604 32.25 3.54 -2.66
C TYR A 604 31.27 2.52 -3.23
N ASN A 605 31.73 1.29 -3.43
CA ASN A 605 30.83 0.27 -3.96
C ASN A 605 29.66 0.00 -3.03
N VAL A 606 29.90 -0.07 -1.74
CA VAL A 606 28.81 -0.31 -0.79
C VAL A 606 27.83 0.85 -0.79
N ILE A 607 28.34 2.08 -0.75
CA ILE A 607 27.43 3.23 -0.72
C ILE A 607 26.64 3.34 -1.99
N SER A 608 27.22 2.98 -3.13
CA SER A 608 26.58 3.20 -4.41
C SER A 608 25.66 2.09 -4.86
N LEU A 609 25.94 0.84 -4.52
CA LEU A 609 25.22 -0.29 -5.08
C LEU A 609 24.37 -1.04 -4.06
N VAL A 610 24.44 -0.67 -2.79
CA VAL A 610 23.62 -1.30 -1.76
C VAL A 610 22.81 -0.30 -0.97
N VAL A 611 23.14 0.98 -1.00
CA VAL A 611 22.38 1.99 -0.31
C VAL A 611 21.63 2.89 -1.28
N LEU A 612 22.33 3.56 -2.19
CA LEU A 612 21.65 4.50 -3.05
C LEU A 612 20.75 3.84 -4.09
N LEU A 613 21.10 2.66 -4.58
CA LEU A 613 20.25 2.07 -5.60
C LEU A 613 18.92 1.62 -5.02
N ASN A 614 18.94 0.99 -3.86
CA ASN A 614 17.70 0.52 -3.27
C ASN A 614 16.83 1.67 -2.78
N MET A 615 17.41 2.79 -2.39
CA MET A 615 16.57 3.95 -2.10
C MET A 615 15.94 4.52 -3.36
N LEU A 616 16.63 4.44 -4.49
CA LEU A 616 15.99 4.83 -5.73
C LEU A 616 14.80 3.93 -6.04
N ILE A 617 14.95 2.63 -5.80
CA ILE A 617 13.84 1.71 -6.03
C ILE A 617 12.68 2.02 -5.11
N ALA A 618 12.95 2.28 -3.83
CA ALA A 618 11.88 2.61 -2.89
C ALA A 618 11.16 3.91 -3.27
N MET A 619 11.91 4.94 -3.66
CA MET A 619 11.30 6.17 -4.13
C MET A 619 10.41 5.93 -5.34
N MET A 620 10.89 5.17 -6.31
CA MET A 620 10.09 4.95 -7.50
C MET A 620 8.82 4.16 -7.19
N ASN A 621 8.91 3.16 -6.32
CA ASN A 621 7.70 2.44 -5.94
C ASN A 621 6.71 3.36 -5.26
N ASN A 622 7.18 4.24 -4.39
CA ASN A 622 6.24 5.10 -3.68
C ASN A 622 5.65 6.17 -4.58
N SER A 623 6.38 6.59 -5.61
CA SER A 623 5.84 7.61 -6.51
C SER A 623 4.81 7.03 -7.48
N TYR A 624 5.02 5.81 -7.94
CA TYR A 624 4.18 5.22 -8.98
C TYR A 624 2.74 5.03 -8.53
N GLN A 625 2.48 4.93 -7.24
CA GLN A 625 1.11 4.77 -6.79
C GLN A 625 0.34 6.08 -6.84
N HIS A 626 1.00 7.19 -6.53
CA HIS A 626 0.37 8.50 -6.62
C HIS A 626 0.21 8.97 -8.05
N ILE A 627 0.79 8.27 -9.01
CA ILE A 627 0.66 8.59 -10.42
C ILE A 627 -0.43 7.79 -11.08
N ALA A 628 -0.50 6.50 -10.78
CA ALA A 628 -1.41 5.63 -11.51
C ALA A 628 -2.88 5.84 -11.15
N ASP A 629 -3.28 6.93 -10.49
CA ASP A 629 -4.69 7.24 -10.32
C ASP A 629 -5.19 8.21 -11.38
N HIS A 630 -4.61 9.41 -11.44
CA HIS A 630 -4.77 10.29 -12.60
C HIS A 630 -3.79 9.87 -13.69
N ALA A 631 -4.08 8.74 -14.32
CA ALA A 631 -3.27 8.27 -15.43
C ALA A 631 -4.02 8.33 -16.75
N ASP A 632 -5.29 7.91 -16.75
CA ASP A 632 -6.08 7.96 -17.98
C ASP A 632 -6.46 9.39 -18.35
N ILE A 633 -6.68 10.26 -17.37
CA ILE A 633 -6.91 11.66 -17.68
C ILE A 633 -5.71 12.24 -18.41
N GLU A 634 -4.52 11.97 -17.90
CA GLU A 634 -3.31 12.49 -18.53
C GLU A 634 -3.14 11.92 -19.92
N TRP A 635 -3.35 10.62 -20.07
CA TRP A 635 -3.16 10.02 -21.39
C TRP A 635 -4.15 10.57 -22.40
N LYS A 636 -5.40 10.75 -22.02
CA LYS A 636 -6.35 11.28 -22.99
C LYS A 636 -6.07 12.74 -23.31
N PHE A 637 -5.59 13.51 -22.34
CA PHE A 637 -5.22 14.89 -22.66
C PHE A 637 -4.07 14.93 -23.68
N ALA A 638 -3.08 14.04 -23.52
CA ALA A 638 -1.99 13.98 -24.47
C ALA A 638 -2.44 13.52 -25.85
N ARG A 639 -3.29 12.50 -25.90
CA ARG A 639 -3.80 12.03 -27.19
C ARG A 639 -4.62 13.09 -27.87
N THR A 640 -5.38 13.87 -27.11
CA THR A 640 -6.15 14.96 -27.70
C THR A 640 -5.25 16.01 -28.31
N LYS A 641 -4.14 16.35 -27.64
CA LYS A 641 -3.22 17.30 -28.27
C LYS A 641 -2.65 16.73 -29.56
N LEU A 642 -2.25 15.45 -29.54
CA LEU A 642 -1.76 14.82 -30.76
C LEU A 642 -2.76 14.93 -31.90
N TRP A 643 -4.03 14.61 -31.62
CA TRP A 643 -5.05 14.69 -32.66
C TRP A 643 -5.25 16.12 -33.15
N MET A 644 -5.42 17.07 -32.24
CA MET A 644 -5.67 18.44 -32.63
C MET A 644 -4.54 18.99 -33.50
N SER A 645 -3.34 18.45 -33.37
CA SER A 645 -2.31 18.97 -34.28
C SER A 645 -2.55 18.61 -35.75
N TYR A 646 -3.52 17.75 -36.07
CA TYR A 646 -3.77 17.29 -37.44
C TYR A 646 -5.15 17.67 -37.94
N PHE A 647 -5.80 18.66 -37.35
CA PHE A 647 -7.15 19.03 -37.75
C PHE A 647 -7.18 20.21 -38.70
N GLU A 648 -6.05 20.82 -38.97
CA GLU A 648 -5.98 22.04 -39.76
C GLU A 648 -5.19 21.78 -41.03
N GLU A 649 -5.38 22.66 -42.01
CA GLU A 649 -4.69 22.53 -43.29
C GLU A 649 -3.40 23.33 -43.34
N GLY A 650 -2.58 23.19 -42.30
CA GLY A 650 -1.32 23.91 -42.26
C GLY A 650 -0.16 23.16 -42.87
N GLY A 651 0.13 21.96 -42.36
CA GLY A 651 1.16 21.14 -42.95
C GLY A 651 0.62 20.33 -44.08
N THR A 652 -0.30 19.42 -43.75
CA THR A 652 -1.08 18.63 -44.73
C THR A 652 -0.16 18.00 -45.78
N LEU A 653 1.11 17.84 -45.47
CA LEU A 653 2.01 17.41 -46.53
C LEU A 653 3.34 16.98 -45.92
N PRO A 654 3.78 15.76 -46.16
CA PRO A 654 4.98 15.24 -45.47
C PRO A 654 6.25 15.93 -45.95
N PRO A 655 7.31 15.89 -45.15
CA PRO A 655 8.52 16.69 -45.44
C PRO A 655 9.18 16.39 -46.77
N PRO A 656 9.26 15.14 -47.23
CA PRO A 656 10.00 14.91 -48.50
C PRO A 656 9.44 15.73 -49.65
N PHE A 657 8.12 15.81 -49.76
CA PHE A 657 7.46 16.67 -50.74
C PHE A 657 6.93 17.93 -50.08
N ASN A 658 7.84 18.72 -49.52
CA ASN A 658 7.42 19.90 -48.77
C ASN A 658 8.27 21.14 -49.05
N ILE A 659 9.22 21.08 -49.98
CA ILE A 659 10.02 22.24 -50.31
C ILE A 659 10.05 22.46 -51.81
N ALA A 696 -26.10 38.52 -35.93
CA ALA A 696 -24.86 38.71 -36.67
C ALA A 696 -24.13 37.40 -36.84
N GLU A 697 -22.91 37.46 -37.37
CA GLU A 697 -22.08 36.27 -37.44
C GLU A 697 -21.78 35.73 -36.05
N ASN A 698 -21.79 36.60 -35.05
CA ASN A 698 -21.62 36.20 -33.66
C ASN A 698 -22.80 36.56 -32.78
N VAL A 699 -23.37 37.76 -32.95
CA VAL A 699 -24.37 38.27 -32.00
C VAL A 699 -25.62 37.40 -32.02
N ARG A 700 -25.99 36.87 -33.18
CA ARG A 700 -27.08 35.91 -33.22
C ARG A 700 -26.76 34.67 -32.40
N LEU A 701 -25.53 34.19 -32.49
CA LEU A 701 -25.13 32.97 -31.80
C LEU A 701 -25.06 33.15 -30.29
N ASN A 702 -24.86 34.38 -29.80
CA ASN A 702 -24.89 34.59 -28.36
C ASN A 702 -26.26 34.25 -27.78
N HIS A 703 -27.34 34.40 -28.57
CA HIS A 703 -28.66 34.03 -28.07
C HIS A 703 -28.71 32.54 -27.76
N GLN A 704 -28.32 31.71 -28.72
CA GLN A 704 -28.37 30.27 -28.48
C GLN A 704 -27.40 29.87 -27.38
N TYR A 705 -26.22 30.48 -27.36
CA TYR A 705 -25.25 30.14 -26.32
C TYR A 705 -25.76 30.52 -24.93
N GLN A 706 -26.42 31.67 -24.81
CA GLN A 706 -26.95 32.08 -23.52
C GLN A 706 -28.10 31.18 -23.09
N GLU A 707 -28.94 30.77 -24.04
CA GLU A 707 -30.00 29.83 -23.71
C GLU A 707 -29.42 28.52 -23.19
N VAL A 708 -28.37 28.04 -23.86
CA VAL A 708 -27.73 26.80 -23.44
C VAL A 708 -27.12 26.94 -22.05
N LEU A 709 -26.43 28.05 -21.78
CA LEU A 709 -25.87 28.23 -20.45
C LEU A 709 -26.96 28.29 -19.39
N ARG A 710 -28.06 28.96 -19.69
CA ARG A 710 -29.10 29.04 -18.67
C ARG A 710 -29.61 27.65 -18.32
N ASN A 711 -29.85 26.82 -19.33
CA ASN A 711 -30.30 25.46 -19.05
C ASN A 711 -29.24 24.66 -18.30
N LEU A 712 -27.97 24.80 -18.68
CA LEU A 712 -26.92 24.05 -17.99
C LEU A 712 -26.79 24.45 -16.54
N VAL A 713 -26.83 25.76 -16.26
CA VAL A 713 -26.71 26.22 -14.89
C VAL A 713 -27.90 25.77 -14.07
N LYS A 714 -29.10 25.84 -14.64
CA LYS A 714 -30.28 25.39 -13.92
C LYS A 714 -30.18 23.91 -13.57
N ARG A 715 -29.75 23.09 -14.53
CA ARG A 715 -29.61 21.66 -14.28
C ARG A 715 -28.55 21.38 -13.23
N TYR A 716 -27.41 22.08 -13.29
CA TYR A 716 -26.37 21.88 -12.30
C TYR A 716 -26.85 22.24 -10.91
N VAL A 717 -27.52 23.38 -10.76
CA VAL A 717 -28.02 23.77 -9.45
C VAL A 717 -28.98 22.74 -8.92
N ALA A 718 -29.91 22.28 -9.77
CA ALA A 718 -30.88 21.30 -9.31
C ALA A 718 -30.24 19.97 -8.95
N ALA A 719 -29.17 19.58 -9.64
CA ALA A 719 -28.66 18.24 -9.47
C ALA A 719 -27.59 18.14 -8.40
N MET A 720 -26.68 19.11 -8.33
CA MET A 720 -25.52 18.99 -7.47
C MET A 720 -25.70 19.66 -6.11
N ILE A 721 -26.09 20.93 -6.09
CA ILE A 721 -26.17 21.67 -4.84
C ILE A 721 -27.57 21.70 -4.26
N ARG A 722 -28.47 20.85 -4.74
CA ARG A 722 -29.78 20.70 -4.11
C ARG A 722 -30.19 19.26 -3.91
N ASP A 723 -29.73 18.33 -4.73
CA ASP A 723 -30.14 16.94 -4.68
C ASP A 723 -29.07 16.03 -4.13
N ALA A 724 -27.85 16.51 -3.98
CA ALA A 724 -26.78 15.76 -3.34
C ALA A 724 -26.34 16.40 -2.04
N LYS A 725 -27.10 17.35 -1.53
CA LYS A 725 -26.91 17.83 -0.17
C LYS A 725 -27.80 17.09 0.83
N THR A 726 -28.84 16.43 0.34
CA THR A 726 -29.72 15.61 1.17
C THR A 726 -29.24 14.17 1.28
N GLU A 727 -27.95 13.93 1.07
CA GLU A 727 -27.37 12.61 1.23
C GLU A 727 -26.15 12.63 2.16
N GLU A 728 -26.03 13.66 2.98
CA GLU A 728 -24.93 13.74 3.94
C GLU A 728 -25.29 12.94 5.20
N GLY A 729 -24.36 12.90 6.16
CA GLY A 729 -24.56 12.13 7.38
C GLY A 729 -25.12 12.95 8.53
N LEU A 730 -25.41 12.25 9.63
CA LEU A 730 -25.98 12.87 10.82
C LEU A 730 -24.94 13.00 11.92
N THR A 731 -25.09 14.02 12.75
CA THR A 731 -24.16 14.33 13.82
C THR A 731 -24.96 14.64 15.08
N GLU A 732 -24.30 15.23 16.07
CA GLU A 732 -24.95 15.49 17.35
C GLU A 732 -25.91 16.67 17.28
N GLU A 733 -25.68 17.62 16.39
CA GLU A 733 -26.58 18.77 16.32
C GLU A 733 -27.98 18.33 15.90
N ASN A 734 -28.06 17.37 14.97
CA ASN A 734 -29.37 16.85 14.58
C ASN A 734 -30.08 16.21 15.75
N PHE A 735 -29.35 15.45 16.57
CA PHE A 735 -29.97 14.80 17.72
C PHE A 735 -30.48 15.82 18.71
N LYS A 736 -29.70 16.87 18.98
CA LYS A 736 -30.18 17.88 19.91
C LYS A 736 -31.39 18.62 19.37
N GLU A 737 -31.41 18.89 18.07
CA GLU A 737 -32.58 19.49 17.44
C GLU A 737 -33.83 18.64 17.66
N LEU A 738 -33.71 17.35 17.37
CA LEU A 738 -34.86 16.45 17.45
C LEU A 738 -35.32 16.25 18.89
N LYS A 739 -34.41 16.33 19.86
CA LYS A 739 -34.81 16.27 21.25
C LYS A 739 -35.52 17.54 21.69
N GLN A 740 -35.03 18.69 21.23
CA GLN A 740 -35.63 19.96 21.63
C GLN A 740 -37.03 20.12 21.05
N ASP A 741 -37.28 19.60 19.84
CA ASP A 741 -38.63 19.64 19.29
C ASP A 741 -39.63 18.97 20.22
N ILE A 742 -39.30 17.76 20.69
CA ILE A 742 -40.18 17.03 21.59
C ILE A 742 -40.33 17.78 22.91
N SER A 743 -39.25 18.36 23.42
CA SER A 743 -39.33 19.08 24.68
C SER A 743 -40.31 20.24 24.58
N SER A 744 -40.19 21.06 23.53
CA SER A 744 -41.07 22.21 23.40
C SER A 744 -42.52 21.77 23.20
N PHE A 745 -42.73 20.73 22.39
CA PHE A 745 -44.09 20.20 22.23
C PHE A 745 -44.69 19.80 23.57
N ARG A 746 -43.93 19.06 24.37
CA ARG A 746 -44.45 18.61 25.67
C ARG A 746 -44.81 19.79 26.55
N TYR A 747 -43.93 20.78 26.62
CA TYR A 747 -44.21 21.93 27.48
C TYR A 747 -45.47 22.64 27.03
N GLU A 748 -45.62 22.87 25.73
CA GLU A 748 -46.78 23.59 25.24
C GLU A 748 -48.07 22.84 25.53
N VAL A 749 -48.08 21.53 25.28
CA VAL A 749 -49.30 20.76 25.52
C VAL A 749 -49.65 20.73 27.00
N ILE A 750 -48.65 20.50 27.85
CA ILE A 750 -48.91 20.46 29.29
C ILE A 750 -49.49 21.80 29.76
N GLY A 751 -48.91 22.90 29.29
CA GLY A 751 -49.48 24.20 29.64
C GLY A 751 -50.85 24.43 29.05
N MET A 752 -51.16 23.79 27.94
CA MET A 752 -52.47 23.95 27.30
C MET A 752 -53.55 23.19 28.04
N MET A 753 -53.19 22.08 28.68
CA MET A 753 -54.15 21.31 29.48
C MET A 753 -54.22 21.77 30.92
N LYS A 754 -53.49 22.83 31.27
CA LYS A 754 -53.50 23.35 32.64
C LYS A 754 -53.46 24.87 32.63
N LEU B 29 -34.95 -12.30 41.98
CA LEU B 29 -35.55 -11.08 41.46
C LEU B 29 -37.06 -11.27 41.28
N SER B 30 -37.83 -10.80 42.24
CA SER B 30 -39.27 -11.01 42.22
C SER B 30 -39.92 -10.26 41.07
N THR B 31 -41.13 -10.69 40.72
CA THR B 31 -41.90 -10.01 39.68
C THR B 31 -42.22 -8.57 40.08
N GLN B 32 -42.50 -8.34 41.37
CA GLN B 32 -42.76 -6.99 41.82
C GLN B 32 -41.55 -6.10 41.67
N GLU B 33 -40.37 -6.68 41.50
CA GLU B 33 -39.18 -5.91 41.16
C GLU B 33 -38.99 -5.75 39.67
N LYS B 34 -39.38 -6.75 38.88
CA LYS B 34 -39.32 -6.61 37.44
C LYS B 34 -40.26 -5.51 36.95
N SER B 35 -41.45 -5.43 37.54
CA SER B 35 -42.39 -4.38 37.17
C SER B 35 -41.82 -3.01 37.51
N TYR B 36 -41.21 -2.87 38.69
CA TYR B 36 -40.64 -1.59 39.10
C TYR B 36 -39.49 -1.18 38.18
N LEU B 37 -38.59 -2.11 37.87
CA LEU B 37 -37.48 -1.75 36.99
C LEU B 37 -37.96 -1.41 35.59
N SER B 38 -38.97 -2.12 35.09
CA SER B 38 -39.52 -1.78 33.78
C SER B 38 -40.16 -0.39 33.80
N ALA B 39 -40.88 -0.06 34.87
CA ALA B 39 -41.46 1.27 34.98
C ALA B 39 -40.38 2.34 34.99
N VAL B 40 -39.28 2.09 35.68
CA VAL B 40 -38.17 3.04 35.67
C VAL B 40 -37.60 3.16 34.26
N GLU B 41 -37.45 2.04 33.56
CA GLU B 41 -36.80 2.07 32.26
C GLU B 41 -37.64 2.82 31.24
N LYS B 42 -38.95 2.64 31.24
CA LYS B 42 -39.79 3.35 30.27
C LYS B 42 -39.86 4.84 30.60
N GLY B 43 -40.10 5.17 31.86
CA GLY B 43 -40.17 6.57 32.25
C GLY B 43 -41.49 6.92 32.89
N ASP B 44 -42.23 5.91 33.32
CA ASP B 44 -43.52 6.10 33.96
C ASP B 44 -43.30 6.70 35.34
N TYR B 45 -43.45 8.01 35.45
CA TYR B 45 -43.16 8.70 36.71
C TYR B 45 -44.14 8.28 37.80
N ALA B 46 -45.43 8.26 37.49
CA ALA B 46 -46.43 7.94 38.51
C ALA B 46 -46.26 6.53 39.04
N SER B 47 -45.99 5.57 38.16
CA SER B 47 -45.84 4.19 38.59
C SER B 47 -44.62 4.00 39.48
N VAL B 48 -43.49 4.62 39.11
CA VAL B 48 -42.30 4.51 39.94
C VAL B 48 -42.53 5.15 41.29
N LYS B 49 -43.20 6.31 41.32
CA LYS B 49 -43.50 6.92 42.60
C LYS B 49 -44.42 6.04 43.43
N LEU B 50 -45.40 5.40 42.81
CA LEU B 50 -46.30 4.54 43.56
C LEU B 50 -45.56 3.35 44.14
N ALA B 51 -44.65 2.76 43.36
CA ALA B 51 -43.86 1.64 43.89
C ALA B 51 -43.02 2.08 45.06
N LEU B 52 -42.37 3.25 44.95
CA LEU B 52 -41.55 3.74 46.05
C LEU B 52 -42.39 4.00 47.30
N GLU B 53 -43.60 4.55 47.12
CA GLU B 53 -44.46 4.78 48.28
C GLU B 53 -44.89 3.47 48.92
N GLU B 54 -45.26 2.49 48.11
CA GLU B 54 -45.68 1.20 48.65
C GLU B 54 -44.52 0.40 49.21
N ALA B 55 -43.27 0.81 48.95
CA ALA B 55 -42.14 0.10 49.53
C ALA B 55 -41.83 0.56 50.94
N GLU B 56 -41.93 1.87 51.20
CA GLU B 56 -41.56 2.42 52.50
C GLU B 56 -42.53 2.07 53.60
N ILE B 57 -43.69 1.51 53.27
CA ILE B 57 -44.69 1.17 54.28
C ILE B 57 -44.97 -0.32 54.36
N TYR B 58 -44.73 -1.10 53.30
CA TYR B 58 -44.90 -2.54 53.34
C TYR B 58 -43.59 -3.31 53.36
N PHE B 59 -42.51 -2.72 52.84
CA PHE B 59 -41.19 -3.35 52.83
C PHE B 59 -41.23 -4.68 52.07
N LYS B 60 -41.83 -4.65 50.88
CA LYS B 60 -41.96 -5.84 50.05
C LYS B 60 -40.74 -6.03 49.16
N ILE B 61 -40.42 -5.04 48.33
CA ILE B 61 -39.36 -5.16 47.35
C ILE B 61 -38.14 -4.36 47.82
N ASN B 62 -37.00 -4.71 47.27
CA ASN B 62 -35.73 -4.06 47.60
C ASN B 62 -35.37 -3.12 46.44
N ILE B 63 -35.40 -1.83 46.70
CA ILE B 63 -35.11 -0.85 45.67
C ILE B 63 -33.67 -0.93 45.20
N ASN B 64 -32.78 -1.51 46.00
CA ASN B 64 -31.37 -1.62 45.62
C ASN B 64 -31.07 -2.94 44.94
N CYS B 65 -31.91 -3.33 43.99
CA CYS B 65 -31.80 -4.62 43.33
C CYS B 65 -31.06 -4.49 42.01
N ILE B 66 -30.58 -5.62 41.51
CA ILE B 66 -29.84 -5.64 40.26
C ILE B 66 -30.58 -6.50 39.24
N ASP B 67 -30.55 -6.06 38.00
CA ASP B 67 -31.07 -6.80 36.86
C ASP B 67 -29.98 -7.74 36.36
N PRO B 68 -30.25 -8.60 35.37
CA PRO B 68 -29.21 -9.57 34.97
C PRO B 68 -27.86 -8.96 34.61
N LEU B 69 -27.84 -7.87 33.86
CA LEU B 69 -26.54 -7.30 33.48
C LEU B 69 -25.86 -6.64 34.67
N GLY B 70 -26.62 -6.31 35.71
CA GLY B 70 -26.05 -5.74 36.93
C GLY B 70 -26.51 -4.34 37.25
N ARG B 71 -27.36 -3.71 36.44
CA ARG B 71 -27.74 -2.34 36.67
C ARG B 71 -28.69 -2.21 37.85
N THR B 72 -28.64 -1.05 38.51
CA THR B 72 -29.59 -0.71 39.54
C THR B 72 -30.61 0.28 38.95
N ALA B 73 -31.53 0.77 39.76
CA ALA B 73 -32.48 1.77 39.27
C ALA B 73 -31.77 3.09 38.97
N LEU B 74 -30.82 3.47 39.81
CA LEU B 74 -30.09 4.71 39.59
C LEU B 74 -29.35 4.67 38.26
N LEU B 75 -28.68 3.56 37.97
CA LEU B 75 -27.96 3.43 36.71
C LEU B 75 -28.90 3.48 35.53
N ILE B 76 -30.07 2.84 35.64
CA ILE B 76 -31.02 2.86 34.54
C ILE B 76 -31.53 4.27 34.28
N ALA B 77 -31.85 5.00 35.34
CA ALA B 77 -32.34 6.36 35.17
C ALA B 77 -31.26 7.32 34.72
N ILE B 78 -29.98 7.00 34.97
CA ILE B 78 -28.91 7.86 34.49
C ILE B 78 -28.56 7.55 33.04
N GLU B 79 -28.64 6.28 32.65
CA GLU B 79 -28.33 5.90 31.28
C GLU B 79 -29.28 6.52 30.28
N ASN B 80 -30.49 6.88 30.70
CA ASN B 80 -31.45 7.54 29.84
C ASN B 80 -31.49 9.05 30.07
N GLU B 81 -30.77 9.55 31.06
CA GLU B 81 -30.78 10.95 31.42
C GLU B 81 -32.19 11.44 31.73
N ASN B 82 -32.82 10.75 32.69
CA ASN B 82 -34.16 11.07 33.15
C ASN B 82 -34.00 11.86 34.45
N LEU B 83 -33.87 13.18 34.33
CA LEU B 83 -33.52 13.98 35.49
C LEU B 83 -34.60 13.96 36.55
N GLU B 84 -35.88 13.89 36.15
CA GLU B 84 -36.95 13.82 37.14
C GLU B 84 -36.90 12.53 37.93
N ILE B 85 -36.66 11.40 37.25
CA ILE B 85 -36.54 10.13 37.96
C ILE B 85 -35.34 10.15 38.89
N ILE B 86 -34.23 10.73 38.44
CA ILE B 86 -33.03 10.80 39.27
C ILE B 86 -33.29 11.64 40.51
N GLU B 87 -33.98 12.76 40.35
CA GLU B 87 -34.30 13.60 41.49
C GLU B 87 -35.24 12.89 42.45
N LEU B 88 -36.22 12.16 41.94
CA LEU B 88 -37.14 11.42 42.79
C LEU B 88 -36.41 10.35 43.58
N LEU B 89 -35.58 9.55 42.92
CA LEU B 89 -34.90 8.45 43.61
C LEU B 89 -33.93 8.95 44.67
N LEU B 90 -33.51 10.21 44.59
CA LEU B 90 -32.71 10.76 45.67
C LEU B 90 -33.56 11.14 46.88
N SER B 91 -34.82 11.48 46.66
CA SER B 91 -35.69 11.88 47.77
C SER B 91 -36.10 10.70 48.63
N PHE B 92 -35.85 9.47 48.18
CA PHE B 92 -36.11 8.29 48.99
C PHE B 92 -34.83 7.66 49.53
N ASN B 93 -33.69 8.33 49.34
CA ASN B 93 -32.43 7.92 49.93
C ASN B 93 -32.06 6.50 49.51
N VAL B 94 -31.89 6.31 48.21
CA VAL B 94 -31.37 5.07 47.69
C VAL B 94 -29.86 5.04 47.90
N TYR B 95 -29.26 3.86 47.73
CA TYR B 95 -27.83 3.76 47.85
C TYR B 95 -27.17 4.35 46.62
N VAL B 96 -26.22 5.26 46.82
CA VAL B 96 -25.58 5.96 45.71
C VAL B 96 -24.40 5.17 45.19
N GLY B 97 -23.41 4.94 46.06
CA GLY B 97 -22.25 4.18 45.65
C GLY B 97 -21.46 4.88 44.57
N ASP B 98 -21.06 4.12 43.56
CA ASP B 98 -20.31 4.68 42.44
C ASP B 98 -21.25 5.23 41.37
N ALA B 99 -22.20 6.04 41.81
CA ALA B 99 -23.12 6.67 40.88
C ALA B 99 -22.59 7.97 40.32
N LEU B 100 -21.66 8.62 41.01
CA LEU B 100 -21.05 9.82 40.46
C LEU B 100 -20.10 9.48 39.33
N LEU B 101 -19.33 8.41 39.49
CA LEU B 101 -18.39 7.99 38.46
C LEU B 101 -19.11 7.61 37.18
N HIS B 102 -20.26 6.94 37.29
CA HIS B 102 -21.01 6.56 36.10
C HIS B 102 -21.55 7.78 35.38
N ALA B 103 -22.04 8.77 36.13
CA ALA B 103 -22.52 9.99 35.49
C ALA B 103 -21.40 10.76 34.82
N ILE B 104 -20.21 10.77 35.44
CA ILE B 104 -19.07 11.46 34.84
C ILE B 104 -18.62 10.75 33.56
N ARG B 105 -18.59 9.41 33.59
CA ARG B 105 -18.19 8.68 32.40
C ARG B 105 -19.22 8.81 31.28
N LYS B 106 -20.50 8.94 31.64
CA LYS B 106 -21.55 9.15 30.65
C LYS B 106 -21.66 10.60 30.22
N GLU B 107 -20.99 11.52 30.91
CA GLU B 107 -20.98 12.94 30.57
C GLU B 107 -22.40 13.53 30.65
N VAL B 108 -22.99 13.41 31.83
CA VAL B 108 -24.32 13.96 32.10
C VAL B 108 -24.14 15.10 33.09
N VAL B 109 -24.30 16.33 32.60
CA VAL B 109 -23.99 17.50 33.43
C VAL B 109 -25.04 17.67 34.52
N GLY B 110 -26.32 17.52 34.19
CA GLY B 110 -27.35 17.68 35.19
C GLY B 110 -27.26 16.65 36.29
N ALA B 111 -26.97 15.40 35.92
CA ALA B 111 -26.81 14.36 36.92
C ALA B 111 -25.64 14.64 37.84
N VAL B 112 -24.53 15.14 37.29
CA VAL B 112 -23.39 15.47 38.14
C VAL B 112 -23.76 16.60 39.09
N GLU B 113 -24.49 17.61 38.60
CA GLU B 113 -24.93 18.69 39.48
C GLU B 113 -25.78 18.14 40.62
N LEU B 114 -26.70 17.23 40.32
CA LEU B 114 -27.54 16.68 41.37
C LEU B 114 -26.73 15.85 42.36
N LEU B 115 -25.89 14.96 41.85
CA LEU B 115 -25.16 14.04 42.71
C LEU B 115 -24.14 14.74 43.58
N LEU B 116 -23.60 15.88 43.11
CA LEU B 116 -22.64 16.60 43.93
C LEU B 116 -23.32 17.31 45.10
N ASN B 117 -24.50 17.88 44.88
CA ASN B 117 -25.19 18.66 45.90
C ASN B 117 -26.11 17.76 46.74
N HIS B 118 -25.52 16.73 47.33
CA HIS B 118 -26.29 15.72 48.04
C HIS B 118 -25.44 14.95 49.02
N GLN B 135 -20.15 -6.02 47.50
CA GLN B 135 -19.68 -4.82 46.80
C GLN B 135 -18.87 -5.18 45.56
N PHE B 136 -19.36 -4.74 44.41
CA PHE B 136 -18.69 -4.93 43.13
C PHE B 136 -18.63 -3.58 42.43
N SER B 137 -17.44 -3.16 42.03
CA SER B 137 -17.24 -1.90 41.36
C SER B 137 -16.76 -2.13 39.93
N ASP B 138 -17.07 -1.16 39.06
CA ASP B 138 -16.61 -1.19 37.68
C ASP B 138 -15.33 -0.38 37.47
N PHE B 139 -14.81 0.24 38.52
CA PHE B 139 -13.64 1.09 38.42
C PHE B 139 -12.56 0.60 39.36
N THR B 140 -11.31 0.78 38.93
CA THR B 140 -10.17 0.45 39.75
C THR B 140 -10.18 1.31 41.01
N PRO B 141 -9.71 0.79 42.14
CA PRO B 141 -9.77 1.57 43.39
C PRO B 141 -8.94 2.84 43.40
N ASP B 142 -8.29 3.21 42.30
CA ASP B 142 -7.47 4.41 42.26
C ASP B 142 -8.08 5.55 41.48
N ILE B 143 -9.22 5.35 40.85
CA ILE B 143 -9.84 6.39 40.03
C ILE B 143 -10.74 7.24 40.92
N THR B 144 -10.43 8.51 41.01
CA THR B 144 -11.20 9.50 41.73
C THR B 144 -12.04 10.31 40.76
N PRO B 145 -12.99 11.11 41.25
CA PRO B 145 -13.81 11.90 40.32
C PRO B 145 -13.03 12.81 39.39
N ILE B 146 -12.02 13.52 39.90
CA ILE B 146 -11.32 14.48 39.05
C ILE B 146 -10.50 13.77 37.99
N ILE B 147 -9.88 12.64 38.33
CA ILE B 147 -9.09 11.91 37.34
C ILE B 147 -9.99 11.40 36.23
N LEU B 148 -11.08 10.73 36.59
CA LEU B 148 -11.98 10.18 35.58
C LEU B 148 -12.63 11.29 34.78
N ALA B 149 -12.84 12.47 35.37
CA ALA B 149 -13.36 13.59 34.62
C ALA B 149 -12.34 14.12 33.64
N ALA B 150 -11.07 14.14 34.04
CA ALA B 150 -10.03 14.65 33.16
C ALA B 150 -9.72 13.69 32.01
N HIS B 151 -9.96 12.39 32.17
CA HIS B 151 -9.81 11.49 31.02
C HIS B 151 -10.73 11.86 29.88
N THR B 152 -11.89 12.42 30.16
CA THR B 152 -12.84 12.85 29.13
C THR B 152 -12.75 14.37 29.05
N ASN B 153 -12.41 14.89 27.88
CA ASN B 153 -12.21 16.33 27.77
C ASN B 153 -13.56 17.03 27.78
N ASN B 154 -14.17 17.07 28.95
CA ASN B 154 -15.46 17.72 29.11
C ASN B 154 -15.23 18.92 30.01
N TYR B 155 -15.19 20.10 29.40
CA TYR B 155 -14.80 21.31 30.11
C TYR B 155 -15.78 21.63 31.24
N GLU B 156 -17.06 21.41 31.01
CA GLU B 156 -18.09 21.78 31.99
C GLU B 156 -17.91 21.02 33.29
N ILE B 157 -17.77 19.70 33.21
CA ILE B 157 -17.65 18.88 34.41
C ILE B 157 -16.34 19.18 35.13
N ILE B 158 -15.24 19.34 34.38
CA ILE B 158 -13.97 19.60 35.02
C ILE B 158 -14.01 20.90 35.79
N LYS B 159 -14.58 21.94 35.19
CA LYS B 159 -14.70 23.21 35.88
C LYS B 159 -15.61 23.09 37.09
N MET B 160 -16.72 22.36 36.94
CA MET B 160 -17.65 22.17 38.05
C MET B 160 -16.99 21.47 39.23
N LEU B 161 -16.06 20.56 38.94
CA LEU B 161 -15.35 19.85 40.01
C LEU B 161 -14.29 20.72 40.64
N VAL B 162 -13.47 21.40 39.84
CA VAL B 162 -12.39 22.19 40.42
C VAL B 162 -12.91 23.43 41.11
N GLN B 163 -14.16 23.83 40.85
CA GLN B 163 -14.72 24.91 41.65
C GLN B 163 -14.94 24.48 43.09
N LYS B 164 -15.24 23.21 43.32
CA LYS B 164 -15.43 22.71 44.68
C LYS B 164 -14.11 22.44 45.38
N GLY B 165 -13.00 22.40 44.67
CA GLY B 165 -11.70 22.23 45.27
C GLY B 165 -11.25 20.78 45.35
N VAL B 166 -10.35 20.39 44.45
CA VAL B 166 -9.82 19.03 44.39
C VAL B 166 -8.31 19.11 44.16
N SER B 167 -7.68 17.95 44.03
CA SER B 167 -6.22 17.90 43.93
C SER B 167 -5.80 16.56 43.35
N VAL B 168 -5.00 16.61 42.29
CA VAL B 168 -4.44 15.42 41.66
C VAL B 168 -3.01 15.21 42.17
N PRO B 169 -2.65 14.03 42.65
CA PRO B 169 -1.32 13.84 43.23
C PRO B 169 -0.25 13.71 42.15
N GLN B 170 0.68 14.63 42.13
CA GLN B 170 1.80 14.54 41.19
C GLN B 170 2.66 13.33 41.54
N PRO B 171 3.07 12.53 40.56
CA PRO B 171 3.97 11.42 40.84
C PRO B 171 5.42 11.88 40.79
N HIS B 172 6.24 11.28 41.67
CA HIS B 172 7.66 11.61 41.67
C HIS B 172 8.30 11.12 40.38
N GLU B 173 9.11 11.98 39.78
CA GLU B 173 9.64 11.71 38.45
C GLU B 173 10.69 10.61 38.48
N VAL B 174 10.78 9.88 37.36
CA VAL B 174 11.85 8.92 37.12
C VAL B 174 11.85 8.51 35.66
N VAL B 187 6.01 -3.71 45.57
CA VAL B 187 5.27 -4.90 46.02
C VAL B 187 4.27 -5.30 44.96
N ASP B 188 3.21 -4.53 44.81
CA ASP B 188 2.16 -4.78 43.83
C ASP B 188 2.46 -3.91 42.62
N SER B 189 3.16 -4.51 41.64
CA SER B 189 3.60 -3.72 40.49
C SER B 189 2.44 -3.36 39.59
N LEU B 190 1.42 -4.20 39.53
CA LEU B 190 0.30 -3.96 38.63
C LEU B 190 -0.47 -2.69 39.01
N ARG B 191 -0.79 -2.56 40.30
CA ARG B 191 -1.49 -1.37 40.75
C ARG B 191 -0.62 -0.13 40.61
N HIS B 192 0.67 -0.26 40.87
CA HIS B 192 1.56 0.89 40.74
C HIS B 192 1.58 1.40 39.30
N SER B 193 1.68 0.47 38.35
CA SER B 193 1.68 0.87 36.95
C SER B 193 0.36 1.51 36.52
N ARG B 194 -0.78 0.90 36.88
CA ARG B 194 -2.05 1.54 36.54
C ARG B 194 -2.16 2.92 37.15
N SER B 195 -1.77 3.08 38.41
CA SER B 195 -1.92 4.38 39.04
C SER B 195 -1.08 5.43 38.35
N ARG B 196 0.18 5.10 38.03
CA ARG B 196 1.03 6.09 37.38
C ARG B 196 0.49 6.46 36.01
N LEU B 197 0.04 5.48 35.23
CA LEU B 197 -0.48 5.81 33.91
C LEU B 197 -1.76 6.61 33.98
N ASN B 198 -2.64 6.29 34.93
CA ASN B 198 -3.88 7.05 35.07
C ASN B 198 -3.59 8.50 35.43
N ILE B 199 -2.65 8.73 36.35
CA ILE B 199 -2.34 10.10 36.71
C ILE B 199 -1.75 10.85 35.51
N TYR B 200 -0.81 10.24 34.80
CA TYR B 200 -0.20 10.96 33.69
C TYR B 200 -1.20 11.20 32.57
N LYS B 201 -2.15 10.30 32.37
CA LYS B 201 -3.17 10.51 31.36
C LYS B 201 -4.17 11.58 31.77
N ALA B 202 -4.34 11.78 33.08
CA ALA B 202 -5.16 12.91 33.53
C ALA B 202 -4.44 14.22 33.32
N LEU B 203 -3.13 14.26 33.57
CA LEU B 203 -2.41 15.53 33.48
C LEU B 203 -2.29 16.02 32.04
N ALA B 204 -2.21 15.12 31.07
CA ALA B 204 -2.02 15.49 29.67
C ALA B 204 -3.35 15.69 28.96
N SER B 205 -4.19 16.54 29.56
CA SER B 205 -5.52 16.78 29.05
C SER B 205 -5.70 18.24 28.70
N PRO B 206 -6.08 18.55 27.46
CA PRO B 206 -6.19 19.97 27.07
C PRO B 206 -7.09 20.79 27.94
N SER B 207 -8.20 20.24 28.42
CA SER B 207 -9.11 21.02 29.26
C SER B 207 -8.51 21.28 30.63
N LEU B 208 -7.88 20.28 31.23
CA LEU B 208 -7.30 20.48 32.55
C LEU B 208 -6.12 21.44 32.49
N ILE B 209 -5.38 21.47 31.40
CA ILE B 209 -4.33 22.44 31.22
C ILE B 209 -4.91 23.83 31.00
N ALA B 210 -5.93 23.94 30.16
CA ALA B 210 -6.51 25.24 29.90
C ALA B 210 -7.31 25.80 31.06
N LEU B 211 -7.58 25.00 32.09
CA LEU B 211 -8.36 25.50 33.23
C LEU B 211 -7.50 25.98 34.38
N SER B 212 -6.50 25.19 34.79
CA SER B 212 -5.68 25.51 35.94
C SER B 212 -4.22 25.33 35.58
N SER B 213 -3.62 26.35 34.98
CA SER B 213 -2.22 26.28 34.61
C SER B 213 -1.71 27.69 34.36
N GLU B 214 -0.52 27.98 34.90
CA GLU B 214 0.00 29.35 34.83
C GLU B 214 0.58 29.68 33.47
N ASP B 215 1.05 28.69 32.73
CA ASP B 215 1.63 28.91 31.41
C ASP B 215 1.45 27.66 30.56
N PRO B 216 0.45 27.63 29.68
CA PRO B 216 0.16 26.38 28.96
C PRO B 216 1.34 25.86 28.16
N PHE B 217 2.14 26.73 27.55
CA PHE B 217 3.23 26.26 26.71
C PHE B 217 4.30 25.54 27.53
N LEU B 218 4.66 26.06 28.70
CA LEU B 218 5.66 25.36 29.52
C LEU B 218 5.17 23.98 29.93
N THR B 219 3.92 23.90 30.37
CA THR B 219 3.42 22.60 30.82
C THR B 219 3.36 21.62 29.66
N ALA B 220 2.95 22.06 28.48
CA ALA B 220 2.93 21.17 27.34
C ALA B 220 4.34 20.69 26.99
N PHE B 221 5.31 21.59 26.93
CA PHE B 221 6.68 21.19 26.62
C PHE B 221 7.20 20.18 27.64
N GLN B 222 7.11 20.53 28.92
CA GLN B 222 7.68 19.68 29.96
C GLN B 222 6.98 18.34 30.04
N LEU B 223 5.66 18.34 29.92
CA LEU B 223 4.92 17.09 30.01
C LEU B 223 5.24 16.19 28.83
N SER B 224 5.39 16.77 27.64
CA SER B 224 5.77 15.97 26.50
C SER B 224 7.14 15.35 26.70
N TRP B 225 8.09 16.11 27.26
CA TRP B 225 9.41 15.53 27.51
C TRP B 225 9.36 14.41 28.54
N GLU B 226 8.61 14.61 29.62
CA GLU B 226 8.52 13.58 30.66
C GLU B 226 7.91 12.30 30.10
N LEU B 227 6.85 12.42 29.31
CA LEU B 227 6.23 11.22 28.75
C LEU B 227 7.15 10.54 27.75
N GLN B 228 7.86 11.32 26.95
CA GLN B 228 8.81 10.72 26.02
C GLN B 228 9.89 9.95 26.76
N GLU B 229 10.34 10.46 27.91
CA GLU B 229 11.33 9.75 28.70
C GLU B 229 10.76 8.47 29.29
N LEU B 230 9.58 8.56 29.90
CA LEU B 230 8.95 7.40 30.50
C LEU B 230 8.63 6.32 29.46
N SER B 231 8.56 6.69 28.19
CA SER B 231 8.29 5.69 27.16
C SER B 231 9.38 4.62 27.07
N LYS B 232 10.57 4.87 27.58
CA LYS B 232 11.67 3.92 27.49
C LYS B 232 11.93 3.16 28.77
N VAL B 233 11.48 3.67 29.91
CA VAL B 233 11.61 2.92 31.16
C VAL B 233 10.52 1.88 31.28
N GLU B 234 9.26 2.32 31.30
CA GLU B 234 8.11 1.41 31.30
C GLU B 234 7.92 0.86 29.89
N ASN B 235 8.84 -0.01 29.48
CA ASN B 235 8.82 -0.48 28.11
C ASN B 235 7.66 -1.41 27.81
N GLU B 236 6.91 -1.86 28.81
CA GLU B 236 5.74 -2.68 28.54
C GLU B 236 4.57 -1.86 28.04
N PHE B 237 4.60 -0.54 28.22
CA PHE B 237 3.51 0.35 27.87
C PHE B 237 4.03 1.48 27.00
N LYS B 238 4.83 1.16 25.99
CA LYS B 238 5.41 2.21 25.15
C LYS B 238 4.34 2.99 24.40
N ALA B 239 3.35 2.28 23.86
CA ALA B 239 2.38 2.94 23.00
C ALA B 239 1.59 4.00 23.75
N GLU B 240 1.18 3.71 24.98
CA GLU B 240 0.41 4.69 25.75
C GLU B 240 1.18 5.98 25.91
N TYR B 241 2.42 5.89 26.38
CA TYR B 241 3.19 7.10 26.65
C TYR B 241 3.54 7.83 25.37
N GLU B 242 3.85 7.09 24.30
CA GLU B 242 4.14 7.76 23.03
C GLU B 242 2.94 8.52 22.52
N GLU B 243 1.73 7.94 22.61
CA GLU B 243 0.56 8.66 22.16
C GLU B 243 0.27 9.88 23.02
N LEU B 244 0.46 9.75 24.34
CA LEU B 244 0.21 10.90 25.20
C LEU B 244 1.19 12.03 24.88
N SER B 245 2.45 11.72 24.64
CA SER B 245 3.39 12.77 24.28
C SER B 245 3.04 13.39 22.94
N HIS B 246 2.59 12.58 21.99
CA HIS B 246 2.18 13.12 20.69
C HIS B 246 1.03 14.10 20.84
N GLN B 247 0.06 13.79 21.68
CA GLN B 247 -1.07 14.71 21.83
C GLN B 247 -0.67 15.96 22.60
N CYS B 248 0.29 15.85 23.52
CA CYS B 248 0.80 17.07 24.14
C CYS B 248 1.54 17.94 23.14
N LYS B 249 2.18 17.33 22.15
CA LYS B 249 2.83 18.12 21.12
C LYS B 249 1.81 18.82 20.22
N HIS B 250 0.74 18.13 19.87
CA HIS B 250 -0.27 18.75 19.01
C HIS B 250 -1.05 19.85 19.70
N PHE B 251 -1.18 19.79 21.04
CA PHE B 251 -1.91 20.84 21.74
C PHE B 251 -1.24 22.20 21.62
N ALA B 252 0.09 22.27 21.73
CA ALA B 252 0.76 23.56 21.66
C ALA B 252 0.62 24.18 20.27
N LYS B 253 0.75 23.37 19.22
CA LYS B 253 0.51 23.88 17.89
C LYS B 253 -0.90 24.39 17.72
N ASP B 254 -1.90 23.62 18.19
CA ASP B 254 -3.28 24.09 18.05
C ASP B 254 -3.51 25.37 18.82
N LEU B 255 -2.82 25.56 19.94
CA LEU B 255 -2.99 26.80 20.69
C LEU B 255 -2.29 27.97 20.02
N LEU B 256 -1.23 27.72 19.26
CA LEU B 256 -0.58 28.81 18.55
C LEU B 256 -1.34 29.24 17.30
N ASP B 257 -2.28 28.44 16.80
CA ASP B 257 -3.06 28.84 15.63
C ASP B 257 -4.11 29.89 15.94
N GLN B 258 -4.38 30.18 17.20
CA GLN B 258 -5.38 31.16 17.57
C GLN B 258 -4.74 32.53 17.76
N THR B 259 -4.02 32.97 16.73
CA THR B 259 -3.40 34.29 16.73
C THR B 259 -3.86 35.04 15.49
N ARG B 260 -4.16 36.32 15.66
CA ARG B 260 -4.70 37.11 14.56
C ARG B 260 -3.96 38.42 14.37
N SER B 261 -2.66 38.46 14.68
CA SER B 261 -1.85 39.64 14.41
C SER B 261 -0.40 39.26 14.49
N SER B 262 0.44 40.07 13.84
CA SER B 262 1.88 39.84 13.92
C SER B 262 2.44 40.31 15.26
N ARG B 263 1.93 41.41 15.79
CA ARG B 263 2.38 41.88 17.10
C ARG B 263 2.04 40.86 18.17
N GLU B 264 0.86 40.26 18.05
CA GLU B 264 0.41 39.24 18.99
C GLU B 264 1.27 37.98 18.91
N LEU B 265 1.80 37.66 17.73
CA LEU B 265 2.67 36.49 17.59
C LEU B 265 4.08 36.78 18.10
N GLU B 266 4.58 38.00 17.85
CA GLU B 266 5.90 38.34 18.35
C GLU B 266 5.92 38.46 19.86
N LEU B 267 4.79 38.80 20.48
CA LEU B 267 4.77 38.80 21.94
C LEU B 267 4.93 37.41 22.52
N ILE B 268 4.59 36.37 21.77
CA ILE B 268 4.74 35.01 22.27
C ILE B 268 6.10 34.44 21.93
N LEU B 269 6.57 34.63 20.70
CA LEU B 269 7.83 34.01 20.34
C LEU B 269 9.04 34.69 20.96
N ASN B 270 8.88 35.86 21.57
CA ASN B 270 9.99 36.58 22.16
C ASN B 270 10.00 36.56 23.68
N PHE B 271 9.05 35.89 24.31
CA PHE B 271 8.96 35.92 25.76
C PHE B 271 10.14 35.19 26.40
N ARG B 272 10.48 35.59 27.61
CA ARG B 272 11.59 35.01 28.34
C ARG B 272 11.32 34.99 29.84
N ASN B 284 17.56 36.20 24.70
CA ASN B 284 17.31 37.54 24.19
C ASN B 284 16.18 37.54 23.19
N GLU B 285 16.55 37.59 21.91
CA GLU B 285 15.60 37.68 20.82
C GLU B 285 15.19 36.27 20.41
N LEU B 286 13.88 36.05 20.30
CA LEU B 286 13.33 34.73 19.97
C LEU B 286 13.76 33.68 20.98
N ALA B 287 13.51 33.95 22.27
CA ALA B 287 13.86 32.97 23.30
C ALA B 287 12.90 31.79 23.31
N ARG B 288 11.61 32.05 23.11
CA ARG B 288 10.63 30.98 23.13
C ARG B 288 10.86 29.99 21.99
N LEU B 289 11.22 30.51 20.82
CA LEU B 289 11.46 29.61 19.70
C LEU B 289 12.69 28.74 19.96
N LYS B 290 13.71 29.30 20.60
CA LYS B 290 14.87 28.51 20.97
C LYS B 290 14.50 27.44 21.98
N LEU B 291 13.65 27.77 22.95
CA LEU B 291 13.22 26.76 23.91
C LEU B 291 12.44 25.64 23.23
N ALA B 292 11.58 26.01 22.29
CA ALA B 292 10.81 25.01 21.56
C ALA B 292 11.71 24.09 20.74
N ILE B 293 12.74 24.65 20.10
CA ILE B 293 13.68 23.82 19.37
C ILE B 293 14.43 22.91 20.32
N LYS B 294 14.76 23.41 21.50
CA LYS B 294 15.47 22.59 22.48
C LYS B 294 14.63 21.42 22.94
N TYR B 295 13.33 21.60 23.11
CA TYR B 295 12.45 20.53 23.56
C TYR B 295 11.94 19.65 22.45
N ARG B 296 12.37 19.87 21.21
CA ARG B 296 11.99 19.04 20.06
C ARG B 296 10.50 19.11 19.76
N GLN B 297 9.96 20.32 19.76
CA GLN B 297 8.55 20.54 19.44
C GLN B 297 8.43 20.81 17.95
N LYS B 298 8.50 19.74 17.16
CA LYS B 298 8.54 19.90 15.71
C LYS B 298 7.26 20.48 15.15
N GLU B 299 6.10 20.15 15.73
CA GLU B 299 4.85 20.66 15.18
C GLU B 299 4.67 22.15 15.46
N PHE B 300 5.14 22.59 16.62
CA PHE B 300 5.09 24.01 16.98
C PHE B 300 5.95 24.86 16.06
N VAL B 301 7.10 24.35 15.66
CA VAL B 301 8.06 25.15 14.89
C VAL B 301 7.62 25.32 13.46
N ALA B 302 7.06 24.28 12.85
CA ALA B 302 6.69 24.32 11.44
C ALA B 302 5.32 24.91 11.19
N GLN B 303 4.77 25.66 12.15
CA GLN B 303 3.49 26.29 11.95
C GLN B 303 3.58 27.32 10.83
N PRO B 304 2.57 27.45 9.98
CA PRO B 304 2.70 28.32 8.81
C PRO B 304 2.96 29.78 9.14
N ASN B 305 2.35 30.32 10.19
CA ASN B 305 2.59 31.71 10.53
C ASN B 305 3.91 31.92 11.23
N CYS B 306 4.37 30.93 11.99
CA CYS B 306 5.70 31.02 12.58
C CYS B 306 6.78 30.92 11.52
N GLN B 307 6.53 30.15 10.47
CA GLN B 307 7.50 29.90 9.41
C GLN B 307 7.60 31.03 8.42
N GLN B 308 6.78 32.07 8.56
CA GLN B 308 6.78 33.25 7.71
C GLN B 308 7.50 34.42 8.35
N LEU B 309 7.37 34.55 9.67
CA LEU B 309 8.16 35.53 10.41
C LEU B 309 9.66 35.27 10.24
N LEU B 310 10.07 34.00 10.32
CA LEU B 310 11.46 33.65 10.12
C LEU B 310 11.93 33.97 8.71
N ALA B 311 11.10 33.71 7.71
CA ALA B 311 11.49 34.04 6.34
C ALA B 311 11.68 35.54 6.18
N SER B 312 10.79 36.33 6.77
CA SER B 312 10.95 37.77 6.69
C SER B 312 12.19 38.23 7.43
N ARG B 313 12.55 37.59 8.54
CA ARG B 313 13.77 37.98 9.24
C ARG B 313 15.03 37.49 8.54
N TRP B 314 14.91 36.50 7.67
CA TRP B 314 16.06 35.91 7.00
C TRP B 314 16.37 36.57 5.67
N TYR B 315 15.38 36.86 4.84
CA TYR B 315 15.68 37.36 3.51
C TYR B 315 16.08 38.82 3.52
N ASP B 316 15.18 39.71 3.95
CA ASP B 316 15.48 41.15 4.06
C ASP B 316 15.87 41.75 2.70
N GLU B 317 15.33 41.19 1.63
CA GLU B 317 15.65 41.61 0.26
C GLU B 317 17.17 41.63 0.02
N ARG B 324 11.62 37.72 -7.68
CA ARG B 324 12.32 37.36 -8.90
C ARG B 324 11.96 35.94 -9.32
N HIS B 325 12.67 35.44 -10.33
CA HIS B 325 12.48 34.09 -10.84
C HIS B 325 13.79 33.30 -10.71
N TRP B 326 13.80 32.09 -11.26
CA TRP B 326 14.94 31.19 -11.07
C TRP B 326 16.23 31.81 -11.59
N ALA B 327 16.20 32.41 -12.77
CA ALA B 327 17.43 32.91 -13.38
C ALA B 327 18.02 34.04 -12.54
N GLY B 328 17.19 34.94 -12.02
CA GLY B 328 17.70 36.03 -11.21
C GLY B 328 18.31 35.54 -9.91
N LYS B 329 17.63 34.63 -9.22
CA LYS B 329 18.17 34.08 -7.98
C LYS B 329 19.43 33.26 -8.23
N LEU B 330 19.57 32.70 -9.43
CA LEU B 330 20.80 32.01 -9.76
C LEU B 330 21.94 33.00 -9.98
N ILE B 331 21.68 34.08 -10.72
CA ILE B 331 22.78 34.94 -11.16
C ILE B 331 23.13 36.01 -10.13
N THR B 332 22.26 36.30 -9.17
CA THR B 332 22.64 37.27 -8.15
C THR B 332 23.46 36.61 -7.04
N CYS B 333 23.13 35.35 -6.71
CA CYS B 333 23.87 34.65 -5.67
C CYS B 333 25.31 34.35 -6.08
N VAL B 334 25.64 34.47 -7.36
CA VAL B 334 27.03 34.30 -7.76
C VAL B 334 27.81 35.59 -7.53
N PHE B 335 27.19 36.73 -7.81
CA PHE B 335 27.87 38.01 -7.68
C PHE B 335 28.20 38.33 -6.22
N ILE B 336 27.37 37.88 -5.29
CA ILE B 336 27.65 38.12 -3.88
C ILE B 336 28.70 37.16 -3.34
N GLY B 337 28.85 35.99 -3.95
CA GLY B 337 29.77 35.00 -3.45
C GLY B 337 31.15 35.09 -4.06
N LEU B 338 31.27 35.76 -5.20
CA LEU B 338 32.58 35.99 -5.80
C LEU B 338 33.37 37.03 -5.01
N MET B 339 32.71 38.10 -4.61
CA MET B 339 33.37 39.19 -3.89
C MET B 339 33.16 39.08 -2.38
N PHE B 340 33.47 37.91 -1.85
CA PHE B 340 33.37 37.75 -0.40
C PHE B 340 34.59 38.26 0.38
N PRO B 341 35.82 38.10 -0.10
CA PRO B 341 36.97 38.49 0.75
C PRO B 341 37.01 39.96 1.12
N LEU B 342 36.62 40.86 0.21
CA LEU B 342 36.68 42.28 0.56
C LEU B 342 35.60 42.67 1.55
N LEU B 343 34.41 42.07 1.47
CA LEU B 343 33.41 42.29 2.52
C LEU B 343 33.91 41.78 3.85
N SER B 344 34.50 40.58 3.85
CA SER B 344 35.02 40.01 5.09
C SER B 344 36.20 40.80 5.63
N LEU B 345 36.91 41.54 4.78
CA LEU B 345 38.03 42.36 5.20
C LEU B 345 37.59 43.73 5.70
N CYS B 346 36.58 44.33 5.07
CA CYS B 346 36.11 45.63 5.49
C CYS B 346 35.11 45.56 6.64
N TYR B 347 34.63 44.36 6.97
CA TYR B 347 33.81 44.24 8.17
C TYR B 347 34.65 44.36 9.43
N LEU B 348 35.86 43.78 9.43
CA LEU B 348 36.64 43.71 10.65
C LEU B 348 37.43 44.98 10.94
N VAL B 349 37.48 45.94 10.02
CA VAL B 349 38.22 47.17 10.25
C VAL B 349 37.27 48.29 10.68
N ALA B 350 36.27 48.59 9.86
CA ALA B 350 35.34 49.68 10.11
C ALA B 350 33.90 49.16 10.05
N PRO B 351 33.42 48.56 11.16
CA PRO B 351 32.06 47.98 11.20
C PRO B 351 30.96 49.03 11.27
N LYS B 352 31.07 50.06 10.43
CA LYS B 352 30.11 51.14 10.43
C LYS B 352 29.21 51.03 9.21
N SER B 353 28.18 51.88 9.14
CA SER B 353 27.08 51.67 8.21
C SER B 353 27.43 52.09 6.78
N ARG B 354 28.56 51.59 6.28
CA ARG B 354 28.89 51.79 4.87
C ARG B 354 28.89 50.47 4.12
N TYR B 355 29.69 49.50 4.55
CA TYR B 355 29.76 48.19 3.91
C TYR B 355 29.85 47.05 4.90
N GLY B 356 30.15 47.30 6.17
CA GLY B 356 30.32 46.26 7.16
C GLY B 356 29.05 45.70 7.73
N LEU B 357 27.93 46.39 7.57
CA LEU B 357 26.63 45.90 7.99
C LEU B 357 25.94 45.08 6.92
N PHE B 358 26.61 44.86 5.78
CA PHE B 358 26.07 44.03 4.72
C PHE B 358 26.49 42.57 4.85
N ILE B 359 27.41 42.26 5.77
CA ILE B 359 27.78 40.89 6.06
C ILE B 359 27.13 40.38 7.34
N ARG B 360 26.31 41.20 7.99
CA ARG B 360 25.56 40.75 9.15
C ARG B 360 24.18 40.21 8.80
N LYS B 361 23.66 40.55 7.63
CA LYS B 361 22.41 39.98 7.18
C LYS B 361 22.55 38.47 7.05
N PRO B 362 21.64 37.68 7.62
CA PRO B 362 21.83 36.22 7.63
C PRO B 362 21.97 35.58 6.26
N PHE B 363 21.15 35.98 5.28
CA PHE B 363 21.28 35.41 3.96
C PHE B 363 22.66 35.69 3.36
N ILE B 364 23.13 36.92 3.50
CA ILE B 364 24.43 37.27 2.92
C ILE B 364 25.54 36.53 3.64
N LYS B 365 25.43 36.38 4.96
CA LYS B 365 26.43 35.63 5.70
C LYS B 365 26.47 34.18 5.25
N PHE B 366 25.30 33.58 4.99
CA PHE B 366 25.26 32.21 4.50
C PHE B 366 25.90 32.11 3.13
N ILE B 367 25.65 33.06 2.24
CA ILE B 367 26.30 33.04 0.94
C ILE B 367 27.81 33.15 1.08
N CYS B 368 28.28 33.99 1.99
CA CYS B 368 29.71 34.15 2.18
C CYS B 368 30.36 32.86 2.68
N HIS B 369 29.74 32.21 3.67
CA HIS B 369 30.30 30.96 4.18
C HIS B 369 30.30 29.88 3.10
N THR B 370 29.24 29.84 2.29
CA THR B 370 29.22 28.89 1.19
C THR B 370 30.35 29.13 0.21
N ALA B 371 30.61 30.40 -0.12
CA ALA B 371 31.69 30.72 -1.05
C ALA B 371 33.05 30.33 -0.48
N SER B 372 33.26 30.57 0.81
CA SER B 372 34.51 30.16 1.44
C SER B 372 34.70 28.65 1.38
N TYR B 373 33.64 27.90 1.69
CA TYR B 373 33.76 26.45 1.65
C TYR B 373 34.03 25.95 0.24
N LEU B 374 33.41 26.56 -0.77
CA LEU B 374 33.66 26.14 -2.14
C LEU B 374 35.09 26.46 -2.58
N THR B 375 35.64 27.58 -2.11
CA THR B 375 37.04 27.86 -2.40
C THR B 375 37.95 26.81 -1.78
N PHE B 376 37.65 26.40 -0.54
CA PHE B 376 38.42 25.34 0.08
C PHE B 376 38.35 24.04 -0.72
N LEU B 377 37.17 23.70 -1.21
CA LEU B 377 37.04 22.48 -2.00
C LEU B 377 37.82 22.58 -3.30
N PHE B 378 37.82 23.76 -3.93
CA PHE B 378 38.60 23.90 -5.16
C PHE B 378 40.09 23.74 -4.90
N LEU B 379 40.58 24.31 -3.79
CA LEU B 379 41.99 24.10 -3.44
C LEU B 379 42.29 22.63 -3.17
N LEU B 380 41.37 21.92 -2.51
CA LEU B 380 41.56 20.49 -2.30
C LEU B 380 41.66 19.74 -3.62
N LEU B 381 40.80 20.05 -4.58
CA LEU B 381 40.89 19.40 -5.89
C LEU B 381 42.19 19.77 -6.59
N LEU B 382 42.73 20.94 -6.29
CA LEU B 382 43.94 21.41 -6.97
C LEU B 382 45.22 20.86 -6.35
N ALA B 383 45.16 20.38 -5.10
CA ALA B 383 46.37 19.91 -4.44
C ALA B 383 46.98 18.70 -5.14
N SER B 384 46.17 17.90 -5.81
CA SER B 384 46.66 16.65 -6.42
C SER B 384 46.88 16.85 -7.91
N GLN B 385 47.81 17.74 -8.23
CA GLN B 385 48.15 18.05 -9.61
C GLN B 385 49.65 17.86 -9.83
N HIS B 386 50.01 17.57 -11.08
CA HIS B 386 51.39 17.25 -11.42
C HIS B 386 52.18 18.48 -11.82
N ILE B 387 51.72 19.67 -11.45
CA ILE B 387 52.40 20.91 -11.78
C ILE B 387 52.69 21.67 -10.48
N VAL B 388 51.71 21.74 -9.59
CA VAL B 388 51.92 22.35 -8.29
C VAL B 388 52.15 21.27 -7.25
N ASN B 391 54.58 18.70 -6.73
CA ASN B 391 56.00 18.56 -6.47
C ASN B 391 56.45 17.10 -6.64
N PRO B 392 57.75 16.89 -6.86
CA PRO B 392 58.26 15.52 -7.00
C PRO B 392 58.27 14.77 -5.68
N ASP B 393 58.84 13.58 -5.67
CA ASP B 393 58.88 12.74 -4.48
C ASP B 393 60.28 12.74 -3.85
N ARG B 394 60.46 13.59 -2.85
CA ARG B 394 61.65 13.60 -2.01
C ARG B 394 61.27 13.19 -0.60
N GLN B 395 62.10 12.36 0.01
CA GLN B 395 61.85 11.88 1.36
C GLN B 395 61.70 13.05 2.32
N GLY B 396 60.60 13.05 3.08
CA GLY B 396 60.35 14.06 4.08
C GLY B 396 60.33 15.47 3.53
N PRO B 397 59.37 15.75 2.66
CA PRO B 397 59.39 17.04 1.95
C PRO B 397 58.89 18.19 2.80
N LYS B 398 58.91 19.39 2.22
CA LYS B 398 58.52 20.72 2.65
C LYS B 398 57.16 21.08 2.06
N PRO B 399 56.28 21.68 2.85
CA PRO B 399 54.94 22.01 2.35
C PRO B 399 55.01 22.85 1.09
N THR B 400 54.16 22.52 0.12
CA THR B 400 54.14 23.22 -1.13
C THR B 400 53.39 24.54 -0.99
N THR B 401 53.23 25.25 -2.10
CA THR B 401 52.52 26.53 -2.07
C THR B 401 51.05 26.39 -1.76
N VAL B 402 50.51 25.17 -1.76
CA VAL B 402 49.08 24.96 -1.59
C VAL B 402 48.78 24.52 -0.17
N GLU B 403 49.71 23.80 0.45
CA GLU B 403 49.54 23.43 1.85
C GLU B 403 49.51 24.66 2.74
N TRP B 404 50.34 25.66 2.42
CA TRP B 404 50.33 26.87 3.24
C TRP B 404 49.03 27.64 3.11
N MET B 405 48.38 27.54 1.95
CA MET B 405 47.06 28.16 1.81
C MET B 405 45.98 27.35 2.49
N ILE B 406 46.14 26.02 2.52
CA ILE B 406 45.13 25.17 3.14
C ILE B 406 45.16 25.29 4.65
N LEU B 407 46.33 25.49 5.24
CA LEU B 407 46.44 25.49 6.69
C LEU B 407 45.52 26.50 7.39
N PRO B 408 45.38 27.75 6.94
CA PRO B 408 44.45 28.68 7.63
C PRO B 408 42.98 28.27 7.59
N TRP B 409 42.45 27.68 6.51
CA TRP B 409 41.10 27.11 6.59
C TRP B 409 41.00 26.01 7.64
N VAL B 410 41.99 25.13 7.73
CA VAL B 410 41.91 24.08 8.74
C VAL B 410 41.89 24.70 10.14
N LEU B 411 42.73 25.70 10.37
CA LEU B 411 42.72 26.35 11.68
C LEU B 411 41.40 27.04 11.96
N GLY B 412 40.84 27.73 10.97
CA GLY B 412 39.57 28.40 11.17
C GLY B 412 38.44 27.43 11.46
N PHE B 413 38.40 26.31 10.75
CA PHE B 413 37.39 25.31 11.01
C PHE B 413 37.51 24.78 12.43
N ILE B 414 38.74 24.51 12.88
CA ILE B 414 38.90 24.01 14.23
C ILE B 414 38.46 25.04 15.25
N TRP B 415 38.71 26.32 14.98
CA TRP B 415 38.30 27.37 15.91
C TRP B 415 36.79 27.49 15.98
N THR B 416 36.11 27.42 14.84
CA THR B 416 34.64 27.45 14.88
C THR B 416 34.08 26.25 15.61
N GLU B 417 34.69 25.08 15.42
CA GLU B 417 34.25 23.90 16.14
C GLU B 417 34.45 24.04 17.64
N ILE B 418 35.59 24.58 18.07
CA ILE B 418 35.81 24.74 19.50
C ILE B 418 34.84 25.75 20.10
N LYS B 419 34.55 26.81 19.35
CA LYS B 419 33.58 27.79 19.83
C LYS B 419 32.21 27.15 20.03
N GLN B 420 31.77 26.40 19.03
CA GLN B 420 30.48 25.73 19.06
C GLN B 420 30.41 24.56 20.06
N MET B 421 31.56 24.06 20.49
CA MET B 421 31.56 22.93 21.42
C MET B 421 31.72 23.37 22.88
N TRP B 422 32.30 24.55 23.15
CA TRP B 422 32.13 25.11 24.49
C TRP B 422 30.67 25.41 24.80
N ASP B 423 29.96 25.98 23.84
CA ASP B 423 28.59 26.44 24.09
C ASP B 423 27.66 25.27 24.41
N GLY B 424 27.74 24.19 23.64
CA GLY B 424 26.87 23.06 23.90
C GLY B 424 27.31 22.25 25.11
N GLY B 425 28.54 21.76 25.09
CA GLY B 425 29.10 21.06 26.24
C GLY B 425 28.97 19.56 26.18
N PHE B 426 29.30 18.96 25.03
CA PHE B 426 29.27 17.51 24.86
C PHE B 426 27.91 16.92 25.19
N GLN B 427 26.85 17.68 24.94
CA GLN B 427 25.49 17.18 25.10
C GLN B 427 24.64 17.85 24.04
N ASP B 428 24.05 17.03 23.18
CA ASP B 428 23.27 17.43 22.01
C ASP B 428 24.14 18.07 20.94
N TYR B 429 25.43 18.29 21.21
CA TYR B 429 26.37 18.62 20.15
C TYR B 429 26.84 17.37 19.45
N ILE B 430 27.13 16.32 20.23
CA ILE B 430 27.56 15.06 19.66
C ILE B 430 26.40 14.31 19.05
N HIS B 431 25.17 14.67 19.42
CA HIS B 431 24.00 14.05 18.78
C HIS B 431 23.95 14.38 17.30
N ASP B 432 24.06 15.65 16.95
CA ASP B 432 24.09 16.07 15.55
C ASP B 432 25.20 15.34 14.80
N TRP B 433 24.82 14.54 13.81
CA TRP B 433 25.81 13.70 13.15
C TRP B 433 26.80 14.50 12.33
N TRP B 434 26.38 15.62 11.74
CA TRP B 434 27.34 16.44 10.99
C TRP B 434 28.44 16.97 11.89
N ASN B 435 28.12 17.32 13.13
CA ASN B 435 29.16 17.74 14.06
C ASN B 435 30.10 16.59 14.39
N LEU B 436 29.57 15.37 14.49
CA LEU B 436 30.44 14.21 14.70
C LEU B 436 31.41 14.05 13.53
N MET B 437 30.91 14.21 12.31
CA MET B 437 31.79 14.10 11.15
C MET B 437 32.83 15.20 11.11
N ASP B 438 32.44 16.42 11.49
CA ASP B 438 33.42 17.51 11.59
C ASP B 438 34.50 17.17 12.59
N PHE B 439 34.12 16.59 13.73
CA PHE B 439 35.09 16.20 14.73
C PHE B 439 36.08 15.18 14.16
N VAL B 440 35.57 14.16 13.46
CA VAL B 440 36.44 13.11 12.95
C VAL B 440 37.41 13.67 11.90
N MET B 441 36.90 14.48 10.98
CA MET B 441 37.79 14.99 9.93
C MET B 441 38.79 16.01 10.49
N ASN B 442 38.42 16.79 11.51
CA ASN B 442 39.41 17.67 12.12
C ASN B 442 40.48 16.88 12.86
N SER B 443 40.09 15.75 13.48
CA SER B 443 41.09 14.87 14.08
C SER B 443 42.07 14.37 13.05
N LEU B 444 41.57 13.96 11.88
CA LEU B 444 42.47 13.47 10.84
C LEU B 444 43.40 14.57 10.33
N TYR B 445 42.88 15.79 10.19
CA TYR B 445 43.75 16.89 9.75
C TYR B 445 44.86 17.17 10.77
N LEU B 446 44.52 17.15 12.06
CA LEU B 446 45.54 17.32 13.08
C LEU B 446 46.59 16.22 12.98
N ALA B 447 46.15 14.97 12.81
CA ALA B 447 47.12 13.88 12.67
C ALA B 447 47.96 14.04 11.41
N THR B 448 47.44 14.73 10.40
CA THR B 448 48.25 14.98 9.21
C THR B 448 49.31 16.03 9.47
N ILE B 449 48.99 17.05 10.26
CA ILE B 449 49.99 18.07 10.57
C ILE B 449 51.14 17.46 11.36
N SER B 450 50.83 16.60 12.33
CA SER B 450 51.86 16.10 13.23
C SER B 450 52.71 14.99 12.63
N LEU B 451 52.40 14.50 11.44
CA LEU B 451 53.27 13.56 10.74
C LEU B 451 54.08 14.18 9.63
N LYS B 452 53.63 15.30 9.06
CA LYS B 452 54.48 15.99 8.12
C LYS B 452 55.69 16.63 8.80
N ILE B 453 55.63 16.84 10.11
CA ILE B 453 56.77 17.41 10.83
C ILE B 453 57.74 16.32 11.25
N VAL B 454 57.24 15.20 11.79
CA VAL B 454 58.12 14.12 12.22
C VAL B 454 59.00 13.67 11.07
N ALA B 455 58.39 13.44 9.91
CA ALA B 455 59.12 13.07 8.72
C ALA B 455 59.99 14.21 8.19
N TYR B 456 59.90 15.40 8.78
CA TYR B 456 60.81 16.47 8.41
C TYR B 456 62.05 16.48 9.29
N VAL B 457 61.86 16.45 10.60
CA VAL B 457 62.99 16.55 11.52
C VAL B 457 63.74 15.23 11.65
N LYS B 458 63.14 14.11 11.27
CA LYS B 458 63.81 12.82 11.44
C LYS B 458 64.36 12.25 10.14
N TYR B 459 63.54 12.15 9.10
CA TYR B 459 63.96 11.59 7.83
C TYR B 459 64.28 12.69 6.82
N SER B 460 65.23 12.38 5.93
CA SER B 460 65.63 13.26 4.84
C SER B 460 66.68 12.52 4.02
N GLY B 461 66.88 12.97 2.78
CA GLY B 461 67.93 12.39 1.96
C GLY B 461 67.60 12.23 0.49
N CYS B 462 66.33 12.39 0.12
CA CYS B 462 65.86 12.28 -1.26
C CYS B 462 66.18 10.90 -1.85
N LYS B 463 65.58 9.89 -1.23
CA LYS B 463 65.60 8.53 -1.73
C LYS B 463 64.51 8.33 -2.77
N PRO B 464 64.71 7.45 -3.75
CA PRO B 464 63.64 7.17 -4.72
C PRO B 464 62.40 6.58 -4.07
N ARG B 465 61.23 6.91 -4.63
CA ARG B 465 59.97 6.54 -4.00
C ARG B 465 59.76 5.03 -4.00
N ASP B 466 60.16 4.33 -5.06
CA ASP B 466 59.87 2.91 -5.15
C ASP B 466 60.55 2.14 -4.02
N THR B 467 61.79 2.49 -3.71
CA THR B 467 62.56 1.77 -2.71
C THR B 467 62.45 2.39 -1.31
N TRP B 468 61.23 2.70 -0.91
CA TRP B 468 60.98 3.12 0.46
C TRP B 468 60.57 1.88 1.24
N GLU B 469 60.14 2.06 2.48
CA GLU B 469 59.70 0.95 3.29
C GLU B 469 58.39 1.32 3.96
N MET B 470 57.53 0.34 4.15
CA MET B 470 56.18 0.58 4.65
C MET B 470 56.23 1.33 5.98
N TRP B 471 55.13 1.99 6.30
CA TRP B 471 54.99 2.77 7.53
C TRP B 471 55.95 3.96 7.56
N HIS B 472 56.60 4.27 6.46
CA HIS B 472 57.34 5.52 6.36
C HIS B 472 56.39 6.69 6.57
N PRO B 473 56.74 7.65 7.42
CA PRO B 473 55.74 8.65 7.85
C PRO B 473 55.10 9.42 6.71
N THR B 474 55.82 9.63 5.61
CA THR B 474 55.25 10.38 4.51
C THR B 474 54.05 9.66 3.89
N LEU B 475 54.17 8.33 3.72
CA LEU B 475 53.06 7.57 3.15
C LEU B 475 51.83 7.62 4.05
N VAL B 476 52.02 7.47 5.36
CA VAL B 476 50.89 7.48 6.27
C VAL B 476 50.28 8.87 6.34
N ALA B 477 51.10 9.91 6.23
CA ALA B 477 50.57 11.26 6.14
C ALA B 477 49.67 11.40 4.92
N GLU B 478 50.12 10.89 3.77
CA GLU B 478 49.31 10.98 2.56
C GLU B 478 48.02 10.22 2.70
N ALA B 479 48.06 9.04 3.31
CA ALA B 479 46.86 8.24 3.47
C ALA B 479 45.83 8.95 4.34
N VAL B 480 46.27 9.49 5.48
CA VAL B 480 45.34 10.20 6.35
C VAL B 480 44.80 11.44 5.65
N PHE B 481 45.63 12.13 4.87
CA PHE B 481 45.15 13.32 4.17
C PHE B 481 44.05 12.96 3.16
N ALA B 482 44.23 11.85 2.43
CA ALA B 482 43.19 11.45 1.47
C ALA B 482 41.89 11.08 2.18
N ILE B 483 41.98 10.29 3.24
CA ILE B 483 40.75 9.93 3.95
C ILE B 483 40.07 11.15 4.52
N ALA B 484 40.84 12.19 4.85
CA ALA B 484 40.20 13.41 5.33
C ALA B 484 39.53 14.18 4.20
N ASN B 485 40.13 14.16 3.01
CA ASN B 485 39.51 14.80 1.86
C ASN B 485 38.15 14.21 1.57
N ILE B 486 38.00 12.90 1.75
CA ILE B 486 36.71 12.28 1.47
C ILE B 486 35.62 12.90 2.33
N PHE B 487 35.84 12.99 3.64
CA PHE B 487 34.84 13.57 4.55
C PHE B 487 34.61 15.04 4.24
N SER B 488 35.69 15.78 3.99
CA SER B 488 35.55 17.21 3.74
C SER B 488 34.68 17.46 2.53
N SER B 489 34.86 16.68 1.47
CA SER B 489 34.03 16.83 0.27
C SER B 489 32.62 16.32 0.52
N LEU B 490 32.46 15.33 1.38
CA LEU B 490 31.16 14.75 1.62
C LEU B 490 30.26 15.69 2.41
N ARG B 491 30.85 16.61 3.16
CA ARG B 491 30.04 17.54 3.94
C ARG B 491 29.19 18.48 3.08
N LEU B 492 29.32 18.44 1.77
CA LEU B 492 28.61 19.33 0.86
C LEU B 492 27.15 18.89 0.66
N ILE B 493 26.76 17.74 1.19
CA ILE B 493 25.37 17.33 1.10
C ILE B 493 24.50 18.21 2.00
N SER B 494 25.00 18.60 3.16
CA SER B 494 24.20 19.37 4.10
C SER B 494 23.85 20.76 3.59
N LEU B 495 24.45 21.19 2.48
CA LEU B 495 24.11 22.49 1.93
C LEU B 495 22.68 22.51 1.41
N PHE B 496 22.15 21.35 1.03
CA PHE B 496 20.90 21.29 0.32
C PHE B 496 19.72 20.89 1.21
N THR B 497 19.80 21.18 2.50
CA THR B 497 18.59 21.21 3.31
C THR B 497 17.88 22.56 3.22
N ALA B 498 18.50 23.53 2.58
CA ALA B 498 17.91 24.84 2.38
C ALA B 498 17.11 24.94 1.11
N ASN B 499 17.38 24.08 0.13
CA ASN B 499 16.58 24.01 -1.08
C ASN B 499 15.21 23.43 -0.78
N SER B 500 14.25 23.71 -1.65
CA SER B 500 12.89 23.23 -1.46
C SER B 500 12.63 21.88 -2.12
N HIS B 501 13.46 21.48 -3.08
CA HIS B 501 13.28 20.20 -3.78
C HIS B 501 14.19 19.10 -3.25
N LEU B 502 15.45 19.40 -3.00
CA LEU B 502 16.40 18.41 -2.54
C LEU B 502 16.41 18.23 -1.03
N GLY B 503 15.79 19.11 -0.28
CA GLY B 503 15.77 19.04 1.15
C GLY B 503 14.99 17.84 1.69
N PRO B 504 13.70 17.76 1.38
CA PRO B 504 12.90 16.65 1.91
C PRO B 504 13.44 15.30 1.51
N LEU B 505 13.96 15.18 0.29
CA LEU B 505 14.49 13.92 -0.17
C LEU B 505 15.72 13.52 0.63
N GLN B 506 16.58 14.48 0.94
CA GLN B 506 17.75 14.21 1.77
C GLN B 506 17.37 13.80 3.18
N ILE B 507 16.39 14.47 3.77
CA ILE B 507 15.97 14.08 5.12
C ILE B 507 15.42 12.66 5.10
N SER B 508 14.63 12.32 4.07
CA SER B 508 14.07 10.98 3.96
C SER B 508 15.17 9.94 3.78
N LEU B 509 16.18 10.24 2.98
CA LEU B 509 17.32 9.33 2.85
C LEU B 509 18.01 9.14 4.18
N GLY B 510 18.21 10.22 4.92
CA GLY B 510 18.94 10.11 6.17
C GLY B 510 18.18 9.42 7.27
N ARG B 511 16.86 9.35 7.16
CA ARG B 511 16.07 8.63 8.16
C ARG B 511 16.05 7.13 7.93
N MET B 512 16.34 6.68 6.71
CA MET B 512 16.43 5.25 6.41
C MET B 512 17.86 4.74 6.54
N LEU B 513 18.52 5.06 7.64
CA LEU B 513 19.89 4.59 7.82
C LEU B 513 20.03 3.84 9.12
N LEU B 514 19.20 4.15 10.11
CA LEU B 514 19.20 3.31 11.29
C LEU B 514 18.50 1.98 11.05
N ASP B 515 17.79 1.84 9.93
CA ASP B 515 17.17 0.59 9.58
C ASP B 515 18.04 -0.26 8.67
N ILE B 516 19.02 0.33 8.02
CA ILE B 516 19.97 -0.44 7.24
C ILE B 516 21.12 -0.96 8.10
N LEU B 517 21.50 -0.24 9.15
CA LEU B 517 22.60 -0.70 9.98
C LEU B 517 22.27 -2.00 10.69
N LYS B 518 21.04 -2.16 11.17
CA LYS B 518 20.66 -3.42 11.79
C LYS B 518 20.75 -4.56 10.81
N PHE B 519 20.33 -4.32 9.57
CA PHE B 519 20.38 -5.37 8.58
C PHE B 519 21.82 -5.75 8.26
N LEU B 520 22.70 -4.75 8.13
CA LEU B 520 24.11 -5.06 7.90
C LEU B 520 24.73 -5.80 9.06
N PHE B 521 24.30 -5.52 10.28
CA PHE B 521 24.81 -6.30 11.39
C PHE B 521 24.38 -7.75 11.30
N ILE B 522 23.15 -8.01 10.86
CA ILE B 522 22.77 -9.41 10.65
C ILE B 522 23.55 -10.03 9.51
N TYR B 523 23.93 -9.25 8.51
CA TYR B 523 24.69 -9.80 7.40
C TYR B 523 26.12 -10.17 7.79
N CYS B 524 26.74 -9.40 8.68
CA CYS B 524 28.12 -9.69 9.07
C CYS B 524 28.24 -11.05 9.76
N LEU B 525 27.20 -11.47 10.47
CA LEU B 525 27.24 -12.79 11.10
C LEU B 525 27.31 -13.90 10.07
N VAL B 526 26.53 -13.79 9.00
CA VAL B 526 26.57 -14.76 7.91
C VAL B 526 27.94 -14.74 7.24
N LEU B 527 28.48 -13.55 7.02
CA LEU B 527 29.81 -13.46 6.42
C LEU B 527 30.84 -14.19 7.29
N LEU B 528 30.80 -13.96 8.59
CA LEU B 528 31.78 -14.57 9.47
C LEU B 528 31.62 -16.08 9.53
N ALA B 529 30.37 -16.56 9.54
CA ALA B 529 30.14 -18.00 9.58
C ALA B 529 30.70 -18.68 8.34
N PHE B 530 30.44 -18.13 7.17
CA PHE B 530 30.92 -18.78 5.96
C PHE B 530 32.42 -18.63 5.81
N ALA B 531 33.01 -17.54 6.31
CA ALA B 531 34.47 -17.43 6.28
C ALA B 531 35.11 -18.45 7.18
N ASN B 532 34.58 -18.63 8.38
CA ASN B 532 35.08 -19.66 9.26
C ASN B 532 34.98 -21.03 8.60
N GLY B 533 33.90 -21.29 7.89
CA GLY B 533 33.77 -22.57 7.21
C GLY B 533 34.77 -22.76 6.08
N LEU B 534 34.94 -21.73 5.25
CA LEU B 534 35.78 -21.85 4.05
C LEU B 534 37.27 -21.80 4.34
N ASN B 535 37.68 -21.21 5.46
CA ASN B 535 39.10 -21.20 5.77
C ASN B 535 39.58 -22.52 6.33
N GLN B 536 38.68 -23.24 7.01
CA GLN B 536 39.03 -24.54 7.58
C GLN B 536 39.35 -25.56 6.49
N LEU B 537 38.77 -25.41 5.31
CA LEU B 537 38.94 -26.40 4.26
C LEU B 537 40.19 -26.19 3.44
N TYR B 538 40.57 -24.94 3.17
CA TYR B 538 41.62 -24.64 2.21
C TYR B 538 42.94 -24.24 2.83
N PHE B 539 43.08 -24.24 4.14
CA PHE B 539 44.29 -23.68 4.72
C PHE B 539 45.49 -24.62 4.64
N TYR B 540 45.31 -25.85 4.16
CA TYR B 540 46.42 -26.76 3.96
C TYR B 540 47.10 -26.61 2.61
N TYR B 541 46.62 -25.70 1.76
CA TYR B 541 47.07 -25.62 0.39
C TYR B 541 47.71 -24.27 0.08
N GLU B 542 48.30 -23.63 1.08
CA GLU B 542 48.93 -22.32 0.90
C GLU B 542 50.22 -22.50 0.12
N ASN B 543 50.08 -22.69 -1.20
CA ASN B 543 51.27 -22.93 -2.01
C ASN B 543 52.18 -21.71 -2.02
N SER B 544 51.71 -20.61 -2.62
CA SER B 544 52.52 -19.40 -2.76
C SER B 544 53.91 -19.72 -3.34
N GLU B 545 53.92 -20.56 -4.38
CA GLU B 545 55.17 -21.13 -4.87
C GLU B 545 55.70 -20.28 -6.02
N GLY B 546 56.69 -19.45 -5.74
CA GLY B 546 57.32 -18.64 -6.76
C GLY B 546 56.36 -17.64 -7.39
N MET B 547 55.52 -17.02 -6.58
CA MET B 547 54.53 -16.06 -7.05
C MET B 547 55.01 -14.66 -6.69
N THR B 548 55.11 -13.79 -7.69
CA THR B 548 55.47 -12.41 -7.41
C THR B 548 54.42 -11.74 -6.54
N CYS B 549 53.15 -11.92 -6.89
CA CYS B 549 52.03 -11.34 -6.15
C CYS B 549 51.12 -12.46 -5.68
N LYS B 550 50.62 -12.34 -4.45
CA LYS B 550 49.69 -13.31 -3.91
C LYS B 550 48.48 -12.59 -3.32
N GLY B 551 47.33 -13.24 -3.41
CA GLY B 551 46.10 -12.64 -2.94
C GLY B 551 45.06 -12.60 -4.03
N ILE B 552 43.99 -11.82 -3.83
CA ILE B 552 42.97 -11.68 -4.85
C ILE B 552 43.09 -10.37 -5.61
N ARG B 553 43.88 -9.43 -5.12
CA ARG B 553 44.05 -8.17 -5.85
C ARG B 553 45.23 -8.24 -6.80
N CYS B 554 45.27 -9.28 -7.62
CA CYS B 554 46.29 -9.42 -8.65
C CYS B 554 45.63 -9.98 -9.90
N GLU B 555 46.37 -9.95 -11.01
CA GLU B 555 45.76 -10.31 -12.29
C GLU B 555 45.35 -11.77 -12.32
N ARG B 556 46.21 -12.65 -11.81
CA ARG B 556 45.89 -14.06 -11.66
C ARG B 556 45.64 -14.29 -10.17
N GLN B 557 44.38 -14.42 -9.80
CA GLN B 557 44.02 -14.51 -8.40
C GLN B 557 44.41 -15.87 -7.83
N ASN B 558 44.92 -15.86 -6.61
CA ASN B 558 45.42 -17.07 -5.99
C ASN B 558 45.36 -16.91 -4.48
N ASN B 559 45.35 -18.05 -3.79
CA ASN B 559 45.32 -18.06 -2.33
C ASN B 559 44.16 -17.26 -1.79
N ALA B 560 42.98 -17.50 -2.32
CA ALA B 560 41.82 -16.71 -1.92
C ALA B 560 41.26 -17.13 -0.58
N PHE B 561 41.56 -18.33 -0.11
CA PHE B 561 41.00 -18.80 1.16
C PHE B 561 42.08 -19.34 2.09
N SER B 562 43.31 -18.86 1.96
CA SER B 562 44.41 -19.44 2.72
C SER B 562 44.51 -18.89 4.13
N THR B 563 44.05 -17.67 4.36
CA THR B 563 44.07 -17.08 5.69
C THR B 563 42.70 -16.48 5.97
N LEU B 564 42.45 -16.18 7.24
CA LEU B 564 41.15 -15.65 7.60
C LEU B 564 40.91 -14.28 6.99
N PHE B 565 41.95 -13.44 6.96
CA PHE B 565 41.80 -12.09 6.42
C PHE B 565 41.49 -12.14 4.92
N GLU B 566 42.27 -12.89 4.16
CA GLU B 566 41.96 -13.08 2.75
C GLU B 566 40.59 -13.70 2.55
N THR B 567 40.15 -14.57 3.47
CA THR B 567 38.84 -15.17 3.31
C THR B 567 37.74 -14.14 3.45
N LEU B 568 37.84 -13.27 4.44
CA LEU B 568 36.85 -12.20 4.56
C LEU B 568 36.86 -11.30 3.34
N GLN B 569 38.05 -10.95 2.84
CA GLN B 569 38.12 -10.10 1.67
C GLN B 569 37.52 -10.76 0.44
N SER B 570 37.77 -12.05 0.25
CA SER B 570 37.19 -12.76 -0.88
C SER B 570 35.68 -12.83 -0.77
N LEU B 571 35.17 -13.08 0.42
CA LEU B 571 33.72 -13.16 0.56
C LEU B 571 33.06 -11.80 0.47
N PHE B 572 33.82 -10.71 0.64
CA PHE B 572 33.21 -9.39 0.49
C PHE B 572 33.17 -8.95 -0.97
N TRP B 573 34.25 -9.16 -1.71
CA TRP B 573 34.29 -8.68 -3.07
C TRP B 573 33.48 -9.51 -4.03
N SER B 574 32.80 -10.55 -3.57
CA SER B 574 31.93 -11.32 -4.43
C SER B 574 30.49 -10.88 -4.35
N ILE B 575 30.18 -9.88 -3.52
CA ILE B 575 28.88 -9.25 -3.60
C ILE B 575 28.77 -8.48 -4.89
N PHE B 576 29.89 -8.07 -5.47
CA PHE B 576 29.92 -7.28 -6.69
C PHE B 576 30.45 -8.07 -7.87
N GLY B 577 30.73 -9.35 -7.70
CA GLY B 577 31.09 -10.20 -8.81
C GLY B 577 32.51 -10.08 -9.26
N LEU B 578 33.43 -9.70 -8.38
CA LEU B 578 34.81 -9.44 -8.77
C LEU B 578 35.76 -10.54 -8.34
N ILE B 579 35.24 -11.71 -7.97
CA ILE B 579 36.07 -12.86 -7.61
C ILE B 579 35.78 -13.95 -8.61
N SER B 580 36.79 -14.36 -9.36
CA SER B 580 36.62 -15.36 -10.40
C SER B 580 36.38 -16.71 -9.77
N LEU B 581 36.04 -17.67 -10.62
CA LEU B 581 35.61 -18.97 -10.15
C LEU B 581 36.74 -19.98 -10.05
N TYR B 582 37.88 -19.71 -10.67
CA TYR B 582 38.99 -20.65 -10.60
C TYR B 582 39.77 -20.55 -9.31
N VAL B 583 39.33 -19.71 -8.37
CA VAL B 583 40.00 -19.62 -7.08
C VAL B 583 39.64 -20.78 -6.18
N THR B 584 38.68 -21.62 -6.57
CA THR B 584 38.35 -22.82 -5.81
C THR B 584 39.03 -24.06 -6.39
N ASN B 585 40.32 -23.96 -6.67
CA ASN B 585 41.12 -25.08 -7.14
C ASN B 585 42.42 -25.16 -6.36
N VAL B 586 42.92 -26.37 -6.20
CA VAL B 586 44.19 -26.65 -5.55
C VAL B 586 45.11 -27.31 -6.58
N LYS B 587 46.41 -27.25 -6.30
CA LYS B 587 47.38 -27.84 -7.22
C LYS B 587 47.31 -29.35 -7.26
N ALA B 588 46.70 -29.99 -6.26
CA ALA B 588 46.53 -31.43 -6.26
C ALA B 588 45.38 -31.81 -7.19
N ASP B 589 44.91 -33.05 -7.10
CA ASP B 589 43.83 -33.53 -7.93
C ASP B 589 42.71 -34.09 -7.08
N HIS B 590 42.31 -33.33 -6.07
CA HIS B 590 41.29 -33.77 -5.12
C HIS B 590 39.94 -33.22 -5.57
N LYS B 591 39.25 -33.96 -6.42
CA LYS B 591 37.92 -33.53 -6.83
C LYS B 591 36.88 -33.92 -5.80
N PHE B 592 37.15 -33.70 -4.55
CA PHE B 592 36.09 -33.73 -3.55
C PHE B 592 36.15 -32.53 -2.64
N THR B 593 37.34 -32.06 -2.29
CA THR B 593 37.43 -30.80 -1.58
C THR B 593 37.13 -29.64 -2.50
N GLU B 594 37.53 -29.73 -3.77
CA GLU B 594 37.18 -28.71 -4.73
C GLU B 594 35.70 -28.66 -5.03
N PHE B 595 34.94 -29.68 -4.66
CA PHE B 595 33.50 -29.61 -4.82
C PHE B 595 32.82 -29.09 -3.57
N VAL B 596 33.32 -29.45 -2.40
CA VAL B 596 32.78 -28.92 -1.16
C VAL B 596 33.05 -27.42 -1.07
N GLY B 597 34.22 -26.99 -1.52
CA GLY B 597 34.52 -25.57 -1.51
C GLY B 597 33.65 -24.77 -2.47
N ALA B 598 33.44 -25.30 -3.66
CA ALA B 598 32.57 -24.61 -4.60
C ALA B 598 31.13 -24.59 -4.12
N THR B 599 30.68 -25.62 -3.43
CA THR B 599 29.32 -25.60 -2.89
C THR B 599 29.19 -24.62 -1.73
N MET B 600 30.21 -24.48 -0.90
CA MET B 600 30.19 -23.44 0.14
C MET B 600 30.12 -22.06 -0.48
N PHE B 601 30.96 -21.81 -1.49
CA PHE B 601 30.92 -20.53 -2.16
C PHE B 601 29.57 -20.26 -2.81
N GLY B 602 28.99 -21.27 -3.46
CA GLY B 602 27.70 -21.08 -4.09
C GLY B 602 26.59 -20.84 -3.10
N THR B 603 26.61 -21.54 -1.96
CA THR B 603 25.59 -21.31 -0.95
C THR B 603 25.70 -19.91 -0.38
N TYR B 604 26.92 -19.44 -0.16
CA TYR B 604 27.07 -18.08 0.31
C TYR B 604 26.50 -17.09 -0.70
N ASN B 605 26.77 -17.31 -1.98
CA ASN B 605 26.23 -16.40 -2.99
C ASN B 605 24.72 -16.39 -3.00
N VAL B 606 24.09 -17.56 -2.90
CA VAL B 606 22.63 -17.62 -2.89
C VAL B 606 22.07 -16.92 -1.66
N ILE B 607 22.64 -17.18 -0.49
CA ILE B 607 22.11 -16.56 0.72
C ILE B 607 22.31 -15.05 0.71
N SER B 608 23.39 -14.58 0.12
CA SER B 608 23.72 -13.16 0.19
C SER B 608 23.11 -12.32 -0.90
N LEU B 609 22.90 -12.85 -2.10
CA LEU B 609 22.50 -12.04 -3.24
C LEU B 609 21.10 -12.34 -3.75
N VAL B 610 20.43 -13.33 -3.18
CA VAL B 610 19.06 -13.66 -3.57
C VAL B 610 18.12 -13.69 -2.39
N VAL B 611 18.60 -13.78 -1.17
CA VAL B 611 17.76 -13.76 0.00
C VAL B 611 17.93 -12.47 0.79
N LEU B 612 19.14 -12.17 1.25
CA LEU B 612 19.31 -11.01 2.10
C LEU B 612 19.14 -9.69 1.36
N LEU B 613 19.51 -9.61 0.09
CA LEU B 613 19.39 -8.33 -0.58
C LEU B 613 17.93 -7.96 -0.82
N ASN B 614 17.13 -8.92 -1.25
CA ASN B 614 15.73 -8.62 -1.51
C ASN B 614 14.95 -8.37 -0.23
N MET B 615 15.35 -8.96 0.88
CA MET B 615 14.72 -8.57 2.14
C MET B 615 15.09 -7.16 2.55
N LEU B 616 16.31 -6.73 2.23
CA LEU B 616 16.65 -5.34 2.48
C LEU B 616 15.77 -4.42 1.64
N ILE B 617 15.52 -4.79 0.39
CA ILE B 617 14.65 -3.97 -0.46
C ILE B 617 13.24 -3.93 0.09
N ALA B 618 12.71 -5.06 0.53
CA ALA B 618 11.37 -5.08 1.10
C ALA B 618 11.26 -4.25 2.37
N MET B 619 12.25 -4.36 3.26
CA MET B 619 12.27 -3.52 4.45
C MET B 619 12.30 -2.04 4.10
N MET B 620 13.13 -1.65 3.15
CA MET B 620 13.21 -0.24 2.81
C MET B 620 11.91 0.27 2.20
N ASN B 621 11.28 -0.53 1.34
CA ASN B 621 10.00 -0.11 0.79
C ASN B 621 8.97 0.06 1.89
N ASN B 622 8.94 -0.85 2.86
CA ASN B 622 7.91 -0.75 3.90
C ASN B 622 8.20 0.40 4.86
N SER B 623 9.46 0.76 5.05
CA SER B 623 9.78 1.87 5.94
C SER B 623 9.49 3.23 5.31
N TYR B 624 9.72 3.36 4.02
CA TYR B 624 9.62 4.66 3.35
C TYR B 624 8.20 5.21 3.36
N GLN B 625 7.19 4.36 3.49
CA GLN B 625 5.83 4.88 3.51
C GLN B 625 5.49 5.49 4.86
N HIS B 626 5.99 4.91 5.95
CA HIS B 626 5.77 5.47 7.27
C HIS B 626 6.61 6.71 7.51
N ILE B 627 7.53 7.03 6.63
CA ILE B 627 8.35 8.23 6.74
C ILE B 627 7.78 9.37 5.93
N ALA B 628 7.33 9.10 4.72
CA ALA B 628 6.94 10.17 3.82
C ALA B 628 5.62 10.84 4.21
N ASP B 629 5.08 10.66 5.42
CA ASP B 629 3.94 11.44 5.88
C ASP B 629 4.37 12.64 6.70
N HIS B 630 5.06 12.41 7.82
CA HIS B 630 5.80 13.46 8.51
C HIS B 630 7.15 13.65 7.85
N ALA B 631 7.13 14.24 6.67
CA ALA B 631 8.36 14.56 5.96
C ALA B 631 8.60 16.05 5.86
N ASP B 632 7.55 16.83 5.56
CA ASP B 632 7.71 18.28 5.48
C ASP B 632 7.89 18.90 6.86
N ILE B 633 7.25 18.35 7.89
CA ILE B 633 7.50 18.84 9.24
C ILE B 633 8.97 18.68 9.59
N GLU B 634 9.53 17.52 9.31
CA GLU B 634 10.94 17.28 9.62
C GLU B 634 11.83 18.20 8.82
N TRP B 635 11.55 18.36 7.53
CA TRP B 635 12.40 19.22 6.72
C TRP B 635 12.35 20.66 7.18
N LYS B 636 11.19 21.18 7.52
CA LYS B 636 11.13 22.55 7.98
C LYS B 636 11.79 22.73 9.33
N PHE B 637 11.70 21.73 10.21
CA PHE B 637 12.41 21.84 11.48
C PHE B 637 13.92 21.90 11.26
N ALA B 638 14.44 21.09 10.33
CA ALA B 638 15.86 21.13 10.02
C ALA B 638 16.29 22.44 9.38
N ARG B 639 15.49 22.95 8.45
CA ARG B 639 15.81 24.23 7.82
C ARG B 639 15.78 25.36 8.83
N THR B 640 14.85 25.31 9.78
CA THR B 640 14.80 26.32 10.82
C THR B 640 16.05 26.29 11.68
N LYS B 641 16.54 25.10 12.03
CA LYS B 641 17.80 25.08 12.78
C LYS B 641 18.94 25.66 11.97
N LEU B 642 19.02 25.31 10.68
CA LEU B 642 20.05 25.89 9.82
C LEU B 642 19.99 27.42 9.84
N TRP B 643 18.79 27.98 9.68
CA TRP B 643 18.66 29.44 9.68
C TRP B 643 19.04 30.04 11.02
N MET B 644 18.51 29.50 12.11
CA MET B 644 18.79 30.06 13.42
C MET B 644 20.28 30.06 13.73
N SER B 645 21.05 29.17 13.12
CA SER B 645 22.48 29.25 13.39
C SER B 645 23.14 30.51 12.82
N TYR B 646 22.44 31.32 12.01
CA TYR B 646 23.02 32.50 11.36
C TYR B 646 22.33 33.78 11.77
N PHE B 647 21.63 33.81 12.90
CA PHE B 647 20.90 34.99 13.31
C PHE B 647 21.64 35.83 14.32
N GLU B 648 22.79 35.37 14.78
CA GLU B 648 23.53 36.02 15.85
C GLU B 648 24.88 36.48 15.33
N GLU B 649 25.48 37.41 16.05
CA GLU B 649 26.78 37.97 15.66
C GLU B 649 27.94 37.23 16.33
N GLY B 650 27.90 35.91 16.29
CA GLY B 650 28.97 35.13 16.89
C GLY B 650 30.12 34.82 15.96
N GLY B 651 29.83 34.16 14.84
CA GLY B 651 30.85 33.89 13.85
C GLY B 651 31.00 35.07 12.92
N THR B 652 29.93 35.33 12.15
CA THR B 652 29.80 36.51 11.29
C THR B 652 31.05 36.70 10.42
N LEU B 653 31.82 35.65 10.20
CA LEU B 653 33.08 35.87 9.54
C LEU B 653 33.66 34.53 9.10
N PRO B 654 33.95 34.34 7.82
CA PRO B 654 34.36 33.02 7.32
C PRO B 654 35.75 32.64 7.82
N PRO B 655 36.07 31.34 7.81
CA PRO B 655 37.31 30.86 8.45
C PRO B 655 38.59 31.45 7.89
N PRO B 656 38.73 31.67 6.57
CA PRO B 656 40.04 32.17 6.09
C PRO B 656 40.45 33.46 6.76
N PHE B 657 39.51 34.39 6.93
CA PHE B 657 39.75 35.62 7.68
C PHE B 657 39.15 35.53 9.07
N ASN B 658 39.63 34.58 9.86
CA ASN B 658 39.04 34.35 11.17
C ASN B 658 40.08 34.12 12.27
N ILE B 659 41.36 34.24 11.99
CA ILE B 659 42.39 34.06 13.00
C ILE B 659 43.37 35.21 12.98
N ALA B 696 8.42 46.93 34.39
CA ALA B 696 9.86 46.74 34.35
C ALA B 696 10.31 46.31 32.97
N GLU B 697 11.59 45.96 32.84
CA GLU B 697 12.07 45.40 31.59
C GLU B 697 11.36 44.10 31.25
N ASN B 698 10.88 43.39 32.27
CA ASN B 698 10.09 42.19 32.09
C ASN B 698 8.70 42.28 32.68
N VAL B 699 8.56 42.85 33.88
CA VAL B 699 7.30 42.79 34.62
C VAL B 699 6.20 43.53 33.87
N ARG B 700 6.54 44.62 33.19
CA ARG B 700 5.56 45.28 32.34
C ARG B 700 5.10 44.36 31.22
N LEU B 701 6.03 43.61 30.62
CA LEU B 701 5.70 42.74 29.50
C LEU B 701 4.85 41.55 29.92
N ASN B 702 4.91 41.13 31.18
CA ASN B 702 4.04 40.05 31.62
C ASN B 702 2.58 40.45 31.50
N HIS B 703 2.25 41.74 31.61
CA HIS B 703 0.87 42.17 31.44
C HIS B 703 0.38 41.86 30.03
N GLN B 704 1.14 42.29 29.02
CA GLN B 704 0.71 42.04 27.65
C GLN B 704 0.72 40.55 27.35
N TYR B 705 1.71 39.83 27.86
CA TYR B 705 1.77 38.40 27.61
C TYR B 705 0.58 37.67 28.24
N GLN B 706 0.19 38.07 29.45
CA GLN B 706 -0.95 37.44 30.10
C GLN B 706 -2.24 37.77 29.38
N GLU B 707 -2.37 39.01 28.89
CA GLU B 707 -3.55 39.36 28.12
C GLU B 707 -3.64 38.50 26.87
N VAL B 708 -2.50 38.32 26.19
CA VAL B 708 -2.48 37.50 24.99
C VAL B 708 -2.83 36.05 25.30
N LEU B 709 -2.28 35.49 26.37
CA LEU B 709 -2.65 34.12 26.71
C LEU B 709 -4.12 33.99 27.03
N ARG B 710 -4.68 34.96 27.74
CA ARG B 710 -6.09 34.84 28.07
C ARG B 710 -6.93 34.80 26.81
N ASN B 711 -6.63 35.67 25.84
CA ASN B 711 -7.38 35.64 24.59
C ASN B 711 -7.16 34.34 23.83
N LEU B 712 -5.92 33.84 23.80
CA LEU B 712 -5.66 32.59 23.08
C LEU B 712 -6.38 31.41 23.69
N VAL B 713 -6.38 31.32 25.03
CA VAL B 713 -7.05 30.21 25.69
C VAL B 713 -8.54 30.30 25.48
N LYS B 714 -9.11 31.51 25.56
CA LYS B 714 -10.53 31.66 25.33
C LYS B 714 -10.92 31.23 23.92
N ARG B 715 -10.13 31.64 22.93
CA ARG B 715 -10.41 31.26 21.55
C ARG B 715 -10.30 29.76 21.35
N TYR B 716 -9.26 29.13 21.94
CA TYR B 716 -9.11 27.70 21.80
C TYR B 716 -10.27 26.95 22.42
N VAL B 717 -10.69 27.34 23.62
CA VAL B 717 -11.81 26.67 24.26
C VAL B 717 -13.04 26.80 23.41
N ALA B 718 -13.32 28.01 22.90
CA ALA B 718 -14.51 28.21 22.10
C ALA B 718 -14.46 27.42 20.79
N ALA B 719 -13.28 27.25 20.21
CA ALA B 719 -13.22 26.70 18.87
C ALA B 719 -13.06 25.19 18.85
N MET B 720 -12.25 24.63 19.74
CA MET B 720 -11.90 23.22 19.66
C MET B 720 -12.76 22.34 20.55
N ILE B 721 -12.87 22.66 21.84
CA ILE B 721 -13.57 21.80 22.77
C ILE B 721 -15.01 22.23 23.01
N ARG B 722 -15.54 23.12 22.17
CA ARG B 722 -16.96 23.44 22.24
C ARG B 722 -17.64 23.45 20.89
N ASP B 723 -16.94 23.73 19.80
CA ASP B 723 -17.52 23.86 18.49
C ASP B 723 -17.19 22.68 17.58
N ALA B 724 -16.26 21.83 17.97
CA ALA B 724 -15.95 20.61 17.25
C ALA B 724 -16.30 19.37 18.05
N LYS B 725 -17.05 19.52 19.13
CA LYS B 725 -17.66 18.39 19.80
C LYS B 725 -19.08 18.13 19.31
N THR B 726 -19.70 19.12 18.67
CA THR B 726 -21.02 18.97 18.07
C THR B 726 -20.95 18.49 16.63
N GLU B 727 -19.87 17.81 16.25
CA GLU B 727 -19.75 17.23 14.93
C GLU B 727 -19.37 15.75 14.99
N GLU B 728 -19.61 15.11 16.12
CA GLU B 728 -19.35 13.68 16.27
C GLU B 728 -20.53 12.88 15.71
N GLY B 729 -20.41 11.55 15.74
CA GLY B 729 -21.45 10.68 15.20
C GLY B 729 -22.44 10.20 16.23
N LEU B 730 -23.46 9.48 15.75
CA LEU B 730 -24.53 8.97 16.60
C LEU B 730 -24.38 7.47 16.81
N THR B 731 -24.84 7.01 17.96
CA THR B 731 -24.73 5.61 18.36
C THR B 731 -26.08 5.16 18.93
N GLU B 732 -26.08 4.02 19.61
CA GLU B 732 -27.32 3.47 20.13
C GLU B 732 -27.83 4.21 21.35
N GLU B 733 -26.94 4.82 22.13
CA GLU B 733 -27.40 5.52 23.32
C GLU B 733 -28.29 6.70 22.94
N ASN B 734 -27.94 7.40 21.86
CA ASN B 734 -28.79 8.49 21.40
C ASN B 734 -30.17 7.99 21.01
N PHE B 735 -30.24 6.85 20.33
CA PHE B 735 -31.53 6.30 19.93
C PHE B 735 -32.37 5.93 21.14
N LYS B 736 -31.76 5.30 22.15
CA LYS B 736 -32.54 4.95 23.33
C LYS B 736 -33.01 6.19 24.07
N GLU B 737 -32.18 7.23 24.14
CA GLU B 737 -32.59 8.50 24.73
C GLU B 737 -33.83 9.05 24.03
N LEU B 738 -33.78 9.11 22.70
CA LEU B 738 -34.86 9.71 21.93
C LEU B 738 -36.13 8.88 22.00
N LYS B 739 -36.01 7.56 22.15
CA LYS B 739 -37.19 6.74 22.35
C LYS B 739 -37.79 6.93 23.74
N GLN B 740 -36.95 7.07 24.75
CA GLN B 740 -37.44 7.22 26.11
C GLN B 740 -38.14 8.57 26.30
N ASP B 741 -37.67 9.62 25.61
CA ASP B 741 -38.36 10.90 25.68
C ASP B 741 -39.82 10.77 25.26
N ILE B 742 -40.05 10.11 24.11
CA ILE B 742 -41.41 9.93 23.61
C ILE B 742 -42.21 9.06 24.57
N SER B 743 -41.58 8.01 25.12
CA SER B 743 -42.31 7.15 26.05
C SER B 743 -42.82 7.92 27.26
N SER B 744 -41.94 8.71 27.89
CA SER B 744 -42.35 9.46 29.07
C SER B 744 -43.40 10.50 28.74
N PHE B 745 -43.25 11.18 27.60
CA PHE B 745 -44.28 12.12 27.16
C PHE B 745 -45.64 11.44 27.03
N ARG B 746 -45.67 10.28 26.37
CA ARG B 746 -46.94 9.59 26.18
C ARG B 746 -47.57 9.21 27.51
N TYR B 747 -46.77 8.67 28.42
CA TYR B 747 -47.32 8.27 29.71
C TYR B 747 -47.90 9.46 30.45
N GLU B 748 -47.17 10.57 30.47
CA GLU B 748 -47.65 11.74 31.21
C GLU B 748 -48.95 12.28 30.62
N VAL B 749 -49.02 12.39 29.29
CA VAL B 749 -50.23 12.92 28.68
C VAL B 749 -51.42 11.99 28.92
N ILE B 750 -51.21 10.68 28.75
CA ILE B 750 -52.30 9.74 28.96
C ILE B 750 -52.81 9.83 30.39
N GLY B 751 -51.90 9.90 31.35
CA GLY B 751 -52.33 10.09 32.74
C GLY B 751 -52.99 11.43 32.99
N MET B 752 -52.64 12.45 32.21
CA MET B 752 -53.24 13.77 32.38
C MET B 752 -54.65 13.82 31.83
N MET B 753 -54.96 13.03 30.82
CA MET B 753 -56.31 12.96 30.27
C MET B 753 -57.17 11.93 30.96
N LYS B 754 -56.66 11.27 31.99
CA LYS B 754 -57.42 10.26 32.73
C LYS B 754 -57.13 10.34 34.21
N LEU C 29 -54.81 -11.18 -2.44
CA LEU C 29 -54.75 -10.31 -1.27
C LEU C 29 -55.83 -9.23 -1.35
N SER C 30 -56.94 -9.46 -0.67
CA SER C 30 -58.07 -8.55 -0.76
C SER C 30 -57.74 -7.19 -0.15
N THR C 31 -58.53 -6.19 -0.52
CA THR C 31 -58.37 -4.85 0.05
C THR C 31 -58.62 -4.86 1.55
N GLN C 32 -59.59 -5.66 2.00
CA GLN C 32 -59.85 -5.74 3.43
C GLN C 32 -58.67 -6.34 4.18
N GLU C 33 -57.75 -6.99 3.48
CA GLU C 33 -56.50 -7.43 4.09
C GLU C 33 -55.41 -6.38 3.98
N LYS C 34 -55.39 -5.60 2.91
CA LYS C 34 -54.43 -4.51 2.81
C LYS C 34 -54.67 -3.47 3.90
N SER C 35 -55.94 -3.17 4.17
CA SER C 35 -56.26 -2.21 5.23
C SER C 35 -55.81 -2.73 6.58
N TYR C 36 -56.04 -4.02 6.85
CA TYR C 36 -55.64 -4.61 8.12
C TYR C 36 -54.12 -4.60 8.29
N LEU C 37 -53.38 -4.99 7.24
CA LEU C 37 -51.93 -4.99 7.36
C LEU C 37 -51.39 -3.58 7.51
N SER C 38 -51.98 -2.61 6.82
CA SER C 38 -51.54 -1.23 7.00
C SER C 38 -51.80 -0.74 8.42
N ALA C 39 -52.96 -1.09 8.98
CA ALA C 39 -53.26 -0.71 10.35
C ALA C 39 -52.26 -1.32 11.32
N VAL C 40 -51.88 -2.57 11.08
CA VAL C 40 -50.85 -3.19 11.92
C VAL C 40 -49.53 -2.47 11.77
N GLU C 41 -49.16 -2.10 10.54
CA GLU C 41 -47.86 -1.50 10.30
C GLU C 41 -47.75 -0.12 10.96
N LYS C 42 -48.79 0.68 10.89
CA LYS C 42 -48.72 2.01 11.51
C LYS C 42 -48.74 1.91 13.03
N GLY C 43 -49.64 1.11 13.58
CA GLY C 43 -49.70 0.96 15.02
C GLY C 43 -51.06 1.32 15.58
N ASP C 44 -52.06 1.38 14.71
CA ASP C 44 -53.41 1.72 15.12
C ASP C 44 -53.99 0.55 15.91
N TYR C 45 -53.96 0.66 17.23
CA TYR C 45 -54.40 -0.45 18.08
C TYR C 45 -55.89 -0.71 17.92
N ALA C 46 -56.69 0.35 17.96
CA ALA C 46 -58.15 0.18 17.90
C ALA C 46 -58.58 -0.44 16.58
N SER C 47 -57.99 0.00 15.47
CA SER C 47 -58.37 -0.52 14.17
C SER C 47 -58.01 -1.99 14.03
N VAL C 48 -56.81 -2.38 14.48
CA VAL C 48 -56.42 -3.78 14.40
C VAL C 48 -57.32 -4.63 15.27
N LYS C 49 -57.66 -4.15 16.46
CA LYS C 49 -58.58 -4.90 17.30
C LYS C 49 -59.95 -5.03 16.64
N LEU C 50 -60.43 -3.97 16.00
CA LEU C 50 -61.73 -4.04 15.35
C LEU C 50 -61.71 -5.04 14.21
N ALA C 51 -60.63 -5.06 13.42
CA ALA C 51 -60.53 -6.04 12.34
C ALA C 51 -60.53 -7.46 12.89
N LEU C 52 -59.77 -7.69 13.97
CA LEU C 52 -59.73 -9.03 14.55
C LEU C 52 -61.10 -9.44 15.08
N GLU C 53 -61.84 -8.51 15.69
CA GLU C 53 -63.17 -8.84 16.18
C GLU C 53 -64.12 -9.14 15.03
N GLU C 54 -64.07 -8.35 13.97
CA GLU C 54 -64.94 -8.60 12.82
C GLU C 54 -64.52 -9.82 12.02
N ALA C 55 -63.33 -10.38 12.28
CA ALA C 55 -62.93 -11.59 11.58
C ALA C 55 -63.49 -12.85 12.23
N GLU C 56 -63.50 -12.88 13.57
CA GLU C 56 -63.92 -14.09 14.29
C GLU C 56 -65.42 -14.36 14.19
N ILE C 57 -66.20 -13.40 13.69
CA ILE C 57 -67.64 -13.57 13.61
C ILE C 57 -68.16 -13.57 12.17
N TYR C 58 -67.45 -12.96 11.22
CA TYR C 58 -67.85 -12.97 9.83
C TYR C 58 -66.98 -13.87 8.96
N PHE C 59 -65.73 -14.12 9.36
CA PHE C 59 -64.81 -14.98 8.62
C PHE C 59 -64.59 -14.47 7.21
N LYS C 60 -64.32 -13.17 7.10
CA LYS C 60 -64.11 -12.53 5.81
C LYS C 60 -62.65 -12.62 5.37
N ILE C 61 -61.73 -12.12 6.18
CA ILE C 61 -60.33 -12.04 5.82
C ILE C 61 -59.55 -13.12 6.58
N ASN C 62 -58.38 -13.44 6.05
CA ASN C 62 -57.49 -14.44 6.64
C ASN C 62 -56.35 -13.72 7.34
N ILE C 63 -56.32 -13.81 8.66
CA ILE C 63 -55.30 -13.12 9.43
C ILE C 63 -53.91 -13.68 9.15
N ASN C 64 -53.82 -14.89 8.64
CA ASN C 64 -52.51 -15.50 8.35
C ASN C 64 -52.09 -15.26 6.92
N CYS C 65 -52.21 -14.02 6.45
CA CYS C 65 -51.94 -13.68 5.07
C CYS C 65 -50.54 -13.11 4.92
N ILE C 66 -50.05 -13.11 3.69
CA ILE C 66 -48.70 -12.61 3.41
C ILE C 66 -48.80 -11.42 2.46
N ASP C 67 -47.93 -10.45 2.69
CA ASP C 67 -47.76 -9.30 1.83
C ASP C 67 -46.76 -9.67 0.73
N PRO C 68 -46.50 -8.79 -0.25
CA PRO C 68 -45.61 -9.21 -1.36
C PRO C 68 -44.26 -9.74 -0.92
N LEU C 69 -43.59 -9.10 0.03
CA LEU C 69 -42.27 -9.58 0.42
C LEU C 69 -42.36 -10.88 1.19
N GLY C 70 -43.53 -11.19 1.75
CA GLY C 70 -43.75 -12.44 2.45
C GLY C 70 -44.07 -12.31 3.93
N ARG C 71 -44.12 -11.10 4.48
CA ARG C 71 -44.33 -10.94 5.91
C ARG C 71 -45.77 -11.24 6.30
N THR C 72 -45.94 -11.69 7.54
CA THR C 72 -47.26 -11.87 8.13
C THR C 72 -47.50 -10.70 9.09
N ALA C 73 -48.64 -10.71 9.78
CA ALA C 73 -48.90 -9.67 10.76
C ALA C 73 -47.95 -9.78 11.95
N LEU C 74 -47.67 -11.01 12.38
CA LEU C 74 -46.76 -11.21 13.50
C LEU C 74 -45.38 -10.65 13.19
N LEU C 75 -44.87 -10.93 11.99
CA LEU C 75 -43.56 -10.43 11.61
C LEU C 75 -43.56 -8.91 11.54
N ILE C 76 -44.63 -8.31 11.03
CA ILE C 76 -44.68 -6.85 10.95
C ILE C 76 -44.68 -6.24 12.35
N ALA C 77 -45.46 -6.80 13.26
CA ALA C 77 -45.50 -6.27 14.62
C ALA C 77 -44.23 -6.53 15.39
N ILE C 78 -43.46 -7.55 15.01
CA ILE C 78 -42.19 -7.80 15.69
C ILE C 78 -41.09 -6.92 15.12
N GLU C 79 -41.12 -6.66 13.82
CA GLU C 79 -40.10 -5.83 13.19
C GLU C 79 -40.11 -4.42 13.73
N ASN C 80 -41.24 -3.94 14.25
CA ASN C 80 -41.34 -2.63 14.85
C ASN C 80 -41.26 -2.67 16.37
N GLU C 81 -41.23 -3.86 16.96
CA GLU C 81 -41.23 -4.03 18.40
C GLU C 81 -42.42 -3.35 19.05
N ASN C 82 -43.61 -3.73 18.58
CA ASN C 82 -44.88 -3.22 19.08
C ASN C 82 -45.43 -4.27 20.05
N LEU C 83 -45.03 -4.17 21.31
CA LEU C 83 -45.34 -5.23 22.26
C LEU C 83 -46.83 -5.36 22.50
N GLU C 84 -47.58 -4.26 22.48
CA GLU C 84 -49.02 -4.33 22.66
C GLU C 84 -49.69 -5.08 21.51
N ILE C 85 -49.28 -4.78 20.27
CA ILE C 85 -49.83 -5.49 19.13
C ILE C 85 -49.47 -6.97 19.19
N ILE C 86 -48.24 -7.29 19.59
CA ILE C 86 -47.82 -8.68 19.69
C ILE C 86 -48.64 -9.41 20.74
N GLU C 87 -48.89 -8.78 21.87
CA GLU C 87 -49.70 -9.40 22.91
C GLU C 87 -51.13 -9.59 22.45
N LEU C 88 -51.69 -8.63 21.72
CA LEU C 88 -53.05 -8.76 21.21
C LEU C 88 -53.16 -9.90 20.22
N LEU C 89 -52.24 -9.98 19.26
CA LEU C 89 -52.32 -11.01 18.23
C LEU C 89 -52.14 -12.41 18.81
N LEU C 90 -51.57 -12.52 20.00
CA LEU C 90 -51.52 -13.83 20.65
C LEU C 90 -52.85 -14.19 21.28
N SER C 91 -53.63 -13.20 21.69
CA SER C 91 -54.92 -13.48 22.33
C SER C 91 -55.96 -13.97 21.34
N PHE C 92 -55.70 -13.87 20.05
CA PHE C 92 -56.59 -14.41 19.03
C PHE C 92 -56.04 -15.68 18.39
N ASN C 93 -54.94 -16.21 18.92
CA ASN C 93 -54.40 -17.49 18.51
C ASN C 93 -54.09 -17.50 17.01
N VAL C 94 -53.19 -16.61 16.61
CA VAL C 94 -52.67 -16.63 15.26
C VAL C 94 -51.65 -17.75 15.13
N TYR C 95 -51.28 -18.08 13.89
CA TYR C 95 -50.27 -19.09 13.69
C TYR C 95 -48.90 -18.51 14.02
N VAL C 96 -48.14 -19.21 14.86
CA VAL C 96 -46.85 -18.70 15.32
C VAL C 96 -45.75 -19.10 14.37
N GLY C 97 -45.56 -20.41 14.19
CA GLY C 97 -44.55 -20.88 13.28
C GLY C 97 -43.15 -20.49 13.73
N ASP C 98 -42.35 -20.03 12.78
CA ASP C 98 -40.99 -19.59 13.09
C ASP C 98 -40.96 -18.14 13.55
N ALA C 99 -41.83 -17.82 14.49
CA ALA C 99 -41.87 -16.48 15.04
C ALA C 99 -40.89 -16.28 16.19
N LEU C 100 -40.49 -17.36 16.86
CA LEU C 100 -39.49 -17.23 17.90
C LEU C 100 -38.11 -16.99 17.30
N LEU C 101 -37.80 -17.67 16.21
CA LEU C 101 -36.51 -17.50 15.55
C LEU C 101 -36.34 -16.08 15.04
N HIS C 102 -37.40 -15.49 14.49
CA HIS C 102 -37.32 -14.13 13.99
C HIS C 102 -37.08 -13.14 15.13
N ALA C 103 -37.76 -13.34 16.26
CA ALA C 103 -37.53 -12.46 17.40
C ALA C 103 -36.13 -12.60 17.95
N ILE C 104 -35.59 -13.82 17.96
CA ILE C 104 -34.23 -14.03 18.45
C ILE C 104 -33.22 -13.39 17.50
N ARG C 105 -33.43 -13.51 16.20
CA ARG C 105 -32.51 -12.90 15.25
C ARG C 105 -32.59 -11.38 15.29
N LYS C 106 -33.78 -10.84 15.58
CA LYS C 106 -33.94 -9.40 15.72
C LYS C 106 -33.52 -8.89 17.08
N GLU C 107 -33.27 -9.78 18.04
CA GLU C 107 -32.83 -9.43 19.38
C GLU C 107 -33.87 -8.56 20.10
N VAL C 108 -35.07 -9.10 20.22
CA VAL C 108 -36.17 -8.42 20.91
C VAL C 108 -36.45 -9.22 22.18
N VAL C 109 -36.07 -8.66 23.33
CA VAL C 109 -36.15 -9.41 24.58
C VAL C 109 -37.59 -9.58 25.02
N GLY C 110 -38.40 -8.52 24.92
CA GLY C 110 -39.79 -8.63 25.32
C GLY C 110 -40.56 -9.61 24.47
N ALA C 111 -40.32 -9.60 23.17
CA ALA C 111 -40.99 -10.55 22.28
C ALA C 111 -40.61 -11.97 22.61
N VAL C 112 -39.33 -12.22 22.92
CA VAL C 112 -38.92 -13.57 23.29
C VAL C 112 -39.60 -13.99 24.58
N GLU C 113 -39.69 -13.08 25.56
CA GLU C 113 -40.39 -13.40 26.79
C GLU C 113 -41.84 -13.79 26.51
N LEU C 114 -42.52 -13.04 25.65
CA LEU C 114 -43.91 -13.35 25.34
C LEU C 114 -44.03 -14.69 24.62
N LEU C 115 -43.21 -14.89 23.59
CA LEU C 115 -43.34 -16.08 22.75
C LEU C 115 -42.96 -17.34 23.50
N LEU C 116 -42.07 -17.25 24.49
CA LEU C 116 -41.72 -18.43 25.26
C LEU C 116 -42.85 -18.85 26.20
N ASN C 117 -43.53 -17.90 26.82
CA ASN C 117 -44.56 -18.20 27.81
C ASN C 117 -45.93 -18.32 27.14
N HIS C 118 -46.00 -19.23 26.16
CA HIS C 118 -47.21 -19.35 25.36
C HIS C 118 -47.29 -20.71 24.68
N GLN C 135 -45.76 -24.35 3.37
CA GLN C 135 -44.77 -24.03 4.39
C GLN C 135 -43.44 -23.61 3.77
N PHE C 136 -43.04 -22.38 4.06
CA PHE C 136 -41.76 -21.83 3.62
C PHE C 136 -41.07 -21.23 4.83
N SER C 137 -39.83 -21.65 5.07
CA SER C 137 -39.05 -21.16 6.19
C SER C 137 -37.84 -20.38 5.70
N ASP C 138 -37.38 -19.45 6.53
CA ASP C 138 -36.18 -18.67 6.25
C ASP C 138 -34.94 -19.26 6.89
N PHE C 139 -35.08 -20.36 7.63
CA PHE C 139 -33.97 -20.95 8.35
C PHE C 139 -33.80 -22.40 7.93
N THR C 140 -32.54 -22.84 7.93
CA THR C 140 -32.22 -24.22 7.64
C THR C 140 -32.87 -25.12 8.69
N PRO C 141 -33.29 -26.34 8.32
CA PRO C 141 -33.98 -27.21 9.29
C PRO C 141 -33.13 -27.64 10.47
N ASP C 142 -31.89 -27.18 10.60
CA ASP C 142 -31.03 -27.60 11.70
C ASP C 142 -30.83 -26.52 12.76
N ILE C 143 -31.36 -25.32 12.56
CA ILE C 143 -31.16 -24.23 13.51
C ILE C 143 -32.26 -24.29 14.55
N THR C 144 -31.86 -24.47 15.79
CA THR C 144 -32.74 -24.46 16.95
C THR C 144 -32.65 -23.13 17.66
N PRO C 145 -33.55 -22.85 18.61
CA PRO C 145 -33.48 -21.55 19.30
C PRO C 145 -32.16 -21.27 19.99
N ILE C 146 -31.57 -22.24 20.67
CA ILE C 146 -30.34 -21.96 21.43
C ILE C 146 -29.18 -21.71 20.49
N ILE C 147 -29.10 -22.45 19.38
CA ILE C 147 -28.00 -22.24 18.44
C ILE C 147 -28.10 -20.85 17.83
N LEU C 148 -29.27 -20.49 17.32
CA LEU C 148 -29.44 -19.18 16.70
C LEU C 148 -29.26 -18.07 17.72
N ALA C 149 -29.59 -18.31 18.99
CA ALA C 149 -29.34 -17.32 20.02
C ALA C 149 -27.86 -17.18 20.30
N ALA C 150 -27.12 -18.28 20.28
CA ALA C 150 -25.70 -18.22 20.54
C ALA C 150 -24.91 -17.60 19.40
N HIS C 151 -25.41 -17.66 18.16
CA HIS C 151 -24.74 -16.94 17.08
C HIS C 151 -24.69 -15.44 17.34
N THR C 152 -25.66 -14.89 18.03
CA THR C 152 -25.68 -13.47 18.37
C THR C 152 -25.31 -13.36 19.84
N ASN C 153 -24.25 -12.63 20.14
CA ASN C 153 -23.78 -12.57 21.52
C ASN C 153 -24.71 -11.68 22.33
N ASN C 154 -25.90 -12.18 22.61
CA ASN C 154 -26.88 -11.45 23.38
C ASN C 154 -27.05 -12.21 24.69
N TYR C 155 -26.46 -11.68 25.75
CA TYR C 155 -26.39 -12.39 27.02
C TYR C 155 -27.78 -12.62 27.59
N GLU C 156 -28.67 -11.65 27.45
CA GLU C 156 -30.00 -11.73 28.06
C GLU C 156 -30.79 -12.90 27.50
N ILE C 157 -30.85 -13.02 26.18
CA ILE C 157 -31.63 -14.08 25.56
C ILE C 157 -31.02 -15.44 25.85
N ILE C 158 -29.69 -15.54 25.80
CA ILE C 158 -29.05 -16.82 26.04
C ILE C 158 -29.34 -17.31 27.45
N LYS C 159 -29.24 -16.40 28.43
CA LYS C 159 -29.55 -16.78 29.80
C LYS C 159 -31.01 -17.14 29.95
N MET C 160 -31.90 -16.38 29.30
CA MET C 160 -33.33 -16.65 29.37
C MET C 160 -33.66 -18.03 28.81
N LEU C 161 -32.92 -18.46 27.80
CA LEU C 161 -33.15 -19.78 27.21
C LEU C 161 -32.58 -20.88 28.08
N VAL C 162 -31.34 -20.73 28.54
CA VAL C 162 -30.73 -21.81 29.32
C VAL C 162 -31.35 -21.92 30.70
N GLN C 163 -32.09 -20.91 31.15
CA GLN C 163 -32.83 -21.09 32.39
C GLN C 163 -33.95 -22.10 32.22
N LYS C 164 -34.54 -22.17 31.03
CA LYS C 164 -35.61 -23.14 30.77
C LYS C 164 -35.07 -24.53 30.50
N GLY C 165 -33.78 -24.69 30.26
CA GLY C 165 -33.18 -26.00 30.07
C GLY C 165 -33.12 -26.43 28.62
N VAL C 166 -31.94 -26.34 28.01
CA VAL C 166 -31.72 -26.72 26.63
C VAL C 166 -30.41 -27.49 26.54
N SER C 167 -30.03 -27.87 25.32
CA SER C 167 -28.85 -28.71 25.14
C SER C 167 -28.39 -28.63 23.69
N VAL C 168 -27.12 -28.32 23.50
CA VAL C 168 -26.50 -28.27 22.18
C VAL C 168 -25.74 -29.57 21.94
N PRO C 169 -25.96 -30.26 20.82
CA PRO C 169 -25.32 -31.56 20.61
C PRO C 169 -23.86 -31.41 20.22
N GLN C 170 -22.97 -31.91 21.05
CA GLN C 170 -21.55 -31.90 20.71
C GLN C 170 -21.30 -32.81 19.50
N PRO C 171 -20.52 -32.37 18.53
CA PRO C 171 -20.18 -33.23 17.40
C PRO C 171 -18.96 -34.08 17.72
N HIS C 172 -18.97 -35.31 17.20
CA HIS C 172 -17.82 -36.19 17.40
C HIS C 172 -16.61 -35.63 16.66
N GLU C 173 -15.48 -35.61 17.34
CA GLU C 173 -14.29 -34.95 16.83
C GLU C 173 -13.69 -35.71 15.66
N VAL C 174 -13.05 -34.95 14.75
CA VAL C 174 -12.24 -35.51 13.68
C VAL C 174 -11.41 -34.41 13.04
N VAL C 187 -24.04 -39.24 3.09
CA VAL C 187 -25.08 -39.20 2.07
C VAL C 187 -25.27 -37.77 1.59
N ASP C 188 -25.87 -36.94 2.42
CA ASP C 188 -26.11 -35.53 2.09
C ASP C 188 -24.99 -34.73 2.73
N SER C 189 -23.94 -34.45 1.93
CA SER C 189 -22.76 -33.79 2.48
C SER C 189 -23.05 -32.33 2.80
N LEU C 190 -23.94 -31.70 2.05
CA LEU C 190 -24.20 -30.28 2.24
C LEU C 190 -24.83 -30.00 3.61
N ARG C 191 -25.84 -30.79 3.97
CA ARG C 191 -26.46 -30.61 5.27
C ARG C 191 -25.50 -30.96 6.39
N HIS C 192 -24.69 -31.99 6.20
CA HIS C 192 -23.73 -32.37 7.24
C HIS C 192 -22.74 -31.24 7.50
N SER C 193 -22.24 -30.63 6.43
CA SER C 193 -21.30 -29.52 6.59
C SER C 193 -21.95 -28.31 7.27
N ARG C 194 -23.15 -27.92 6.83
CA ARG C 194 -23.81 -26.80 7.51
C ARG C 194 -24.05 -27.11 8.97
N SER C 195 -24.49 -28.31 9.30
CA SER C 195 -24.78 -28.61 10.69
C SER C 195 -23.53 -28.54 11.54
N ARG C 196 -22.42 -29.11 11.06
CA ARG C 196 -21.20 -29.07 11.85
C ARG C 196 -20.72 -27.65 12.05
N LEU C 197 -20.74 -26.83 11.00
CA LEU C 197 -20.27 -25.46 11.16
C LEU C 197 -21.17 -24.65 12.07
N ASN C 198 -22.49 -24.84 11.98
CA ASN C 198 -23.40 -24.12 12.85
C ASN C 198 -23.16 -24.48 14.32
N ILE C 199 -22.96 -25.76 14.60
CA ILE C 199 -22.71 -26.15 15.99
C ILE C 199 -21.40 -25.54 16.48
N TYR C 200 -20.34 -25.63 15.69
CA TYR C 200 -19.07 -25.10 16.16
C TYR C 200 -19.11 -23.59 16.31
N LYS C 201 -19.87 -22.90 15.47
CA LYS C 201 -20.00 -21.46 15.60
C LYS C 201 -20.84 -21.08 16.81
N ALA C 202 -21.75 -21.96 17.23
CA ALA C 202 -22.46 -21.71 18.47
C ALA C 202 -21.57 -21.91 19.68
N LEU C 203 -20.70 -22.93 19.64
CA LEU C 203 -19.88 -23.23 20.81
C LEU C 203 -18.82 -22.16 21.06
N ALA C 204 -18.31 -21.52 20.01
CA ALA C 204 -17.24 -20.54 20.14
C ALA C 204 -17.80 -19.14 20.33
N SER C 205 -18.67 -19.00 21.33
CA SER C 205 -19.34 -17.75 21.60
C SER C 205 -19.02 -17.27 23.00
N PRO C 206 -18.50 -16.05 23.14
CA PRO C 206 -18.11 -15.58 24.48
C PRO C 206 -19.20 -15.63 25.51
N SER C 207 -20.45 -15.33 25.13
CA SER C 207 -21.53 -15.35 26.11
C SER C 207 -21.87 -16.77 26.54
N LEU C 208 -21.92 -17.70 25.59
CA LEU C 208 -22.25 -19.07 25.95
C LEU C 208 -21.15 -19.70 26.79
N ILE C 209 -19.90 -19.32 26.58
CA ILE C 209 -18.81 -19.78 27.42
C ILE C 209 -18.90 -19.15 28.79
N ALA C 210 -19.15 -17.85 28.86
CA ALA C 210 -19.22 -17.20 30.15
C ALA C 210 -20.45 -17.54 30.94
N LEU C 211 -21.43 -18.21 30.35
CA LEU C 211 -22.65 -18.57 31.08
C LEU C 211 -22.61 -19.97 31.67
N SER C 212 -22.23 -20.97 30.87
CA SER C 212 -22.26 -22.36 31.31
C SER C 212 -20.93 -23.02 30.95
N SER C 213 -19.94 -22.86 31.80
CA SER C 213 -18.64 -23.46 31.55
C SER C 213 -17.86 -23.49 32.85
N GLU C 214 -17.23 -24.64 33.13
CA GLU C 214 -16.56 -24.82 34.42
C GLU C 214 -15.22 -24.11 34.47
N ASP C 215 -14.56 -23.91 33.34
CA ASP C 215 -13.27 -23.24 33.30
C ASP C 215 -13.09 -22.56 31.95
N PRO C 216 -13.33 -21.25 31.87
CA PRO C 216 -13.31 -20.60 30.55
C PRO C 216 -12.00 -20.76 29.80
N PHE C 217 -10.87 -20.74 30.50
CA PHE C 217 -9.58 -20.81 29.81
C PHE C 217 -9.38 -22.17 29.14
N LEU C 218 -9.74 -23.27 29.80
CA LEU C 218 -9.59 -24.57 29.16
C LEU C 218 -10.45 -24.68 27.92
N THR C 219 -11.70 -24.24 28.01
CA THR C 219 -12.57 -24.36 26.84
C THR C 219 -12.07 -23.50 25.70
N ALA C 220 -11.59 -22.29 25.99
CA ALA C 220 -11.05 -21.46 24.92
C ALA C 220 -9.83 -22.11 24.28
N PHE C 221 -8.89 -22.62 25.08
CA PHE C 221 -7.71 -23.28 24.51
C PHE C 221 -8.10 -24.46 23.64
N GLN C 222 -8.91 -25.37 24.20
CA GLN C 222 -9.25 -26.59 23.48
C GLN C 222 -10.06 -26.30 22.23
N LEU C 223 -11.01 -25.38 22.32
CA LEU C 223 -11.84 -25.07 21.17
C LEU C 223 -11.01 -24.42 20.07
N SER C 224 -10.07 -23.56 20.44
CA SER C 224 -9.20 -22.98 19.43
C SER C 224 -8.38 -24.05 18.74
N TRP C 225 -7.87 -25.02 19.50
CA TRP C 225 -7.10 -26.08 18.86
C TRP C 225 -7.96 -26.92 17.92
N GLU C 226 -9.17 -27.28 18.36
CA GLU C 226 -10.05 -28.09 17.52
C GLU C 226 -10.39 -27.37 16.22
N LEU C 227 -10.70 -26.08 16.30
CA LEU C 227 -11.03 -25.34 15.09
C LEU C 227 -9.82 -25.20 14.18
N GLN C 228 -8.65 -24.97 14.76
CA GLN C 228 -7.45 -24.90 13.94
C GLN C 228 -7.20 -26.21 13.21
N GLU C 229 -7.47 -27.34 13.85
CA GLU C 229 -7.31 -28.63 13.19
C GLU C 229 -8.33 -28.81 12.08
N LEU C 230 -9.61 -28.54 12.37
CA LEU C 230 -10.65 -28.67 11.37
C LEU C 230 -10.44 -27.75 10.18
N SER C 231 -9.64 -26.70 10.34
CA SER C 231 -9.38 -25.80 9.21
C SER C 231 -8.67 -26.50 8.06
N LYS C 232 -8.02 -27.63 8.29
CA LYS C 232 -7.27 -28.31 7.25
C LYS C 232 -7.99 -29.52 6.68
N VAL C 233 -8.95 -30.09 7.39
CA VAL C 233 -9.75 -31.18 6.85
C VAL C 233 -10.84 -30.66 5.94
N GLU C 234 -11.75 -29.85 6.48
CA GLU C 234 -12.79 -29.19 5.68
C GLU C 234 -12.16 -28.01 4.94
N ASN C 235 -11.34 -28.34 3.94
CA ASN C 235 -10.59 -27.30 3.26
C ASN C 235 -11.45 -26.41 2.39
N GLU C 236 -12.72 -26.74 2.17
CA GLU C 236 -13.59 -25.84 1.42
C GLU C 236 -14.05 -24.66 2.25
N PHE C 237 -13.92 -24.73 3.57
CA PHE C 237 -14.39 -23.70 4.49
C PHE C 237 -13.27 -23.29 5.41
N LYS C 238 -12.08 -23.03 4.87
CA LYS C 238 -10.95 -22.68 5.72
C LYS C 238 -11.18 -21.37 6.46
N ALA C 239 -11.73 -20.37 5.76
CA ALA C 239 -11.84 -19.05 6.35
C ALA C 239 -12.73 -19.06 7.58
N GLU C 240 -13.85 -19.77 7.53
CA GLU C 240 -14.75 -19.81 8.68
C GLU C 240 -14.04 -20.33 9.91
N TYR C 241 -13.40 -21.48 9.79
CA TYR C 241 -12.77 -22.08 10.96
C TYR C 241 -11.58 -21.27 11.44
N GLU C 242 -10.81 -20.69 10.51
CA GLU C 242 -9.70 -19.85 10.95
C GLU C 242 -10.18 -18.64 11.72
N GLU C 243 -11.26 -17.99 11.27
CA GLU C 243 -11.77 -16.85 12.00
C GLU C 243 -12.32 -17.25 13.36
N LEU C 244 -13.01 -18.39 13.43
CA LEU C 244 -13.53 -18.82 14.72
C LEU C 244 -12.40 -19.11 15.70
N SER C 245 -11.33 -19.74 15.24
CA SER C 245 -10.21 -19.99 16.14
C SER C 245 -9.55 -18.68 16.57
N HIS C 246 -9.45 -17.72 15.66
CA HIS C 246 -8.87 -16.43 16.02
C HIS C 246 -9.69 -15.75 17.10
N GLN C 247 -11.01 -15.80 17.01
CA GLN C 247 -11.81 -15.14 18.04
C GLN C 247 -11.77 -15.89 19.36
N CYS C 248 -11.62 -17.22 19.31
CA CYS C 248 -11.41 -17.94 20.56
C CYS C 248 -10.07 -17.57 21.20
N LYS C 249 -9.07 -17.25 20.39
CA LYS C 249 -7.80 -16.81 20.95
C LYS C 249 -7.92 -15.43 21.58
N HIS C 250 -8.64 -14.52 20.94
CA HIS C 250 -8.78 -13.18 21.49
C HIS C 250 -9.64 -13.15 22.75
N PHE C 251 -10.56 -14.09 22.92
CA PHE C 251 -11.39 -14.11 24.12
C PHE C 251 -10.56 -14.34 25.39
N ALA C 252 -9.60 -15.26 25.35
CA ALA C 252 -8.82 -15.54 26.56
C ALA C 252 -7.98 -14.34 26.96
N LYS C 253 -7.37 -13.67 25.98
CA LYS C 253 -6.64 -12.45 26.29
C LYS C 253 -7.54 -11.40 26.89
N ASP C 254 -8.73 -11.18 26.29
CA ASP C 254 -9.63 -10.16 26.85
C ASP C 254 -10.07 -10.52 28.25
N LEU C 255 -10.19 -11.81 28.56
CA LEU C 255 -10.58 -12.19 29.91
C LEU C 255 -9.44 -12.04 30.89
N LEU C 256 -8.19 -12.14 30.44
CA LEU C 256 -7.07 -11.92 31.34
C LEU C 256 -6.81 -10.45 31.63
N ASP C 257 -7.37 -9.53 30.85
CA ASP C 257 -7.18 -8.11 31.11
C ASP C 257 -8.00 -7.61 32.29
N GLN C 258 -8.94 -8.39 32.80
CA GLN C 258 -9.78 -7.97 33.91
C GLN C 258 -9.17 -8.43 35.23
N THR C 259 -7.91 -8.05 35.44
CA THR C 259 -7.21 -8.35 36.68
C THR C 259 -6.68 -7.06 37.26
N ARG C 260 -6.80 -6.91 38.57
CA ARG C 260 -6.42 -5.66 39.21
C ARG C 260 -5.50 -5.89 40.42
N SER C 261 -4.69 -6.95 40.39
CA SER C 261 -3.70 -7.16 41.44
C SER C 261 -2.69 -8.17 40.95
N SER C 262 -1.51 -8.14 41.58
CA SER C 262 -0.49 -9.13 41.24
C SER C 262 -0.81 -10.48 41.87
N ARG C 263 -1.34 -10.50 43.08
CA ARG C 263 -1.72 -11.76 43.71
C ARG C 263 -2.82 -12.44 42.91
N GLU C 264 -3.75 -11.65 42.40
CA GLU C 264 -4.84 -12.16 41.58
C GLU C 264 -4.34 -12.73 40.26
N LEU C 265 -3.26 -12.18 39.71
CA LEU C 265 -2.69 -12.70 38.47
C LEU C 265 -1.87 -13.96 38.71
N GLU C 266 -1.14 -14.00 39.82
CA GLU C 266 -0.37 -15.19 40.13
C GLU C 266 -1.26 -16.37 40.49
N LEU C 267 -2.46 -16.10 41.01
CA LEU C 267 -3.37 -17.22 41.26
C LEU C 267 -3.84 -17.86 39.97
N ILE C 268 -3.82 -17.15 38.85
CA ILE C 268 -4.23 -17.73 37.58
C ILE C 268 -3.07 -18.36 36.85
N LEU C 269 -1.92 -17.69 36.80
CA LEU C 269 -0.83 -18.26 36.02
C LEU C 269 -0.16 -19.45 36.69
N ASN C 270 -0.46 -19.74 37.95
CA ASN C 270 0.14 -20.85 38.66
C ASN C 270 -0.79 -22.02 38.87
N PHE C 271 -2.02 -21.95 38.40
CA PHE C 271 -2.98 -23.02 38.67
C PHE C 271 -2.58 -24.30 37.95
N ARG C 272 -3.00 -25.43 38.51
CA ARG C 272 -2.69 -26.73 37.96
C ARG C 272 -3.82 -27.73 38.20
N ASN C 284 4.34 -27.62 38.04
CA ASN C 284 4.69 -26.97 39.31
C ASN C 284 4.44 -25.48 39.24
N GLU C 285 5.51 -24.73 39.05
CA GLU C 285 5.47 -23.28 39.05
C GLU C 285 5.18 -22.80 37.63
N LEU C 286 4.19 -21.90 37.51
CA LEU C 286 3.76 -21.39 36.21
C LEU C 286 3.29 -22.52 35.29
N ALA C 287 2.35 -23.34 35.78
CA ALA C 287 1.82 -24.42 34.96
C ALA C 287 0.88 -23.91 33.88
N ARG C 288 0.05 -22.92 34.21
CA ARG C 288 -0.90 -22.39 33.25
C ARG C 288 -0.18 -21.72 32.08
N LEU C 289 0.91 -21.01 32.36
CA LEU C 289 1.64 -20.36 31.29
C LEU C 289 2.27 -21.41 30.36
N LYS C 290 2.76 -22.50 30.94
CA LYS C 290 3.29 -23.58 30.12
C LYS C 290 2.21 -24.20 29.25
N LEU C 291 1.01 -24.39 29.80
CA LEU C 291 -0.09 -24.93 29.00
C LEU C 291 -0.45 -23.99 27.86
N ALA C 292 -0.47 -22.69 28.14
CA ALA C 292 -0.79 -21.72 27.11
C ALA C 292 0.26 -21.72 26.01
N ILE C 293 1.54 -21.83 26.37
CA ILE C 293 2.58 -21.92 25.35
C ILE C 293 2.42 -23.19 24.54
N LYS C 294 2.03 -24.28 25.20
CA LYS C 294 1.83 -25.54 24.49
C LYS C 294 0.71 -25.46 23.47
N TYR C 295 -0.36 -24.75 23.79
CA TYR C 295 -1.50 -24.61 22.89
C TYR C 295 -1.35 -23.49 21.88
N ARG C 296 -0.22 -22.79 21.87
CA ARG C 296 0.06 -21.72 20.90
C ARG C 296 -0.90 -20.55 21.05
N GLN C 297 -1.10 -20.11 22.29
CA GLN C 297 -1.96 -18.96 22.58
C GLN C 297 -1.08 -17.71 22.61
N LYS C 298 -0.73 -17.23 21.42
CA LYS C 298 0.22 -16.13 21.34
C LYS C 298 -0.33 -14.84 21.94
N GLU C 299 -1.64 -14.58 21.80
CA GLU C 299 -2.17 -13.33 22.32
C GLU C 299 -2.23 -13.34 23.84
N PHE C 300 -2.51 -14.49 24.43
CA PHE C 300 -2.54 -14.63 25.89
C PHE C 300 -1.17 -14.41 26.50
N VAL C 301 -0.11 -14.86 25.84
CA VAL C 301 1.23 -14.82 26.43
C VAL C 301 1.80 -13.42 26.39
N ALA C 302 1.57 -12.67 25.33
CA ALA C 302 2.16 -11.35 25.17
C ALA C 302 1.36 -10.25 25.83
N GLN C 303 0.47 -10.59 26.76
CA GLN C 303 -0.29 -9.58 27.47
C GLN C 303 0.64 -8.70 28.29
N PRO C 304 0.40 -7.40 28.37
CA PRO C 304 1.37 -6.52 29.03
C PRO C 304 1.61 -6.83 30.49
N ASN C 305 0.59 -7.22 31.24
CA ASN C 305 0.79 -7.53 32.65
C ASN C 305 1.42 -8.89 32.85
N CYS C 306 1.14 -9.84 31.96
CA CYS C 306 1.81 -11.13 32.03
C CYS C 306 3.28 -11.00 31.67
N GLN C 307 3.60 -10.09 30.76
CA GLN C 307 4.96 -9.90 30.26
C GLN C 307 5.83 -9.12 31.22
N GLN C 308 5.29 -8.64 32.33
CA GLN C 308 6.01 -7.90 33.35
C GLN C 308 6.36 -8.76 34.54
N LEU C 309 5.48 -9.70 34.90
CA LEU C 309 5.79 -10.69 35.91
C LEU C 309 7.01 -11.53 35.50
N LEU C 310 7.06 -11.94 34.23
CA LEU C 310 8.20 -12.69 33.73
C LEU C 310 9.48 -11.88 33.78
N ALA C 311 9.42 -10.60 33.44
CA ALA C 311 10.61 -9.77 33.51
C ALA C 311 11.10 -9.66 34.95
N SER C 312 10.18 -9.49 35.89
CA SER C 312 10.60 -9.43 37.29
C SER C 312 11.18 -10.75 37.75
N ARG C 313 10.67 -11.88 37.27
CA ARG C 313 11.24 -13.17 37.66
C ARG C 313 12.56 -13.45 36.96
N TRP C 314 12.84 -12.78 35.85
CA TRP C 314 14.04 -13.03 35.06
C TRP C 314 15.21 -12.15 35.48
N TYR C 315 15.00 -10.86 35.71
CA TYR C 315 16.14 -9.99 35.97
C TYR C 315 16.69 -10.15 37.37
N ASP C 316 15.87 -9.85 38.39
CA ASP C 316 16.28 -10.02 39.80
C ASP C 316 17.51 -9.18 40.14
N GLU C 317 17.66 -8.05 39.47
CA GLU C 317 18.82 -7.17 39.64
C GLU C 317 20.14 -7.94 39.49
N ARG C 324 19.95 1.24 34.88
CA ARG C 324 21.19 1.71 34.28
C ARG C 324 20.93 2.16 32.85
N HIS C 325 22.02 2.45 32.13
CA HIS C 325 21.96 2.87 30.74
C HIS C 325 22.76 1.89 29.87
N TRP C 326 22.90 2.22 28.59
CA TRP C 326 23.51 1.30 27.64
C TRP C 326 24.93 0.92 28.05
N ALA C 327 25.73 1.90 28.47
CA ALA C 327 27.14 1.63 28.76
C ALA C 327 27.27 0.68 29.94
N GLY C 328 26.45 0.87 30.98
CA GLY C 328 26.54 0.00 32.14
C GLY C 328 26.12 -1.42 31.82
N LYS C 329 25.02 -1.59 31.09
CA LYS C 329 24.58 -2.93 30.70
C LYS C 329 25.57 -3.58 29.75
N LEU C 330 26.32 -2.79 28.99
CA LEU C 330 27.36 -3.36 28.15
C LEU C 330 28.53 -3.84 29.00
N ILE C 331 28.97 -3.03 29.96
CA ILE C 331 30.23 -3.32 30.65
C ILE C 331 30.05 -4.27 31.83
N THR C 332 28.83 -4.43 32.35
CA THR C 332 28.66 -5.40 33.44
C THR C 332 28.49 -6.82 32.89
N CYS C 333 27.84 -6.95 31.73
CA CYS C 333 27.65 -8.27 31.14
C CYS C 333 28.95 -8.88 30.66
N VAL C 334 30.02 -8.09 30.55
CA VAL C 334 31.31 -8.68 30.20
C VAL C 334 31.98 -9.26 31.44
N PHE C 335 31.86 -8.57 32.57
CA PHE C 335 32.52 -9.01 33.79
C PHE C 335 31.93 -10.32 34.31
N ILE C 336 30.64 -10.55 34.08
CA ILE C 336 30.03 -11.80 34.52
C ILE C 336 30.35 -12.94 33.57
N GLY C 337 30.65 -12.65 32.31
CA GLY C 337 30.88 -13.69 31.34
C GLY C 337 32.34 -14.08 31.21
N LEU C 338 33.24 -13.23 31.68
CA LEU C 338 34.66 -13.58 31.70
C LEU C 338 34.95 -14.61 32.78
N MET C 339 34.38 -14.43 33.95
CA MET C 339 34.62 -15.32 35.08
C MET C 339 33.51 -16.37 35.23
N PHE C 340 33.23 -17.06 34.14
CA PHE C 340 32.23 -18.12 34.22
C PHE C 340 32.78 -19.45 34.75
N PRO C 341 34.00 -19.88 34.41
CA PRO C 341 34.42 -21.24 34.83
C PRO C 341 34.47 -21.44 36.33
N LEU C 342 34.88 -20.43 37.10
CA LEU C 342 34.95 -20.64 38.55
C LEU C 342 33.57 -20.69 39.18
N LEU C 343 32.60 -19.92 38.68
CA LEU C 343 31.23 -20.07 39.15
C LEU C 343 30.71 -21.47 38.82
N SER C 344 30.96 -21.92 37.59
CA SER C 344 30.51 -23.24 37.18
C SER C 344 31.21 -24.35 37.94
N LEU C 345 32.40 -24.09 38.48
CA LEU C 345 33.14 -25.06 39.25
C LEU C 345 32.72 -25.07 40.72
N CYS C 346 32.44 -23.91 41.29
CA CYS C 346 32.03 -23.84 42.68
C CYS C 346 30.54 -24.11 42.87
N TYR C 347 29.77 -24.15 41.80
CA TYR C 347 28.38 -24.56 41.94
C TYR C 347 28.27 -26.05 42.18
N LEU C 348 29.10 -26.86 41.51
CA LEU C 348 28.94 -28.30 41.56
C LEU C 348 29.58 -28.93 42.79
N VAL C 349 30.34 -28.19 43.59
CA VAL C 349 30.98 -28.75 44.78
C VAL C 349 30.18 -28.40 46.02
N ALA C 350 29.96 -27.11 46.27
CA ALA C 350 29.27 -26.64 47.47
C ALA C 350 28.11 -25.73 47.06
N PRO C 351 26.95 -26.32 46.69
CA PRO C 351 25.79 -25.53 46.25
C PRO C 351 25.07 -24.81 47.39
N LYS C 352 25.84 -24.16 48.26
CA LYS C 352 25.29 -23.48 49.41
C LYS C 352 25.32 -21.97 49.17
N SER C 353 24.72 -21.22 50.08
CA SER C 353 24.41 -19.82 49.83
C SER C 353 25.63 -18.91 49.97
N ARG C 354 26.72 -19.26 49.31
CA ARG C 354 27.87 -18.37 49.25
C ARG C 354 28.12 -17.89 47.83
N TYR C 355 28.31 -18.79 46.88
CA TYR C 355 28.54 -18.43 45.49
C TYR C 355 27.81 -19.34 44.52
N GLY C 356 27.30 -20.49 44.94
CA GLY C 356 26.65 -21.44 44.06
C GLY C 356 25.22 -21.11 43.71
N LEU C 357 24.58 -20.23 44.46
CA LEU C 357 23.23 -19.76 44.15
C LEU C 357 23.23 -18.56 43.23
N PHE C 358 24.40 -18.12 42.78
CA PHE C 358 24.50 -17.02 41.84
C PHE C 358 24.51 -17.49 40.39
N ILE C 359 24.60 -18.80 40.15
CA ILE C 359 24.47 -19.36 38.82
C ILE C 359 23.11 -19.97 38.58
N ARG C 360 22.21 -19.90 39.56
CA ARG C 360 20.84 -20.35 39.36
C ARG C 360 19.90 -19.25 38.89
N LYS C 361 20.28 -17.99 39.09
CA LYS C 361 19.49 -16.89 38.55
C LYS C 361 19.43 -16.99 37.04
N PRO C 362 18.25 -16.91 36.43
CA PRO C 362 18.15 -17.14 34.98
C PRO C 362 18.99 -16.21 34.12
N PHE C 363 19.03 -14.92 34.42
CA PHE C 363 19.85 -14.01 33.65
C PHE C 363 21.32 -14.40 33.71
N ILE C 364 21.81 -14.72 34.90
CA ILE C 364 23.22 -15.07 35.04
C ILE C 364 23.51 -16.38 34.33
N LYS C 365 22.59 -17.34 34.41
CA LYS C 365 22.77 -18.60 33.70
C LYS C 365 22.84 -18.37 32.21
N PHE C 366 22.01 -17.48 31.67
CA PHE C 366 22.05 -17.17 30.25
C PHE C 366 23.36 -16.53 29.87
N ILE C 367 23.88 -15.61 30.69
CA ILE C 367 25.19 -15.02 30.41
C ILE C 367 26.28 -16.08 30.41
N CYS C 368 26.21 -17.02 31.34
CA CYS C 368 27.23 -18.06 31.41
C CYS C 368 27.20 -18.95 30.16
N HIS C 369 26.01 -19.36 29.74
CA HIS C 369 25.92 -20.19 28.53
C HIS C 369 26.40 -19.44 27.30
N THR C 370 26.08 -18.14 27.22
CA THR C 370 26.58 -17.35 26.12
C THR C 370 28.10 -17.29 26.10
N ALA C 371 28.71 -17.11 27.27
CA ALA C 371 30.17 -17.06 27.35
C ALA C 371 30.81 -18.38 26.94
N SER C 372 30.21 -19.49 27.37
CA SER C 372 30.72 -20.80 26.96
C SER C 372 30.65 -20.98 25.45
N TYR C 373 29.52 -20.60 24.84
CA TYR C 373 29.39 -20.75 23.40
C TYR C 373 30.38 -19.86 22.66
N LEU C 374 30.63 -18.66 23.16
CA LEU C 374 31.60 -17.78 22.50
C LEU C 374 33.02 -18.32 22.62
N THR C 375 33.34 -18.96 23.76
CA THR C 375 34.65 -19.60 23.87
C THR C 375 34.79 -20.73 22.85
N PHE C 376 33.73 -21.52 22.67
CA PHE C 376 33.76 -22.56 21.66
C PHE C 376 33.98 -21.99 20.27
N LEU C 377 33.32 -20.88 19.95
CA LEU C 377 33.51 -20.28 18.63
C LEU C 377 34.93 -19.76 18.46
N PHE C 378 35.51 -19.20 19.52
CA PHE C 378 36.89 -18.73 19.40
C PHE C 378 37.85 -19.88 19.15
N LEU C 379 37.64 -21.01 19.85
CA LEU C 379 38.47 -22.18 19.58
C LEU C 379 38.29 -22.68 18.15
N LEU C 380 37.06 -22.66 17.64
CA LEU C 380 36.84 -23.04 16.25
C LEU C 380 37.61 -22.15 15.29
N LEU C 381 37.59 -20.83 15.52
CA LEU C 381 38.35 -19.94 14.66
C LEU C 381 39.85 -20.18 14.80
N LEU C 382 40.28 -20.68 15.96
CA LEU C 382 41.70 -20.88 16.20
C LEU C 382 42.21 -22.21 15.65
N ALA C 383 41.32 -23.17 15.39
CA ALA C 383 41.76 -24.48 14.93
C ALA C 383 42.47 -24.41 13.57
N SER C 384 42.13 -23.43 12.75
CA SER C 384 42.67 -23.35 11.38
C SER C 384 43.79 -22.33 11.32
N GLN C 385 44.85 -22.61 12.06
CA GLN C 385 46.01 -21.74 12.12
C GLN C 385 47.27 -22.53 11.78
N HIS C 386 48.27 -21.82 11.25
CA HIS C 386 49.49 -22.45 10.77
C HIS C 386 50.55 -22.55 11.85
N ILE C 387 50.16 -22.47 13.12
CA ILE C 387 51.10 -22.56 14.23
C ILE C 387 50.65 -23.68 15.15
N VAL C 388 49.36 -23.74 15.45
CA VAL C 388 48.81 -24.84 16.24
C VAL C 388 48.18 -25.87 15.32
N ASN C 391 49.30 -27.98 12.67
CA ASN C 391 50.21 -29.09 12.45
C ASN C 391 50.41 -29.34 10.95
N PRO C 392 51.52 -30.01 10.60
CA PRO C 392 51.77 -30.32 9.19
C PRO C 392 50.84 -31.40 8.66
N ASP C 393 51.08 -31.85 7.44
CA ASP C 393 50.23 -32.85 6.80
C ASP C 393 50.93 -34.22 6.78
N ARG C 394 50.59 -35.05 7.76
CA ARG C 394 51.00 -36.45 7.81
C ARG C 394 49.76 -37.33 7.66
N GLN C 395 49.89 -38.38 6.87
CA GLN C 395 48.78 -39.30 6.64
C GLN C 395 48.27 -39.87 7.95
N GLY C 396 46.96 -39.76 8.17
CA GLY C 396 46.31 -40.30 9.34
C GLY C 396 46.88 -39.75 10.64
N PRO C 397 46.72 -38.45 10.86
CA PRO C 397 47.38 -37.83 12.01
C PRO C 397 46.67 -38.10 13.32
N LYS C 398 47.24 -37.57 14.41
CA LYS C 398 46.89 -37.57 15.82
C LYS C 398 46.28 -36.23 16.20
N PRO C 399 45.21 -36.24 16.99
CA PRO C 399 44.54 -34.98 17.34
C PRO C 399 45.51 -34.00 17.96
N THR C 400 45.39 -32.74 17.55
CA THR C 400 46.27 -31.70 18.05
C THR C 400 45.82 -31.25 19.43
N THR C 401 46.50 -30.24 19.97
CA THR C 401 46.15 -29.73 21.29
C THR C 401 44.80 -29.05 21.33
N VAL C 402 44.18 -28.79 20.18
CA VAL C 402 42.94 -28.03 20.12
C VAL C 402 41.76 -28.97 19.94
N GLU C 403 41.98 -30.09 19.25
CA GLU C 403 40.92 -31.09 19.12
C GLU C 403 40.56 -31.66 20.48
N TRP C 404 41.56 -31.87 21.34
CA TRP C 404 41.25 -32.41 22.66
C TRP C 404 40.46 -31.43 23.51
N MET C 405 40.65 -30.14 23.28
CA MET C 405 39.83 -29.16 23.98
C MET C 405 38.44 -29.05 23.38
N ILE C 406 38.32 -29.27 22.06
CA ILE C 406 37.02 -29.17 21.42
C ILE C 406 36.13 -30.35 21.77
N LEU C 407 36.71 -31.53 21.96
CA LEU C 407 35.90 -32.72 22.19
C LEU C 407 34.93 -32.61 23.37
N PRO C 408 35.30 -32.08 24.54
CA PRO C 408 34.32 -31.96 25.63
C PRO C 408 33.14 -31.03 25.36
N TRP C 409 33.30 -29.90 24.65
CA TRP C 409 32.12 -29.16 24.21
C TRP C 409 31.21 -29.97 23.31
N VAL C 410 31.77 -30.74 22.37
CA VAL C 410 30.91 -31.54 21.51
C VAL C 410 30.14 -32.56 22.34
N LEU C 411 30.81 -33.20 23.29
CA LEU C 411 30.11 -34.16 24.14
C LEU C 411 29.03 -33.49 24.98
N GLY C 412 29.33 -32.32 25.54
CA GLY C 412 28.33 -31.62 26.34
C GLY C 412 27.12 -31.21 25.53
N PHE C 413 27.34 -30.71 24.32
CA PHE C 413 26.23 -30.35 23.46
C PHE C 413 25.37 -31.56 23.16
N ILE C 414 25.99 -32.70 22.86
CA ILE C 414 25.20 -33.88 22.57
C ILE C 414 24.41 -34.32 23.79
N TRP C 415 24.98 -34.18 24.98
CA TRP C 415 24.26 -34.56 26.19
C TRP C 415 23.08 -33.65 26.45
N THR C 416 23.25 -32.34 26.26
CA THR C 416 22.10 -31.44 26.42
C THR C 416 21.01 -31.74 25.41
N GLU C 417 21.40 -32.06 24.17
CA GLU C 417 20.42 -32.42 23.16
C GLU C 417 19.68 -33.69 23.52
N ILE C 418 20.38 -34.71 24.02
CA ILE C 418 19.70 -35.95 24.39
C ILE C 418 18.75 -35.72 25.56
N LYS C 419 19.17 -34.88 26.51
CA LYS C 419 18.29 -34.57 27.64
C LYS C 419 17.00 -33.91 27.15
N GLN C 420 17.16 -32.91 26.30
CA GLN C 420 16.02 -32.17 25.74
C GLN C 420 15.16 -32.98 24.78
N MET C 421 15.70 -34.07 24.24
CA MET C 421 14.94 -34.87 23.28
C MET C 421 14.24 -36.06 23.93
N TRP C 422 14.72 -36.55 25.08
CA TRP C 422 13.86 -37.44 25.86
C TRP C 422 12.59 -36.74 26.33
N ASP C 423 12.73 -35.50 26.80
CA ASP C 423 11.60 -34.80 27.40
C ASP C 423 10.48 -34.55 26.39
N GLY C 424 10.84 -34.08 25.19
CA GLY C 424 9.82 -33.81 24.20
C GLY C 424 9.29 -35.07 23.56
N GLY C 425 10.17 -35.87 22.97
CA GLY C 425 9.77 -37.16 22.42
C GLY C 425 9.46 -37.14 20.94
N PHE C 426 10.32 -36.50 20.14
CA PHE C 426 10.16 -36.47 18.68
C PHE C 426 8.81 -35.89 18.28
N GLN C 427 8.28 -34.97 19.07
CA GLN C 427 7.05 -34.28 18.73
C GLN C 427 7.15 -32.87 19.28
N ASP C 428 7.09 -31.89 18.40
CA ASP C 428 7.28 -30.46 18.67
C ASP C 428 8.72 -30.14 19.06
N TYR C 429 9.57 -31.15 19.21
CA TYR C 429 11.00 -30.91 19.28
C TYR C 429 11.59 -30.75 17.90
N ILE C 430 11.16 -31.61 16.97
CA ILE C 430 11.64 -31.54 15.60
C ILE C 430 10.99 -30.38 14.86
N HIS C 431 9.88 -29.86 15.38
CA HIS C 431 9.26 -28.67 14.77
C HIS C 431 10.20 -27.48 14.86
N ASP C 432 10.71 -27.18 16.05
CA ASP C 432 11.66 -26.10 16.23
C ASP C 432 12.85 -26.27 15.30
N TRP C 433 13.04 -25.32 14.39
CA TRP C 433 14.06 -25.50 13.37
C TRP C 433 15.47 -25.43 13.94
N TRP C 434 15.70 -24.63 14.99
CA TRP C 434 17.03 -24.60 15.59
C TRP C 434 17.41 -25.96 16.16
N ASN C 435 16.46 -26.69 16.73
CA ASN C 435 16.76 -28.03 17.20
C ASN C 435 17.09 -28.96 16.05
N LEU C 436 16.42 -28.79 14.91
CA LEU C 436 16.77 -29.58 13.73
C LEU C 436 18.20 -29.31 13.30
N MET C 437 18.60 -28.03 13.31
CA MET C 437 19.98 -27.70 12.93
C MET C 437 20.98 -28.26 13.93
N ASP C 438 20.65 -28.21 15.22
CA ASP C 438 21.52 -28.83 16.22
C ASP C 438 21.69 -30.31 15.95
N PHE C 439 20.59 -30.99 15.59
CA PHE C 439 20.67 -32.40 15.29
C PHE C 439 21.60 -32.66 14.12
N VAL C 440 21.47 -31.87 13.04
CA VAL C 440 22.28 -32.10 11.85
C VAL C 440 23.77 -31.87 12.15
N MET C 441 24.08 -30.78 12.85
CA MET C 441 25.49 -30.49 13.11
C MET C 441 26.09 -31.48 14.11
N ASN C 442 25.31 -31.98 15.08
CA ASN C 442 25.84 -33.02 15.96
C ASN C 442 26.07 -34.32 15.20
N SER C 443 25.21 -34.63 14.23
CA SER C 443 25.46 -35.79 13.37
C SER C 443 26.77 -35.65 12.63
N LEU C 444 27.03 -34.46 12.08
CA LEU C 444 28.29 -34.25 11.36
C LEU C 444 29.49 -34.37 12.29
N TYR C 445 29.39 -33.85 13.51
CA TYR C 445 30.51 -33.98 14.44
C TYR C 445 30.78 -35.45 14.78
N LEU C 446 29.72 -36.24 15.00
CA LEU C 446 29.92 -37.65 15.24
C LEU C 446 30.60 -38.31 14.05
N ALA C 447 30.16 -38.00 12.83
CA ALA C 447 30.81 -38.57 11.65
C ALA C 447 32.26 -38.12 11.54
N THR C 448 32.59 -36.96 12.11
CA THR C 448 33.99 -36.54 12.09
C THR C 448 34.83 -37.34 13.08
N ILE C 449 34.26 -37.67 14.24
CA ILE C 449 35.01 -38.48 15.20
C ILE C 449 35.31 -39.86 14.63
N SER C 450 34.33 -40.47 13.97
CA SER C 450 34.49 -41.86 13.53
C SER C 450 35.33 -42.01 12.27
N LEU C 451 35.74 -40.92 11.63
CA LEU C 451 36.68 -41.00 10.51
C LEU C 451 38.09 -40.61 10.88
N LYS C 452 38.28 -39.81 11.92
CA LYS C 452 39.64 -39.57 12.38
C LYS C 452 40.25 -40.81 13.01
N ILE C 453 39.44 -41.78 13.43
CA ILE C 453 39.96 -43.01 14.01
C ILE C 453 40.27 -44.02 12.93
N VAL C 454 39.36 -44.20 11.96
CA VAL C 454 39.60 -45.16 10.89
C VAL C 454 40.91 -44.86 10.18
N ALA C 455 41.12 -43.60 9.82
CA ALA C 455 42.36 -43.17 9.21
C ALA C 455 43.54 -43.23 10.17
N TYR C 456 43.30 -43.55 11.44
CA TYR C 456 44.41 -43.76 12.36
C TYR C 456 44.82 -45.22 12.41
N VAL C 457 43.86 -46.11 12.60
CA VAL C 457 44.19 -47.52 12.75
C VAL C 457 44.47 -48.20 11.40
N LYS C 458 44.05 -47.60 10.30
CA LYS C 458 44.25 -48.25 9.00
C LYS C 458 45.37 -47.63 8.19
N TYR C 459 45.37 -46.32 7.99
CA TYR C 459 46.38 -45.65 7.20
C TYR C 459 47.43 -44.99 8.09
N SER C 460 48.66 -44.92 7.57
CA SER C 460 49.79 -44.28 8.22
C SER C 460 50.97 -44.36 7.28
N GLY C 461 51.97 -43.49 7.51
CA GLY C 461 53.18 -43.56 6.72
C GLY C 461 53.80 -42.24 6.35
N CYS C 462 53.08 -41.14 6.56
CA CYS C 462 53.55 -39.78 6.27
C CYS C 462 53.93 -39.63 4.79
N LYS C 463 52.92 -39.80 3.94
CA LYS C 463 53.02 -39.53 2.52
C LYS C 463 52.79 -38.04 2.26
N PRO C 464 53.40 -37.47 1.22
CA PRO C 464 53.12 -36.06 0.88
C PRO C 464 51.67 -35.83 0.51
N ARG C 465 51.17 -34.63 0.84
CA ARG C 465 49.75 -34.34 0.68
C ARG C 465 49.33 -34.32 -0.78
N ASP C 466 50.17 -33.81 -1.67
CA ASP C 466 49.77 -33.65 -3.06
C ASP C 466 49.47 -35.01 -3.69
N THR C 467 50.30 -36.00 -3.40
CA THR C 467 50.15 -37.32 -4.02
C THR C 467 49.31 -38.28 -3.18
N TRP C 468 48.18 -37.80 -2.70
CA TRP C 468 47.21 -38.67 -2.05
C TRP C 468 46.21 -39.10 -3.11
N GLU C 469 45.14 -39.77 -2.70
CA GLU C 469 44.13 -40.20 -3.63
C GLU C 469 42.77 -39.86 -3.04
N MET C 470 41.82 -39.53 -3.91
CA MET C 470 40.51 -39.05 -3.47
C MET C 470 39.85 -40.05 -2.53
N TRP C 471 38.92 -39.56 -1.73
CA TRP C 471 38.19 -40.37 -0.76
C TRP C 471 39.10 -40.92 0.34
N HIS C 472 40.34 -40.45 0.41
CA HIS C 472 41.18 -40.76 1.56
C HIS C 472 40.51 -40.23 2.82
N PRO C 473 40.41 -41.04 3.88
CA PRO C 473 39.55 -40.67 5.01
C PRO C 473 39.89 -39.34 5.64
N THR C 474 41.15 -38.93 5.62
CA THR C 474 41.51 -37.66 6.22
C THR C 474 40.85 -36.48 5.52
N LEU C 475 40.82 -36.52 4.18
CA LEU C 475 40.20 -35.43 3.43
C LEU C 475 38.71 -35.34 3.72
N VAL C 476 38.02 -36.48 3.77
CA VAL C 476 36.59 -36.47 4.02
C VAL C 476 36.31 -36.04 5.46
N ALA C 477 37.18 -36.40 6.39
CA ALA C 477 37.05 -35.90 7.75
C ALA C 477 37.14 -34.38 7.77
N GLU C 478 38.10 -33.81 7.05
CA GLU C 478 38.24 -32.37 7.01
C GLU C 478 37.03 -31.70 6.39
N ALA C 479 36.49 -32.29 5.32
CA ALA C 479 35.33 -31.71 4.67
C ALA C 479 34.12 -31.69 5.59
N VAL C 480 33.85 -32.80 6.27
CA VAL C 480 32.72 -32.83 7.18
C VAL C 480 32.94 -31.86 8.34
N PHE C 481 34.17 -31.74 8.82
CA PHE C 481 34.43 -30.81 9.92
C PHE C 481 34.15 -29.36 9.50
N ALA C 482 34.55 -28.99 8.27
CA ALA C 482 34.28 -27.62 7.82
C ALA C 482 32.77 -27.37 7.67
N ILE C 483 32.05 -28.30 7.06
CA ILE C 483 30.61 -28.10 6.92
C ILE C 483 29.94 -28.03 8.28
N ALA C 484 30.51 -28.69 9.28
CA ALA C 484 29.92 -28.57 10.62
C ALA C 484 30.23 -27.23 11.25
N ASN C 485 31.42 -26.69 10.99
CA ASN C 485 31.75 -25.36 11.49
C ASN C 485 30.79 -24.32 10.98
N ILE C 486 30.34 -24.46 9.73
CA ILE C 486 29.42 -23.47 9.18
C ILE C 486 28.15 -23.40 10.03
N PHE C 487 27.53 -24.55 10.30
CA PHE C 487 26.30 -24.57 11.10
C PHE C 487 26.56 -24.09 12.53
N SER C 488 27.66 -24.52 13.12
CA SER C 488 27.95 -24.14 14.49
C SER C 488 28.07 -22.64 14.63
N SER C 489 28.73 -21.99 13.67
CA SER C 489 28.84 -20.53 13.70
C SER C 489 27.53 -19.87 13.36
N LEU C 490 26.71 -20.50 12.53
CA LEU C 490 25.46 -19.90 12.11
C LEU C 490 24.44 -19.88 13.24
N ARG C 491 24.58 -20.76 14.21
CA ARG C 491 23.63 -20.79 15.32
C ARG C 491 23.66 -19.53 16.18
N LEU C 492 24.56 -18.60 15.92
CA LEU C 492 24.72 -17.38 16.71
C LEU C 492 23.65 -16.34 16.37
N ILE C 493 22.84 -16.58 15.36
CA ILE C 493 21.75 -15.66 15.06
C ILE C 493 20.68 -15.74 16.14
N SER C 494 20.41 -16.93 16.67
CA SER C 494 19.35 -17.09 17.65
C SER C 494 19.62 -16.38 18.95
N LEU C 495 20.83 -15.88 19.16
CA LEU C 495 21.13 -15.14 20.38
C LEU C 495 20.35 -13.84 20.43
N PHE C 496 19.98 -13.30 19.28
CA PHE C 496 19.44 -11.95 19.21
C PHE C 496 17.92 -11.93 19.06
N THR C 497 17.24 -12.95 19.55
CA THR C 497 15.81 -12.81 19.81
C THR C 497 15.55 -12.20 21.18
N ALA C 498 16.58 -12.03 21.98
CA ALA C 498 16.46 -11.41 23.28
C ALA C 498 16.65 -9.91 23.25
N ASN C 499 17.32 -9.39 22.22
CA ASN C 499 17.44 -7.95 22.03
C ASN C 499 16.09 -7.36 21.62
N SER C 500 15.94 -6.06 21.84
CA SER C 500 14.69 -5.39 21.51
C SER C 500 14.68 -4.80 20.11
N HIS C 501 15.84 -4.62 19.49
CA HIS C 501 15.92 -4.06 18.14
C HIS C 501 16.11 -5.11 17.06
N LEU C 502 16.98 -6.08 17.29
CA LEU C 502 17.26 -7.11 16.30
C LEU C 502 16.31 -8.30 16.37
N GLY C 503 15.51 -8.41 17.41
CA GLY C 503 14.60 -9.52 17.56
C GLY C 503 13.47 -9.52 16.54
N PRO C 504 12.65 -8.48 16.52
CA PRO C 504 11.53 -8.46 15.58
C PRO C 504 11.97 -8.59 14.14
N LEU C 505 13.10 -7.98 13.79
CA LEU C 505 13.59 -8.04 12.42
C LEU C 505 13.97 -9.47 12.06
N GLN C 506 14.60 -10.19 12.98
CA GLN C 506 14.95 -11.58 12.74
C GLN C 506 13.72 -12.47 12.60
N ILE C 507 12.71 -12.25 13.44
CA ILE C 507 11.49 -13.05 13.31
C ILE C 507 10.84 -12.79 11.95
N SER C 508 10.82 -11.52 11.52
CA SER C 508 10.23 -11.18 10.23
C SER C 508 11.01 -11.80 9.09
N LEU C 509 12.33 -11.81 9.17
CA LEU C 509 13.14 -12.49 8.15
C LEU C 509 12.83 -13.96 8.13
N GLY C 510 12.70 -14.59 9.29
CA GLY C 510 12.47 -16.02 9.32
C GLY C 510 11.10 -16.44 8.87
N ARG C 511 10.13 -15.52 8.90
CA ARG C 511 8.79 -15.84 8.42
C ARG C 511 8.67 -15.76 6.91
N MET C 512 9.56 -15.04 6.25
CA MET C 512 9.58 -14.96 4.79
C MET C 512 10.52 -16.00 4.19
N LEU C 513 10.41 -17.25 4.61
CA LEU C 513 11.27 -18.28 4.06
C LEU C 513 10.45 -19.42 3.52
N LEU C 514 9.26 -19.65 4.06
CA LEU C 514 8.39 -20.61 3.42
C LEU C 514 7.78 -20.08 2.14
N ASP C 515 7.89 -18.78 1.88
CA ASP C 515 7.43 -18.21 0.64
C ASP C 515 8.51 -18.11 -0.41
N ILE C 516 9.77 -18.19 -0.02
CA ILE C 516 10.86 -18.24 -0.98
C ILE C 516 11.13 -19.66 -1.45
N LEU C 517 10.89 -20.67 -0.61
CA LEU C 517 11.15 -22.04 -1.02
C LEU C 517 10.24 -22.46 -2.16
N LYS C 518 8.97 -22.06 -2.14
CA LYS C 518 8.08 -22.40 -3.24
C LYS C 518 8.57 -21.78 -4.53
N PHE C 519 9.05 -20.54 -4.45
CA PHE C 519 9.52 -19.88 -5.65
C PHE C 519 10.77 -20.57 -6.20
N LEU C 520 11.69 -20.97 -5.32
CA LEU C 520 12.87 -21.69 -5.77
C LEU C 520 12.51 -23.03 -6.37
N PHE C 521 11.47 -23.68 -5.86
CA PHE C 521 11.05 -24.91 -6.49
C PHE C 521 10.53 -24.68 -7.90
N ILE C 522 9.82 -23.57 -8.12
CA ILE C 522 9.42 -23.27 -9.50
C ILE C 522 10.62 -22.93 -10.36
N TYR C 523 11.66 -22.34 -9.78
CA TYR C 523 12.83 -22.01 -10.57
C TYR C 523 13.64 -23.23 -10.99
N CYS C 524 13.69 -24.26 -10.14
CA CYS C 524 14.47 -25.45 -10.48
C CYS C 524 13.91 -26.15 -11.72
N LEU C 525 12.60 -26.07 -11.93
CA LEU C 525 12.02 -26.69 -13.13
C LEU C 525 12.53 -26.01 -14.39
N VAL C 526 12.60 -24.68 -14.39
CA VAL C 526 13.14 -23.94 -15.52
C VAL C 526 14.61 -24.28 -15.73
N LEU C 527 15.36 -24.37 -14.63
CA LEU C 527 16.76 -24.75 -14.76
C LEU C 527 16.91 -26.11 -15.42
N LEU C 528 16.12 -27.08 -14.98
CA LEU C 528 16.23 -28.42 -15.53
C LEU C 528 15.81 -28.47 -16.98
N ALA C 529 14.77 -27.72 -17.35
CA ALA C 529 14.32 -27.71 -18.74
C ALA C 529 15.41 -27.15 -19.65
N PHE C 530 16.02 -26.04 -19.28
CA PHE C 530 17.02 -25.46 -20.15
C PHE C 530 18.31 -26.28 -20.15
N ALA C 531 18.63 -26.96 -19.06
CA ALA C 531 19.79 -27.85 -19.07
C ALA C 531 19.56 -29.03 -20.00
N ASN C 532 18.38 -29.63 -19.93
CA ASN C 532 18.05 -30.70 -20.85
C ASN C 532 18.16 -30.22 -22.29
N GLY C 533 17.71 -29.00 -22.57
CA GLY C 533 17.82 -28.49 -23.92
C GLY C 533 19.26 -28.27 -24.37
N LEU C 534 20.07 -27.66 -23.51
CA LEU C 534 21.43 -27.27 -23.89
C LEU C 534 22.41 -28.43 -23.92
N ASN C 535 22.14 -29.52 -23.20
CA ASN C 535 23.04 -30.65 -23.26
C ASN C 535 22.84 -31.48 -24.51
N GLN C 536 21.62 -31.49 -25.04
CA GLN C 536 21.32 -32.23 -26.25
C GLN C 536 22.07 -31.68 -27.46
N LEU C 537 22.37 -30.38 -27.45
CA LEU C 537 22.99 -29.74 -28.60
C LEU C 537 24.49 -29.89 -28.63
N TYR C 538 25.15 -29.84 -27.48
CA TYR C 538 26.60 -29.74 -27.42
C TYR C 538 27.31 -31.03 -27.04
N PHE C 539 26.60 -32.13 -26.85
CA PHE C 539 27.27 -33.30 -26.30
C PHE C 539 28.09 -34.06 -27.35
N TYR C 540 28.04 -33.66 -28.62
CA TYR C 540 28.87 -34.27 -29.64
C TYR C 540 30.24 -33.65 -29.76
N TYR C 541 30.55 -32.63 -28.96
CA TYR C 541 31.76 -31.85 -29.15
C TYR C 541 32.66 -31.92 -27.92
N GLU C 542 32.61 -33.02 -27.19
CA GLU C 542 33.43 -33.19 -25.98
C GLU C 542 34.87 -33.41 -26.39
N ASN C 543 35.54 -32.32 -26.77
CA ASN C 543 36.92 -32.45 -27.23
C ASN C 543 37.82 -32.94 -26.12
N SER C 544 38.02 -32.12 -25.09
CA SER C 544 38.94 -32.42 -23.99
C SER C 544 40.30 -32.88 -24.52
N GLU C 545 40.81 -32.15 -25.51
CA GLU C 545 41.98 -32.58 -26.26
C GLU C 545 43.24 -31.98 -25.65
N GLY C 546 43.97 -32.77 -24.88
CA GLY C 546 45.21 -32.31 -24.29
C GLY C 546 45.03 -31.15 -23.33
N MET C 547 43.99 -31.20 -22.52
CA MET C 547 43.68 -30.15 -21.56
C MET C 547 44.05 -30.63 -20.17
N THR C 548 44.90 -29.86 -19.48
CA THR C 548 45.22 -30.21 -18.11
C THR C 548 43.99 -30.17 -17.23
N CYS C 549 43.20 -29.11 -17.34
CA CYS C 549 41.98 -28.93 -16.57
C CYS C 549 40.80 -28.79 -17.51
N LYS C 550 39.68 -29.42 -17.16
CA LYS C 550 38.47 -29.32 -17.94
C LYS C 550 37.30 -28.96 -17.04
N GLY C 551 36.35 -28.21 -17.59
CA GLY C 551 35.22 -27.75 -16.83
C GLY C 551 35.10 -26.25 -16.87
N ILE C 552 34.28 -25.68 -15.99
CA ILE C 552 34.14 -24.23 -15.92
C ILE C 552 34.92 -23.63 -14.77
N ARG C 553 35.39 -24.44 -13.82
CA ARG C 553 36.18 -23.90 -12.72
C ARG C 553 37.66 -23.91 -13.04
N CYS C 554 38.02 -23.38 -14.20
CA CYS C 554 39.42 -23.24 -14.58
C CYS C 554 39.59 -21.89 -15.28
N GLU C 555 40.84 -21.50 -15.49
CA GLU C 555 41.11 -20.16 -16.00
C GLU C 555 40.56 -19.98 -17.40
N ARG C 556 40.76 -20.97 -18.26
CA ARG C 556 40.18 -20.99 -19.60
C ARG C 556 39.04 -22.00 -19.56
N GLN C 557 37.82 -21.50 -19.52
CA GLN C 557 36.67 -22.36 -19.36
C GLN C 557 36.39 -23.13 -20.63
N ASN C 558 36.03 -24.40 -20.48
CA ASN C 558 35.83 -25.28 -21.61
C ASN C 558 34.89 -26.40 -21.21
N ASN C 559 34.26 -27.00 -22.21
CA ASN C 559 33.34 -28.12 -21.99
C ASN C 559 32.25 -27.74 -21.02
N ALA C 560 31.62 -26.60 -21.24
CA ALA C 560 30.62 -26.12 -20.30
C ALA C 560 29.29 -26.83 -20.45
N PHE C 561 29.03 -27.47 -21.59
CA PHE C 561 27.74 -28.12 -21.79
C PHE C 561 27.91 -29.56 -22.27
N SER C 562 29.02 -30.21 -21.93
CA SER C 562 29.30 -31.53 -22.47
C SER C 562 28.61 -32.64 -21.71
N THR C 563 28.31 -32.45 -20.43
CA THR C 563 27.61 -33.44 -19.64
C THR C 563 26.48 -32.75 -18.90
N LEU C 564 25.55 -33.55 -18.37
CA LEU C 564 24.41 -32.97 -17.68
C LEU C 564 24.84 -32.25 -16.41
N PHE C 565 25.80 -32.82 -15.68
CA PHE C 565 26.23 -32.22 -14.43
C PHE C 565 26.91 -30.87 -14.69
N GLU C 566 27.86 -30.83 -15.62
CA GLU C 566 28.45 -29.56 -16.00
C GLU C 566 27.42 -28.58 -16.52
N THR C 567 26.37 -29.07 -17.19
CA THR C 567 25.37 -28.16 -17.70
C THR C 567 24.60 -27.51 -16.58
N LEU C 568 24.21 -28.27 -15.57
CA LEU C 568 23.55 -27.66 -14.41
C LEU C 568 24.46 -26.67 -13.72
N GLN C 569 25.74 -27.01 -13.56
CA GLN C 569 26.66 -26.08 -12.91
C GLN C 569 26.84 -24.81 -13.71
N SER C 570 26.94 -24.91 -15.03
CA SER C 570 27.07 -23.72 -15.85
C SER C 570 25.83 -22.85 -15.78
N LEU C 571 24.65 -23.47 -15.79
CA LEU C 571 23.45 -22.67 -15.73
C LEU C 571 23.22 -22.09 -14.34
N PHE C 572 23.88 -22.62 -13.31
CA PHE C 572 23.72 -22.03 -11.99
C PHE C 572 24.66 -20.84 -11.78
N TRP C 573 25.91 -20.97 -12.19
CA TRP C 573 26.87 -19.91 -11.95
C TRP C 573 26.69 -18.72 -12.85
N SER C 574 25.71 -18.71 -13.73
CA SER C 574 25.44 -17.56 -14.56
C SER C 574 24.36 -16.67 -13.98
N ILE C 575 23.77 -17.05 -12.85
CA ILE C 575 22.93 -16.13 -12.13
C ILE C 575 23.76 -15.00 -11.57
N PHE C 576 25.05 -15.24 -11.35
CA PHE C 576 25.95 -14.26 -10.78
C PHE C 576 26.96 -13.74 -11.78
N GLY C 577 26.86 -14.13 -13.04
CA GLY C 577 27.67 -13.57 -14.08
C GLY C 577 29.07 -14.10 -14.16
N LEU C 578 29.30 -15.34 -13.72
CA LEU C 578 30.64 -15.89 -13.65
C LEU C 578 30.92 -16.90 -14.74
N ILE C 579 30.10 -16.95 -15.79
CA ILE C 579 30.33 -17.82 -16.93
C ILE C 579 30.54 -16.94 -18.14
N SER C 580 31.72 -17.03 -18.75
CA SER C 580 32.06 -16.19 -19.88
C SER C 580 31.25 -16.62 -21.09
N LEU C 581 31.36 -15.82 -22.14
CA LEU C 581 30.52 -16.00 -23.31
C LEU C 581 31.17 -16.86 -24.38
N TYR C 582 32.46 -17.09 -24.31
CA TYR C 582 33.12 -17.91 -25.32
C TYR C 582 32.95 -19.39 -25.08
N VAL C 583 32.17 -19.78 -24.06
CA VAL C 583 31.91 -21.19 -23.83
C VAL C 583 30.88 -21.74 -24.80
N THR C 584 30.25 -20.89 -25.60
CA THR C 584 29.32 -21.36 -26.64
C THR C 584 30.00 -21.42 -28.00
N ASN C 585 31.18 -22.02 -28.06
CA ASN C 585 31.89 -22.24 -29.30
C ASN C 585 32.40 -23.67 -29.37
N VAL C 586 32.49 -24.19 -30.58
CA VAL C 586 33.03 -25.51 -30.86
C VAL C 586 34.26 -25.34 -31.75
N LYS C 587 35.10 -26.38 -31.76
CA LYS C 587 36.31 -26.32 -32.57
C LYS C 587 36.03 -26.36 -34.06
N ALA C 588 34.84 -26.78 -34.46
CA ALA C 588 34.46 -26.78 -35.87
C ALA C 588 34.09 -25.36 -36.30
N ASP C 589 33.47 -25.23 -37.46
CA ASP C 589 33.07 -23.93 -37.98
C ASP C 589 31.58 -23.92 -38.29
N HIS C 590 30.78 -24.39 -37.36
CA HIS C 590 29.34 -24.51 -37.54
C HIS C 590 28.66 -23.29 -36.97
N LYS C 591 28.54 -22.23 -37.77
CA LYS C 591 27.83 -21.05 -37.29
C LYS C 591 26.33 -21.21 -37.43
N PHE C 592 25.81 -22.33 -37.04
CA PHE C 592 24.37 -22.44 -36.82
C PHE C 592 24.06 -23.09 -35.49
N THR C 593 24.84 -24.08 -35.08
CA THR C 593 24.68 -24.60 -33.73
C THR C 593 25.21 -23.62 -32.71
N GLU C 594 26.28 -22.90 -33.04
CA GLU C 594 26.78 -21.86 -32.16
C GLU C 594 25.82 -20.69 -32.03
N PHE C 595 24.85 -20.57 -32.91
CA PHE C 595 23.85 -19.53 -32.74
C PHE C 595 22.64 -20.03 -31.97
N VAL C 596 22.25 -21.27 -32.19
CA VAL C 596 21.15 -21.84 -31.41
C VAL C 596 21.56 -21.99 -29.96
N GLY C 597 22.81 -22.35 -29.70
CA GLY C 597 23.26 -22.45 -28.33
C GLY C 597 23.32 -21.10 -27.62
N ALA C 598 23.80 -20.08 -28.31
CA ALA C 598 23.83 -18.76 -27.71
C ALA C 598 22.43 -18.22 -27.49
N THR C 599 21.48 -18.54 -28.36
CA THR C 599 20.10 -18.10 -28.14
C THR C 599 19.45 -18.84 -26.98
N MET C 600 19.75 -20.12 -26.79
CA MET C 600 19.27 -20.83 -25.61
C MET C 600 19.83 -20.21 -24.34
N PHE C 601 21.13 -19.95 -24.32
CA PHE C 601 21.74 -19.32 -23.17
C PHE C 601 21.14 -17.95 -22.89
N GLY C 602 20.92 -17.15 -23.94
CA GLY C 602 20.35 -15.83 -23.75
C GLY C 602 18.92 -15.87 -23.25
N THR C 603 18.12 -16.81 -23.76
CA THR C 603 16.75 -16.93 -23.29
C THR C 603 16.72 -17.35 -21.83
N TYR C 604 17.60 -18.25 -21.44
CA TYR C 604 17.65 -18.62 -20.04
C TYR C 604 18.00 -17.41 -19.17
N ASN C 605 18.96 -16.61 -19.62
CA ASN C 605 19.32 -15.42 -18.84
C ASN C 605 18.16 -14.46 -18.70
N VAL C 606 17.42 -14.22 -19.79
CA VAL C 606 16.28 -13.31 -19.71
C VAL C 606 15.21 -13.85 -18.79
N ILE C 607 14.88 -15.14 -18.90
CA ILE C 607 13.83 -15.70 -18.05
C ILE C 607 14.25 -15.70 -16.59
N SER C 608 15.52 -15.90 -16.31
CA SER C 608 15.97 -16.06 -14.94
C SER C 608 16.30 -14.77 -14.23
N LEU C 609 16.80 -13.76 -14.92
CA LEU C 609 17.33 -12.56 -14.27
C LEU C 609 16.51 -11.31 -14.53
N VAL C 610 15.48 -11.39 -15.36
CA VAL C 610 14.61 -10.25 -15.62
C VAL C 610 13.15 -10.56 -15.38
N VAL C 611 12.76 -11.82 -15.32
CA VAL C 611 11.39 -12.19 -15.05
C VAL C 611 11.25 -12.82 -13.67
N LEU C 612 11.95 -13.91 -13.40
CA LEU C 612 11.75 -14.59 -12.14
C LEU C 612 12.30 -13.83 -10.94
N LEU C 613 13.38 -13.08 -11.10
CA LEU C 613 13.91 -12.39 -9.94
C LEU C 613 12.99 -11.26 -9.49
N ASN C 614 12.48 -10.48 -10.43
CA ASN C 614 11.61 -9.38 -10.06
C ASN C 614 10.27 -9.86 -9.55
N MET C 615 9.79 -11.01 -9.98
CA MET C 615 8.59 -11.56 -9.34
C MET C 615 8.86 -12.01 -7.92
N LEU C 616 10.07 -12.50 -7.65
CA LEU C 616 10.41 -12.81 -6.28
C LEU C 616 10.40 -11.55 -5.42
N ILE C 617 10.92 -10.45 -5.97
CA ILE C 617 10.91 -9.19 -5.23
C ILE C 617 9.49 -8.72 -4.97
N ALA C 618 8.62 -8.80 -5.98
CA ALA C 618 7.23 -8.39 -5.79
C ALA C 618 6.51 -9.25 -4.76
N MET C 619 6.71 -10.56 -4.81
CA MET C 619 6.13 -11.44 -3.80
C MET C 619 6.61 -11.08 -2.40
N MET C 620 7.90 -10.85 -2.24
CA MET C 620 8.41 -10.54 -0.91
C MET C 620 7.87 -9.20 -0.40
N ASN C 621 7.78 -8.20 -1.27
CA ASN C 621 7.20 -6.94 -0.83
C ASN C 621 5.75 -7.12 -0.40
N ASN C 622 4.98 -7.92 -1.14
CA ASN C 622 3.57 -8.06 -0.79
C ASN C 622 3.39 -8.90 0.47
N SER C 623 4.31 -9.82 0.75
CA SER C 623 4.19 -10.64 1.95
C SER C 623 4.57 -9.87 3.21
N TYR C 624 5.58 -9.01 3.12
CA TYR C 624 6.12 -8.33 4.30
C TYR C 624 5.12 -7.41 4.96
N GLN C 625 4.12 -6.93 4.23
CA GLN C 625 3.14 -6.05 4.86
C GLN C 625 2.15 -6.84 5.71
N HIS C 626 1.77 -8.03 5.27
CA HIS C 626 0.88 -8.87 6.05
C HIS C 626 1.58 -9.50 7.24
N ILE C 627 2.89 -9.38 7.33
CA ILE C 627 3.66 -9.90 8.46
C ILE C 627 3.91 -8.83 9.50
N ALA C 628 4.26 -7.63 9.07
CA ALA C 628 4.68 -6.62 10.02
C ALA C 628 3.54 -6.04 10.85
N ASP C 629 2.35 -6.64 10.92
CA ASP C 629 1.32 -6.22 11.85
C ASP C 629 1.34 -7.05 13.13
N HIS C 630 1.15 -8.36 13.02
CA HIS C 630 1.46 -9.29 14.11
C HIS C 630 2.94 -9.62 14.07
N ALA C 631 3.76 -8.65 14.46
CA ALA C 631 5.20 -8.86 14.56
C ALA C 631 5.69 -8.83 15.99
N ASP C 632 5.20 -7.88 16.80
CA ASP C 632 5.60 -7.82 18.19
C ASP C 632 5.00 -8.95 19.01
N ILE C 633 3.78 -9.38 18.69
CA ILE C 633 3.22 -10.55 19.36
C ILE C 633 4.11 -11.76 19.14
N GLU C 634 4.52 -11.98 17.90
CA GLU C 634 5.38 -13.12 17.59
C GLU C 634 6.71 -13.00 18.30
N TRP C 635 7.31 -11.82 18.28
CA TRP C 635 8.62 -11.67 18.91
C TRP C 635 8.53 -11.90 20.41
N LYS C 636 7.51 -11.39 21.07
CA LYS C 636 7.42 -11.61 22.50
C LYS C 636 7.12 -13.05 22.83
N PHE C 637 6.34 -13.74 22.00
CA PHE C 637 6.13 -15.17 22.25
C PHE C 637 7.44 -15.95 22.14
N ALA C 638 8.28 -15.62 21.16
CA ALA C 638 9.57 -16.27 21.03
C ALA C 638 10.51 -15.95 22.18
N ARG C 639 10.55 -14.70 22.60
CA ARG C 639 11.40 -14.33 23.73
C ARG C 639 10.94 -15.00 25.00
N THR C 640 9.63 -15.16 25.18
CA THR C 640 9.12 -15.85 26.35
C THR C 640 9.55 -17.31 26.35
N LYS C 641 9.51 -17.97 25.19
CA LYS C 641 10.01 -19.35 25.19
C LYS C 641 11.49 -19.40 25.54
N LEU C 642 12.29 -18.49 24.97
CA LEU C 642 13.71 -18.43 25.32
C LEU C 642 13.91 -18.30 26.83
N TRP C 643 13.18 -17.37 27.46
CA TRP C 643 13.32 -17.19 28.91
C TRP C 643 12.88 -18.43 29.68
N MET C 644 11.71 -18.97 29.37
CA MET C 644 11.21 -20.12 30.11
C MET C 644 12.17 -21.30 30.03
N SER C 645 12.99 -21.38 28.99
CA SER C 645 13.94 -22.49 28.99
C SER C 645 15.01 -22.37 30.08
N TYR C 646 15.11 -21.25 30.80
CA TYR C 646 16.14 -21.04 31.81
C TYR C 646 15.57 -20.82 33.20
N PHE C 647 14.35 -21.25 33.46
CA PHE C 647 13.73 -21.02 34.75
C PHE C 647 13.82 -22.21 35.68
N GLU C 648 14.34 -23.33 35.19
CA GLU C 648 14.37 -24.57 35.94
C GLU C 648 15.81 -24.99 36.20
N GLU C 649 15.98 -25.86 37.18
CA GLU C 649 17.31 -26.34 37.56
C GLU C 649 17.66 -27.64 36.84
N GLY C 650 17.45 -27.68 35.53
CA GLY C 650 17.76 -28.88 34.78
C GLY C 650 19.17 -28.91 34.22
N GLY C 651 19.53 -27.90 33.42
CA GLY C 651 20.88 -27.80 32.91
C GLY C 651 21.76 -27.09 33.91
N THR C 652 21.45 -25.81 34.14
CA THR C 652 22.08 -24.99 35.17
C THR C 652 23.61 -25.08 35.12
N LEU C 653 24.16 -25.47 33.98
CA LEU C 653 25.58 -25.74 33.98
C LEU C 653 26.07 -25.88 32.54
N PRO C 654 27.05 -25.07 32.13
CA PRO C 654 27.46 -25.04 30.72
C PRO C 654 28.16 -26.33 30.31
N PRO C 655 28.19 -26.62 29.00
CA PRO C 655 28.67 -27.93 28.52
C PRO C 655 30.10 -28.26 28.90
N PRO C 656 31.06 -27.32 28.90
CA PRO C 656 32.45 -27.74 29.20
C PRO C 656 32.57 -28.42 30.54
N PHE C 657 31.89 -27.89 31.56
CA PHE C 657 31.82 -28.54 32.87
C PHE C 657 30.49 -29.24 33.06
N ASN C 658 30.22 -30.22 32.21
CA ASN C 658 28.92 -30.88 32.24
C ASN C 658 29.00 -32.40 32.10
N ILE C 659 30.18 -32.98 32.06
CA ILE C 659 30.32 -34.43 31.96
C ILE C 659 31.28 -34.95 33.01
N ALA C 696 -6.88 -28.57 50.92
CA ALA C 696 -5.77 -29.46 50.60
C ALA C 696 -4.64 -28.70 49.93
N GLU C 697 -3.64 -29.44 49.45
CA GLU C 697 -2.59 -28.82 48.66
C GLU C 697 -3.15 -28.20 47.39
N ASN C 698 -4.27 -28.73 46.89
CA ASN C 698 -4.96 -28.17 45.75
C ASN C 698 -6.38 -27.75 46.05
N VAL C 699 -7.13 -28.55 46.82
CA VAL C 699 -8.57 -28.32 46.98
C VAL C 699 -8.83 -26.99 47.68
N ARG C 700 -7.96 -26.62 48.63
CA ARG C 700 -8.09 -25.29 49.22
C ARG C 700 -7.91 -24.20 48.17
N LEU C 701 -6.95 -24.38 47.26
CA LEU C 701 -6.66 -23.36 46.26
C LEU C 701 -7.76 -23.23 45.22
N ASN C 702 -8.56 -24.28 45.00
CA ASN C 702 -9.69 -24.13 44.09
C ASN C 702 -10.67 -23.10 44.59
N HIS C 703 -10.78 -22.90 45.90
CA HIS C 703 -11.67 -21.85 46.41
C HIS C 703 -11.22 -20.48 45.92
N GLN C 704 -9.95 -20.15 46.13
CA GLN C 704 -9.48 -18.84 45.69
C GLN C 704 -9.54 -18.71 44.18
N TYR C 705 -9.20 -19.78 43.47
CA TYR C 705 -9.24 -19.72 42.01
C TYR C 705 -10.67 -19.52 41.50
N GLN C 706 -11.64 -20.17 42.12
CA GLN C 706 -13.02 -20.00 41.70
C GLN C 706 -13.53 -18.60 42.02
N GLU C 707 -13.12 -18.06 43.17
CA GLU C 707 -13.50 -16.69 43.49
C GLU C 707 -12.93 -15.72 42.46
N VAL C 708 -11.67 -15.94 42.07
CA VAL C 708 -11.05 -15.08 41.07
C VAL C 708 -11.75 -15.20 39.73
N LEU C 709 -12.09 -16.42 39.30
CA LEU C 709 -12.80 -16.54 38.04
C LEU C 709 -14.16 -15.87 38.09
N ARG C 710 -14.86 -15.99 39.21
CA ARG C 710 -16.17 -15.36 39.26
C ARG C 710 -16.05 -13.86 39.09
N ASN C 711 -15.08 -13.25 39.77
CA ASN C 711 -14.89 -11.81 39.60
C ASN C 711 -14.47 -11.45 38.18
N LEU C 712 -13.58 -12.25 37.58
CA LEU C 712 -13.14 -11.95 36.21
C LEU C 712 -14.28 -12.05 35.21
N VAL C 713 -15.11 -13.09 35.33
CA VAL C 713 -16.22 -13.25 34.41
C VAL C 713 -17.22 -12.13 34.59
N LYS C 714 -17.51 -11.76 35.83
CA LYS C 714 -18.44 -10.67 36.07
C LYS C 714 -17.94 -9.37 35.46
N ARG C 715 -16.65 -9.07 35.64
CA ARG C 715 -16.09 -7.85 35.06
C ARG C 715 -16.12 -7.88 33.55
N TYR C 716 -15.79 -9.03 32.94
CA TYR C 716 -15.83 -9.12 31.49
C TYR C 716 -17.23 -8.93 30.95
N VAL C 717 -18.23 -9.56 31.56
CA VAL C 717 -19.59 -9.38 31.10
C VAL C 717 -20.00 -7.93 31.21
N ALA C 718 -19.70 -7.29 32.33
CA ALA C 718 -20.09 -5.90 32.50
C ALA C 718 -19.37 -4.98 31.51
N ALA C 719 -18.14 -5.29 31.15
CA ALA C 719 -17.35 -4.34 30.39
C ALA C 719 -17.48 -4.53 28.89
N MET C 720 -17.49 -5.76 28.42
CA MET C 720 -17.40 -6.02 26.99
C MET C 720 -18.77 -6.23 26.33
N ILE C 721 -19.59 -7.13 26.86
CA ILE C 721 -20.84 -7.47 26.22
C ILE C 721 -22.02 -6.71 26.81
N ARG C 722 -21.77 -5.67 27.59
CA ARG C 722 -22.85 -4.80 28.04
C ARG C 722 -22.55 -3.32 27.89
N ASP C 723 -21.29 -2.91 27.93
CA ASP C 723 -20.90 -1.52 27.90
C ASP C 723 -20.29 -1.11 26.58
N ALA C 724 -19.95 -2.06 25.72
CA ALA C 724 -19.48 -1.79 24.38
C ALA C 724 -20.45 -2.27 23.32
N LYS C 725 -21.66 -2.62 23.70
CA LYS C 725 -22.73 -2.83 22.74
C LYS C 725 -23.57 -1.57 22.53
N THR C 726 -23.48 -0.61 23.46
CA THR C 726 -24.16 0.67 23.33
C THR C 726 -23.30 1.70 22.62
N GLU C 727 -22.35 1.27 21.80
CA GLU C 727 -21.54 2.17 21.00
C GLU C 727 -21.53 1.78 19.53
N GLU C 728 -22.52 1.00 19.09
CA GLU C 728 -22.64 0.63 17.69
C GLU C 728 -23.34 1.75 16.92
N GLY C 729 -23.49 1.56 15.60
CA GLY C 729 -24.10 2.57 14.75
C GLY C 729 -25.58 2.37 14.53
N LEU C 730 -26.19 3.34 13.83
CA LEU C 730 -27.62 3.32 13.56
C LEU C 730 -27.88 2.97 12.11
N THR C 731 -29.02 2.34 11.87
CA THR C 731 -29.42 1.85 10.55
C THR C 731 -30.88 2.23 10.31
N GLU C 732 -31.49 1.62 9.30
CA GLU C 732 -32.86 1.97 8.95
C GLU C 732 -33.88 1.40 9.91
N GLU C 733 -33.57 0.28 10.56
CA GLU C 733 -34.54 -0.30 11.48
C GLU C 733 -34.80 0.64 12.65
N ASN C 734 -33.75 1.31 13.14
CA ASN C 734 -33.94 2.27 14.21
C ASN C 734 -34.84 3.41 13.78
N PHE C 735 -34.67 3.90 12.55
CA PHE C 735 -35.51 4.99 12.06
C PHE C 735 -36.96 4.56 11.96
N LYS C 736 -37.22 3.35 11.45
CA LYS C 736 -38.60 2.90 11.36
C LYS C 736 -39.21 2.72 12.74
N GLU C 737 -38.44 2.21 13.69
CA GLU C 737 -38.92 2.11 15.07
C GLU C 737 -39.34 3.47 15.61
N LEU C 738 -38.48 4.46 15.45
CA LEU C 738 -38.73 5.79 16.02
C LEU C 738 -39.90 6.47 15.31
N LYS C 739 -40.11 6.19 14.03
CA LYS C 739 -41.28 6.74 13.36
C LYS C 739 -42.57 6.05 13.82
N GLN C 740 -42.52 4.74 14.04
CA GLN C 740 -43.71 4.02 14.45
C GLN C 740 -44.14 4.40 15.87
N ASP C 741 -43.18 4.71 16.75
CA ASP C 741 -43.54 5.20 18.08
C ASP C 741 -44.43 6.42 18.00
N ILE C 742 -44.02 7.41 17.20
CA ILE C 742 -44.78 8.64 17.05
C ILE C 742 -46.14 8.34 16.42
N SER C 743 -46.17 7.45 15.42
CA SER C 743 -47.44 7.13 14.79
C SER C 743 -48.44 6.57 15.78
N SER C 744 -48.02 5.59 16.58
CA SER C 744 -48.94 4.99 17.54
C SER C 744 -49.38 5.99 18.60
N PHE C 745 -48.45 6.82 19.07
CA PHE C 745 -48.81 7.87 20.02
C PHE C 745 -49.89 8.78 19.45
N ARG C 746 -49.71 9.23 18.21
CA ARG C 746 -50.68 10.13 17.60
C ARG C 746 -52.04 9.48 17.49
N TYR C 747 -52.08 8.23 17.04
CA TYR C 747 -53.37 7.54 16.89
C TYR C 747 -54.07 7.43 18.23
N GLU C 748 -53.34 7.03 19.27
CA GLU C 748 -53.96 6.85 20.58
C GLU C 748 -54.52 8.16 21.12
N VAL C 749 -53.73 9.24 21.02
CA VAL C 749 -54.20 10.51 21.55
C VAL C 749 -55.42 11.01 20.77
N ILE C 750 -55.36 10.92 19.45
CA ILE C 750 -56.49 11.38 18.64
C ILE C 750 -57.75 10.61 19.01
N GLY C 751 -57.63 9.29 19.16
CA GLY C 751 -58.78 8.51 19.60
C GLY C 751 -59.23 8.83 21.01
N MET C 752 -58.31 9.28 21.86
CA MET C 752 -58.65 9.62 23.23
C MET C 752 -59.40 10.94 23.32
N MET C 753 -59.14 11.86 22.40
CA MET C 753 -59.85 13.13 22.36
C MET C 753 -61.12 13.07 21.53
N LYS C 754 -61.46 11.90 21.00
CA LYS C 754 -62.67 11.76 20.20
C LYS C 754 -63.35 10.42 20.48
N LEU D 29 -42.58 35.73 -6.71
CA LEU D 29 -43.11 34.85 -5.69
C LEU D 29 -43.71 35.67 -4.54
N SER D 30 -45.03 35.83 -4.56
CA SER D 30 -45.69 36.68 -3.58
C SER D 30 -45.59 36.10 -2.18
N THR D 31 -45.80 36.95 -1.19
CA THR D 31 -45.80 36.50 0.21
C THR D 31 -46.92 35.51 0.45
N GLN D 32 -48.08 35.71 -0.17
CA GLN D 32 -49.17 34.77 -0.01
C GLN D 32 -48.82 33.40 -0.57
N GLU D 33 -47.79 33.32 -1.41
CA GLU D 33 -47.28 32.03 -1.85
C GLU D 33 -46.20 31.49 -0.92
N LYS D 34 -45.39 32.37 -0.33
CA LYS D 34 -44.41 31.91 0.64
C LYS D 34 -45.09 31.30 1.86
N SER D 35 -46.19 31.91 2.31
CA SER D 35 -46.93 31.37 3.45
C SER D 35 -47.49 29.99 3.11
N TYR D 36 -48.05 29.84 1.91
CA TYR D 36 -48.63 28.56 1.50
C TYR D 36 -47.56 27.48 1.41
N LEU D 37 -46.41 27.79 0.79
CA LEU D 37 -45.36 26.78 0.68
C LEU D 37 -44.81 26.42 2.05
N SER D 38 -44.67 27.39 2.95
CA SER D 38 -44.21 27.08 4.30
C SER D 38 -45.21 26.19 5.03
N ALA D 39 -46.51 26.46 4.87
CA ALA D 39 -47.52 25.62 5.49
C ALA D 39 -47.44 24.19 4.95
N VAL D 40 -47.21 24.05 3.65
CA VAL D 40 -47.04 22.70 3.09
C VAL D 40 -45.81 22.04 3.67
N GLU D 41 -44.71 22.79 3.80
CA GLU D 41 -43.46 22.18 4.24
C GLU D 41 -43.55 21.70 5.69
N LYS D 42 -44.17 22.49 6.57
CA LYS D 42 -44.28 22.05 7.96
C LYS D 42 -45.25 20.88 8.10
N GLY D 43 -46.41 20.96 7.48
CA GLY D 43 -47.37 19.88 7.57
C GLY D 43 -48.70 20.33 8.13
N ASP D 44 -48.93 21.64 8.14
CA ASP D 44 -50.17 22.20 8.65
C ASP D 44 -51.29 21.88 7.68
N TYR D 45 -52.06 20.85 7.99
CA TYR D 45 -53.10 20.40 7.07
C TYR D 45 -54.20 21.44 6.92
N ALA D 46 -54.67 21.99 8.03
CA ALA D 46 -55.78 22.94 7.98
C ALA D 46 -55.41 24.19 7.20
N SER D 47 -54.20 24.71 7.41
CA SER D 47 -53.78 25.91 6.71
C SER D 47 -53.65 25.69 5.21
N VAL D 48 -53.07 24.56 4.80
CA VAL D 48 -52.95 24.27 3.38
C VAL D 48 -54.32 24.11 2.76
N LYS D 49 -55.25 23.44 3.45
CA LYS D 49 -56.59 23.32 2.93
C LYS D 49 -57.26 24.68 2.81
N LEU D 50 -57.06 25.55 3.79
CA LEU D 50 -57.67 26.88 3.72
C LEU D 50 -57.12 27.67 2.56
N ALA D 51 -55.81 27.60 2.33
CA ALA D 51 -55.23 28.30 1.18
C ALA D 51 -55.80 27.78 -0.13
N LEU D 52 -55.92 26.45 -0.25
CA LEU D 52 -56.47 25.88 -1.47
C LEU D 52 -57.92 26.31 -1.68
N GLU D 53 -58.71 26.38 -0.60
CA GLU D 53 -60.10 26.81 -0.73
C GLU D 53 -60.17 28.27 -1.14
N GLU D 54 -59.34 29.12 -0.54
CA GLU D 54 -59.35 30.53 -0.88
C GLU D 54 -58.74 30.79 -2.26
N ALA D 55 -58.07 29.81 -2.86
CA ALA D 55 -57.53 30.02 -4.20
C ALA D 55 -58.58 29.78 -5.28
N GLU D 56 -59.41 28.75 -5.10
CA GLU D 56 -60.38 28.38 -6.14
C GLU D 56 -61.52 29.37 -6.29
N ILE D 57 -61.65 30.32 -5.36
CA ILE D 57 -62.74 31.29 -5.42
C ILE D 57 -62.26 32.72 -5.60
N TYR D 58 -61.02 33.05 -5.21
CA TYR D 58 -60.47 34.38 -5.42
C TYR D 58 -59.42 34.43 -6.51
N PHE D 59 -58.74 33.32 -6.80
CA PHE D 59 -57.73 33.24 -7.84
C PHE D 59 -56.60 34.24 -7.58
N LYS D 60 -56.11 34.24 -6.34
CA LYS D 60 -55.04 35.15 -5.94
C LYS D 60 -53.67 34.55 -6.23
N ILE D 61 -53.37 33.38 -5.68
CA ILE D 61 -52.06 32.78 -5.77
C ILE D 61 -52.10 31.63 -6.78
N ASN D 62 -50.93 31.28 -7.28
CA ASN D 62 -50.78 30.19 -8.25
C ASN D 62 -50.21 28.98 -7.53
N ILE D 63 -51.02 27.94 -7.40
CA ILE D 63 -50.59 26.74 -6.69
C ILE D 63 -49.44 26.04 -7.41
N ASN D 64 -49.25 26.29 -8.69
CA ASN D 64 -48.18 25.64 -9.45
C ASN D 64 -46.92 26.50 -9.47
N CYS D 65 -46.53 27.03 -8.32
CA CYS D 65 -45.40 27.95 -8.22
C CYS D 65 -44.14 27.22 -7.81
N ILE D 66 -43.01 27.85 -8.04
CA ILE D 66 -41.72 27.26 -7.72
C ILE D 66 -41.01 28.13 -6.69
N ASP D 67 -40.32 27.47 -5.77
CA ASP D 67 -39.46 28.12 -4.79
C ASP D 67 -38.08 28.31 -5.41
N PRO D 68 -37.13 28.96 -4.73
CA PRO D 68 -35.83 29.23 -5.39
C PRO D 68 -35.15 27.99 -5.96
N LEU D 69 -35.11 26.89 -5.23
CA LEU D 69 -34.41 25.71 -5.76
C LEU D 69 -35.18 25.08 -6.91
N GLY D 70 -36.48 25.37 -7.02
CA GLY D 70 -37.29 24.88 -8.12
C GLY D 70 -38.41 23.95 -7.72
N ARG D 71 -38.60 23.64 -6.45
CA ARG D 71 -39.60 22.68 -6.04
C ARG D 71 -41.00 23.27 -6.16
N THR D 72 -41.98 22.39 -6.39
CA THR D 72 -43.38 22.75 -6.36
C THR D 72 -43.97 22.25 -5.03
N ALA D 73 -45.27 22.43 -4.84
CA ALA D 73 -45.90 21.91 -3.63
C ALA D 73 -45.92 20.39 -3.64
N LEU D 74 -46.17 19.80 -4.80
CA LEU D 74 -46.20 18.34 -4.89
C LEU D 74 -44.85 17.75 -4.51
N LEU D 75 -43.77 18.33 -5.02
CA LEU D 75 -42.44 17.83 -4.70
C LEU D 75 -42.14 17.99 -3.22
N ILE D 76 -42.55 19.11 -2.61
CA ILE D 76 -42.30 19.30 -1.19
C ILE D 76 -43.06 18.27 -0.36
N ALA D 77 -44.32 18.01 -0.70
CA ALA D 77 -45.09 17.03 0.04
C ALA D 77 -44.63 15.61 -0.21
N ILE D 78 -43.97 15.34 -1.33
CA ILE D 78 -43.45 14.01 -1.58
C ILE D 78 -42.11 13.80 -0.90
N GLU D 79 -41.29 14.85 -0.85
CA GLU D 79 -39.98 14.73 -0.22
C GLU D 79 -40.08 14.44 1.26
N ASN D 80 -41.20 14.78 1.91
CA ASN D 80 -41.42 14.48 3.30
C ASN D 80 -42.31 13.25 3.49
N GLU D 81 -42.84 12.69 2.42
CA GLU D 81 -43.76 11.57 2.48
C GLU D 81 -44.96 11.87 3.36
N ASN D 82 -45.65 12.96 3.00
CA ASN D 82 -46.85 13.40 3.69
C ASN D 82 -48.05 12.93 2.86
N LEU D 83 -48.50 11.71 3.13
CA LEU D 83 -49.50 11.10 2.26
C LEU D 83 -50.82 11.85 2.30
N GLU D 84 -51.19 12.42 3.45
CA GLU D 84 -52.43 13.18 3.52
C GLU D 84 -52.36 14.44 2.66
N ILE D 85 -51.23 15.15 2.72
CA ILE D 85 -51.07 16.34 1.89
C ILE D 85 -51.08 15.96 0.41
N ILE D 86 -50.44 14.85 0.06
CA ILE D 86 -50.41 14.41 -1.33
C ILE D 86 -51.80 14.07 -1.81
N GLU D 87 -52.58 13.39 -0.98
CA GLU D 87 -53.95 13.06 -1.36
C GLU D 87 -54.80 14.31 -1.51
N LEU D 88 -54.63 15.29 -0.62
CA LEU D 88 -55.38 16.53 -0.72
C LEU D 88 -55.04 17.29 -1.99
N LEU D 89 -53.76 17.45 -2.29
CA LEU D 89 -53.36 18.22 -3.47
C LEU D 89 -53.81 17.57 -4.77
N LEU D 90 -54.12 16.27 -4.74
CA LEU D 90 -54.70 15.65 -5.92
C LEU D 90 -56.18 15.97 -6.07
N SER D 91 -56.87 16.21 -4.96
CA SER D 91 -58.30 16.52 -5.03
C SER D 91 -58.57 17.91 -5.58
N PHE D 92 -57.56 18.75 -5.71
CA PHE D 92 -57.70 20.06 -6.32
C PHE D 92 -57.10 20.11 -7.72
N ASN D 93 -56.66 18.97 -8.25
CA ASN D 93 -56.20 18.86 -9.62
C ASN D 93 -55.05 19.82 -9.90
N VAL D 94 -53.96 19.63 -9.16
CA VAL D 94 -52.74 20.34 -9.44
C VAL D 94 -52.05 19.71 -10.65
N TYR D 95 -51.07 20.41 -11.20
CA TYR D 95 -50.33 19.85 -12.31
C TYR D 95 -49.38 18.78 -11.81
N VAL D 96 -49.43 17.60 -12.42
CA VAL D 96 -48.64 16.47 -11.96
C VAL D 96 -47.26 16.48 -12.60
N GLY D 97 -47.23 16.41 -13.93
CA GLY D 97 -45.96 16.44 -14.63
C GLY D 97 -45.10 15.23 -14.29
N ASP D 98 -43.82 15.49 -14.05
CA ASP D 98 -42.89 14.42 -13.70
C ASP D 98 -42.91 14.15 -12.19
N ALA D 99 -44.11 13.99 -11.65
CA ALA D 99 -44.25 13.69 -10.24
C ALA D 99 -44.17 12.20 -9.95
N LEU D 100 -44.45 11.35 -10.94
CA LEU D 100 -44.30 9.93 -10.74
C LEU D 100 -42.83 9.54 -10.71
N LEU D 101 -42.04 10.14 -11.58
CA LEU D 101 -40.61 9.83 -11.62
C LEU D 101 -39.93 10.22 -10.33
N HIS D 102 -40.31 11.36 -9.74
CA HIS D 102 -39.71 11.79 -8.49
C HIS D 102 -40.07 10.83 -7.36
N ALA D 103 -41.31 10.37 -7.31
CA ALA D 103 -41.70 9.42 -6.28
C ALA D 103 -40.98 8.09 -6.46
N ILE D 104 -40.77 7.65 -7.70
CA ILE D 104 -40.06 6.40 -7.95
C ILE D 104 -38.59 6.54 -7.55
N ARG D 105 -37.97 7.67 -7.86
CA ARG D 105 -36.58 7.87 -7.49
C ARG D 105 -36.41 7.99 -5.98
N LYS D 106 -37.42 8.56 -5.31
CA LYS D 106 -37.39 8.65 -3.85
C LYS D 106 -37.82 7.37 -3.17
N GLU D 107 -38.37 6.41 -3.91
CA GLU D 107 -38.79 5.12 -3.39
C GLU D 107 -39.89 5.29 -2.33
N VAL D 108 -40.98 5.92 -2.74
CA VAL D 108 -42.14 6.12 -1.87
C VAL D 108 -43.27 5.26 -2.43
N VAL D 109 -43.59 4.18 -1.73
CA VAL D 109 -44.54 3.21 -2.26
C VAL D 109 -45.95 3.77 -2.23
N GLY D 110 -46.34 4.44 -1.14
CA GLY D 110 -47.68 4.99 -1.07
C GLY D 110 -47.92 6.07 -2.10
N ALA D 111 -46.92 6.92 -2.32
CA ALA D 111 -47.05 7.96 -3.33
C ALA D 111 -47.19 7.36 -4.72
N VAL D 112 -46.44 6.30 -5.02
CA VAL D 112 -46.58 5.67 -6.32
C VAL D 112 -47.97 5.07 -6.47
N GLU D 113 -48.49 4.44 -5.41
CA GLU D 113 -49.84 3.90 -5.47
C GLU D 113 -50.85 5.01 -5.78
N LEU D 114 -50.71 6.16 -5.12
CA LEU D 114 -51.65 7.24 -5.36
C LEU D 114 -51.51 7.79 -6.78
N LEU D 115 -50.28 8.05 -7.21
CA LEU D 115 -50.06 8.69 -8.50
C LEU D 115 -50.45 7.78 -9.66
N LEU D 116 -50.36 6.47 -9.48
CA LEU D 116 -50.75 5.57 -10.55
C LEU D 116 -52.27 5.53 -10.72
N ASN D 117 -53.02 5.55 -9.62
CA ASN D 117 -54.47 5.41 -9.68
C ASN D 117 -55.13 6.79 -9.79
N HIS D 118 -54.74 7.52 -10.83
CA HIS D 118 -55.19 8.90 -10.98
C HIS D 118 -55.06 9.37 -12.41
N GLN D 135 -41.38 24.61 -19.51
CA GLN D 135 -41.19 23.21 -19.12
C GLN D 135 -39.71 22.88 -18.92
N PHE D 136 -39.38 22.49 -17.70
CA PHE D 136 -38.03 22.06 -17.33
C PHE D 136 -38.14 20.73 -16.61
N SER D 137 -37.41 19.74 -17.09
CA SER D 137 -37.41 18.41 -16.50
C SER D 137 -36.05 18.08 -15.91
N ASP D 138 -36.06 17.21 -14.90
CA ASP D 138 -34.83 16.73 -14.29
C ASP D 138 -34.37 15.41 -14.87
N PHE D 139 -35.11 14.85 -15.82
CA PHE D 139 -34.80 13.54 -16.39
C PHE D 139 -34.65 13.66 -17.89
N THR D 140 -33.75 12.83 -18.43
CA THR D 140 -33.56 12.76 -19.86
C THR D 140 -34.86 12.30 -20.52
N PRO D 141 -35.15 12.76 -21.74
CA PRO D 141 -36.42 12.39 -22.39
C PRO D 141 -36.56 10.91 -22.70
N ASP D 142 -35.61 10.06 -22.33
CA ASP D 142 -35.70 8.64 -22.64
C ASP D 142 -36.02 7.77 -21.42
N ILE D 143 -36.10 8.34 -20.23
CA ILE D 143 -36.35 7.56 -19.03
C ILE D 143 -37.85 7.45 -18.83
N THR D 144 -38.34 6.23 -18.83
CA THR D 144 -39.72 5.88 -18.57
C THR D 144 -39.87 5.37 -17.15
N PRO D 145 -41.10 5.23 -16.65
CA PRO D 145 -41.25 4.75 -15.27
C PRO D 145 -40.61 3.40 -14.99
N ILE D 146 -40.75 2.43 -15.90
CA ILE D 146 -40.22 1.09 -15.61
C ILE D 146 -38.70 1.10 -15.61
N ILE D 147 -38.08 1.85 -16.52
CA ILE D 147 -36.62 1.90 -16.55
C ILE D 147 -36.09 2.52 -15.27
N LEU D 148 -36.62 3.69 -14.90
CA LEU D 148 -36.15 4.36 -13.69
C LEU D 148 -36.45 3.54 -12.45
N ALA D 149 -37.53 2.75 -12.47
CA ALA D 149 -37.81 1.88 -11.35
C ALA D 149 -36.82 0.73 -11.29
N ALA D 150 -36.42 0.20 -12.44
CA ALA D 150 -35.47 -0.90 -12.46
C ALA D 150 -34.06 -0.47 -12.10
N HIS D 151 -33.70 0.80 -12.31
CA HIS D 151 -32.39 1.26 -11.83
C HIS D 151 -32.26 1.13 -10.33
N THR D 152 -33.35 1.25 -9.58
CA THR D 152 -33.33 1.10 -8.13
C THR D 152 -33.93 -0.26 -7.82
N ASN D 153 -33.18 -1.11 -7.15
CA ASN D 153 -33.66 -2.47 -6.90
C ASN D 153 -34.72 -2.45 -5.82
N ASN D 154 -35.89 -1.94 -6.18
CA ASN D 154 -37.01 -1.86 -5.25
C ASN D 154 -38.07 -2.82 -5.77
N TYR D 155 -38.17 -3.97 -5.13
CA TYR D 155 -39.02 -5.05 -5.63
C TYR D 155 -40.49 -4.63 -5.65
N GLU D 156 -40.93 -3.89 -4.64
CA GLU D 156 -42.34 -3.53 -4.51
C GLU D 156 -42.80 -2.68 -5.69
N ILE D 157 -42.04 -1.63 -6.01
CA ILE D 157 -42.44 -0.73 -7.08
C ILE D 157 -42.38 -1.44 -8.43
N ILE D 158 -41.34 -2.24 -8.65
CA ILE D 158 -41.21 -2.93 -9.92
C ILE D 158 -42.38 -3.86 -10.15
N LYS D 159 -42.75 -4.62 -9.11
CA LYS D 159 -43.90 -5.51 -9.24
C LYS D 159 -45.18 -4.73 -9.45
N MET D 160 -45.33 -3.61 -8.72
CA MET D 160 -46.53 -2.78 -8.86
C MET D 160 -46.66 -2.23 -10.27
N LEU D 161 -45.54 -1.95 -10.93
CA LEU D 161 -45.58 -1.44 -12.30
C LEU D 161 -45.85 -2.55 -13.29
N VAL D 162 -45.16 -3.68 -13.17
CA VAL D 162 -45.35 -4.74 -14.16
C VAL D 162 -46.69 -5.43 -14.00
N GLN D 163 -47.37 -5.24 -12.87
CA GLN D 163 -48.74 -5.74 -12.79
C GLN D 163 -49.66 -4.96 -13.71
N LYS D 164 -49.40 -3.68 -13.92
CA LYS D 164 -50.22 -2.88 -14.82
C LYS D 164 -49.88 -3.11 -16.28
N GLY D 165 -48.76 -3.74 -16.58
CA GLY D 165 -48.40 -4.07 -17.96
C GLY D 165 -47.53 -3.02 -18.62
N VAL D 166 -46.23 -3.29 -18.72
CA VAL D 166 -45.27 -2.39 -19.34
C VAL D 166 -44.33 -3.20 -20.22
N SER D 167 -43.36 -2.53 -20.82
CA SER D 167 -42.48 -3.19 -21.78
C SER D 167 -41.22 -2.35 -21.97
N VAL D 168 -40.07 -2.99 -21.80
CA VAL D 168 -38.77 -2.36 -22.01
C VAL D 168 -38.26 -2.74 -23.40
N PRO D 169 -37.85 -1.79 -24.23
CA PRO D 169 -37.44 -2.13 -25.60
C PRO D 169 -36.05 -2.74 -25.64
N GLN D 170 -35.96 -3.97 -26.08
CA GLN D 170 -34.66 -4.61 -26.24
C GLN D 170 -33.87 -3.90 -27.35
N PRO D 171 -32.60 -3.61 -27.13
CA PRO D 171 -31.78 -3.01 -28.20
C PRO D 171 -31.18 -4.09 -29.08
N HIS D 172 -31.08 -3.77 -30.38
CA HIS D 172 -30.46 -4.72 -31.31
C HIS D 172 -28.98 -4.87 -30.98
N GLU D 173 -28.52 -6.11 -30.94
CA GLU D 173 -27.18 -6.41 -30.47
C GLU D 173 -26.12 -5.95 -31.46
N VAL D 174 -24.95 -5.60 -30.91
CA VAL D 174 -23.75 -5.32 -31.71
C VAL D 174 -22.54 -5.28 -30.80
N VAL D 187 -26.95 10.05 -36.05
CA VAL D 187 -27.11 11.50 -36.09
C VAL D 187 -26.72 12.09 -34.74
N ASP D 188 -27.57 11.89 -33.74
CA ASP D 188 -27.32 12.38 -32.39
C ASP D 188 -26.71 11.24 -31.59
N SER D 189 -25.37 11.21 -31.53
CA SER D 189 -24.69 10.09 -30.90
C SER D 189 -24.86 10.13 -29.39
N LEU D 190 -24.98 11.32 -28.81
CA LEU D 190 -25.06 11.44 -27.37
C LEU D 190 -26.34 10.79 -26.82
N ARG D 191 -27.48 11.10 -27.45
CA ARG D 191 -28.72 10.50 -27.01
C ARG D 191 -28.73 9.00 -27.26
N HIS D 192 -28.16 8.56 -28.37
CA HIS D 192 -28.12 7.13 -28.66
C HIS D 192 -27.34 6.38 -27.59
N SER D 193 -26.18 6.93 -27.20
CA SER D 193 -25.38 6.30 -26.17
C SER D 193 -26.10 6.27 -24.82
N ARG D 194 -26.69 7.39 -24.40
CA ARG D 194 -27.43 7.36 -23.14
C ARG D 194 -28.56 6.37 -23.18
N SER D 195 -29.31 6.31 -24.28
CA SER D 195 -30.43 5.40 -24.32
C SER D 195 -29.98 3.95 -24.23
N ARG D 196 -28.92 3.59 -24.96
CA ARG D 196 -28.47 2.21 -24.90
C ARG D 196 -27.98 1.85 -23.51
N LEU D 197 -27.21 2.73 -22.87
CA LEU D 197 -26.71 2.42 -21.54
C LEU D 197 -27.84 2.33 -20.52
N ASN D 198 -28.83 3.22 -20.61
CA ASN D 198 -29.95 3.17 -19.68
C ASN D 198 -30.73 1.87 -19.83
N ILE D 199 -30.97 1.43 -21.06
CA ILE D 199 -31.69 0.18 -21.23
C ILE D 199 -30.88 -0.99 -20.67
N TYR D 200 -29.59 -1.06 -20.98
CA TYR D 200 -28.82 -2.19 -20.49
C TYR D 200 -28.68 -2.17 -18.98
N LYS D 201 -28.64 -0.99 -18.37
CA LYS D 201 -28.58 -0.91 -16.92
C LYS D 201 -29.91 -1.28 -16.28
N ALA D 202 -31.01 -1.10 -17.00
CA ALA D 202 -32.29 -1.59 -16.50
C ALA D 202 -32.37 -3.10 -16.58
N LEU D 203 -31.86 -3.69 -17.66
CA LEU D 203 -31.99 -5.13 -17.84
C LEU D 203 -31.15 -5.92 -16.84
N ALA D 204 -30.01 -5.39 -16.42
CA ALA D 204 -29.09 -6.09 -15.53
C ALA D 204 -29.41 -5.79 -14.07
N SER D 205 -30.67 -6.00 -13.70
CA SER D 205 -31.15 -5.70 -12.37
C SER D 205 -31.68 -6.95 -11.70
N PRO D 206 -31.17 -7.30 -10.52
CA PRO D 206 -31.61 -8.55 -9.88
C PRO D 206 -33.09 -8.65 -9.67
N SER D 207 -33.77 -7.56 -9.34
CA SER D 207 -35.21 -7.62 -9.10
C SER D 207 -35.97 -7.84 -10.40
N LEU D 208 -35.59 -7.15 -11.47
CA LEU D 208 -36.29 -7.31 -12.73
C LEU D 208 -36.06 -8.70 -13.31
N ILE D 209 -34.90 -9.29 -13.07
CA ILE D 209 -34.66 -10.67 -13.48
C ILE D 209 -35.47 -11.63 -12.64
N ALA D 210 -35.48 -11.43 -11.33
CA ALA D 210 -36.22 -12.33 -10.47
C ALA D 210 -37.72 -12.19 -10.58
N LEU D 211 -38.22 -11.17 -11.25
CA LEU D 211 -39.67 -10.99 -11.38
C LEU D 211 -40.24 -11.56 -12.67
N SER D 212 -39.62 -11.26 -13.81
CA SER D 212 -40.14 -11.67 -15.11
C SER D 212 -39.01 -12.27 -15.93
N SER D 213 -38.74 -13.56 -15.72
CA SER D 213 -37.69 -14.23 -16.46
C SER D 213 -37.90 -15.73 -16.36
N GLU D 214 -37.77 -16.42 -17.49
CA GLU D 214 -38.07 -17.85 -17.52
C GLU D 214 -36.95 -18.69 -16.93
N ASP D 215 -35.72 -18.21 -16.96
CA ASP D 215 -34.58 -18.95 -16.43
C ASP D 215 -33.51 -17.97 -15.98
N PRO D 216 -33.42 -17.67 -14.69
CA PRO D 216 -32.48 -16.62 -14.26
C PRO D 216 -31.04 -16.88 -14.65
N PHE D 217 -30.59 -18.13 -14.61
CA PHE D 217 -29.20 -18.42 -14.90
C PHE D 217 -28.85 -18.12 -16.36
N LEU D 218 -29.72 -18.49 -17.31
CA LEU D 218 -29.43 -18.18 -18.70
C LEU D 218 -29.34 -16.68 -18.93
N THR D 219 -30.28 -15.92 -18.38
CA THR D 219 -30.26 -14.49 -18.61
C THR D 219 -29.03 -13.86 -17.99
N ALA D 220 -28.63 -14.30 -16.80
CA ALA D 220 -27.42 -13.77 -16.20
C ALA D 220 -26.19 -14.08 -17.05
N PHE D 221 -26.05 -15.33 -17.50
CA PHE D 221 -24.90 -15.68 -18.33
C PHE D 221 -24.87 -14.84 -19.60
N GLN D 222 -25.98 -14.82 -20.34
CA GLN D 222 -26.01 -14.15 -21.63
C GLN D 222 -25.81 -12.65 -21.47
N LEU D 223 -26.44 -12.05 -20.47
CA LEU D 223 -26.32 -10.63 -20.28
C LEU D 223 -24.90 -10.25 -19.89
N SER D 224 -24.26 -11.07 -19.05
CA SER D 224 -22.88 -10.80 -18.72
C SER D 224 -22.00 -10.86 -19.95
N TRP D 225 -22.22 -11.84 -20.83
CA TRP D 225 -21.42 -11.90 -22.05
C TRP D 225 -21.65 -10.70 -22.95
N GLU D 226 -22.90 -10.29 -23.12
CA GLU D 226 -23.20 -9.14 -23.98
C GLU D 226 -22.54 -7.88 -23.45
N LEU D 227 -22.62 -7.66 -22.14
CA LEU D 227 -22.00 -6.46 -21.58
C LEU D 227 -20.49 -6.51 -21.69
N GLN D 228 -19.90 -7.68 -21.47
CA GLN D 228 -18.46 -7.79 -21.63
C GLN D 228 -18.04 -7.49 -23.06
N GLU D 229 -18.84 -7.89 -24.04
CA GLU D 229 -18.51 -7.57 -25.43
C GLU D 229 -18.65 -6.09 -25.70
N LEU D 230 -19.76 -5.48 -25.28
CA LEU D 230 -19.97 -4.06 -25.48
C LEU D 230 -18.92 -3.21 -24.79
N SER D 231 -18.24 -3.77 -23.79
CA SER D 231 -17.19 -3.00 -23.11
C SER D 231 -16.05 -2.60 -24.04
N LYS D 232 -15.88 -3.27 -25.17
CA LYS D 232 -14.78 -2.99 -26.07
C LYS D 232 -15.18 -2.18 -27.29
N VAL D 233 -16.46 -2.16 -27.65
CA VAL D 233 -16.92 -1.32 -28.75
C VAL D 233 -17.11 0.11 -28.28
N GLU D 234 -18.01 0.32 -27.33
CA GLU D 234 -18.21 1.64 -26.71
C GLU D 234 -17.06 1.90 -25.73
N ASN D 235 -15.88 2.14 -26.28
CA ASN D 235 -14.70 2.26 -25.43
C ASN D 235 -14.69 3.54 -24.62
N GLU D 236 -15.59 4.48 -24.87
CA GLU D 236 -15.64 5.67 -24.03
C GLU D 236 -16.31 5.41 -22.70
N PHE D 237 -17.03 4.30 -22.57
CA PHE D 237 -17.78 3.97 -21.37
C PHE D 237 -17.43 2.57 -20.91
N LYS D 238 -16.14 2.26 -20.85
CA LYS D 238 -15.73 0.91 -20.46
C LYS D 238 -16.14 0.59 -19.03
N ALA D 239 -15.97 1.53 -18.12
CA ALA D 239 -16.19 1.25 -16.71
C ALA D 239 -17.64 0.85 -16.45
N GLU D 240 -18.59 1.56 -17.06
CA GLU D 240 -20.00 1.23 -16.84
C GLU D 240 -20.30 -0.21 -17.22
N TYR D 241 -19.92 -0.61 -18.42
CA TYR D 241 -20.25 -1.94 -18.89
C TYR D 241 -19.50 -3.01 -18.11
N GLU D 242 -18.24 -2.74 -17.75
CA GLU D 242 -17.52 -3.72 -16.95
C GLU D 242 -18.16 -3.93 -15.60
N GLU D 243 -18.61 -2.85 -14.94
CA GLU D 243 -19.25 -3.00 -13.65
C GLU D 243 -20.58 -3.73 -13.78
N LEU D 244 -21.35 -3.44 -14.84
CA LEU D 244 -22.62 -4.13 -15.01
C LEU D 244 -22.40 -5.63 -15.24
N SER D 245 -21.40 -6.00 -16.03
CA SER D 245 -21.13 -7.41 -16.22
C SER D 245 -20.66 -8.07 -14.92
N HIS D 246 -19.86 -7.36 -14.13
CA HIS D 246 -19.43 -7.91 -12.85
C HIS D 246 -20.61 -8.19 -11.94
N GLN D 247 -21.58 -7.29 -11.89
CA GLN D 247 -22.72 -7.52 -11.01
C GLN D 247 -23.63 -8.62 -11.55
N CYS D 248 -23.71 -8.77 -12.87
CA CYS D 248 -24.43 -9.93 -13.39
C CYS D 248 -23.73 -11.23 -13.05
N LYS D 249 -22.40 -11.22 -12.95
CA LYS D 249 -21.70 -12.42 -12.53
C LYS D 249 -21.95 -12.74 -11.06
N HIS D 250 -21.96 -11.72 -10.21
CA HIS D 250 -22.19 -11.96 -8.79
C HIS D 250 -23.61 -12.39 -8.49
N PHE D 251 -24.59 -12.00 -9.31
CA PHE D 251 -25.97 -12.42 -9.06
C PHE D 251 -26.15 -13.93 -9.16
N ALA D 252 -25.55 -14.57 -10.16
CA ALA D 252 -25.73 -16.01 -10.31
C ALA D 252 -25.13 -16.77 -9.13
N LYS D 253 -23.94 -16.36 -8.68
CA LYS D 253 -23.37 -16.97 -7.49
C LYS D 253 -24.26 -16.79 -6.28
N ASP D 254 -24.77 -15.56 -6.06
CA ASP D 254 -25.64 -15.36 -4.90
C ASP D 254 -26.90 -16.19 -4.99
N LEU D 255 -27.39 -16.44 -6.20
CA LEU D 255 -28.59 -17.26 -6.32
C LEU D 255 -28.29 -18.73 -6.12
N LEU D 256 -27.07 -19.17 -6.39
CA LEU D 256 -26.72 -20.56 -6.13
C LEU D 256 -26.45 -20.85 -4.66
N ASP D 257 -26.25 -19.82 -3.83
CA ASP D 257 -26.03 -20.05 -2.40
C ASP D 257 -27.30 -20.40 -1.66
N GLN D 258 -28.47 -20.26 -2.27
CA GLN D 258 -29.73 -20.55 -1.60
C GLN D 258 -30.15 -21.99 -1.90
N THR D 259 -29.25 -22.92 -1.60
CA THR D 259 -29.52 -24.34 -1.75
C THR D 259 -29.25 -25.04 -0.43
N ARG D 260 -30.13 -25.96 -0.07
CA ARG D 260 -30.02 -26.61 1.22
C ARG D 260 -30.10 -28.13 1.11
N SER D 261 -29.63 -28.70 0.00
CA SER D 261 -29.55 -30.15 -0.13
C SER D 261 -28.64 -30.48 -1.28
N SER D 262 -28.11 -31.71 -1.26
CA SER D 262 -27.28 -32.16 -2.37
C SER D 262 -28.14 -32.54 -3.57
N ARG D 263 -29.30 -33.14 -3.34
CA ARG D 263 -30.19 -33.47 -4.45
C ARG D 263 -30.65 -32.21 -5.16
N GLU D 264 -30.93 -31.18 -4.38
CA GLU D 264 -31.35 -29.89 -4.92
C GLU D 264 -30.24 -29.22 -5.74
N LEU D 265 -28.98 -29.45 -5.38
CA LEU D 265 -27.87 -28.88 -6.13
C LEU D 265 -27.59 -29.68 -7.41
N GLU D 266 -27.72 -31.00 -7.33
CA GLU D 266 -27.51 -31.81 -8.52
C GLU D 266 -28.62 -31.60 -9.54
N LEU D 267 -29.82 -31.23 -9.09
CA LEU D 267 -30.86 -30.92 -10.07
C LEU D 267 -30.53 -29.68 -10.88
N ILE D 268 -29.71 -28.78 -10.36
CA ILE D 268 -29.34 -27.58 -11.09
C ILE D 268 -28.10 -27.79 -11.93
N LEU D 269 -27.07 -28.43 -11.37
CA LEU D 269 -25.85 -28.56 -12.15
C LEU D 269 -25.94 -29.58 -13.26
N ASN D 270 -27.00 -30.39 -13.33
CA ASN D 270 -27.16 -31.40 -14.35
C ASN D 270 -28.20 -31.05 -15.40
N PHE D 271 -28.85 -29.91 -15.30
CA PHE D 271 -29.93 -29.59 -16.23
C PHE D 271 -29.39 -29.37 -17.63
N ARG D 272 -30.25 -29.62 -18.62
CA ARG D 272 -29.88 -29.48 -20.02
C ARG D 272 -31.07 -29.02 -20.86
N ASN D 284 -24.67 -34.05 -21.47
CA ASN D 284 -25.07 -35.20 -20.66
C ASN D 284 -24.98 -34.88 -19.19
N GLU D 285 -23.91 -35.36 -18.57
CA GLU D 285 -23.69 -35.23 -17.14
C GLU D 285 -22.97 -33.92 -16.87
N LEU D 286 -23.50 -33.14 -15.93
CA LEU D 286 -22.95 -31.82 -15.59
C LEU D 286 -22.94 -30.90 -16.81
N ALA D 287 -24.10 -30.74 -17.45
CA ALA D 287 -24.18 -29.86 -18.60
C ALA D 287 -24.16 -28.39 -18.19
N ARG D 288 -24.83 -28.05 -17.09
CA ARG D 288 -24.88 -26.66 -16.65
C ARG D 288 -23.50 -26.17 -16.24
N LEU D 289 -22.72 -27.02 -15.58
CA LEU D 289 -21.39 -26.61 -15.18
C LEU D 289 -20.50 -26.37 -16.41
N LYS D 290 -20.66 -27.20 -17.44
CA LYS D 290 -19.93 -26.98 -18.67
C LYS D 290 -20.33 -25.67 -19.33
N LEU D 291 -21.62 -25.36 -19.32
CA LEU D 291 -22.07 -24.08 -19.89
C LEU D 291 -21.49 -22.91 -19.11
N ALA D 292 -21.46 -23.02 -17.79
CA ALA D 292 -20.90 -21.96 -16.97
C ALA D 292 -19.42 -21.77 -17.24
N ILE D 293 -18.67 -22.86 -17.40
CA ILE D 293 -17.26 -22.74 -17.74
C ILE D 293 -17.10 -22.10 -19.10
N LYS D 294 -17.98 -22.43 -20.03
CA LYS D 294 -17.91 -21.86 -21.37
C LYS D 294 -18.13 -20.36 -21.36
N TYR D 295 -19.04 -19.87 -20.52
CA TYR D 295 -19.34 -18.45 -20.43
C TYR D 295 -18.42 -17.69 -19.50
N ARG D 296 -17.43 -18.35 -18.91
CA ARG D 296 -16.44 -17.70 -18.04
C ARG D 296 -17.07 -17.12 -16.78
N GLN D 297 -17.91 -17.92 -16.13
CA GLN D 297 -18.56 -17.52 -14.88
C GLN D 297 -17.70 -18.01 -13.72
N LYS D 298 -16.62 -17.28 -13.48
CA LYS D 298 -15.65 -17.75 -12.48
C LYS D 298 -16.23 -17.77 -11.07
N GLU D 299 -17.11 -16.82 -10.73
CA GLU D 299 -17.63 -16.79 -9.37
C GLU D 299 -18.62 -17.93 -9.13
N PHE D 300 -19.39 -18.30 -10.15
CA PHE D 300 -20.33 -19.41 -10.05
C PHE D 300 -19.61 -20.73 -9.85
N VAL D 301 -18.46 -20.92 -10.49
CA VAL D 301 -17.79 -22.22 -10.47
C VAL D 301 -17.09 -22.46 -9.15
N ALA D 302 -16.49 -21.43 -8.56
CA ALA D 302 -15.72 -21.59 -7.34
C ALA D 302 -16.56 -21.52 -6.08
N GLN D 303 -17.87 -21.70 -6.19
CA GLN D 303 -18.73 -21.69 -5.02
C GLN D 303 -18.37 -22.86 -4.10
N PRO D 304 -18.38 -22.67 -2.79
CA PRO D 304 -17.90 -23.73 -1.90
C PRO D 304 -18.67 -25.03 -2.00
N ASN D 305 -19.98 -24.99 -2.18
CA ASN D 305 -20.74 -26.23 -2.27
C ASN D 305 -20.61 -26.87 -3.63
N CYS D 306 -20.44 -26.08 -4.69
CA CYS D 306 -20.17 -26.65 -6.00
C CYS D 306 -18.79 -27.29 -6.06
N GLN D 307 -17.84 -26.73 -5.33
CA GLN D 307 -16.46 -27.19 -5.34
C GLN D 307 -16.24 -28.42 -4.49
N GLN D 308 -17.26 -28.90 -3.79
CA GLN D 308 -17.21 -30.09 -2.96
C GLN D 308 -17.82 -31.30 -3.66
N LEU D 309 -18.87 -31.08 -4.44
CA LEU D 309 -19.42 -32.13 -5.29
C LEU D 309 -18.37 -32.64 -6.28
N LEU D 310 -17.62 -31.72 -6.89
CA LEU D 310 -16.56 -32.11 -7.81
C LEU D 310 -15.47 -32.90 -7.11
N ALA D 311 -15.09 -32.50 -5.90
CA ALA D 311 -14.08 -33.25 -5.18
C ALA D 311 -14.56 -34.66 -4.87
N SER D 312 -15.83 -34.81 -4.48
CA SER D 312 -16.36 -36.14 -4.23
C SER D 312 -16.41 -36.96 -5.51
N ARG D 313 -16.70 -36.34 -6.66
CA ARG D 313 -16.71 -37.09 -7.91
C ARG D 313 -15.31 -37.41 -8.41
N TRP D 314 -14.30 -36.68 -7.95
CA TRP D 314 -12.94 -36.85 -8.42
C TRP D 314 -12.14 -37.85 -7.59
N TYR D 315 -12.24 -37.81 -6.27
CA TYR D 315 -11.37 -38.66 -5.47
C TYR D 315 -11.84 -40.10 -5.45
N ASP D 316 -13.04 -40.35 -4.92
CA ASP D 316 -13.62 -41.71 -4.90
C ASP D 316 -12.75 -42.69 -4.12
N GLU D 317 -12.03 -42.19 -3.13
CA GLU D 317 -11.09 -42.99 -2.34
C GLU D 317 -10.11 -43.76 -3.23
N ARG D 324 -5.90 -39.44 5.08
CA ARG D 324 -4.49 -39.72 5.34
C ARG D 324 -3.73 -38.43 5.58
N HIS D 325 -2.41 -38.54 5.66
CA HIS D 325 -1.53 -37.40 5.86
C HIS D 325 -0.54 -37.31 4.68
N TRP D 326 0.41 -36.38 4.79
CA TRP D 326 1.31 -36.10 3.68
C TRP D 326 2.09 -37.34 3.26
N ALA D 327 2.62 -38.10 4.22
CA ALA D 327 3.48 -39.23 3.87
C ALA D 327 2.69 -40.29 3.12
N GLY D 328 1.45 -40.57 3.54
CA GLY D 328 0.66 -41.57 2.87
C GLY D 328 0.30 -41.16 1.45
N LYS D 329 -0.13 -39.91 1.27
CA LYS D 329 -0.45 -39.44 -0.08
C LYS D 329 0.79 -39.37 -0.96
N LEU D 330 1.97 -39.20 -0.36
CA LEU D 330 3.19 -39.26 -1.15
C LEU D 330 3.49 -40.68 -1.59
N ILE D 331 3.37 -41.65 -0.67
CA ILE D 331 3.87 -42.99 -0.96
C ILE D 331 2.84 -43.85 -1.69
N THR D 332 1.56 -43.50 -1.66
CA THR D 332 0.60 -44.30 -2.42
C THR D 332 0.57 -43.87 -3.89
N CYS D 333 0.75 -42.57 -4.15
CA CYS D 333 0.75 -42.09 -5.53
C CYS D 333 1.95 -42.59 -6.32
N VAL D 334 2.97 -43.11 -5.65
CA VAL D 334 4.09 -43.70 -6.40
C VAL D 334 3.75 -45.12 -6.82
N PHE D 335 3.07 -45.88 -5.95
CA PHE D 335 2.76 -47.27 -6.25
C PHE D 335 1.76 -47.38 -7.41
N ILE D 336 0.87 -46.41 -7.56
CA ILE D 336 -0.08 -46.45 -8.66
C ILE D 336 0.56 -46.00 -9.96
N GLY D 337 1.62 -45.20 -9.90
CA GLY D 337 2.22 -44.67 -11.10
C GLY D 337 3.35 -45.52 -11.63
N LEU D 338 3.91 -46.39 -10.79
CA LEU D 338 4.93 -47.32 -11.26
C LEU D 338 4.32 -48.41 -12.13
N MET D 339 3.19 -48.94 -11.71
CA MET D 339 2.53 -50.04 -12.43
C MET D 339 1.40 -49.52 -13.34
N PHE D 340 1.74 -48.55 -14.17
CA PHE D 340 0.75 -48.06 -15.12
C PHE D 340 0.62 -48.90 -16.39
N PRO D 341 1.70 -49.44 -16.97
CA PRO D 341 1.54 -50.13 -18.27
C PRO D 341 0.63 -51.33 -18.23
N LEU D 342 0.63 -52.11 -17.15
CA LEU D 342 -0.24 -53.28 -17.13
C LEU D 342 -1.70 -52.91 -16.97
N LEU D 343 -2.01 -51.86 -16.20
CA LEU D 343 -3.38 -51.37 -16.17
C LEU D 343 -3.81 -50.87 -17.54
N SER D 344 -2.94 -50.12 -18.21
CA SER D 344 -3.25 -49.61 -19.54
C SER D 344 -3.36 -50.72 -20.56
N LEU D 345 -2.73 -51.86 -20.32
CA LEU D 345 -2.80 -53.00 -21.22
C LEU D 345 -4.03 -53.87 -20.96
N CYS D 346 -4.41 -54.05 -19.70
CA CYS D 346 -5.57 -54.86 -19.38
C CYS D 346 -6.87 -54.09 -19.48
N TYR D 347 -6.81 -52.76 -19.62
CA TYR D 347 -8.04 -52.03 -19.89
C TYR D 347 -8.52 -52.26 -21.31
N LEU D 348 -7.60 -52.32 -22.28
CA LEU D 348 -8.00 -52.36 -23.68
C LEU D 348 -8.36 -53.76 -24.16
N VAL D 349 -8.15 -54.80 -23.36
CA VAL D 349 -8.48 -56.16 -23.78
C VAL D 349 -9.81 -56.59 -23.17
N ALA D 350 -9.91 -56.55 -21.85
CA ALA D 350 -11.10 -57.01 -21.13
C ALA D 350 -11.60 -55.90 -20.20
N PRO D 351 -12.36 -54.92 -20.74
CA PRO D 351 -12.85 -53.79 -19.94
C PRO D 351 -13.99 -54.17 -18.99
N LYS D 352 -13.82 -55.28 -18.28
CA LYS D 352 -14.84 -55.76 -17.37
C LYS D 352 -14.41 -55.50 -15.93
N SER D 353 -15.31 -55.77 -15.00
CA SER D 353 -15.17 -55.27 -13.63
C SER D 353 -14.16 -56.09 -12.82
N ARG D 354 -12.97 -56.31 -13.36
CA ARG D 354 -11.90 -56.92 -12.60
C ARG D 354 -10.76 -55.94 -12.37
N TYR D 355 -10.17 -55.39 -13.43
CA TYR D 355 -9.08 -54.44 -13.31
C TYR D 355 -9.19 -53.29 -14.29
N GLY D 356 -10.04 -53.38 -15.32
CA GLY D 356 -10.16 -52.35 -16.33
C GLY D 356 -10.99 -51.16 -15.95
N LEU D 357 -11.80 -51.27 -14.90
CA LEU D 357 -12.57 -50.15 -14.38
C LEU D 357 -11.81 -49.35 -13.34
N PHE D 358 -10.55 -49.71 -13.08
CA PHE D 358 -9.71 -48.98 -12.16
C PHE D 358 -8.89 -47.89 -12.85
N ILE D 359 -8.89 -47.86 -14.19
CA ILE D 359 -8.26 -46.79 -14.94
C ILE D 359 -9.27 -45.78 -15.46
N ARG D 360 -10.55 -45.96 -15.16
CA ARG D 360 -11.56 -44.98 -15.52
C ARG D 360 -11.81 -43.95 -14.43
N LYS D 361 -11.43 -44.25 -13.20
CA LYS D 361 -11.52 -43.26 -12.13
C LYS D 361 -10.65 -42.06 -12.46
N PRO D 362 -11.18 -40.84 -12.38
CA PRO D 362 -10.41 -39.67 -12.83
C PRO D 362 -9.07 -39.48 -12.12
N PHE D 363 -9.01 -39.64 -10.81
CA PHE D 363 -7.75 -39.49 -10.11
C PHE D 363 -6.72 -40.50 -10.61
N ILE D 364 -7.13 -41.76 -10.78
CA ILE D 364 -6.19 -42.78 -11.22
C ILE D 364 -5.75 -42.51 -12.65
N LYS D 365 -6.66 -42.05 -13.49
CA LYS D 365 -6.29 -41.71 -14.86
C LYS D 365 -5.28 -40.59 -14.89
N PHE D 366 -5.45 -39.58 -14.02
CA PHE D 366 -4.49 -38.49 -13.94
C PHE D 366 -3.14 -38.98 -13.49
N ILE D 367 -3.09 -39.88 -12.50
CA ILE D 367 -1.82 -40.44 -12.07
C ILE D 367 -1.15 -41.20 -13.20
N CYS D 368 -1.93 -41.95 -13.98
CA CYS D 368 -1.36 -42.72 -15.08
C CYS D 368 -0.77 -41.81 -16.16
N HIS D 369 -1.48 -40.74 -16.52
CA HIS D 369 -0.95 -39.82 -17.52
C HIS D 369 0.30 -39.12 -17.02
N THR D 370 0.32 -38.77 -15.73
CA THR D 370 1.52 -38.18 -15.16
C THR D 370 2.70 -39.12 -15.24
N ALA D 371 2.48 -40.39 -14.93
CA ALA D 371 3.57 -41.37 -14.99
C ALA D 371 4.09 -41.55 -16.41
N SER D 372 3.18 -41.58 -17.38
CA SER D 372 3.61 -41.68 -18.78
C SER D 372 4.46 -40.49 -19.19
N TYR D 373 4.02 -39.28 -18.82
CA TYR D 373 4.78 -38.10 -19.18
C TYR D 373 6.15 -38.09 -18.51
N LEU D 374 6.24 -38.54 -17.27
CA LEU D 374 7.53 -38.58 -16.60
C LEU D 374 8.46 -39.61 -17.23
N THR D 375 7.91 -40.74 -17.70
CA THR D 375 8.74 -41.69 -18.42
C THR D 375 9.28 -41.08 -19.71
N PHE D 376 8.45 -40.32 -20.42
CA PHE D 376 8.92 -39.64 -21.61
C PHE D 376 10.04 -38.67 -21.29
N LEU D 377 9.91 -37.92 -20.20
CA LEU D 377 10.97 -36.98 -19.83
C LEU D 377 12.25 -37.71 -19.47
N PHE D 378 12.15 -38.85 -18.80
CA PHE D 378 13.36 -39.60 -18.47
C PHE D 378 14.06 -40.10 -19.73
N LEU D 379 13.29 -40.58 -20.71
CA LEU D 379 13.90 -40.98 -21.98
C LEU D 379 14.55 -39.80 -22.68
N LEU D 380 13.93 -38.62 -22.63
CA LEU D 380 14.55 -37.43 -23.21
C LEU D 380 15.87 -37.12 -22.55
N LEU D 381 15.93 -37.20 -21.22
CA LEU D 381 17.20 -36.96 -20.53
C LEU D 381 18.23 -38.02 -20.89
N LEU D 382 17.77 -39.22 -21.22
CA LEU D 382 18.67 -40.32 -21.51
C LEU D 382 19.19 -40.31 -22.94
N ALA D 383 18.50 -39.62 -23.86
CA ALA D 383 18.91 -39.64 -25.25
C ALA D 383 20.30 -39.03 -25.46
N SER D 384 20.71 -38.11 -24.60
CA SER D 384 21.98 -37.39 -24.79
C SER D 384 23.05 -37.98 -23.89
N GLN D 385 23.36 -39.24 -24.14
CA GLN D 385 24.36 -39.96 -23.37
C GLN D 385 25.41 -40.54 -24.31
N HIS D 386 26.62 -40.72 -23.78
CA HIS D 386 27.76 -41.17 -24.58
C HIS D 386 27.89 -42.68 -24.60
N ILE D 387 26.83 -43.40 -24.27
CA ILE D 387 26.85 -44.86 -24.27
C ILE D 387 25.75 -45.37 -25.19
N VAL D 388 24.56 -44.78 -25.09
CA VAL D 388 23.48 -45.13 -26.00
C VAL D 388 23.38 -44.09 -27.10
N ASN D 391 25.52 -42.90 -29.69
CA ASN D 391 26.18 -43.39 -30.91
C ASN D 391 27.21 -42.38 -31.41
N PRO D 392 28.17 -42.85 -32.21
CA PRO D 392 29.18 -41.94 -32.76
C PRO D 392 28.61 -41.02 -33.83
N ASP D 393 29.47 -40.26 -34.49
CA ASP D 393 29.05 -39.30 -35.50
C ASP D 393 29.37 -39.83 -36.91
N ARG D 394 28.36 -40.43 -37.54
CA ARG D 394 28.41 -40.81 -38.95
C ARG D 394 27.41 -39.97 -39.73
N GLN D 395 27.82 -39.53 -40.90
CA GLN D 395 26.95 -38.71 -41.75
C GLN D 395 25.66 -39.44 -42.05
N GLY D 396 24.53 -38.77 -41.80
CA GLY D 396 23.23 -39.31 -42.09
C GLY D 396 22.95 -40.63 -41.40
N PRO D 397 22.91 -40.61 -40.07
CA PRO D 397 22.81 -41.87 -39.33
C PRO D 397 21.41 -42.45 -39.32
N LYS D 398 21.28 -43.61 -38.68
CA LYS D 398 20.14 -44.48 -38.43
C LYS D 398 19.65 -44.29 -36.99
N PRO D 399 18.34 -44.23 -36.79
CA PRO D 399 17.82 -43.99 -35.44
C PRO D 399 18.34 -45.01 -34.45
N THR D 400 18.72 -44.54 -33.27
CA THR D 400 19.25 -45.40 -32.24
C THR D 400 18.14 -46.15 -31.54
N THR D 401 18.49 -46.92 -30.52
CA THR D 401 17.50 -47.68 -29.78
C THR D 401 16.55 -46.81 -28.98
N VAL D 402 16.83 -45.52 -28.86
CA VAL D 402 16.03 -44.62 -28.02
C VAL D 402 15.08 -43.82 -28.87
N GLU D 403 15.48 -43.50 -30.10
CA GLU D 403 14.58 -42.80 -31.01
C GLU D 403 13.37 -43.67 -31.33
N TRP D 404 13.57 -44.97 -31.49
CA TRP D 404 12.44 -45.83 -31.78
C TRP D 404 11.47 -45.92 -30.61
N MET D 405 11.97 -45.78 -29.40
CA MET D 405 11.07 -45.72 -28.25
C MET D 405 10.38 -44.38 -28.12
N ILE D 406 11.07 -43.30 -28.54
CA ILE D 406 10.48 -41.98 -28.43
C ILE D 406 9.38 -41.77 -29.46
N LEU D 407 9.52 -42.36 -30.64
CA LEU D 407 8.55 -42.11 -31.70
C LEU D 407 7.10 -42.40 -31.32
N PRO D 408 6.76 -43.51 -30.66
CA PRO D 408 5.34 -43.72 -30.27
C PRO D 408 4.76 -42.70 -29.31
N TRP D 409 5.50 -42.17 -28.32
CA TRP D 409 4.99 -41.03 -27.55
C TRP D 409 4.71 -39.82 -28.42
N VAL D 410 5.59 -39.51 -29.37
CA VAL D 410 5.32 -38.35 -30.22
C VAL D 410 4.05 -38.58 -31.03
N LEU D 411 3.87 -39.78 -31.57
CA LEU D 411 2.66 -40.07 -32.32
C LEU D 411 1.41 -39.98 -31.43
N GLY D 412 1.50 -40.51 -30.22
CA GLY D 412 0.35 -40.46 -29.32
C GLY D 412 -0.02 -39.04 -28.93
N PHE D 413 0.99 -38.21 -28.66
CA PHE D 413 0.72 -36.82 -28.34
C PHE D 413 0.03 -36.13 -29.51
N ILE D 414 0.51 -36.37 -30.73
CA ILE D 414 -0.11 -35.73 -31.88
C ILE D 414 -1.55 -36.20 -32.04
N TRP D 415 -1.82 -37.47 -31.76
CA TRP D 415 -3.18 -37.98 -31.89
C TRP D 415 -4.10 -37.36 -30.84
N THR D 416 -3.64 -37.23 -29.61
CA THR D 416 -4.47 -36.57 -28.60
C THR D 416 -4.73 -35.12 -28.96
N GLU D 417 -3.73 -34.44 -29.50
CA GLU D 417 -3.91 -33.05 -29.93
C GLU D 417 -4.93 -32.96 -31.07
N ILE D 418 -4.86 -33.86 -32.05
CA ILE D 418 -5.82 -33.80 -33.15
C ILE D 418 -7.23 -34.09 -32.65
N LYS D 419 -7.36 -35.03 -31.71
CA LYS D 419 -8.67 -35.32 -31.15
C LYS D 419 -9.26 -34.08 -30.48
N GLN D 420 -8.45 -33.45 -29.64
CA GLN D 420 -8.86 -32.26 -28.91
C GLN D 420 -9.07 -31.02 -29.79
N MET D 421 -8.50 -31.03 -30.98
CA MET D 421 -8.62 -29.86 -31.86
C MET D 421 -9.76 -30.00 -32.87
N TRP D 422 -10.18 -31.23 -33.21
CA TRP D 422 -11.47 -31.34 -33.88
C TRP D 422 -12.62 -30.85 -33.00
N ASP D 423 -12.60 -31.23 -31.73
CA ASP D 423 -13.73 -30.93 -30.85
C ASP D 423 -13.92 -29.42 -30.66
N GLY D 424 -12.83 -28.69 -30.43
CA GLY D 424 -12.95 -27.26 -30.23
C GLY D 424 -13.18 -26.52 -31.53
N GLY D 425 -12.27 -26.68 -32.49
CA GLY D 425 -12.46 -26.08 -33.80
C GLY D 425 -11.79 -24.75 -33.99
N PHE D 426 -10.52 -24.63 -33.57
CA PHE D 426 -9.74 -23.40 -33.75
C PHE D 426 -10.43 -22.19 -33.13
N GLN D 427 -11.18 -22.41 -32.06
CA GLN D 427 -11.80 -21.32 -31.33
C GLN D 427 -11.83 -21.72 -29.87
N ASP D 428 -11.17 -20.92 -29.03
CA ASP D 428 -10.95 -21.14 -27.61
C ASP D 428 -10.03 -22.34 -27.35
N TYR D 429 -9.63 -23.06 -28.40
CA TYR D 429 -8.53 -24.01 -28.26
C TYR D 429 -7.20 -23.30 -28.38
N ILE D 430 -7.10 -22.37 -29.33
CA ILE D 430 -5.89 -21.61 -29.52
C ILE D 430 -5.74 -20.55 -28.45
N HIS D 431 -6.83 -20.21 -27.76
CA HIS D 431 -6.73 -19.27 -26.64
C HIS D 431 -5.86 -19.84 -25.52
N ASP D 432 -6.15 -21.06 -25.09
CA ASP D 432 -5.35 -21.73 -24.07
C ASP D 432 -3.89 -21.77 -24.49
N TRP D 433 -3.02 -21.13 -23.72
CA TRP D 433 -1.64 -21.00 -24.14
C TRP D 433 -0.89 -22.33 -24.11
N TRP D 434 -1.23 -23.22 -23.18
CA TRP D 434 -0.57 -24.52 -23.16
C TRP D 434 -0.85 -25.30 -24.44
N ASN D 435 -2.06 -25.19 -24.99
CA ASN D 435 -2.34 -25.84 -26.25
C ASN D 435 -1.53 -25.22 -27.39
N LEU D 436 -1.32 -23.91 -27.34
CA LEU D 436 -0.46 -23.28 -28.33
C LEU D 436 0.96 -23.83 -28.25
N MET D 437 1.47 -24.00 -27.03
CA MET D 437 2.82 -24.55 -26.88
C MET D 437 2.89 -25.99 -27.36
N ASP D 438 1.84 -26.78 -27.08
CA ASP D 438 1.79 -28.15 -27.61
C ASP D 438 1.85 -28.15 -29.12
N PHE D 439 1.11 -27.23 -29.75
CA PHE D 439 1.12 -27.14 -31.19
C PHE D 439 2.52 -26.84 -31.71
N VAL D 440 3.21 -25.88 -31.10
CA VAL D 440 4.53 -25.49 -31.58
C VAL D 440 5.52 -26.64 -31.43
N MET D 441 5.52 -27.30 -30.27
CA MET D 441 6.50 -28.37 -30.07
C MET D 441 6.18 -29.59 -30.94
N ASN D 442 4.90 -29.88 -31.21
CA ASN D 442 4.59 -30.97 -32.13
C ASN D 442 5.02 -30.62 -33.55
N SER D 443 4.90 -29.35 -33.94
CA SER D 443 5.43 -28.92 -35.24
C SER D 443 6.92 -29.18 -35.33
N LEU D 444 7.65 -28.83 -34.27
CA LEU D 444 9.10 -29.05 -34.29
C LEU D 444 9.44 -30.54 -34.36
N TYR D 445 8.69 -31.37 -33.65
CA TYR D 445 8.96 -32.81 -33.72
C TYR D 445 8.71 -33.36 -35.13
N LEU D 446 7.63 -32.90 -35.78
CA LEU D 446 7.40 -33.32 -37.15
C LEU D 446 8.55 -32.87 -38.05
N ALA D 447 9.01 -31.64 -37.90
CA ALA D 447 10.14 -31.18 -38.71
C ALA D 447 11.40 -31.98 -38.40
N THR D 448 11.51 -32.54 -37.20
CA THR D 448 12.66 -33.38 -36.91
C THR D 448 12.56 -34.73 -37.61
N ILE D 449 11.36 -35.29 -37.70
CA ILE D 449 11.21 -36.56 -38.41
C ILE D 449 11.56 -36.41 -39.88
N SER D 450 11.11 -35.32 -40.50
CA SER D 450 11.27 -35.18 -41.95
C SER D 450 12.67 -34.75 -42.37
N LEU D 451 13.56 -34.43 -41.44
CA LEU D 451 14.96 -34.17 -41.77
C LEU D 451 15.89 -35.32 -41.45
N LYS D 452 15.53 -36.20 -40.51
CA LYS D 452 16.33 -37.39 -40.32
C LYS D 452 16.21 -38.35 -41.50
N ILE D 453 15.16 -38.22 -42.30
CA ILE D 453 15.00 -39.09 -43.47
C ILE D 453 15.74 -38.52 -44.67
N VAL D 454 15.61 -37.21 -44.92
CA VAL D 454 16.29 -36.60 -46.06
C VAL D 454 17.78 -36.87 -45.99
N ALA D 455 18.37 -36.63 -44.82
CA ALA D 455 19.78 -36.91 -44.60
C ALA D 455 20.08 -38.40 -44.61
N TYR D 456 19.07 -39.26 -44.70
CA TYR D 456 19.32 -40.68 -44.85
C TYR D 456 19.36 -41.08 -46.32
N VAL D 457 18.36 -40.69 -47.08
CA VAL D 457 18.28 -41.11 -48.47
C VAL D 457 19.21 -40.29 -49.38
N LYS D 458 19.68 -39.13 -48.93
CA LYS D 458 20.52 -38.30 -49.79
C LYS D 458 21.99 -38.34 -49.41
N TYR D 459 22.33 -38.10 -48.15
CA TYR D 459 23.70 -38.07 -47.70
C TYR D 459 24.07 -39.38 -47.00
N SER D 460 25.35 -39.75 -47.12
CA SER D 460 25.93 -40.92 -46.48
C SER D 460 27.41 -40.94 -46.81
N GLY D 461 28.17 -41.69 -46.01
CA GLY D 461 29.58 -41.86 -46.31
C GLY D 461 30.51 -41.87 -45.11
N CYS D 462 30.01 -41.50 -43.93
CA CYS D 462 30.77 -41.48 -42.69
C CYS D 462 32.00 -40.56 -42.80
N LYS D 463 31.72 -39.28 -43.02
CA LYS D 463 32.71 -38.23 -43.00
C LYS D 463 32.94 -37.78 -41.55
N PRO D 464 34.15 -37.32 -41.21
CA PRO D 464 34.38 -36.79 -39.85
C PRO D 464 33.53 -35.56 -39.56
N ARG D 465 33.14 -35.42 -38.29
CA ARG D 465 32.19 -34.38 -37.91
C ARG D 465 32.77 -32.98 -38.08
N ASP D 466 34.05 -32.80 -37.79
CA ASP D 466 34.62 -31.46 -37.83
C ASP D 466 34.56 -30.88 -39.23
N THR D 467 34.85 -31.69 -40.24
CA THR D 467 34.90 -31.21 -41.61
C THR D 467 33.57 -31.40 -42.36
N TRP D 468 32.49 -31.02 -41.71
CA TRP D 468 31.19 -30.97 -42.38
C TRP D 468 31.01 -29.55 -42.89
N GLU D 469 29.82 -29.24 -43.39
CA GLU D 469 29.54 -27.91 -43.87
C GLU D 469 28.18 -27.48 -43.33
N MET D 470 28.05 -26.18 -43.06
CA MET D 470 26.85 -25.66 -42.41
C MET D 470 25.59 -26.05 -43.19
N TRP D 471 24.46 -26.04 -42.50
CA TRP D 471 23.17 -26.39 -43.08
C TRP D 471 23.11 -27.85 -43.52
N HIS D 472 24.09 -28.65 -43.16
CA HIS D 472 23.98 -30.09 -43.35
C HIS D 472 22.78 -30.60 -42.57
N PRO D 473 21.92 -31.42 -43.19
CA PRO D 473 20.61 -31.72 -42.57
C PRO D 473 20.71 -32.32 -41.19
N THR D 474 21.77 -33.07 -40.89
CA THR D 474 21.88 -33.68 -39.58
C THR D 474 22.01 -32.63 -38.48
N LEU D 475 22.80 -31.59 -38.73
CA LEU D 475 22.96 -30.54 -37.73
C LEU D 475 21.64 -29.82 -37.46
N VAL D 476 20.90 -29.50 -38.52
CA VAL D 476 19.64 -28.79 -38.35
C VAL D 476 18.62 -29.69 -37.67
N ALA D 477 18.65 -30.99 -37.95
CA ALA D 477 17.80 -31.92 -37.23
C ALA D 477 18.10 -31.89 -35.74
N GLU D 478 19.39 -31.90 -35.38
CA GLU D 478 19.76 -31.85 -33.97
C GLU D 478 19.32 -30.56 -33.32
N ALA D 479 19.46 -29.44 -34.02
CA ALA D 479 19.07 -28.16 -33.45
C ALA D 479 17.57 -28.10 -33.18
N VAL D 480 16.76 -28.54 -34.14
CA VAL D 480 15.32 -28.53 -33.94
C VAL D 480 14.94 -29.49 -32.81
N PHE D 481 15.62 -30.63 -32.72
CA PHE D 481 15.29 -31.58 -31.66
C PHE D 481 15.57 -30.98 -30.27
N ALA D 482 16.70 -30.26 -30.14
CA ALA D 482 16.99 -29.64 -28.84
C ALA D 482 15.97 -28.56 -28.49
N ILE D 483 15.63 -27.70 -29.44
CA ILE D 483 14.65 -26.66 -29.14
C ILE D 483 13.31 -27.28 -28.80
N ALA D 484 13.01 -28.46 -29.34
CA ALA D 484 11.76 -29.11 -28.96
C ALA D 484 11.83 -29.70 -27.56
N ASN D 485 13.00 -30.21 -27.17
CA ASN D 485 13.17 -30.72 -25.81
C ASN D 485 12.92 -29.63 -24.78
N ILE D 486 13.31 -28.40 -25.09
CA ILE D 486 13.11 -27.33 -24.12
C ILE D 486 11.62 -27.18 -23.81
N PHE D 487 10.78 -27.07 -24.85
CA PHE D 487 9.34 -26.92 -24.64
C PHE D 487 8.74 -28.14 -23.95
N SER D 488 9.16 -29.33 -24.39
CA SER D 488 8.59 -30.55 -23.81
C SER D 488 8.85 -30.62 -22.32
N SER D 489 10.06 -30.26 -21.89
CA SER D 489 10.38 -30.25 -20.47
C SER D 489 9.68 -29.10 -19.76
N LEU D 490 9.45 -27.99 -20.44
CA LEU D 490 8.85 -26.84 -19.81
C LEU D 490 7.37 -27.06 -19.52
N ARG D 491 6.73 -27.97 -20.25
CA ARG D 491 5.31 -28.22 -20.02
C ARG D 491 5.02 -28.82 -18.64
N LEU D 492 6.03 -29.11 -17.85
CA LEU D 492 5.87 -29.74 -16.54
C LEU D 492 5.42 -28.74 -15.48
N ILE D 493 5.38 -27.45 -15.80
CA ILE D 493 4.86 -26.47 -14.85
C ILE D 493 3.37 -26.63 -14.67
N SER D 494 2.64 -26.95 -15.73
CA SER D 494 1.20 -27.05 -15.65
C SER D 494 0.72 -28.17 -14.76
N LEU D 495 1.62 -29.06 -14.33
CA LEU D 495 1.22 -30.14 -13.45
C LEU D 495 0.80 -29.60 -12.09
N PHE D 496 1.31 -28.44 -11.71
CA PHE D 496 1.17 -27.95 -10.35
C PHE D 496 0.09 -26.87 -10.22
N THR D 497 -0.91 -26.89 -11.09
CA THR D 497 -2.14 -26.18 -10.79
C THR D 497 -3.09 -27.03 -9.95
N ALA D 498 -2.76 -28.29 -9.74
CA ALA D 498 -3.55 -29.17 -8.91
C ALA D 498 -3.14 -29.16 -7.46
N ASN D 499 -1.90 -28.75 -7.17
CA ASN D 499 -1.45 -28.58 -5.80
C ASN D 499 -2.14 -27.38 -5.17
N SER D 500 -2.18 -27.36 -3.84
CA SER D 500 -2.82 -26.27 -3.13
C SER D 500 -1.87 -25.13 -2.77
N HIS D 501 -0.56 -25.37 -2.79
CA HIS D 501 0.42 -24.34 -2.46
C HIS D 501 1.06 -23.71 -3.68
N LEU D 502 1.43 -24.50 -4.67
CA LEU D 502 2.08 -23.99 -5.87
C LEU D 502 1.11 -23.52 -6.94
N GLY D 503 -0.17 -23.83 -6.82
CA GLY D 503 -1.14 -23.45 -7.80
C GLY D 503 -1.39 -21.95 -7.88
N PRO D 504 -1.83 -21.34 -6.78
CA PRO D 504 -2.11 -19.91 -6.82
C PRO D 504 -0.91 -19.09 -7.21
N LEU D 505 0.28 -19.48 -6.76
CA LEU D 505 1.48 -18.74 -7.09
C LEU D 505 1.76 -18.80 -8.58
N GLN D 506 1.56 -19.96 -9.20
CA GLN D 506 1.75 -20.10 -10.63
C GLN D 506 0.74 -19.27 -11.42
N ILE D 507 -0.52 -19.26 -10.99
CA ILE D 507 -1.51 -18.45 -11.69
C ILE D 507 -1.13 -16.97 -11.60
N SER D 508 -0.68 -16.54 -10.42
CA SER D 508 -0.28 -15.15 -10.24
C SER D 508 0.93 -14.80 -11.10
N LEU D 509 1.90 -15.70 -11.20
CA LEU D 509 3.02 -15.48 -12.10
C LEU D 509 2.56 -15.36 -13.53
N GLY D 510 1.64 -16.22 -13.95
CA GLY D 510 1.21 -16.20 -15.34
C GLY D 510 0.36 -15.01 -15.69
N ARG D 511 -0.25 -14.36 -14.71
CA ARG D 511 -1.05 -13.17 -14.99
C ARG D 511 -0.20 -11.92 -15.13
N MET D 512 1.02 -11.92 -14.61
CA MET D 512 1.95 -10.80 -14.77
C MET D 512 2.87 -11.01 -15.96
N LEU D 513 2.31 -11.35 -17.11
CA LEU D 513 3.14 -11.54 -18.29
C LEU D 513 2.65 -10.69 -19.43
N LEU D 514 1.37 -10.37 -19.47
CA LEU D 514 0.93 -9.39 -20.44
C LEU D 514 1.33 -7.98 -20.07
N ASP D 515 1.80 -7.77 -18.85
CA ASP D 515 2.29 -6.47 -18.44
C ASP D 515 3.80 -6.33 -18.60
N ILE D 516 4.51 -7.44 -18.73
CA ILE D 516 5.93 -7.39 -19.02
C ILE D 516 6.19 -7.30 -20.52
N LEU D 517 5.33 -7.86 -21.35
CA LEU D 517 5.55 -7.80 -22.79
C LEU D 517 5.48 -6.38 -23.31
N LYS D 518 4.55 -5.58 -22.81
CA LYS D 518 4.50 -4.18 -23.23
C LYS D 518 5.77 -3.45 -22.87
N PHE D 519 6.29 -3.73 -21.68
CA PHE D 519 7.51 -3.05 -21.26
C PHE D 519 8.69 -3.46 -22.13
N LEU D 520 8.79 -4.75 -22.46
CA LEU D 520 9.86 -5.21 -23.34
C LEU D 520 9.72 -4.61 -24.73
N PHE D 521 8.50 -4.39 -25.20
CA PHE D 521 8.36 -3.72 -26.48
C PHE D 521 8.87 -2.30 -26.42
N ILE D 522 8.64 -1.60 -25.31
CA ILE D 522 9.23 -0.26 -25.21
C ILE D 522 10.74 -0.33 -25.10
N TYR D 523 11.28 -1.39 -24.52
CA TYR D 523 12.73 -1.50 -24.42
C TYR D 523 13.40 -1.77 -25.76
N CYS D 524 12.75 -2.54 -26.64
CA CYS D 524 13.36 -2.84 -27.93
C CYS D 524 13.57 -1.59 -28.77
N LEU D 525 12.71 -0.59 -28.62
CA LEU D 525 12.90 0.67 -29.36
C LEU D 525 14.18 1.36 -28.94
N VAL D 526 14.46 1.40 -27.64
CA VAL D 526 15.70 1.99 -27.13
C VAL D 526 16.89 1.20 -27.63
N LEU D 527 16.79 -0.13 -27.61
CA LEU D 527 17.88 -0.94 -28.12
C LEU D 527 18.17 -0.62 -29.57
N LEU D 528 17.13 -0.52 -30.39
CA LEU D 528 17.33 -0.27 -31.81
C LEU D 528 17.90 1.11 -32.05
N ALA D 529 17.44 2.11 -31.29
CA ALA D 529 17.96 3.47 -31.46
C ALA D 529 19.45 3.52 -31.15
N PHE D 530 19.87 2.93 -30.05
CA PHE D 530 21.28 3.01 -29.71
C PHE D 530 22.13 2.14 -30.61
N ALA D 531 21.59 1.04 -31.14
CA ALA D 531 22.35 0.26 -32.12
C ALA D 531 22.55 1.03 -33.40
N ASN D 532 21.50 1.68 -33.88
CA ASN D 532 21.63 2.52 -35.05
C ASN D 532 22.68 3.61 -34.82
N GLY D 533 22.71 4.19 -33.63
CA GLY D 533 23.72 5.20 -33.35
C GLY D 533 25.13 4.65 -33.33
N LEU D 534 25.33 3.52 -32.66
CA LEU D 534 26.68 2.98 -32.46
C LEU D 534 27.26 2.31 -33.69
N ASN D 535 26.43 1.85 -34.61
CA ASN D 535 26.97 1.24 -35.81
C ASN D 535 27.44 2.27 -36.81
N GLN D 536 26.82 3.45 -36.80
CA GLN D 536 27.22 4.52 -37.70
C GLN D 536 28.63 5.02 -37.41
N LEU D 537 29.07 4.91 -36.16
CA LEU D 537 30.36 5.46 -35.77
C LEU D 537 31.51 4.52 -36.05
N TYR D 538 31.32 3.22 -35.87
CA TYR D 538 32.42 2.26 -35.88
C TYR D 538 32.52 1.44 -37.15
N PHE D 539 31.68 1.65 -38.14
CA PHE D 539 31.66 0.73 -39.26
C PHE D 539 32.80 0.97 -40.25
N TYR D 540 33.61 1.99 -40.06
CA TYR D 540 34.77 2.23 -40.89
C TYR D 540 36.02 1.49 -40.41
N TYR D 541 35.93 0.75 -39.31
CA TYR D 541 37.11 0.19 -38.67
C TYR D 541 37.04 -1.33 -38.63
N GLU D 542 36.36 -1.95 -39.58
CA GLU D 542 36.22 -3.40 -39.63
C GLU D 542 37.55 -4.01 -40.03
N ASN D 543 38.48 -4.07 -39.08
CA ASN D 543 39.80 -4.59 -39.40
C ASN D 543 39.73 -6.06 -39.78
N SER D 544 39.38 -6.92 -38.82
CA SER D 544 39.37 -8.37 -39.03
C SER D 544 40.67 -8.86 -39.67
N GLU D 545 41.79 -8.36 -39.16
CA GLU D 545 43.08 -8.55 -39.81
C GLU D 545 43.78 -9.76 -39.22
N GLY D 546 43.73 -10.89 -39.93
CA GLY D 546 44.41 -12.09 -39.50
C GLY D 546 43.87 -12.64 -38.19
N MET D 547 42.56 -12.60 -38.02
CA MET D 547 41.91 -13.07 -36.80
C MET D 547 41.26 -14.42 -37.09
N THR D 548 41.61 -15.44 -36.30
CA THR D 548 40.95 -16.73 -36.44
C THR D 548 39.47 -16.63 -36.16
N CYS D 549 39.11 -15.96 -35.07
CA CYS D 549 37.72 -15.78 -34.67
C CYS D 549 37.42 -14.29 -34.58
N LYS D 550 36.24 -13.90 -35.04
CA LYS D 550 35.80 -12.52 -34.97
C LYS D 550 34.40 -12.45 -34.37
N GLY D 551 34.14 -11.38 -33.64
CA GLY D 551 32.87 -11.22 -32.97
C GLY D 551 33.06 -11.00 -31.49
N ILE D 552 31.98 -11.13 -30.72
CA ILE D 552 32.07 -10.99 -29.28
C ILE D 552 32.06 -12.33 -28.57
N ARG D 553 31.71 -13.40 -29.25
CA ARG D 553 31.72 -14.72 -28.61
C ARG D 553 33.06 -15.41 -28.80
N CYS D 554 34.14 -14.71 -28.50
CA CYS D 554 35.47 -15.29 -28.54
C CYS D 554 36.26 -14.76 -27.34
N GLU D 555 37.41 -15.36 -27.10
CA GLU D 555 38.16 -15.05 -25.87
C GLU D 555 38.64 -13.60 -25.88
N ARG D 556 39.15 -13.14 -27.01
CA ARG D 556 39.52 -11.75 -27.19
C ARG D 556 38.46 -11.12 -28.08
N GLN D 557 37.57 -10.34 -27.47
CA GLN D 557 36.44 -9.80 -28.20
C GLN D 557 36.88 -8.70 -29.13
N ASN D 558 36.30 -8.68 -30.33
CA ASN D 558 36.70 -7.74 -31.36
C ASN D 558 35.54 -7.53 -32.31
N ASN D 559 35.57 -6.40 -33.01
CA ASN D 559 34.54 -6.07 -34.00
C ASN D 559 33.16 -6.11 -33.38
N ALA D 560 33.01 -5.45 -32.23
CA ALA D 560 31.74 -5.52 -31.53
C ALA D 560 30.69 -4.61 -32.14
N PHE D 561 31.08 -3.62 -32.93
CA PHE D 561 30.11 -2.69 -33.50
C PHE D 561 30.28 -2.53 -35.00
N SER D 562 30.83 -3.54 -35.68
CA SER D 562 31.16 -3.39 -37.08
C SER D 562 29.97 -3.62 -38.00
N THR D 563 28.99 -4.40 -37.58
CA THR D 563 27.79 -4.63 -38.37
C THR D 563 26.58 -4.45 -37.48
N LEU D 564 25.41 -4.32 -38.10
CA LEU D 564 24.20 -4.10 -37.32
C LEU D 564 23.87 -5.30 -36.45
N PHE D 565 24.07 -6.51 -36.98
CA PHE D 565 23.73 -7.70 -36.22
C PHE D 565 24.63 -7.84 -35.00
N GLU D 566 25.94 -7.72 -35.18
CA GLU D 566 26.85 -7.71 -34.04
C GLU D 566 26.54 -6.58 -33.08
N THR D 567 26.06 -5.45 -33.58
CA THR D 567 25.75 -4.35 -32.67
C THR D 567 24.57 -4.68 -31.79
N LEU D 568 23.53 -5.27 -32.35
CA LEU D 568 22.41 -5.70 -31.51
C LEU D 568 22.85 -6.74 -30.50
N GLN D 569 23.68 -7.69 -30.91
CA GLN D 569 24.14 -8.72 -29.98
C GLN D 569 24.99 -8.12 -28.86
N SER D 570 25.86 -7.17 -29.19
CA SER D 570 26.67 -6.54 -28.16
C SER D 570 25.81 -5.75 -27.19
N LEU D 571 24.80 -5.04 -27.70
CA LEU D 571 23.97 -4.27 -26.80
C LEU D 571 23.04 -5.15 -25.99
N PHE D 572 22.82 -6.40 -26.40
CA PHE D 572 21.99 -7.29 -25.59
C PHE D 572 22.78 -7.96 -24.48
N TRP D 573 23.98 -8.44 -24.77
CA TRP D 573 24.74 -9.16 -23.77
C TRP D 573 25.35 -8.27 -22.73
N SER D 574 25.14 -6.96 -22.78
CA SER D 574 25.64 -6.07 -21.76
C SER D 574 24.59 -5.77 -20.70
N ILE D 575 23.38 -6.30 -20.84
CA ILE D 575 22.44 -6.26 -19.75
C ILE D 575 22.93 -7.13 -18.62
N PHE D 576 23.75 -8.14 -18.93
CA PHE D 576 24.26 -9.07 -17.94
C PHE D 576 25.74 -8.91 -17.68
N GLY D 577 26.37 -7.90 -18.26
CA GLY D 577 27.73 -7.57 -17.94
C GLY D 577 28.76 -8.44 -18.60
N LEU D 578 28.46 -9.00 -19.77
CA LEU D 578 29.36 -9.95 -20.42
C LEU D 578 30.08 -9.35 -21.60
N ILE D 579 30.09 -8.03 -21.75
CA ILE D 579 30.82 -7.36 -22.81
C ILE D 579 31.87 -6.49 -22.15
N SER D 580 33.14 -6.77 -22.44
CA SER D 580 34.24 -6.05 -21.83
C SER D 580 34.30 -4.63 -22.37
N LEU D 581 35.16 -3.84 -21.76
CA LEU D 581 35.20 -2.42 -22.05
C LEU D 581 36.21 -2.07 -23.12
N TYR D 582 37.13 -2.94 -23.44
CA TYR D 582 38.11 -2.65 -24.46
C TYR D 582 37.59 -2.83 -25.87
N VAL D 583 36.30 -3.15 -26.03
CA VAL D 583 35.72 -3.26 -27.36
C VAL D 583 35.44 -1.90 -27.96
N THR D 584 35.58 -0.82 -27.20
CA THR D 584 35.43 0.53 -27.75
C THR D 584 36.78 1.15 -28.09
N ASN D 585 37.63 0.41 -28.78
CA ASN D 585 38.91 0.90 -29.26
C ASN D 585 39.10 0.53 -30.71
N VAL D 586 39.83 1.37 -31.43
CA VAL D 586 40.19 1.15 -32.82
C VAL D 586 41.71 1.07 -32.90
N LYS D 587 42.20 0.48 -34.00
CA LYS D 587 43.64 0.34 -34.17
C LYS D 587 44.33 1.66 -34.42
N ALA D 588 43.60 2.70 -34.80
CA ALA D 588 44.17 4.02 -34.99
C ALA D 588 44.39 4.69 -33.63
N ASP D 589 44.64 5.99 -33.63
CA ASP D 589 44.87 6.73 -32.41
C ASP D 589 43.92 7.91 -32.32
N HIS D 590 42.65 7.66 -32.57
CA HIS D 590 41.63 8.71 -32.59
C HIS D 590 40.96 8.78 -31.23
N LYS D 591 41.53 9.56 -30.32
CA LYS D 591 40.90 9.71 -29.01
C LYS D 591 39.80 10.76 -29.07
N PHE D 592 38.96 10.71 -30.06
CA PHE D 592 37.71 11.43 -30.00
C PHE D 592 36.54 10.56 -30.41
N THR D 593 36.72 9.69 -31.39
CA THR D 593 35.68 8.71 -31.67
C THR D 593 35.62 7.65 -30.59
N GLU D 594 36.77 7.28 -30.02
CA GLU D 594 36.79 6.36 -28.91
C GLU D 594 36.17 6.95 -27.66
N PHE D 595 35.98 8.25 -27.59
CA PHE D 595 35.28 8.83 -26.45
C PHE D 595 33.79 8.96 -26.72
N VAL D 596 33.41 9.29 -27.95
CA VAL D 596 32.00 9.34 -28.29
C VAL D 596 31.39 7.95 -28.23
N GLY D 597 32.13 6.94 -28.66
CA GLY D 597 31.62 5.58 -28.57
C GLY D 597 31.45 5.10 -27.14
N ALA D 598 32.42 5.40 -26.29
CA ALA D 598 32.29 5.01 -24.90
C ALA D 598 31.17 5.76 -24.21
N THR D 599 30.92 7.01 -24.58
CA THR D 599 29.80 7.74 -24.00
C THR D 599 28.46 7.20 -24.48
N MET D 600 28.36 6.78 -25.74
CA MET D 600 27.14 6.12 -26.21
C MET D 600 26.89 4.83 -25.45
N PHE D 601 27.93 4.02 -25.30
CA PHE D 601 27.79 2.78 -24.54
C PHE D 601 27.39 3.05 -23.10
N GLY D 602 28.00 4.05 -22.47
CA GLY D 602 27.66 4.36 -21.09
C GLY D 602 26.24 4.88 -20.93
N THR D 603 25.79 5.71 -21.86
CA THR D 603 24.42 6.20 -21.79
C THR D 603 23.43 5.08 -21.96
N TYR D 604 23.72 4.14 -22.87
CA TYR D 604 22.83 3.00 -23.00
C TYR D 604 22.77 2.20 -21.71
N ASN D 605 23.92 1.99 -21.07
CA ASN D 605 23.92 1.25 -19.81
C ASN D 605 23.10 1.95 -18.74
N VAL D 606 23.23 3.26 -18.63
CA VAL D 606 22.46 3.99 -17.62
C VAL D 606 20.97 3.92 -17.91
N ILE D 607 20.58 4.12 -19.17
CA ILE D 607 19.15 4.09 -19.49
C ILE D 607 18.58 2.71 -19.29
N SER D 608 19.35 1.66 -19.56
CA SER D 608 18.82 0.31 -19.54
C SER D 608 18.86 -0.36 -18.19
N LEU D 609 19.84 -0.07 -17.34
CA LEU D 609 20.04 -0.82 -16.11
C LEU D 609 19.78 -0.01 -14.84
N VAL D 610 19.48 1.27 -14.97
CA VAL D 610 19.17 2.11 -13.82
C VAL D 610 17.85 2.82 -13.96
N VAL D 611 17.29 2.93 -15.16
CA VAL D 611 16.01 3.56 -15.36
C VAL D 611 14.95 2.54 -15.75
N LEU D 612 15.14 1.82 -16.84
CA LEU D 612 14.09 0.92 -17.29
C LEU D 612 13.91 -0.30 -16.39
N LEU D 613 14.96 -0.81 -15.77
CA LEU D 613 14.77 -1.99 -14.95
C LEU D 613 13.98 -1.68 -13.69
N ASN D 614 14.29 -0.57 -13.04
CA ASN D 614 13.58 -0.23 -11.82
C ASN D 614 12.15 0.18 -12.09
N MET D 615 11.85 0.74 -13.26
CA MET D 615 10.45 0.97 -13.59
C MET D 615 9.71 -0.33 -13.83
N LEU D 616 10.39 -1.33 -14.38
CA LEU D 616 9.75 -2.64 -14.49
C LEU D 616 9.43 -3.20 -13.11
N ILE D 617 10.35 -3.03 -12.16
CA ILE D 617 10.09 -3.51 -10.80
C ILE D 617 8.92 -2.77 -10.17
N ALA D 618 8.86 -1.45 -10.34
CA ALA D 618 7.75 -0.68 -9.79
C ALA D 618 6.41 -1.09 -10.41
N MET D 619 6.37 -1.27 -11.73
CA MET D 619 5.15 -1.75 -12.38
C MET D 619 4.73 -3.10 -11.84
N MET D 620 5.66 -4.03 -11.70
CA MET D 620 5.28 -5.35 -11.23
C MET D 620 4.78 -5.31 -9.79
N ASN D 621 5.41 -4.51 -8.93
CA ASN D 621 4.90 -4.39 -7.57
C ASN D 621 3.49 -3.83 -7.56
N ASN D 622 3.22 -2.82 -8.39
CA ASN D 622 1.89 -2.22 -8.36
C ASN D 622 0.84 -3.13 -8.97
N SER D 623 1.22 -3.99 -9.91
CA SER D 623 0.25 -4.90 -10.50
C SER D 623 -0.10 -6.07 -9.58
N TYR D 624 0.88 -6.57 -8.84
CA TYR D 624 0.69 -7.77 -8.03
C TYR D 624 -0.34 -7.58 -6.93
N GLN D 625 -0.59 -6.36 -6.49
CA GLN D 625 -1.58 -6.16 -5.44
C GLN D 625 -3.00 -6.24 -6.00
N HIS D 626 -3.22 -5.75 -7.21
CA HIS D 626 -4.52 -5.85 -7.84
C HIS D 626 -4.82 -7.25 -8.33
N ILE D 627 -3.85 -8.14 -8.31
CA ILE D 627 -4.04 -9.53 -8.70
C ILE D 627 -4.31 -10.42 -7.51
N ALA D 628 -3.58 -10.23 -6.43
CA ALA D 628 -3.66 -11.16 -5.31
C ALA D 628 -4.95 -11.04 -4.51
N ASP D 629 -6.01 -10.38 -5.00
CA ASP D 629 -7.31 -10.42 -4.35
C ASP D 629 -8.22 -11.48 -4.95
N HIS D 630 -8.52 -11.36 -6.25
CA HIS D 630 -9.10 -12.47 -7.01
C HIS D 630 -7.99 -13.40 -7.47
N ALA D 631 -7.45 -14.15 -6.52
CA ALA D 631 -6.43 -15.14 -6.83
C ALA D 631 -6.93 -16.56 -6.62
N ASP D 632 -7.64 -16.80 -5.52
CA ASP D 632 -8.18 -18.13 -5.27
C ASP D 632 -9.35 -18.46 -6.20
N ILE D 633 -10.15 -17.48 -6.57
CA ILE D 633 -11.19 -17.72 -7.56
C ILE D 633 -10.57 -18.20 -8.86
N GLU D 634 -9.53 -17.51 -9.32
CA GLU D 634 -8.86 -17.89 -10.56
C GLU D 634 -8.25 -19.28 -10.45
N TRP D 635 -7.58 -19.55 -9.33
CA TRP D 635 -6.95 -20.86 -9.20
C TRP D 635 -7.97 -21.98 -9.18
N LYS D 636 -9.08 -21.80 -8.48
CA LYS D 636 -10.07 -22.88 -8.46
C LYS D 636 -10.74 -23.04 -9.81
N PHE D 637 -10.94 -21.96 -10.55
CA PHE D 637 -11.50 -22.11 -11.90
C PHE D 637 -10.55 -22.91 -12.79
N ALA D 638 -9.24 -22.65 -12.69
CA ALA D 638 -8.28 -23.42 -13.47
C ALA D 638 -8.22 -24.88 -13.05
N ARG D 639 -8.22 -25.14 -11.75
CA ARG D 639 -8.21 -26.52 -11.28
C ARG D 639 -9.46 -27.26 -11.70
N THR D 640 -10.61 -26.59 -11.71
CA THR D 640 -11.83 -27.21 -12.17
C THR D 640 -11.75 -27.59 -13.64
N LYS D 641 -11.17 -26.72 -14.47
CA LYS D 641 -11.01 -27.13 -15.87
C LYS D 641 -10.09 -28.34 -15.99
N LEU D 642 -8.98 -28.34 -15.25
CA LEU D 642 -8.10 -29.50 -15.26
C LEU D 642 -8.85 -30.78 -14.90
N TRP D 643 -9.64 -30.75 -13.83
CA TRP D 643 -10.39 -31.93 -13.44
C TRP D 643 -11.41 -32.34 -14.49
N MET D 644 -12.21 -31.41 -14.97
CA MET D 644 -13.24 -31.74 -15.95
C MET D 644 -12.65 -32.37 -17.20
N SER D 645 -11.39 -32.08 -17.51
CA SER D 645 -10.85 -32.76 -18.68
C SER D 645 -10.68 -34.28 -18.49
N TYR D 646 -10.86 -34.82 -17.27
CA TYR D 646 -10.65 -36.23 -17.00
C TYR D 646 -11.90 -36.93 -16.51
N PHE D 647 -13.08 -36.39 -16.79
CA PHE D 647 -14.32 -36.98 -16.31
C PHE D 647 -15.00 -37.84 -17.35
N GLU D 648 -14.50 -37.87 -18.56
CA GLU D 648 -15.15 -38.55 -19.67
C GLU D 648 -14.27 -39.69 -20.16
N GLU D 649 -14.88 -40.62 -20.87
CA GLU D 649 -14.17 -41.78 -21.40
C GLU D 649 -13.67 -41.55 -22.82
N GLY D 650 -13.04 -40.40 -23.05
CA GLY D 650 -12.53 -40.10 -24.37
C GLY D 650 -11.11 -40.56 -24.61
N GLY D 651 -10.17 -40.10 -23.78
CA GLY D 651 -8.80 -40.55 -23.87
C GLY D 651 -8.61 -41.83 -23.09
N THR D 652 -8.78 -41.72 -21.77
CA THR D 652 -8.80 -42.86 -20.86
C THR D 652 -7.60 -43.79 -21.08
N LEU D 653 -6.54 -43.28 -21.70
CA LEU D 653 -5.49 -44.20 -22.08
C LEU D 653 -4.25 -43.41 -22.49
N PRO D 654 -3.11 -43.66 -21.85
CA PRO D 654 -1.92 -42.82 -22.07
C PRO D 654 -1.34 -43.04 -23.46
N PRO D 655 -0.56 -42.07 -23.96
CA PRO D 655 -0.12 -42.10 -25.37
C PRO D 655 0.69 -43.32 -25.76
N PRO D 656 1.59 -43.85 -24.91
CA PRO D 656 2.41 -44.99 -25.39
C PRO D 656 1.56 -46.15 -25.86
N PHE D 657 0.51 -46.48 -25.13
CA PHE D 657 -0.47 -47.49 -25.54
C PHE D 657 -1.73 -46.84 -26.09
N ASN D 658 -1.58 -46.08 -27.16
CA ASN D 658 -2.71 -45.33 -27.70
C ASN D 658 -2.81 -45.38 -29.22
N ILE D 659 -1.97 -46.14 -29.91
CA ILE D 659 -2.05 -46.25 -31.35
C ILE D 659 -2.03 -47.70 -31.78
N ALA D 696 -41.39 -36.97 -19.39
CA ALA D 696 -40.50 -37.48 -20.42
C ALA D 696 -39.08 -37.62 -19.88
N GLU D 697 -38.14 -37.94 -20.77
CA GLU D 697 -36.74 -37.95 -20.37
C GLU D 697 -36.29 -36.57 -19.92
N ASN D 698 -36.93 -35.52 -20.43
CA ASN D 698 -36.67 -34.16 -20.00
C ASN D 698 -37.88 -33.46 -19.41
N VAL D 699 -39.06 -33.64 -20.01
CA VAL D 699 -40.23 -32.84 -19.64
C VAL D 699 -40.64 -33.12 -18.20
N ARG D 700 -40.49 -34.36 -17.75
CA ARG D 700 -40.73 -34.66 -16.34
C ARG D 700 -39.77 -33.88 -15.45
N LEU D 701 -38.50 -33.80 -15.85
CA LEU D 701 -37.49 -33.14 -15.04
C LEU D 701 -37.68 -31.63 -14.99
N ASN D 702 -38.34 -31.03 -15.98
CA ASN D 702 -38.62 -29.61 -15.89
C ASN D 702 -39.51 -29.29 -14.70
N HIS D 703 -40.37 -30.22 -14.29
CA HIS D 703 -41.19 -29.98 -13.10
C HIS D 703 -40.32 -29.79 -11.87
N GLN D 704 -39.41 -30.73 -11.62
CA GLN D 704 -38.56 -30.60 -10.44
C GLN D 704 -37.65 -29.39 -10.55
N TYR D 705 -37.14 -29.13 -11.74
CA TYR D 705 -36.26 -27.97 -11.91
C TYR D 705 -37.01 -26.66 -11.68
N GLN D 706 -38.25 -26.57 -12.14
CA GLN D 706 -39.03 -25.36 -11.92
C GLN D 706 -39.38 -25.19 -10.45
N GLU D 707 -39.69 -26.30 -9.76
CA GLU D 707 -39.95 -26.22 -8.34
C GLU D 707 -38.71 -25.71 -7.59
N VAL D 708 -37.54 -26.22 -7.98
CA VAL D 708 -36.30 -25.78 -7.35
C VAL D 708 -36.04 -24.31 -7.62
N LEU D 709 -36.23 -23.85 -8.86
CA LEU D 709 -36.03 -22.43 -9.12
C LEU D 709 -36.99 -21.57 -8.34
N ARG D 710 -38.24 -21.99 -8.22
CA ARG D 710 -39.18 -21.16 -7.48
C ARG D 710 -38.73 -21.00 -6.04
N ASN D 711 -38.30 -22.10 -5.41
CA ASN D 711 -37.81 -21.98 -4.04
C ASN D 711 -36.55 -21.13 -3.95
N LEU D 712 -35.63 -21.28 -4.90
CA LEU D 712 -34.40 -20.49 -4.86
C LEU D 712 -34.68 -19.01 -5.02
N VAL D 713 -35.56 -18.65 -5.96
CA VAL D 713 -35.88 -17.24 -6.17
C VAL D 713 -36.57 -16.67 -4.96
N LYS D 714 -37.50 -17.42 -4.36
CA LYS D 714 -38.18 -16.94 -3.18
C LYS D 714 -37.20 -16.69 -2.04
N ARG D 715 -36.27 -17.62 -1.83
CA ARG D 715 -35.28 -17.45 -0.77
C ARG D 715 -34.38 -16.26 -1.04
N TYR D 716 -33.94 -16.08 -2.29
CA TYR D 716 -33.09 -14.94 -2.61
C TYR D 716 -33.81 -13.63 -2.38
N VAL D 717 -35.06 -13.52 -2.83
CA VAL D 717 -35.80 -12.28 -2.61
C VAL D 717 -35.93 -12.01 -1.13
N ALA D 718 -36.29 -13.02 -0.34
CA ALA D 718 -36.46 -12.80 1.09
C ALA D 718 -35.15 -12.43 1.77
N ALA D 719 -34.03 -12.96 1.31
CA ALA D 719 -32.80 -12.80 2.05
C ALA D 719 -32.00 -11.57 1.64
N MET D 720 -31.92 -11.29 0.35
CA MET D 720 -31.02 -10.25 -0.14
C MET D 720 -31.70 -8.90 -0.33
N ILE D 721 -32.81 -8.86 -1.06
CA ILE D 721 -33.44 -7.59 -1.39
C ILE D 721 -34.59 -7.25 -0.46
N ARG D 722 -34.70 -7.94 0.68
CA ARG D 722 -35.67 -7.54 1.70
C ARG D 722 -35.09 -7.52 3.10
N ASP D 723 -34.08 -8.31 3.40
CA ASP D 723 -33.53 -8.43 4.73
C ASP D 723 -32.17 -7.77 4.87
N ALA D 724 -31.55 -7.39 3.77
CA ALA D 724 -30.31 -6.63 3.78
C ALA D 724 -30.48 -5.24 3.23
N LYS D 725 -31.72 -4.79 3.05
CA LYS D 725 -31.98 -3.39 2.78
C LYS D 725 -32.29 -2.61 4.05
N THR D 726 -32.63 -3.31 5.13
CA THR D 726 -32.86 -2.69 6.43
C THR D 726 -31.59 -2.61 7.26
N GLU D 727 -30.42 -2.62 6.62
CA GLU D 727 -29.16 -2.46 7.31
C GLU D 727 -28.31 -1.34 6.70
N GLU D 728 -28.93 -0.44 5.94
CA GLU D 728 -28.23 0.70 5.37
C GLU D 728 -28.10 1.81 6.41
N GLY D 729 -27.44 2.91 6.02
CA GLY D 729 -27.22 4.02 6.93
C GLY D 729 -28.26 5.12 6.82
N LEU D 730 -28.13 6.11 7.72
CA LEU D 730 -29.07 7.22 7.78
C LEU D 730 -28.44 8.48 7.22
N THR D 731 -29.28 9.34 6.66
CA THR D 731 -28.84 10.58 6.01
C THR D 731 -29.77 11.71 6.47
N GLU D 732 -29.71 12.83 5.76
CA GLU D 732 -30.49 14.01 6.16
C GLU D 732 -31.97 13.86 5.84
N GLU D 733 -32.31 13.08 4.81
CA GLU D 733 -33.73 12.94 4.48
C GLU D 733 -34.49 12.27 5.61
N ASN D 734 -33.87 11.28 6.25
CA ASN D 734 -34.51 10.64 7.39
C ASN D 734 -34.75 11.62 8.51
N PHE D 735 -33.78 12.50 8.78
CA PHE D 735 -33.95 13.48 9.85
C PHE D 735 -35.07 14.45 9.53
N LYS D 736 -35.16 14.92 8.28
CA LYS D 736 -36.25 15.82 7.95
C LYS D 736 -37.60 15.14 8.04
N GLU D 737 -37.67 13.88 7.63
CA GLU D 737 -38.91 13.10 7.79
C GLU D 737 -39.34 13.06 9.25
N LEU D 738 -38.41 12.70 10.13
CA LEU D 738 -38.73 12.52 11.54
C LEU D 738 -39.09 13.85 12.20
N LYS D 739 -38.51 14.95 11.74
CA LYS D 739 -38.90 16.25 12.27
C LYS D 739 -40.29 16.66 11.77
N GLN D 740 -40.61 16.37 10.52
CA GLN D 740 -41.90 16.75 9.97
C GLN D 740 -43.04 15.96 10.62
N ASP D 741 -42.79 14.69 10.98
CA ASP D 741 -43.81 13.92 11.70
C ASP D 741 -44.24 14.63 12.97
N ILE D 742 -43.26 15.06 13.78
CA ILE D 742 -43.56 15.74 15.03
C ILE D 742 -44.26 17.08 14.76
N SER D 743 -43.83 17.79 13.72
CA SER D 743 -44.46 19.07 13.41
C SER D 743 -45.94 18.89 13.10
N SER D 744 -46.27 17.94 12.23
CA SER D 744 -47.67 17.74 11.87
C SER D 744 -48.49 17.27 13.06
N PHE D 745 -47.93 16.37 13.87
CA PHE D 745 -48.62 15.95 15.09
C PHE D 745 -48.94 17.13 15.98
N ARG D 746 -47.97 18.00 16.21
CA ARG D 746 -48.19 19.16 17.08
C ARG D 746 -49.28 20.05 16.54
N TYR D 747 -49.24 20.33 15.24
CA TYR D 747 -50.25 21.22 14.66
C TYR D 747 -51.64 20.61 14.82
N GLU D 748 -51.78 19.32 14.53
CA GLU D 748 -53.10 18.70 14.61
C GLU D 748 -53.64 18.72 16.03
N VAL D 749 -52.80 18.38 17.01
CA VAL D 749 -53.27 18.36 18.39
C VAL D 749 -53.65 19.76 18.85
N ILE D 750 -52.80 20.74 18.56
CA ILE D 750 -53.10 22.11 18.98
C ILE D 750 -54.43 22.57 18.38
N GLY D 751 -54.64 22.28 17.09
CA GLY D 751 -55.93 22.62 16.50
C GLY D 751 -57.09 21.83 17.07
N MET D 752 -56.82 20.64 17.58
CA MET D 752 -57.88 19.81 18.16
C MET D 752 -58.29 20.30 19.53
N MET D 753 -57.37 20.91 20.27
CA MET D 753 -57.69 21.48 21.58
C MET D 753 -58.16 22.92 21.49
N LYS D 754 -58.29 23.47 20.29
CA LYS D 754 -58.75 24.84 20.12
C LYS D 754 -59.68 24.95 18.91
C13 SKQ E . 9.89 13.57 -37.14
C17 SKQ E . 5.89 12.18 -37.26
C20 SKQ E . 5.65 9.90 -35.17
C21 SKQ E . 6.85 10.95 -35.11
C02 SKQ E . 7.67 14.74 -35.66
C03 SKQ E . 9.11 15.55 -35.78
C05 SKQ E . 11.66 15.40 -36.42
C06 SKQ E . 12.87 14.45 -36.47
C08 SKQ E . 14.32 15.04 -36.44
C11 SKQ E . 11.89 16.96 -36.33
C14 SKQ E . 9.08 12.63 -36.19
C16 SKQ E . 6.47 12.36 -35.78
C18 SKQ E . 4.67 11.14 -37.30
C19 SKQ E . 5.08 9.73 -36.66
N04 SKQ E . 10.25 14.85 -36.45
N09 SKQ E . 14.54 16.57 -36.37
N10 SKQ E . 13.32 17.53 -36.31
N15 SKQ E . 7.71 13.22 -35.87
O01 SKQ E . 6.62 15.33 -35.39
O12 SKQ E . 15.30 14.28 -36.49
CL1 SKQ E . 12.61 12.61 -36.57
CA CA F . 8.17 19.31 -33.14
P1 LPP G . 33.70 7.43 -20.74
O2 LPP G . 34.65 6.54 -21.50
O3 LPP G . 34.38 7.93 -19.51
O4 LPP G . 33.29 8.60 -21.56
O5 LPP G . 32.38 6.62 -20.26
C6 LPP G . 31.18 7.31 -20.40
C7 LPP G . 31.10 8.25 -19.22
C8 LPP G . 31.39 9.68 -19.64
O9 LPP G . 29.87 8.11 -18.58
O27 LPP G . 32.67 9.99 -19.17
C11 LPP G . 28.73 8.57 -19.22
O10 LPP G . 28.57 8.37 -20.36
C12 LPP G . 27.67 9.31 -18.45
C13 LPP G . 26.30 9.07 -19.08
C14 LPP G . 25.18 9.56 -18.18
C15 LPP G . 23.83 9.53 -18.89
C16 LPP G . 22.70 9.99 -17.98
C17 LPP G . 21.32 9.83 -18.64
C18 LPP G . 20.19 10.24 -17.70
C19 LPP G . 18.91 9.44 -17.91
C20 LPP G . 17.77 10.30 -18.44
C21 LPP G . 16.46 9.53 -18.56
C22 LPP G . 16.25 8.94 -19.95
C23 LPP G . 14.79 8.64 -20.26
C24 LPP G . 14.58 7.40 -21.12
C25 LPP G . 14.54 7.73 -22.62
C26 LPP G . 13.64 6.76 -23.38
C29 LPP G . 32.68 10.81 -18.04
O28 LPP G . 32.79 11.97 -18.17
C30 LPP G . 32.55 10.22 -16.64
C31 LPP G . 31.77 11.12 -15.70
C32 LPP G . 30.29 10.77 -15.69
C33 LPP G . 29.74 10.58 -14.28
C34 LPP G . 28.48 11.38 -14.06
C35 LPP G . 27.33 10.53 -13.52
C36 LPP G . 26.22 10.35 -14.55
C37 LPP G . 24.99 9.66 -13.96
C38 LPP G . 25.37 8.43 -13.15
C39 LPP G . 24.14 7.59 -12.81
C40 LPP G . 24.50 6.30 -12.11
C41 LPP G . 23.30 5.72 -11.39
C42 LPP G . 23.70 4.84 -10.21
C43 LPP G . 22.76 4.96 -9.01
C44 LPP G . 23.55 4.89 -7.70
P1 LPP H . 39.96 -4.78 1.13
O2 LPP H . 41.01 -4.84 0.05
O3 LPP H . 39.81 -6.11 1.77
O4 LPP H . 40.35 -3.78 2.19
O5 LPP H . 38.51 -4.36 0.53
C6 LPP H . 37.79 -3.45 1.28
C7 LPP H . 37.16 -4.24 2.41
C8 LPP H . 37.87 -4.00 3.72
O9 LPP H . 35.80 -3.97 2.47
O27 LPP H . 38.63 -5.15 3.99
C11 LPP H . 35.39 -2.72 2.92
O10 LPP H . 35.93 -1.75 2.56
C12 LPP H . 34.22 -2.59 3.86
C13 LPP H . 33.52 -1.26 3.64
C14 LPP H . 32.18 -1.20 4.37
C15 LPP H . 31.57 0.19 4.33
C16 LPP H . 30.21 0.24 5.02
C17 LPP H . 29.53 1.60 4.88
C18 LPP H . 28.15 1.62 5.53
C19 LPP H . 27.17 2.54 4.82
C20 LPP H . 26.76 3.73 5.68
C21 LPP H . 25.69 4.60 5.02
C22 LPP H . 26.29 5.76 4.23
C23 LPP H . 25.30 6.90 4.01
C24 LPP H . 25.46 7.61 2.66
C25 LPP H . 26.41 8.81 2.76
C26 LPP H . 26.02 9.91 1.77
C29 LPP H . 38.08 -5.97 4.97
O28 LPP H . 38.44 -5.86 6.09
C30 LPP H . 37.01 -7.01 4.63
C31 LPP H . 35.98 -7.18 5.73
C32 LPP H . 34.78 -6.27 5.51
C33 LPP H . 33.47 -7.03 5.59
C34 LPP H . 32.48 -6.35 6.53
C35 LPP H . 31.13 -6.09 5.88
C36 LPP H . 30.88 -4.61 5.63
C37 LPP H . 29.46 -4.34 5.15
C38 LPP H . 29.04 -5.29 4.04
C39 LPP H . 27.75 -4.83 3.37
C40 LPP H . 27.38 -5.70 2.18
C41 LPP H . 25.91 -5.53 1.83
C42 LPP H . 25.35 -6.76 1.11
C43 LPP H . 23.90 -7.08 1.51
C44 LPP H . 23.69 -8.59 1.56
C13 SKQ I . 32.73 23.37 6.58
C17 SKQ I . 29.49 25.89 5.53
C20 SKQ I . 27.64 24.27 3.64
C21 SKQ I . 28.71 23.54 4.60
C02 SKQ I . 30.31 23.70 8.16
C03 SKQ I . 31.61 22.96 8.82
C05 SKQ I . 33.95 21.82 8.36
C06 SKQ I . 34.77 21.04 7.31
C08 SKQ I . 35.97 20.13 7.77
C11 SKQ I . 34.33 21.73 9.87
C14 SKQ I . 31.38 23.08 5.89
C16 SKQ I . 29.06 24.40 5.90
C18 SKQ I . 28.41 26.62 4.61
C19 SKQ I . 28.09 25.77 3.29
N04 SKQ I . 32.79 22.70 7.92
N09 SKQ I . 36.33 20.05 9.27
N10 SKQ I . 35.53 20.84 10.32
N15 SKQ I . 30.21 23.74 6.63
O01 SKQ I . 29.42 24.21 8.88
O12 SKQ I . 36.62 19.50 6.93
CL1 SKQ I . 34.32 21.16 5.50
CA CA J . 29.91 21.78 13.02
P1 LPP K . 29.29 -26.46 -7.92
O2 LPP K . 30.76 -26.30 -8.24
O3 LPP K . 28.56 -26.95 -9.12
O4 LPP K . 29.11 -27.45 -6.80
O5 LPP K . 28.62 -25.05 -7.48
C6 LPP K . 27.75 -25.11 -6.40
C7 LPP K . 26.44 -25.64 -6.95
C8 LPP K . 26.23 -27.09 -6.57
O9 LPP K . 25.40 -24.81 -6.56
O27 LPP K . 26.45 -27.85 -7.72
C11 LPP K . 25.01 -24.81 -5.23
O10 LPP K . 25.81 -24.80 -4.37
C12 LPP K . 23.55 -24.78 -4.85
C13 LPP K . 23.37 -24.08 -3.51
C14 LPP K . 21.90 -23.79 -3.23
C15 LPP K . 21.68 -23.28 -1.81
C16 LPP K . 20.22 -22.95 -1.54
C17 LPP K . 20.01 -22.32 -0.16
C18 LPP K . 18.55 -21.94 0.07
C19 LPP K . 18.38 -20.71 0.95
C20 LPP K . 17.74 -21.03 2.29
C21 LPP K . 17.47 -19.78 3.13
C22 LPP K . 18.61 -19.47 4.10
C23 LPP K . 18.17 -18.60 5.27
C24 LPP K . 19.24 -17.61 5.74
C25 LPP K . 20.11 -18.20 6.86
C26 LPP K . 20.61 -17.11 7.81
C29 LPP K . 25.28 -28.32 -8.32
O28 LPP K . 24.89 -29.40 -8.07
C30 LPP K . 24.50 -27.45 -9.31
C31 LPP K . 23.00 -27.67 -9.21
C32 LPP K . 22.36 -26.67 -8.25
C33 LPP K . 21.17 -25.96 -8.88
C34 LPP K . 19.95 -26.01 -7.97
C35 LPP K . 19.35 -24.63 -7.71
C36 LPP K . 19.56 -24.18 -6.27
C37 LPP K . 18.80 -22.89 -5.95
C38 LPP K . 19.00 -21.84 -7.03
C39 LPP K . 18.50 -20.48 -6.58
C40 LPP K . 18.80 -19.38 -7.59
C41 LPP K . 17.91 -18.18 -7.35
C42 LPP K . 17.72 -17.35 -8.63
C43 LPP K . 16.31 -16.77 -8.76
C44 LPP K . 15.86 -16.78 -10.22
C13 SKQ L . 25.06 -24.12 21.25
C17 SKQ L . 23.63 -21.08 23.84
C20 SKQ L . 23.09 -18.57 22.09
C21 SKQ L . 23.20 -20.03 21.43
C02 SKQ L . 22.26 -23.77 22.04
C03 SKQ L . 22.75 -25.16 21.29
C05 SKQ L . 24.65 -26.37 19.91
C06 SKQ L . 25.77 -26.13 18.90
C08 SKQ L . 26.28 -27.31 17.98
C11 SKQ L . 23.98 -27.79 20.02
C14 SKQ L . 24.39 -22.75 20.97
C16 SKQ L . 22.81 -21.18 22.47
C18 SKQ L . 23.48 -19.62 24.50
C19 SKQ L . 23.90 -18.47 23.47
N04 SKQ L . 24.16 -25.24 20.80
N09 SKQ L . 25.62 -28.71 18.11
N10 SKQ L . 24.48 -28.95 19.12
N15 SKQ L . 23.14 -22.53 21.84
O01 SKQ L . 21.23 -23.74 22.73
O12 SKQ L . 27.19 -27.11 17.17
CL1 SKQ L . 26.57 -24.44 18.76
CA CA M . 18.65 -27.42 20.95
P1 LPP N . 23.03 -14.26 -29.78
O2 LPP N . 24.39 -14.92 -29.80
O3 LPP N . 23.13 -12.91 -30.39
O4 LPP N . 22.05 -15.07 -30.56
O5 LPP N . 22.48 -14.07 -28.27
C6 LPP N . 21.14 -14.36 -28.08
C7 LPP N . 20.38 -13.15 -28.57
C8 LPP N . 19.74 -13.42 -29.93
O9 LPP N . 19.47 -12.74 -27.61
O27 LPP N . 20.49 -12.72 -30.87
C11 LPP N . 18.36 -13.52 -27.37
O10 LPP N . 18.45 -14.68 -27.29
C12 LPP N . 17.00 -12.88 -27.15
C13 LPP N . 16.16 -13.75 -26.23
C14 LPP N . 14.90 -13.02 -25.78
C15 LPP N . 13.95 -13.94 -25.03
C16 LPP N . 12.70 -13.21 -24.54
C17 LPP N . 11.80 -14.09 -23.68
C18 LPP N . 10.59 -13.33 -23.15
C19 LPP N . 10.13 -13.81 -21.78
C20 LPP N . 8.75 -14.45 -21.83
C21 LPP N . 8.24 -14.85 -20.45
C22 LPP N . 8.57 -16.29 -20.08
C23 LPP N . 7.66 -16.86 -19.00
C24 LPP N . 8.36 -17.83 -18.05
C25 LPP N . 8.24 -19.28 -18.52
C26 LPP N . 8.22 -20.26 -17.34
C29 LPP N . 19.88 -11.54 -31.33
O28 LPP N . 19.24 -11.57 -32.32
C30 LPP N . 20.03 -10.23 -30.57
C31 LPP N . 18.78 -9.37 -30.64
C32 LPP N . 17.86 -9.63 -29.45
C33 LPP N . 17.45 -8.35 -28.75
C34 LPP N . 15.94 -8.29 -28.55
C35 LPP N . 15.55 -8.01 -27.10
C36 LPP N . 14.90 -9.22 -26.45
C37 LPP N . 14.34 -8.90 -25.07
C38 LPP N . 15.33 -8.12 -24.22
C39 LPP N . 14.89 -8.05 -22.76
C40 LPP N . 15.93 -7.39 -21.87
C41 LPP N . 15.30 -6.92 -20.57
C42 LPP N . 16.07 -5.76 -19.95
C43 LPP N . 15.17 -4.72 -19.28
C44 LPP N . 15.71 -3.32 -19.49
C13 SKQ O . 2.21 -33.93 -22.47
C17 SKQ O . 0.01 -34.81 -18.95
C20 SKQ O . 1.09 -32.95 -16.71
C21 SKQ O . 1.35 -32.61 -18.26
C02 SKQ O . -0.37 -32.76 -21.77
C03 SKQ O . 0.23 -32.58 -23.30
C05 SKQ O . 2.35 -32.79 -24.86
C06 SKQ O . 3.88 -32.71 -24.89
C08 SKQ O . 4.63 -32.41 -26.23
C11 SKQ O . 1.53 -32.56 -26.18
C14 SKQ O . 2.10 -33.19 -21.11
C16 SKQ O . 0.21 -33.24 -19.21
C18 SKQ O . -0.25 -35.12 -17.41
C19 SKQ O . 0.89 -34.52 -16.46
N04 SKQ O . 1.61 -33.10 -23.57
N09 SKQ O . 3.81 -32.18 -27.53
N10 SKQ O . 2.27 -32.26 -27.51
N15 SKQ O . 0.63 -33.06 -20.66
O01 SKQ O . -1.59 -32.62 -21.54
O12 SKQ O . 5.86 -32.34 -26.25
CL1 SKQ O . 4.86 -32.99 -23.31
CA CA P . -3.09 -29.88 -25.22
#